data_5CER
#
_entry.id   5CER
#
_cell.length_a   237.450
_cell.length_b   212.320
_cell.length_c   90.900
_cell.angle_alpha   90.000
_cell.angle_beta   90.000
_cell.angle_gamma   90.000
#
_symmetry.space_group_name_H-M   'P 21 21 2'
#
loop_
_entity.id
_entity.type
_entity.pdbx_description
1 polymer Bd0816
2 polymer Bd3460
3 non-polymer 1,2-ETHANEDIOL
4 water water
#
loop_
_entity_poly.entity_id
_entity_poly.type
_entity_poly.pdbx_seq_one_letter_code
_entity_poly.pdbx_strand_id
1 'polypeptide(L)'
;MVYVNSVCHMKAAATAGKVEGEGDMQKKFPLAAISKVITTLWAIEKLGVDYRHKTVLHLTPTANGSMDLHVEGSRDPIFG
RNLSYFLISELNRMKVTKIENLTFDENFLLDWLAEESPRIGGVTPRYETIEQQAEAVIKNLKESFSTAINRAMYSKLRER
ATKAKVFMLEKPTIEVRNISFLPKNNYKKDKYTGSVVLQSAPLRTILKRMNNQSNNYIADNLYWNLGGTAAFNAFAAATL
KADQNQIVFHNGSGNNEGTTAKPIYNEATCETMIKTLYTLNKSLEAKGYKLSDVLSVANKDSDSTIDNFGGNAAGSMIAK
TGTVNKAKTLAGSISTKEGEFYFAILLHTDMDQSSSDRGVASQMIKNKISQLINKRSGPKEIQYTEILALPFDQNSYLTE
A
;
A,C,E,G,I,K
2 'polypeptide(L)'
;KSSKALNEAAEQGDLAKVKNLVQKNKIDLNAQDETGMTPLMNAAMGGNLDIVKFLLSKKVNLELKNNGGETALAFAVTND
AYDVAEELIKAGANVDIIVAGDEGDTLFMRAAQNNKKTAESILAKNKSLINKANTLGETALFAVARYGTPADIDFLIKKG
ADLKLKNKKGQTALDVAKEASNQDTAKALSKKK
;
B,D,F,H,J,L
#
# COMPACT_ATOMS: atom_id res chain seq x y z
N MET A 1 -28.83 8.67 4.76
CA MET A 1 -27.77 9.09 5.72
C MET A 1 -28.19 8.82 7.16
N VAL A 2 -27.23 8.45 8.00
CA VAL A 2 -27.52 8.13 9.38
C VAL A 2 -26.63 8.95 10.25
N TYR A 3 -27.23 9.62 11.22
CA TYR A 3 -26.48 10.41 12.16
C TYR A 3 -27.26 10.78 13.39
N VAL A 4 -26.50 11.19 14.42
CA VAL A 4 -27.05 11.54 15.73
C VAL A 4 -27.68 12.93 15.68
N ASN A 5 -28.98 13.01 15.96
CA ASN A 5 -29.65 14.26 16.17
C ASN A 5 -29.32 14.74 17.54
N SER A 6 -29.47 13.87 18.52
CA SER A 6 -29.45 14.28 19.91
C SER A 6 -29.38 13.03 20.83
N VAL A 7 -28.65 13.15 21.93
CA VAL A 7 -28.63 12.16 22.99
C VAL A 7 -28.73 12.87 24.34
N CYS A 8 -29.51 12.33 25.27
CA CYS A 8 -29.59 12.82 26.62
C CYS A 8 -29.48 11.68 27.60
N HIS A 9 -28.91 11.97 28.76
CA HIS A 9 -29.09 11.13 29.90
C HIS A 9 -28.98 11.84 31.23
N MET A 10 -29.65 11.25 32.23
CA MET A 10 -29.84 11.86 33.53
C MET A 10 -29.98 10.70 34.52
N LYS A 11 -29.33 10.83 35.69
CA LYS A 11 -29.52 9.88 36.71
C LYS A 11 -30.92 9.93 37.33
N ALA A 12 -31.47 8.73 37.61
CA ALA A 12 -32.80 8.60 38.18
C ALA A 12 -32.66 8.79 39.66
N ALA A 13 -33.31 9.81 40.18
CA ALA A 13 -33.20 10.15 41.56
C ALA A 13 -34.45 10.85 41.99
N ALA A 14 -34.45 11.35 43.22
CA ALA A 14 -35.58 12.14 43.71
C ALA A 14 -35.79 13.43 42.92
N THR A 15 -34.73 13.91 42.31
CA THR A 15 -34.73 15.17 41.62
C THR A 15 -34.30 14.94 40.19
N ALA A 16 -34.74 15.80 39.27
CA ALA A 16 -34.29 15.76 37.88
C ALA A 16 -33.06 16.66 37.79
N GLY A 17 -31.86 16.06 37.85
CA GLY A 17 -30.62 16.82 37.96
C GLY A 17 -29.77 16.99 36.69
N LYS A 18 -28.50 16.67 36.79
CA LYS A 18 -27.56 16.93 35.70
C LYS A 18 -27.93 16.10 34.45
N VAL A 19 -27.97 16.76 33.29
CA VAL A 19 -28.18 16.12 32.02
C VAL A 19 -26.97 16.30 31.11
N GLU A 20 -26.54 15.22 30.51
CA GLU A 20 -25.40 15.20 29.57
C GLU A 20 -25.80 14.39 28.35
N GLY A 21 -24.96 14.45 27.32
CA GLY A 21 -25.27 13.82 26.04
C GLY A 21 -24.54 14.40 24.85
N GLU A 22 -25.25 14.53 23.75
CA GLU A 22 -24.71 14.98 22.51
C GLU A 22 -25.74 15.79 21.79
N GLY A 23 -25.30 16.81 21.08
CA GLY A 23 -26.19 17.62 20.23
C GLY A 23 -27.01 18.58 21.07
N ASP A 24 -27.99 19.18 20.40
CA ASP A 24 -28.84 20.21 20.97
C ASP A 24 -29.98 19.54 21.65
N MET A 25 -29.97 19.56 22.96
CA MET A 25 -31.10 19.03 23.78
C MET A 25 -32.39 19.80 23.64
N GLN A 26 -32.32 21.03 23.14
CA GLN A 26 -33.51 21.89 23.05
C GLN A 26 -34.02 22.03 21.63
N LYS A 27 -33.56 21.17 20.71
CA LYS A 27 -34.08 21.20 19.35
C LYS A 27 -35.06 20.08 19.14
N LYS A 28 -36.20 20.43 18.56
CA LYS A 28 -37.21 19.44 18.19
C LYS A 28 -36.75 18.55 17.08
N PHE A 29 -36.93 17.25 17.28
CA PHE A 29 -36.66 16.23 16.26
C PHE A 29 -37.83 15.27 16.18
N PRO A 30 -38.00 14.62 15.04
CA PRO A 30 -38.97 13.53 14.97
C PRO A 30 -38.74 12.41 16.01
N LEU A 31 -39.82 12.03 16.69
CA LEU A 31 -39.77 11.05 17.78
C LEU A 31 -40.02 9.62 17.32
N ALA A 32 -40.77 9.42 16.22
CA ALA A 32 -41.27 8.12 15.90
C ALA A 32 -42.00 7.58 17.14
N ALA A 33 -41.98 6.26 17.38
CA ALA A 33 -42.79 5.67 18.44
C ALA A 33 -42.32 5.93 19.89
N ILE A 34 -41.21 6.63 20.14
CA ILE A 34 -41.01 7.09 21.55
C ILE A 34 -42.07 8.15 21.96
N SER A 35 -42.76 8.71 20.97
CA SER A 35 -44.04 9.39 21.20
C SER A 35 -44.99 8.64 22.12
N LYS A 36 -45.01 7.31 22.02
CA LYS A 36 -45.90 6.49 22.87
C LYS A 36 -45.60 6.58 24.35
N VAL A 37 -44.37 6.87 24.69
CA VAL A 37 -43.98 7.14 26.08
C VAL A 37 -44.77 8.34 26.65
N ILE A 38 -44.93 9.36 25.82
CA ILE A 38 -45.65 10.56 26.21
C ILE A 38 -47.13 10.28 26.25
N THR A 39 -47.63 9.60 25.23
CA THR A 39 -49.03 9.18 25.20
C THR A 39 -49.38 8.35 26.44
N THR A 40 -48.47 7.46 26.81
CA THR A 40 -48.55 6.68 28.02
C THR A 40 -48.67 7.51 29.29
N LEU A 41 -47.82 8.53 29.43
CA LEU A 41 -47.91 9.41 30.61
C LEU A 41 -49.26 10.12 30.66
N TRP A 42 -49.68 10.65 29.53
CA TRP A 42 -50.90 11.43 29.45
C TRP A 42 -52.11 10.53 29.86
N ALA A 43 -52.17 9.33 29.29
CA ALA A 43 -53.25 8.39 29.66
C ALA A 43 -53.27 8.11 31.16
N ILE A 44 -52.11 7.83 31.71
CA ILE A 44 -52.01 7.54 33.16
C ILE A 44 -52.41 8.74 33.99
N GLU A 45 -51.96 9.92 33.60
CA GLU A 45 -52.34 11.12 34.33
C GLU A 45 -53.84 11.40 34.29
N LYS A 46 -54.48 11.26 33.14
CA LYS A 46 -55.86 11.60 33.04
C LYS A 46 -56.79 10.51 33.55
N LEU A 47 -56.48 9.26 33.24
CA LEU A 47 -57.36 8.13 33.59
C LEU A 47 -57.02 7.40 34.90
N GLY A 48 -55.75 7.37 35.28
CA GLY A 48 -55.29 6.63 36.46
C GLY A 48 -54.67 5.34 35.98
N VAL A 49 -53.57 4.95 36.62
CA VAL A 49 -52.80 3.79 36.16
C VAL A 49 -53.59 2.47 36.08
N ASP A 50 -54.55 2.28 36.98
CA ASP A 50 -55.33 1.03 37.03
C ASP A 50 -56.74 1.19 36.45
N TYR A 51 -56.97 2.24 35.67
CA TYR A 51 -58.26 2.46 35.06
C TYR A 51 -58.69 1.29 34.15
N ARG A 52 -59.99 1.04 34.14
CA ARG A 52 -60.56 -0.01 33.35
C ARG A 52 -61.66 0.54 32.47
N HIS A 53 -61.57 0.17 31.20
CA HIS A 53 -62.64 0.46 30.22
C HIS A 53 -63.81 -0.51 30.45
N LYS A 54 -64.93 0.02 30.90
CA LYS A 54 -66.10 -0.75 31.36
C LYS A 54 -67.16 -0.70 30.31
N THR A 55 -67.13 -1.68 29.41
CA THR A 55 -68.10 -1.82 28.38
C THR A 55 -69.36 -2.50 28.97
N VAL A 56 -70.52 -1.87 28.79
CA VAL A 56 -71.77 -2.38 29.35
C VAL A 56 -72.64 -3.05 28.26
N LEU A 57 -73.12 -4.26 28.58
CA LEU A 57 -73.85 -5.11 27.66
C LEU A 57 -75.26 -5.24 28.25
N HIS A 58 -76.25 -4.83 27.47
CA HIS A 58 -77.66 -4.75 27.85
C HIS A 58 -78.39 -5.88 27.10
N LEU A 59 -78.75 -6.91 27.84
CA LEU A 59 -79.24 -8.17 27.31
C LEU A 59 -80.72 -8.31 27.63
N THR A 60 -81.56 -8.40 26.59
CA THR A 60 -83.00 -8.48 26.75
C THR A 60 -83.50 -9.75 26.07
N PRO A 61 -84.21 -10.63 26.80
CA PRO A 61 -84.78 -11.82 26.13
C PRO A 61 -85.82 -11.53 25.04
N THR A 62 -85.69 -12.25 23.93
CA THR A 62 -86.66 -12.27 22.86
C THR A 62 -87.56 -13.49 23.01
N ALA A 63 -88.76 -13.43 22.42
CA ALA A 63 -89.75 -14.51 22.52
C ALA A 63 -89.26 -15.89 22.03
N ASN A 64 -88.37 -15.92 21.03
CA ASN A 64 -87.77 -17.19 20.54
C ASN A 64 -86.71 -17.81 21.49
N GLY A 65 -86.31 -17.08 22.55
CA GLY A 65 -85.36 -17.59 23.54
C GLY A 65 -83.93 -17.17 23.33
N SER A 66 -83.69 -16.29 22.35
CA SER A 66 -82.40 -15.62 22.18
C SER A 66 -82.38 -14.28 22.94
N MET A 67 -81.30 -13.52 22.79
CA MET A 67 -81.19 -12.21 23.39
C MET A 67 -81.10 -11.12 22.33
N ASP A 68 -81.67 -9.96 22.60
CA ASP A 68 -81.23 -8.71 21.98
C ASP A 68 -80.08 -8.19 22.86
N LEU A 69 -79.13 -7.52 22.23
CA LEU A 69 -77.98 -6.95 22.89
C LEU A 69 -77.77 -5.49 22.43
N HIS A 70 -77.71 -4.56 23.38
CA HIS A 70 -77.22 -3.21 23.11
C HIS A 70 -75.87 -3.04 23.83
N VAL A 71 -74.83 -2.68 23.06
CA VAL A 71 -73.51 -2.46 23.62
C VAL A 71 -73.38 -0.98 23.87
N GLU A 72 -73.23 -0.66 25.15
CA GLU A 72 -72.89 0.69 25.58
C GLU A 72 -71.37 0.71 25.72
N GLY A 73 -70.71 1.49 24.87
CA GLY A 73 -69.23 1.46 24.72
C GLY A 73 -68.48 2.29 25.74
N SER A 74 -67.25 1.89 26.03
CA SER A 74 -66.35 2.63 26.90
C SER A 74 -65.16 3.21 26.12
N ARG A 75 -65.25 3.19 24.78
CA ARG A 75 -64.15 3.53 23.88
C ARG A 75 -62.87 2.68 24.08
N ASP A 76 -63.06 1.46 24.51
CA ASP A 76 -61.94 0.55 24.77
C ASP A 76 -61.00 0.43 23.55
N PRO A 77 -59.72 0.84 23.72
CA PRO A 77 -58.84 0.93 22.58
C PRO A 77 -58.13 -0.37 22.24
N ILE A 78 -58.41 -1.45 22.96
CA ILE A 78 -57.85 -2.76 22.64
C ILE A 78 -58.95 -3.81 22.36
N PHE A 79 -60.16 -3.32 22.03
CA PHE A 79 -61.30 -4.20 21.74
C PHE A 79 -61.19 -4.68 20.29
N GLY A 80 -60.82 -5.94 20.13
CA GLY A 80 -60.75 -6.59 18.82
C GLY A 80 -61.00 -8.08 18.90
N ARG A 81 -60.24 -8.87 18.16
CA ARG A 81 -60.34 -10.32 18.18
C ARG A 81 -60.31 -10.88 19.59
N ASN A 82 -59.26 -10.59 20.37
CA ASN A 82 -59.02 -11.34 21.60
C ASN A 82 -60.08 -11.07 22.63
N LEU A 83 -60.41 -9.81 22.79
CA LEU A 83 -61.42 -9.43 23.75
C LEU A 83 -62.80 -9.91 23.27
N SER A 84 -63.00 -9.94 21.95
CA SER A 84 -64.21 -10.55 21.38
C SER A 84 -64.31 -12.05 21.72
N TYR A 85 -63.21 -12.81 21.57
CA TYR A 85 -63.21 -14.23 21.86
C TYR A 85 -63.57 -14.44 23.32
N PHE A 86 -62.97 -13.65 24.19
CA PHE A 86 -63.26 -13.72 25.62
C PHE A 86 -64.74 -13.43 25.92
N LEU A 87 -65.29 -12.40 25.25
CA LEU A 87 -66.69 -12.01 25.43
C LEU A 87 -67.62 -13.14 24.99
N ILE A 88 -67.25 -13.81 23.91
CA ILE A 88 -68.04 -14.94 23.40
C ILE A 88 -68.06 -16.09 24.40
N SER A 89 -66.89 -16.44 24.94
CA SER A 89 -66.80 -17.40 26.03
C SER A 89 -67.72 -17.02 27.18
N GLU A 90 -67.60 -15.75 27.60
CA GLU A 90 -68.38 -15.21 28.69
C GLU A 90 -69.88 -15.25 28.45
N LEU A 91 -70.31 -14.94 27.23
CA LEU A 91 -71.72 -14.98 26.89
C LEU A 91 -72.28 -16.42 27.05
N ASN A 92 -71.49 -17.38 26.60
CA ASN A 92 -71.86 -18.80 26.68
C ASN A 92 -71.94 -19.29 28.14
N ARG A 93 -71.02 -18.81 28.98
CA ARG A 93 -71.10 -19.07 30.43
C ARG A 93 -72.42 -18.60 31.00
N MET A 94 -72.95 -17.48 30.51
CA MET A 94 -74.24 -16.95 30.92
C MET A 94 -75.42 -17.51 30.14
N LYS A 95 -75.20 -18.54 29.33
CA LYS A 95 -76.23 -19.22 28.55
C LYS A 95 -76.74 -18.45 27.34
N VAL A 96 -75.93 -17.55 26.81
CA VAL A 96 -76.28 -16.79 25.61
C VAL A 96 -75.42 -17.26 24.45
N THR A 97 -76.08 -17.88 23.48
CA THR A 97 -75.44 -18.42 22.32
C THR A 97 -75.94 -17.72 21.02
N LYS A 98 -77.06 -17.01 21.12
CA LYS A 98 -77.75 -16.42 19.97
C LYS A 98 -78.20 -15.01 20.27
N ILE A 99 -77.83 -14.07 19.42
CA ILE A 99 -78.29 -12.70 19.52
C ILE A 99 -79.20 -12.38 18.34
N GLU A 100 -80.42 -11.91 18.61
CA GLU A 100 -81.31 -11.43 17.53
C GLU A 100 -80.82 -10.08 17.00
N ASN A 101 -81.07 -9.01 17.77
CA ASN A 101 -80.73 -7.65 17.41
C ASN A 101 -79.56 -7.18 18.25
N LEU A 102 -78.45 -6.95 17.57
CA LEU A 102 -77.27 -6.42 18.19
C LEU A 102 -77.17 -4.95 17.75
N THR A 103 -77.38 -4.05 18.70
CA THR A 103 -77.10 -2.65 18.49
C THR A 103 -75.89 -2.22 19.30
N PHE A 104 -75.31 -1.06 18.94
CA PHE A 104 -74.14 -0.52 19.65
C PHE A 104 -74.16 0.99 19.51
N ASP A 105 -73.61 1.68 20.51
CA ASP A 105 -73.60 3.14 20.56
C ASP A 105 -72.26 3.75 20.05
N GLU A 106 -72.16 5.07 20.12
CA GLU A 106 -71.01 5.82 19.54
C GLU A 106 -69.67 5.60 20.20
N ASN A 107 -69.69 4.96 21.34
CA ASN A 107 -68.50 4.67 22.10
C ASN A 107 -67.95 3.25 21.90
N PHE A 108 -68.64 2.40 21.15
CA PHE A 108 -68.17 1.03 20.98
C PHE A 108 -67.17 1.00 19.82
N LEU A 109 -65.90 0.83 20.13
CA LEU A 109 -64.87 0.68 19.11
C LEU A 109 -64.58 -0.82 18.97
N LEU A 110 -64.56 -1.30 17.75
CA LEU A 110 -64.19 -2.66 17.45
C LEU A 110 -63.38 -2.65 16.14
N ASP A 111 -62.10 -2.99 16.28
CA ASP A 111 -61.25 -3.27 15.12
C ASP A 111 -60.60 -4.62 15.36
N TRP A 112 -61.04 -5.60 14.56
CA TRP A 112 -60.70 -7.01 14.75
C TRP A 112 -59.20 -7.22 14.92
N LEU A 113 -58.41 -6.50 14.13
CA LEU A 113 -56.98 -6.64 14.12
C LEU A 113 -56.25 -5.60 15.00
N ALA A 114 -56.91 -5.09 16.04
CA ALA A 114 -56.30 -4.18 17.02
C ALA A 114 -54.90 -4.56 17.55
N GLU A 115 -54.67 -5.83 17.81
CA GLU A 115 -53.41 -6.29 18.34
C GLU A 115 -52.56 -7.01 17.28
N GLU A 116 -52.87 -6.83 15.99
CA GLU A 116 -52.22 -7.59 14.91
C GLU A 116 -51.83 -6.67 13.77
N SER A 117 -50.91 -7.14 12.94
CA SER A 117 -50.62 -6.51 11.66
C SER A 117 -51.85 -6.55 10.76
N PRO A 118 -52.12 -5.50 9.99
CA PRO A 118 -51.25 -4.32 9.84
C PRO A 118 -51.62 -3.11 10.75
N ARG A 119 -52.47 -3.31 11.75
CA ARG A 119 -52.86 -2.23 12.64
C ARG A 119 -51.72 -1.77 13.57
N ILE A 120 -50.84 -2.71 13.96
CA ILE A 120 -49.65 -2.40 14.77
C ILE A 120 -48.82 -1.30 14.14
N GLY A 121 -48.44 -1.48 12.89
CA GLY A 121 -47.58 -0.54 12.17
C GLY A 121 -48.25 0.34 11.12
N GLY A 122 -49.56 0.13 10.89
CA GLY A 122 -50.28 0.87 9.84
C GLY A 122 -50.69 2.26 10.28
N VAL A 123 -51.27 2.99 9.34
CA VAL A 123 -51.88 4.27 9.67
C VAL A 123 -53.19 3.92 10.26
N THR A 124 -53.43 4.41 11.45
CA THR A 124 -54.68 4.11 12.14
C THR A 124 -55.86 4.77 11.41
N PRO A 125 -56.91 3.97 11.08
CA PRO A 125 -58.12 4.56 10.48
C PRO A 125 -58.72 5.67 11.35
N ARG A 126 -58.98 6.80 10.72
CA ARG A 126 -59.55 7.93 11.38
C ARG A 126 -60.90 8.20 10.80
N TYR A 127 -61.93 8.07 11.63
CA TYR A 127 -63.30 8.27 11.19
C TYR A 127 -63.69 9.74 11.39
N GLU A 128 -64.05 10.40 10.30
CA GLU A 128 -64.35 11.81 10.34
C GLU A 128 -65.76 12.02 10.86
N THR A 129 -66.68 11.18 10.43
CA THR A 129 -68.06 11.23 10.94
C THR A 129 -68.31 9.98 11.78
N ILE A 130 -69.35 10.06 12.60
CA ILE A 130 -69.85 8.94 13.35
C ILE A 130 -70.43 7.83 12.48
N GLU A 131 -71.08 8.23 11.40
CA GLU A 131 -71.55 7.31 10.38
C GLU A 131 -70.44 6.37 9.92
N GLN A 132 -69.29 6.96 9.60
CA GLN A 132 -68.14 6.22 9.09
C GLN A 132 -67.63 5.24 10.14
N GLN A 133 -67.62 5.68 11.40
CA GLN A 133 -67.25 4.82 12.49
C GLN A 133 -68.23 3.65 12.65
N ALA A 134 -69.52 3.99 12.67
CA ALA A 134 -70.59 2.99 12.73
C ALA A 134 -70.45 1.94 11.63
N GLU A 135 -70.25 2.39 10.39
CA GLU A 135 -70.17 1.44 9.24
C GLU A 135 -68.98 0.51 9.40
N ALA A 136 -67.86 1.02 9.92
CA ALA A 136 -66.68 0.17 10.12
C ALA A 136 -66.90 -0.81 11.28
N VAL A 137 -67.60 -0.39 12.32
CA VAL A 137 -67.92 -1.28 13.43
C VAL A 137 -68.89 -2.40 12.96
N ILE A 138 -69.91 -2.00 12.19
CA ILE A 138 -70.76 -2.95 11.50
C ILE A 138 -69.93 -3.96 10.71
N LYS A 139 -69.06 -3.48 9.82
CA LYS A 139 -68.20 -4.38 9.04
C LYS A 139 -67.49 -5.47 9.88
N ASN A 140 -66.85 -5.07 10.97
CA ASN A 140 -66.18 -5.98 11.91
C ASN A 140 -67.10 -6.95 12.62
N LEU A 141 -68.20 -6.42 13.18
CA LEU A 141 -69.22 -7.26 13.76
C LEU A 141 -69.75 -8.32 12.76
N LYS A 142 -70.03 -7.88 11.56
CA LYS A 142 -70.65 -8.71 10.56
C LYS A 142 -69.68 -9.76 10.01
N GLU A 143 -68.48 -9.34 9.67
CA GLU A 143 -67.51 -10.19 9.01
C GLU A 143 -66.67 -11.04 9.95
N SER A 144 -66.44 -10.56 11.18
CA SER A 144 -65.46 -11.23 12.09
C SER A 144 -66.07 -11.74 13.38
N PHE A 145 -66.75 -10.84 14.13
CA PHE A 145 -67.45 -11.23 15.39
C PHE A 145 -68.53 -12.33 15.18
N SER A 146 -69.25 -12.28 14.07
CA SER A 146 -70.35 -13.20 13.78
C SER A 146 -69.99 -14.43 12.96
N THR A 147 -68.80 -14.50 12.38
CA THR A 147 -68.45 -15.63 11.53
C THR A 147 -67.89 -16.78 12.37
N ALA A 148 -67.72 -17.94 11.74
CA ALA A 148 -67.02 -19.09 12.36
C ALA A 148 -65.73 -18.65 13.06
N ILE A 149 -65.58 -19.00 14.34
CA ILE A 149 -64.37 -18.69 15.07
C ILE A 149 -63.17 -19.43 14.47
N ASN A 150 -62.03 -18.72 14.32
CA ASN A 150 -60.76 -19.35 13.93
C ASN A 150 -60.31 -20.24 15.07
N ARG A 151 -60.46 -21.55 14.86
CA ARG A 151 -60.11 -22.54 15.90
C ARG A 151 -58.66 -22.46 16.42
N ALA A 152 -57.71 -22.32 15.49
CA ALA A 152 -56.29 -22.25 15.88
C ALA A 152 -55.98 -20.99 16.71
N MET A 153 -56.52 -19.84 16.29
CA MET A 153 -56.31 -18.60 17.02
C MET A 153 -56.98 -18.53 18.34
N TYR A 154 -58.24 -18.96 18.40
CA TYR A 154 -58.94 -19.04 19.69
C TYR A 154 -58.14 -19.91 20.70
N SER A 155 -57.60 -21.00 20.19
CA SER A 155 -56.86 -21.95 21.03
C SER A 155 -55.51 -21.38 21.55
N LYS A 156 -54.80 -20.65 20.69
CA LYS A 156 -53.61 -19.93 21.11
C LYS A 156 -53.93 -18.89 22.19
N LEU A 157 -55.00 -18.13 21.99
CA LEU A 157 -55.42 -17.16 22.98
C LEU A 157 -55.73 -17.84 24.31
N ARG A 158 -56.51 -18.90 24.26
CA ARG A 158 -56.89 -19.64 25.46
C ARG A 158 -55.69 -20.24 26.23
N GLU A 159 -54.67 -20.71 25.51
CA GLU A 159 -53.39 -21.24 26.05
C GLU A 159 -52.72 -20.13 26.92
N ARG A 160 -52.66 -18.93 26.37
CA ARG A 160 -52.22 -17.72 27.10
C ARG A 160 -53.10 -17.34 28.30
N ALA A 161 -54.41 -17.31 28.10
CA ALA A 161 -55.35 -17.07 29.20
C ALA A 161 -55.14 -18.03 30.35
N THR A 162 -54.97 -19.31 30.00
CA THR A 162 -54.69 -20.35 30.99
C THR A 162 -53.40 -20.12 31.72
N LYS A 163 -52.34 -19.72 31.04
CA LYS A 163 -51.13 -19.31 31.77
C LYS A 163 -51.42 -18.14 32.70
N ALA A 164 -52.23 -17.20 32.23
CA ALA A 164 -52.64 -16.06 33.06
C ALA A 164 -53.74 -16.38 34.12
N LYS A 165 -54.09 -17.66 34.31
CA LYS A 165 -55.10 -18.08 35.26
C LYS A 165 -56.48 -17.42 34.96
N VAL A 166 -56.80 -17.21 33.68
CA VAL A 166 -58.13 -16.75 33.25
C VAL A 166 -58.83 -17.89 32.53
N PHE A 167 -60.07 -18.14 32.96
CA PHE A 167 -60.87 -19.20 32.40
C PHE A 167 -61.52 -18.77 31.07
N MET A 168 -61.41 -19.63 30.07
CA MET A 168 -62.19 -19.53 28.84
C MET A 168 -62.68 -20.91 28.46
N LEU A 169 -63.85 -20.98 27.85
CA LEU A 169 -64.40 -22.26 27.38
C LEU A 169 -63.55 -22.80 26.24
N GLU A 170 -63.47 -24.11 26.12
CA GLU A 170 -62.78 -24.73 24.97
C GLU A 170 -63.35 -24.30 23.61
N LYS A 171 -64.68 -24.28 23.50
CA LYS A 171 -65.32 -24.32 22.17
C LYS A 171 -66.66 -23.54 22.12
N PRO A 172 -66.62 -22.25 22.46
CA PRO A 172 -67.83 -21.45 22.43
C PRO A 172 -68.17 -20.95 21.05
N THR A 173 -69.43 -20.61 20.87
CA THR A 173 -69.93 -19.99 19.62
C THR A 173 -70.90 -18.88 19.95
N ILE A 174 -71.13 -18.03 18.95
CA ILE A 174 -72.18 -17.03 18.97
C ILE A 174 -72.79 -16.93 17.56
N GLU A 175 -74.08 -16.57 17.51
CA GLU A 175 -74.78 -16.25 16.27
C GLU A 175 -75.41 -14.88 16.46
N VAL A 176 -75.34 -14.05 15.44
CA VAL A 176 -75.95 -12.73 15.46
C VAL A 176 -76.70 -12.52 14.17
N ARG A 177 -77.99 -12.31 14.30
CA ARG A 177 -78.84 -12.09 13.15
C ARG A 177 -78.74 -10.69 12.54
N ASN A 178 -78.99 -9.66 13.35
CA ASN A 178 -79.01 -8.28 12.87
C ASN A 178 -78.08 -7.44 13.68
N ILE A 179 -77.45 -6.52 13.00
CA ILE A 179 -76.48 -5.63 13.58
C ILE A 179 -76.80 -4.22 13.06
N SER A 180 -76.88 -3.24 13.96
CA SER A 180 -77.01 -1.85 13.56
C SER A 180 -76.62 -0.88 14.65
N PHE A 181 -76.34 0.36 14.23
CA PHE A 181 -75.92 1.43 15.12
C PHE A 181 -77.16 1.98 15.82
N LEU A 182 -77.03 2.27 17.11
CA LEU A 182 -78.09 2.93 17.87
C LEU A 182 -77.45 3.87 18.89
N PRO A 183 -77.54 5.20 18.67
CA PRO A 183 -76.87 6.15 19.58
C PRO A 183 -77.33 5.96 21.00
N LYS A 184 -76.46 6.33 21.93
CA LYS A 184 -76.77 6.26 23.36
C LYS A 184 -77.99 7.14 23.70
N ASN A 185 -78.10 8.30 23.05
CA ASN A 185 -79.29 9.15 23.17
C ASN A 185 -80.64 8.49 22.99
N ASN A 186 -80.66 7.47 22.11
CA ASN A 186 -81.88 6.77 21.69
C ASN A 186 -82.06 5.37 22.26
N TYR A 187 -81.16 4.89 23.12
CA TYR A 187 -81.35 3.57 23.69
C TYR A 187 -82.04 3.71 25.03
N LYS A 188 -83.15 3.02 25.19
CA LYS A 188 -83.82 2.88 26.48
C LYS A 188 -84.19 1.40 26.62
N LYS A 189 -84.09 0.89 27.83
CA LYS A 189 -84.15 -0.54 28.05
C LYS A 189 -85.53 -1.04 28.50
N ASP A 190 -85.85 -2.29 28.14
CA ASP A 190 -87.11 -2.94 28.50
C ASP A 190 -87.13 -3.27 29.97
N LYS A 191 -88.34 -3.51 30.46
CA LYS A 191 -88.53 -3.99 31.84
C LYS A 191 -87.68 -5.21 32.17
N TYR A 192 -87.47 -6.07 31.18
CA TYR A 192 -86.76 -7.33 31.36
C TYR A 192 -85.31 -7.28 30.88
N THR A 193 -84.74 -6.09 30.73
CA THR A 193 -83.34 -5.96 30.37
C THR A 193 -82.47 -6.16 31.59
N GLY A 194 -81.59 -7.14 31.51
CA GLY A 194 -80.56 -7.36 32.51
C GLY A 194 -79.30 -6.85 31.88
N SER A 195 -78.45 -6.19 32.66
CA SER A 195 -77.24 -5.62 32.09
C SER A 195 -75.97 -5.89 32.90
N VAL A 196 -74.90 -6.15 32.15
CA VAL A 196 -73.69 -6.77 32.67
C VAL A 196 -72.49 -6.01 32.09
N VAL A 197 -71.37 -6.03 32.80
CA VAL A 197 -70.25 -5.18 32.46
C VAL A 197 -69.02 -6.03 32.17
N LEU A 198 -68.33 -5.67 31.11
CA LEU A 198 -67.06 -6.28 30.72
C LEU A 198 -65.97 -5.25 30.94
N GLN A 199 -65.18 -5.47 31.99
CA GLN A 199 -63.98 -4.68 32.28
C GLN A 199 -62.77 -5.25 31.54
N SER A 200 -62.15 -4.45 30.70
CA SER A 200 -60.88 -4.87 30.07
C SER A 200 -59.77 -4.83 31.14
N ALA A 201 -58.59 -5.23 30.72
CA ALA A 201 -57.43 -5.22 31.58
C ALA A 201 -57.15 -3.79 32.11
N PRO A 202 -56.45 -3.68 33.24
CA PRO A 202 -56.08 -2.35 33.72
C PRO A 202 -55.20 -1.59 32.73
N LEU A 203 -55.31 -0.28 32.75
CA LEU A 203 -54.73 0.58 31.73
C LEU A 203 -53.24 0.28 31.59
N ARG A 204 -52.57 0.12 32.72
CA ARG A 204 -51.14 -0.14 32.70
C ARG A 204 -50.76 -1.35 31.81
N THR A 205 -51.62 -2.38 31.78
CA THR A 205 -51.40 -3.55 30.94
C THR A 205 -51.73 -3.32 29.47
N ILE A 206 -52.77 -2.55 29.21
CA ILE A 206 -53.05 -2.11 27.84
C ILE A 206 -51.81 -1.31 27.31
N LEU A 207 -51.25 -0.46 28.17
CA LEU A 207 -50.12 0.34 27.80
C LEU A 207 -48.87 -0.54 27.58
N LYS A 208 -48.66 -1.51 28.47
CA LYS A 208 -47.56 -2.44 28.34
C LYS A 208 -47.63 -3.17 27.00
N ARG A 209 -48.84 -3.60 26.64
CA ARG A 209 -49.06 -4.25 25.35
C ARG A 209 -48.75 -3.31 24.15
N MET A 210 -49.27 -2.08 24.21
CA MET A 210 -49.04 -1.10 23.19
C MET A 210 -47.55 -0.82 22.99
N ASN A 211 -46.85 -0.58 24.09
CA ASN A 211 -45.44 -0.25 24.07
C ASN A 211 -44.56 -1.42 23.64
N ASN A 212 -44.94 -2.63 24.03
CA ASN A 212 -44.23 -3.84 23.57
C ASN A 212 -44.26 -3.94 22.06
N GLN A 213 -45.47 -3.84 21.51
CA GLN A 213 -45.70 -4.03 20.10
C GLN A 213 -45.33 -2.76 19.28
N SER A 214 -45.32 -1.60 19.92
CA SER A 214 -45.41 -0.33 19.22
C SER A 214 -46.75 -0.20 18.48
N ASN A 215 -47.85 -0.51 19.19
CA ASN A 215 -49.16 -0.57 18.58
C ASN A 215 -49.77 0.81 18.27
N ASN A 216 -49.77 1.18 16.99
CA ASN A 216 -50.31 2.44 16.54
C ASN A 216 -51.82 2.59 16.79
N TYR A 217 -52.58 1.50 16.55
CA TYR A 217 -54.02 1.53 16.77
C TYR A 217 -54.35 1.96 18.20
N ILE A 218 -53.70 1.30 19.17
CA ILE A 218 -53.98 1.55 20.57
C ILE A 218 -53.55 2.98 20.93
N ALA A 219 -52.33 3.35 20.53
CA ALA A 219 -51.78 4.72 20.84
C ALA A 219 -52.61 5.85 20.22
N ASP A 220 -53.01 5.68 18.95
CA ASP A 220 -53.74 6.72 18.26
C ASP A 220 -55.13 6.91 18.82
N ASN A 221 -55.78 5.80 19.20
CA ASN A 221 -57.12 5.85 19.78
C ASN A 221 -57.12 6.39 21.20
N LEU A 222 -56.06 6.09 21.98
CA LEU A 222 -55.88 6.74 23.31
C LEU A 222 -55.83 8.25 23.13
N TYR A 223 -55.02 8.71 22.16
CA TYR A 223 -54.87 10.13 21.87
C TYR A 223 -56.22 10.80 21.58
N TRP A 224 -57.02 10.20 20.69
CA TRP A 224 -58.39 10.74 20.40
C TRP A 224 -59.29 10.65 21.61
N ASN A 225 -59.26 9.51 22.32
CA ASN A 225 -60.05 9.31 23.53
C ASN A 225 -59.75 10.32 24.59
N LEU A 226 -58.48 10.73 24.71
CA LEU A 226 -58.10 11.75 25.70
C LEU A 226 -58.45 13.18 25.28
N GLY A 227 -58.93 13.39 24.06
CA GLY A 227 -59.29 14.71 23.59
C GLY A 227 -58.54 15.21 22.40
N GLY A 228 -57.62 14.43 21.85
CA GLY A 228 -56.87 14.87 20.64
C GLY A 228 -55.92 16.00 20.92
N THR A 229 -55.55 16.69 19.85
CA THR A 229 -54.48 17.65 19.87
C THR A 229 -54.70 18.82 20.84
N ALA A 230 -55.89 19.38 20.88
CA ALA A 230 -56.13 20.52 21.80
C ALA A 230 -55.92 20.10 23.24
N ALA A 231 -56.51 18.97 23.62
CA ALA A 231 -56.35 18.44 24.95
C ALA A 231 -54.87 18.09 25.20
N PHE A 232 -54.17 17.55 24.20
CA PHE A 232 -52.75 17.26 24.34
C PHE A 232 -51.86 18.46 24.69
N ASN A 233 -52.10 19.57 24.00
CA ASN A 233 -51.31 20.77 24.23
C ASN A 233 -51.48 21.31 25.65
N ALA A 234 -52.70 21.28 26.19
CA ALA A 234 -52.93 21.70 27.59
C ALA A 234 -52.16 20.79 28.55
N PHE A 235 -52.19 19.50 28.26
CA PHE A 235 -51.43 18.50 29.04
C PHE A 235 -49.93 18.81 29.00
N ALA A 236 -49.41 19.11 27.81
CA ALA A 236 -48.00 19.38 27.66
C ALA A 236 -47.55 20.66 28.40
N ALA A 237 -48.40 21.69 28.36
CA ALA A 237 -48.14 22.94 29.08
C ALA A 237 -48.12 22.69 30.61
N ALA A 238 -49.10 21.96 31.12
CA ALA A 238 -49.25 21.86 32.57
C ALA A 238 -48.28 20.84 33.14
N THR A 239 -48.21 19.67 32.54
CA THR A 239 -47.40 18.57 33.08
C THR A 239 -45.93 18.65 32.63
N LEU A 240 -45.68 18.93 31.35
CA LEU A 240 -44.32 18.93 30.83
C LEU A 240 -43.68 20.32 30.76
N LYS A 241 -44.42 21.36 31.17
CA LYS A 241 -43.96 22.73 31.06
C LYS A 241 -43.45 23.02 29.66
N ALA A 242 -44.25 22.64 28.66
CA ALA A 242 -43.81 22.60 27.28
C ALA A 242 -44.86 23.14 26.32
N ASP A 243 -44.43 24.01 25.41
CA ASP A 243 -45.30 24.50 24.35
C ASP A 243 -44.73 24.08 22.99
N GLN A 244 -45.29 24.60 21.90
CA GLN A 244 -44.83 24.29 20.53
C GLN A 244 -43.32 24.42 20.24
N ASN A 245 -42.63 25.27 20.97
CA ASN A 245 -41.17 25.32 20.92
C ASN A 245 -40.51 24.02 21.34
N GLN A 246 -41.13 23.27 22.23
CA GLN A 246 -40.56 22.02 22.73
C GLN A 246 -41.20 20.75 22.14
N ILE A 247 -42.45 20.85 21.71
CA ILE A 247 -43.24 19.64 21.36
C ILE A 247 -44.41 19.96 20.46
N VAL A 248 -44.53 19.20 19.39
CA VAL A 248 -45.72 19.27 18.50
C VAL A 248 -46.17 17.85 18.21
N PHE A 249 -47.43 17.57 18.54
CA PHE A 249 -48.03 16.29 18.28
C PHE A 249 -49.17 16.42 17.28
N HIS A 250 -49.32 15.36 16.48
CA HIS A 250 -50.45 15.14 15.57
C HIS A 250 -51.20 13.87 15.89
N ASN A 251 -50.58 12.91 16.58
CA ASN A 251 -51.22 11.62 16.89
C ASN A 251 -50.55 10.96 18.11
N GLY A 252 -51.09 9.84 18.58
CA GLY A 252 -50.57 9.18 19.77
C GLY A 252 -49.38 8.24 19.51
N SER A 253 -49.25 7.81 18.25
CA SER A 253 -48.32 6.77 17.88
C SER A 253 -46.86 7.23 17.54
N GLY A 254 -46.73 8.45 17.03
CA GLY A 254 -45.50 8.93 16.40
C GLY A 254 -45.41 8.60 14.92
N ASN A 255 -46.44 7.98 14.37
CA ASN A 255 -46.44 7.57 12.97
C ASN A 255 -46.58 8.77 12.06
N ASN A 256 -46.16 8.57 10.81
CA ASN A 256 -46.24 9.58 9.78
C ASN A 256 -47.70 9.98 9.49
N GLU A 257 -48.00 11.28 9.63
CA GLU A 257 -49.33 11.81 9.29
C GLU A 257 -49.41 12.39 7.87
N GLY A 258 -48.29 12.43 7.16
CA GLY A 258 -48.25 13.03 5.85
C GLY A 258 -48.06 11.96 4.79
N THR A 259 -47.32 12.29 3.75
CA THR A 259 -46.95 11.36 2.71
C THR A 259 -45.56 10.75 2.84
N THR A 260 -45.38 9.63 2.16
CA THR A 260 -44.02 9.07 1.94
C THR A 260 -43.02 10.12 1.45
N ALA A 261 -43.41 10.90 0.43
CA ALA A 261 -42.60 12.02 -0.08
C ALA A 261 -42.51 13.23 0.88
N LYS A 262 -43.62 13.55 1.56
CA LYS A 262 -43.72 14.71 2.44
C LYS A 262 -44.18 14.27 3.84
N PRO A 263 -43.26 13.70 4.61
CA PRO A 263 -43.69 13.18 5.92
C PRO A 263 -43.96 14.26 6.96
N ILE A 264 -44.85 13.97 7.90
CA ILE A 264 -45.13 14.82 9.05
C ILE A 264 -45.05 13.91 10.26
N TYR A 265 -44.26 14.34 11.23
CA TYR A 265 -44.00 13.55 12.42
C TYR A 265 -44.22 14.34 13.73
N ASN A 266 -44.62 13.65 14.79
CA ASN A 266 -44.55 14.19 16.13
C ASN A 266 -43.10 14.53 16.39
N GLU A 267 -42.88 15.71 16.96
CA GLU A 267 -41.52 16.19 17.30
C GLU A 267 -41.46 16.68 18.73
N ALA A 268 -40.35 16.40 19.39
CA ALA A 268 -40.07 17.06 20.64
C ALA A 268 -38.56 17.16 20.84
N THR A 269 -38.17 17.95 21.81
CA THR A 269 -36.75 18.05 22.19
C THR A 269 -36.36 16.90 23.09
N CYS A 270 -35.08 16.61 23.10
CA CYS A 270 -34.56 15.49 23.82
C CYS A 270 -34.78 15.69 25.32
N GLU A 271 -34.66 16.93 25.76
CA GLU A 271 -34.99 17.35 27.12
C GLU A 271 -36.41 16.94 27.50
N THR A 272 -37.33 17.18 26.58
CA THR A 272 -38.74 16.88 26.82
C THR A 272 -38.97 15.37 27.09
N MET A 273 -38.21 14.53 26.40
CA MET A 273 -38.29 13.06 26.58
C MET A 273 -37.76 12.63 27.93
N ILE A 274 -36.69 13.28 28.41
CA ILE A 274 -36.18 13.06 29.77
C ILE A 274 -37.22 13.49 30.82
N LYS A 275 -37.84 14.66 30.64
CA LYS A 275 -38.93 15.09 31.56
C LYS A 275 -40.04 14.06 31.65
N THR A 276 -40.50 13.65 30.47
CA THR A 276 -41.55 12.64 30.36
C THR A 276 -41.23 11.41 31.17
N LEU A 277 -40.03 10.90 30.93
CA LEU A 277 -39.58 9.71 31.59
C LEU A 277 -39.52 9.88 33.10
N TYR A 278 -38.95 10.98 33.58
CA TYR A 278 -38.88 11.24 35.02
C TYR A 278 -40.30 11.32 35.61
N THR A 279 -41.16 12.07 34.97
CA THR A 279 -42.52 12.28 35.48
C THR A 279 -43.36 11.00 35.45
N LEU A 280 -43.17 10.19 34.39
CA LEU A 280 -43.90 8.93 34.23
C LEU A 280 -43.49 7.95 35.35
N ASN A 281 -42.17 7.86 35.58
CA ASN A 281 -41.62 7.09 36.68
C ASN A 281 -42.15 7.53 38.06
N LYS A 282 -42.20 8.82 38.33
CA LYS A 282 -42.71 9.34 39.62
C LYS A 282 -44.14 8.98 39.81
N SER A 283 -44.89 9.12 38.75
CA SER A 283 -46.32 8.79 38.76
C SER A 283 -46.54 7.33 39.18
N LEU A 284 -45.84 6.44 38.48
CA LEU A 284 -45.95 5.00 38.69
C LEU A 284 -45.46 4.63 40.07
N GLU A 285 -44.35 5.23 40.54
CA GLU A 285 -43.86 4.94 41.92
C GLU A 285 -44.83 5.36 43.00
N ALA A 286 -45.52 6.48 42.79
CA ALA A 286 -46.54 6.94 43.72
C ALA A 286 -47.70 5.96 43.90
N LYS A 287 -47.95 5.10 42.91
CA LYS A 287 -48.95 4.07 43.00
C LYS A 287 -48.39 2.69 43.22
N GLY A 288 -47.13 2.59 43.64
CA GLY A 288 -46.51 1.28 43.85
C GLY A 288 -46.09 0.51 42.61
N TYR A 289 -46.05 1.15 41.44
CA TYR A 289 -45.59 0.51 40.22
C TYR A 289 -44.19 0.96 39.83
N LYS A 290 -43.75 0.44 38.71
CA LYS A 290 -42.42 0.72 38.16
C LYS A 290 -42.53 0.99 36.69
N LEU A 291 -41.46 1.52 36.12
CA LEU A 291 -41.46 1.83 34.69
C LEU A 291 -41.66 0.56 33.82
N SER A 292 -41.17 -0.58 34.32
CA SER A 292 -41.31 -1.85 33.64
C SER A 292 -42.73 -2.38 33.58
N ASP A 293 -43.66 -1.79 34.32
CA ASP A 293 -45.05 -2.15 34.21
C ASP A 293 -45.77 -1.57 33.01
N VAL A 294 -45.17 -0.58 32.33
CA VAL A 294 -45.71 -0.03 31.08
C VAL A 294 -44.75 -0.06 29.88
N LEU A 295 -43.44 -0.11 30.11
CA LEU A 295 -42.48 -0.16 29.02
C LEU A 295 -41.79 -1.49 29.03
N SER A 296 -41.29 -1.87 27.88
CA SER A 296 -40.64 -3.15 27.65
C SER A 296 -39.30 -3.27 28.35
N VAL A 297 -38.92 -4.50 28.68
CA VAL A 297 -37.65 -4.80 29.30
C VAL A 297 -36.80 -5.58 28.33
N ALA A 298 -35.59 -5.08 28.07
CA ALA A 298 -34.68 -5.71 27.12
C ALA A 298 -34.52 -7.18 27.39
N ASN A 299 -34.70 -7.98 26.36
CA ASN A 299 -34.54 -9.41 26.40
C ASN A 299 -35.65 -10.14 27.15
N LYS A 300 -36.05 -9.65 28.31
CA LYS A 300 -37.05 -10.34 29.12
C LYS A 300 -38.48 -10.31 28.61
N ASP A 301 -38.87 -9.26 27.88
CA ASP A 301 -40.19 -9.26 27.21
C ASP A 301 -40.08 -9.81 25.79
N SER A 302 -40.31 -11.11 25.65
CA SER A 302 -40.17 -11.83 24.38
C SER A 302 -41.05 -11.32 23.34
N ASP A 303 -42.24 -10.89 23.71
CA ASP A 303 -43.19 -10.43 22.72
C ASP A 303 -43.09 -8.90 22.73
N SER A 304 -41.96 -8.39 22.26
CA SER A 304 -41.71 -6.93 22.24
C SER A 304 -40.68 -6.62 21.19
N THR A 305 -40.58 -5.37 20.85
CA THR A 305 -39.56 -4.95 19.89
C THR A 305 -38.11 -4.95 20.41
N ILE A 306 -37.88 -5.20 21.71
CA ILE A 306 -36.53 -5.28 22.23
C ILE A 306 -36.24 -6.66 22.84
N ASP A 307 -36.97 -7.68 22.38
CA ASP A 307 -36.66 -9.06 22.61
C ASP A 307 -35.19 -9.40 22.29
N ASN A 308 -34.64 -8.83 21.21
CA ASN A 308 -33.28 -9.15 20.72
C ASN A 308 -32.34 -7.96 20.73
N PHE A 309 -32.53 -7.10 21.72
CA PHE A 309 -31.65 -5.98 21.99
C PHE A 309 -30.51 -6.58 22.83
N GLY A 310 -29.56 -7.22 22.19
CA GLY A 310 -28.47 -7.84 22.95
C GLY A 310 -27.49 -6.84 23.48
N GLY A 311 -26.33 -7.35 23.87
CA GLY A 311 -25.29 -6.54 24.49
C GLY A 311 -25.50 -6.54 25.99
N ASN A 312 -24.76 -5.68 26.66
CA ASN A 312 -24.86 -5.54 28.11
C ASN A 312 -26.17 -4.85 28.60
N ALA A 313 -27.03 -4.43 27.69
CA ALA A 313 -28.36 -3.96 28.03
C ALA A 313 -29.32 -5.10 28.37
N ALA A 314 -29.01 -6.34 27.99
CA ALA A 314 -29.95 -7.46 28.19
C ALA A 314 -30.34 -7.65 29.66
N GLY A 315 -31.63 -7.58 29.95
CA GLY A 315 -32.10 -7.64 31.33
C GLY A 315 -31.80 -6.43 32.21
N SER A 316 -31.25 -5.36 31.62
CA SER A 316 -30.82 -4.16 32.35
C SER A 316 -31.30 -2.83 31.76
N MET A 317 -32.19 -2.88 30.77
CA MET A 317 -32.69 -1.69 30.16
C MET A 317 -34.20 -1.84 30.05
N ILE A 318 -34.87 -0.73 30.39
CA ILE A 318 -36.27 -0.56 30.15
C ILE A 318 -36.37 0.46 29.04
N ALA A 319 -37.09 0.19 27.96
CA ALA A 319 -37.09 1.12 26.83
C ALA A 319 -38.22 0.93 25.86
N LYS A 320 -38.41 2.01 25.10
CA LYS A 320 -39.32 2.05 23.93
C LYS A 320 -38.51 2.42 22.68
N THR A 321 -38.74 1.68 21.60
CA THR A 321 -38.11 1.94 20.32
C THR A 321 -38.96 2.82 19.45
N GLY A 322 -38.35 3.34 18.41
CA GLY A 322 -39.06 4.07 17.38
C GLY A 322 -38.43 3.95 16.03
N THR A 323 -39.29 3.86 15.01
CA THR A 323 -38.85 3.69 13.64
C THR A 323 -39.79 4.40 12.66
N VAL A 324 -39.28 5.40 11.96
CA VAL A 324 -39.97 5.99 10.79
C VAL A 324 -38.90 6.16 9.71
N ASN A 325 -39.32 6.57 8.50
CA ASN A 325 -38.39 6.67 7.39
C ASN A 325 -37.22 7.63 7.68
N LYS A 326 -37.49 8.71 8.42
CA LYS A 326 -36.49 9.71 8.75
C LYS A 326 -35.84 9.59 10.13
N ALA A 327 -36.22 8.59 10.92
CA ALA A 327 -35.67 8.49 12.28
C ALA A 327 -35.64 7.09 12.86
N LYS A 328 -34.66 6.90 13.74
CA LYS A 328 -34.54 5.74 14.56
C LYS A 328 -34.28 6.23 15.97
N THR A 329 -35.13 5.83 16.91
CA THR A 329 -35.11 6.45 18.24
C THR A 329 -35.23 5.38 19.35
N LEU A 330 -34.78 5.77 20.55
CA LEU A 330 -34.90 4.94 21.74
C LEU A 330 -34.98 5.81 22.96
N ALA A 331 -35.82 5.42 23.92
CA ALA A 331 -35.95 6.15 25.19
C ALA A 331 -36.34 5.24 26.35
N GLY A 332 -35.83 5.51 27.54
CA GLY A 332 -36.12 4.65 28.68
C GLY A 332 -35.12 4.83 29.79
N SER A 333 -34.72 3.73 30.44
CA SER A 333 -33.68 3.77 31.44
C SER A 333 -32.77 2.54 31.39
N ILE A 334 -31.55 2.73 31.87
CA ILE A 334 -30.58 1.65 31.97
C ILE A 334 -30.30 1.48 33.45
N SER A 335 -30.11 0.24 33.85
CA SER A 335 -29.80 -0.07 35.23
C SER A 335 -28.33 -0.52 35.26
N THR A 336 -27.52 0.18 36.04
CA THR A 336 -26.08 0.00 36.09
C THR A 336 -25.65 -0.06 37.54
N LYS A 337 -24.39 -0.43 37.76
CA LYS A 337 -23.84 -0.47 39.11
C LYS A 337 -23.78 0.91 39.80
N GLU A 338 -23.89 2.01 39.04
CA GLU A 338 -23.98 3.35 39.63
C GLU A 338 -25.42 3.87 39.72
N GLY A 339 -26.41 2.98 39.53
CA GLY A 339 -27.82 3.35 39.64
C GLY A 339 -28.50 3.28 38.29
N GLU A 340 -29.75 3.73 38.29
CA GLU A 340 -30.56 3.83 37.08
C GLU A 340 -30.46 5.20 36.44
N PHE A 341 -30.48 5.24 35.11
CA PHE A 341 -30.29 6.50 34.36
C PHE A 341 -31.35 6.56 33.26
N TYR A 342 -32.08 7.66 33.18
CA TYR A 342 -32.95 7.95 32.06
C TYR A 342 -32.07 8.32 30.84
N PHE A 343 -32.55 7.97 29.63
CA PHE A 343 -31.87 8.35 28.42
C PHE A 343 -32.89 8.54 27.32
N ALA A 344 -32.52 9.35 26.33
CA ALA A 344 -33.20 9.40 25.03
C ALA A 344 -32.15 9.54 23.93
N ILE A 345 -32.31 8.76 22.86
CA ILE A 345 -31.37 8.77 21.73
C ILE A 345 -32.16 8.92 20.46
N LEU A 346 -31.85 9.96 19.72
CA LEU A 346 -32.58 10.27 18.51
C LEU A 346 -31.58 10.27 17.33
N LEU A 347 -31.81 9.40 16.36
CA LEU A 347 -31.01 9.36 15.13
C LEU A 347 -31.85 9.71 13.89
N HIS A 348 -31.19 10.32 12.90
CA HIS A 348 -31.76 10.54 11.58
C HIS A 348 -31.45 9.36 10.71
N THR A 349 -32.38 9.02 9.82
CA THR A 349 -32.17 8.03 8.77
C THR A 349 -32.81 8.57 7.49
N ASP A 350 -32.53 7.93 6.35
CA ASP A 350 -33.22 8.21 5.04
C ASP A 350 -33.48 6.93 4.25
N MET A 351 -34.62 6.30 4.51
CA MET A 351 -34.97 5.07 3.80
C MET A 351 -35.06 5.28 2.33
N ASP A 352 -35.48 6.47 1.92
CA ASP A 352 -35.49 6.80 0.52
C ASP A 352 -34.09 6.77 -0.16
N GLN A 353 -33.03 6.95 0.60
CA GLN A 353 -31.67 6.79 0.08
C GLN A 353 -31.30 5.33 0.16
N SER A 354 -31.49 4.70 1.33
CA SER A 354 -31.33 3.26 1.43
C SER A 354 -32.09 2.69 2.62
N SER A 355 -32.77 1.58 2.40
CA SER A 355 -33.40 0.87 3.49
C SER A 355 -32.40 0.23 4.43
N SER A 356 -31.14 0.05 4.00
CA SER A 356 -30.11 -0.42 4.91
C SER A 356 -29.85 0.54 6.08
N ASP A 357 -30.28 1.81 5.97
CA ASP A 357 -30.12 2.83 7.05
C ASP A 357 -30.77 2.35 8.37
N ARG A 358 -31.90 1.63 8.29
CA ARG A 358 -32.57 1.22 9.53
C ARG A 358 -31.67 0.30 10.38
N GLY A 359 -31.07 -0.71 9.75
CA GLY A 359 -30.17 -1.65 10.41
C GLY A 359 -28.91 -1.01 10.97
N VAL A 360 -28.35 -0.08 10.21
CA VAL A 360 -27.16 0.66 10.63
C VAL A 360 -27.48 1.49 11.87
N ALA A 361 -28.59 2.22 11.84
CA ALA A 361 -29.02 3.02 12.95
C ALA A 361 -29.28 2.19 14.17
N SER A 362 -29.92 1.04 13.99
CA SER A 362 -30.24 0.09 15.08
C SER A 362 -28.99 -0.33 15.89
N GLN A 363 -27.91 -0.76 15.20
CA GLN A 363 -26.71 -1.19 15.90
C GLN A 363 -25.91 -0.01 16.48
N MET A 364 -26.01 1.18 15.88
CA MET A 364 -25.41 2.38 16.46
C MET A 364 -26.04 2.70 17.81
N ILE A 365 -27.36 2.65 17.87
CA ILE A 365 -28.09 2.91 19.10
C ILE A 365 -27.69 1.91 20.17
N LYS A 366 -27.63 0.65 19.78
CA LYS A 366 -27.29 -0.43 20.74
C LYS A 366 -25.88 -0.26 21.31
N ASN A 367 -24.96 0.10 20.45
CA ASN A 367 -23.60 0.32 20.89
C ASN A 367 -23.47 1.56 21.74
N LYS A 368 -24.30 2.56 21.47
CA LYS A 368 -24.31 3.76 22.29
C LYS A 368 -24.80 3.45 23.68
N ILE A 369 -25.89 2.70 23.77
CA ILE A 369 -26.39 2.21 25.08
C ILE A 369 -25.36 1.38 25.83
N SER A 370 -24.71 0.45 25.15
CA SER A 370 -23.63 -0.32 25.76
C SER A 370 -22.50 0.57 26.32
N GLN A 371 -22.12 1.58 25.56
CA GLN A 371 -21.08 2.51 25.97
C GLN A 371 -21.49 3.26 27.23
N LEU A 372 -22.73 3.75 27.26
CA LEU A 372 -23.24 4.43 28.46
C LEU A 372 -23.22 3.50 29.65
N ILE A 373 -23.61 2.24 29.43
CA ILE A 373 -23.51 1.23 30.51
C ILE A 373 -22.04 1.03 30.98
N ASN A 374 -21.11 0.85 30.05
CA ASN A 374 -19.71 0.70 30.37
C ASN A 374 -19.21 1.79 31.29
N LYS A 375 -19.50 3.04 30.94
CA LYS A 375 -19.07 4.20 31.70
C LYS A 375 -19.75 4.36 33.04
N ARG A 376 -20.83 3.64 33.26
CA ARG A 376 -21.46 3.57 34.58
C ARG A 376 -21.21 2.23 35.32
N SER A 377 -20.03 1.65 35.05
CA SER A 377 -19.53 0.45 35.75
C SER A 377 -20.30 -0.83 35.49
N GLY A 378 -20.94 -0.91 34.33
CA GLY A 378 -21.54 -2.14 33.85
C GLY A 378 -22.98 -2.30 34.26
N PRO A 379 -23.62 -3.34 33.75
CA PRO A 379 -25.03 -3.50 33.96
C PRO A 379 -25.35 -4.02 35.34
N LYS A 380 -26.53 -3.69 35.82
CA LYS A 380 -27.11 -4.35 36.99
C LYS A 380 -28.47 -4.87 36.57
N GLU A 381 -28.65 -6.17 36.63
CA GLU A 381 -29.85 -6.78 36.12
C GLU A 381 -31.07 -6.32 36.92
N ILE A 382 -32.17 -6.05 36.22
CA ILE A 382 -33.39 -5.51 36.82
C ILE A 382 -34.28 -6.67 37.47
N GLN A 383 -34.86 -6.42 38.66
CA GLN A 383 -35.89 -7.30 39.26
C GLN A 383 -37.19 -7.29 38.43
N TYR A 384 -37.42 -8.29 37.59
CA TYR A 384 -38.57 -8.26 36.68
C TYR A 384 -38.96 -9.63 36.21
N THR A 385 -40.27 -9.85 36.17
CA THR A 385 -40.87 -11.04 35.59
C THR A 385 -41.80 -10.66 34.44
N GLU A 386 -41.65 -11.36 33.32
CA GLU A 386 -42.31 -11.03 32.10
C GLU A 386 -43.79 -10.91 32.36
N ILE A 387 -44.34 -9.74 32.06
CA ILE A 387 -45.79 -9.53 32.09
C ILE A 387 -46.40 -10.14 30.84
N LEU A 388 -47.41 -10.98 31.02
CA LEU A 388 -48.12 -11.53 29.91
C LEU A 388 -49.30 -10.54 29.72
N ALA A 389 -49.21 -9.73 28.66
CA ALA A 389 -50.08 -8.57 28.50
C ALA A 389 -51.35 -8.86 27.67
N LEU A 390 -52.32 -9.47 28.31
CA LEU A 390 -53.63 -9.76 27.70
C LEU A 390 -54.57 -8.57 27.90
N PRO A 391 -55.54 -8.42 27.00
CA PRO A 391 -56.50 -7.37 27.13
C PRO A 391 -57.60 -7.63 28.16
N PHE A 392 -57.53 -8.77 28.86
CA PHE A 392 -58.49 -9.10 29.96
C PHE A 392 -57.70 -9.82 31.03
N ASP A 393 -58.21 -9.85 32.24
CA ASP A 393 -57.60 -10.57 33.34
C ASP A 393 -58.69 -11.17 34.24
N GLN A 394 -58.35 -11.55 35.47
CA GLN A 394 -59.31 -12.26 36.37
C GLN A 394 -60.48 -11.41 36.88
N ASN A 395 -60.44 -10.10 36.69
CA ASN A 395 -61.54 -9.22 36.98
C ASN A 395 -62.26 -8.78 35.72
N SER A 396 -62.02 -9.46 34.61
CA SER A 396 -62.75 -9.16 33.37
C SER A 396 -64.00 -9.99 33.20
N TYR A 397 -64.23 -11.03 34.02
CA TYR A 397 -65.48 -11.81 33.90
C TYR A 397 -66.71 -10.92 34.06
N LEU A 398 -67.75 -11.21 33.29
CA LEU A 398 -69.00 -10.44 33.30
C LEU A 398 -69.65 -10.36 34.69
N THR A 399 -69.96 -9.14 35.17
CA THR A 399 -70.65 -8.96 36.46
C THR A 399 -71.83 -8.05 36.26
N GLU A 400 -72.78 -8.08 37.20
CA GLU A 400 -74.00 -7.23 37.13
C GLU A 400 -73.58 -5.76 37.24
N ALA A 401 -74.28 -4.88 36.52
CA ALA A 401 -73.95 -3.44 36.53
C ALA A 401 -74.08 -2.77 37.91
N LYS B 1 -40.46 -4.75 -13.44
CA LYS B 1 -41.36 -3.68 -12.83
C LYS B 1 -41.80 -4.10 -11.41
N SER B 2 -41.26 -3.44 -10.39
CA SER B 2 -41.66 -3.71 -9.01
C SER B 2 -42.92 -2.93 -8.67
N SER B 3 -43.55 -3.30 -7.55
CA SER B 3 -44.76 -2.63 -7.07
C SER B 3 -44.57 -1.94 -5.70
N LYS B 4 -44.72 -0.63 -5.68
CA LYS B 4 -44.67 0.17 -4.48
C LYS B 4 -45.67 -0.34 -3.46
N ALA B 5 -46.92 -0.47 -3.86
CA ALA B 5 -47.95 -0.95 -2.95
C ALA B 5 -47.60 -2.32 -2.33
N LEU B 6 -47.04 -3.23 -3.13
CA LEU B 6 -46.65 -4.58 -2.64
C LEU B 6 -45.47 -4.49 -1.66
N ASN B 7 -44.45 -3.73 -2.02
CA ASN B 7 -43.29 -3.54 -1.15
C ASN B 7 -43.70 -2.94 0.22
N GLU B 8 -44.57 -1.94 0.21
CA GLU B 8 -45.08 -1.33 1.44
C GLU B 8 -45.93 -2.28 2.25
N ALA B 9 -46.79 -3.04 1.58
CA ALA B 9 -47.60 -4.04 2.24
C ALA B 9 -46.73 -5.11 2.90
N ALA B 10 -45.64 -5.52 2.23
CA ALA B 10 -44.73 -6.52 2.78
C ALA B 10 -44.01 -6.04 4.02
N GLU B 11 -43.50 -4.81 3.95
CA GLU B 11 -42.83 -4.18 5.07
C GLU B 11 -43.78 -4.06 6.28
N GLN B 12 -45.01 -3.64 6.02
CA GLN B 12 -46.00 -3.35 7.09
C GLN B 12 -46.75 -4.56 7.64
N GLY B 13 -46.62 -5.73 7.03
CA GLY B 13 -47.31 -6.93 7.57
C GLY B 13 -48.75 -7.16 7.13
N ASP B 14 -49.19 -6.51 6.04
CA ASP B 14 -50.52 -6.73 5.51
C ASP B 14 -50.48 -7.92 4.56
N LEU B 15 -50.55 -9.10 5.15
CA LEU B 15 -50.58 -10.35 4.40
C LEU B 15 -51.73 -10.38 3.41
N ALA B 16 -52.93 -9.95 3.83
CA ALA B 16 -54.12 -9.98 2.96
C ALA B 16 -53.91 -9.18 1.67
N LYS B 17 -53.36 -7.97 1.82
CA LYS B 17 -53.04 -7.10 0.69
C LYS B 17 -51.89 -7.66 -0.20
N VAL B 18 -50.89 -8.31 0.40
CA VAL B 18 -49.82 -8.98 -0.36
C VAL B 18 -50.36 -10.10 -1.25
N LYS B 19 -51.07 -11.06 -0.63
CA LYS B 19 -51.71 -12.14 -1.35
C LYS B 19 -52.65 -11.60 -2.43
N ASN B 20 -53.36 -10.52 -2.12
CA ASN B 20 -54.27 -9.93 -3.10
C ASN B 20 -53.56 -9.41 -4.36
N LEU B 21 -52.48 -8.68 -4.16
CA LEU B 21 -51.70 -8.14 -5.27
C LEU B 21 -50.93 -9.21 -6.08
N VAL B 22 -50.41 -10.22 -5.38
CA VAL B 22 -49.69 -11.34 -6.00
C VAL B 22 -50.66 -12.28 -6.77
N GLN B 23 -51.89 -12.44 -6.28
CA GLN B 23 -52.96 -13.23 -6.92
C GLN B 23 -53.35 -12.71 -8.32
N LYS B 24 -53.43 -11.39 -8.52
CA LYS B 24 -53.69 -10.85 -9.89
C LYS B 24 -52.56 -11.27 -10.92
N ASN B 25 -51.33 -11.52 -10.42
CA ASN B 25 -50.19 -12.16 -11.16
C ASN B 25 -49.44 -11.21 -12.11
N LYS B 26 -49.50 -9.92 -11.83
CA LYS B 26 -48.86 -8.90 -12.66
C LYS B 26 -47.39 -8.75 -12.26
N ILE B 27 -47.05 -9.07 -11.00
CA ILE B 27 -45.81 -8.61 -10.39
C ILE B 27 -44.73 -9.67 -10.42
N ASP B 28 -43.59 -9.33 -10.99
CA ASP B 28 -42.37 -10.11 -10.85
C ASP B 28 -41.80 -9.86 -9.43
N LEU B 29 -41.76 -10.90 -8.61
CA LEU B 29 -41.39 -10.80 -7.21
C LEU B 29 -39.87 -10.66 -6.98
N ASN B 30 -39.09 -10.79 -8.04
CA ASN B 30 -37.66 -10.52 -8.06
C ASN B 30 -37.29 -9.17 -8.61
N ALA B 31 -38.29 -8.43 -9.09
CA ALA B 31 -38.08 -7.05 -9.53
C ALA B 31 -37.69 -6.17 -8.33
N GLN B 32 -36.59 -5.44 -8.52
CA GLN B 32 -36.01 -4.59 -7.50
C GLN B 32 -36.46 -3.15 -7.79
N ASP B 33 -36.69 -2.36 -6.73
CA ASP B 33 -37.13 -0.96 -6.89
C ASP B 33 -35.91 -0.02 -7.13
N GLU B 34 -36.12 1.28 -7.09
CA GLU B 34 -35.03 2.25 -7.40
C GLU B 34 -33.82 2.23 -6.40
N THR B 35 -34.00 1.69 -5.19
CA THR B 35 -32.89 1.43 -4.25
C THR B 35 -32.47 -0.06 -4.14
N GLY B 36 -32.94 -0.90 -5.07
CA GLY B 36 -32.58 -2.31 -5.10
C GLY B 36 -33.45 -3.22 -4.21
N MET B 37 -34.53 -2.69 -3.62
CA MET B 37 -35.34 -3.46 -2.68
C MET B 37 -36.32 -4.41 -3.38
N THR B 38 -36.46 -5.63 -2.82
CA THR B 38 -37.45 -6.65 -3.24
C THR B 38 -38.56 -6.78 -2.21
N PRO B 39 -39.71 -7.36 -2.62
CA PRO B 39 -40.72 -7.71 -1.62
C PRO B 39 -40.20 -8.58 -0.46
N LEU B 40 -39.31 -9.53 -0.75
CA LEU B 40 -38.72 -10.39 0.28
C LEU B 40 -37.88 -9.60 1.32
N MET B 41 -37.07 -8.67 0.85
CA MET B 41 -36.31 -7.78 1.71
C MET B 41 -37.23 -6.94 2.62
N ASN B 42 -38.29 -6.37 2.04
CA ASN B 42 -39.23 -5.58 2.82
C ASN B 42 -39.90 -6.46 3.88
N ALA B 43 -40.31 -7.67 3.50
CA ALA B 43 -40.96 -8.59 4.44
C ALA B 43 -40.01 -8.94 5.58
N ALA B 44 -38.75 -9.18 5.25
CA ALA B 44 -37.73 -9.53 6.24
C ALA B 44 -37.40 -8.35 7.15
N MET B 45 -37.19 -7.18 6.55
CA MET B 45 -36.93 -5.97 7.32
C MET B 45 -38.05 -5.70 8.33
N GLY B 46 -39.29 -5.88 7.91
CA GLY B 46 -40.45 -5.64 8.80
C GLY B 46 -40.79 -6.73 9.80
N GLY B 47 -40.06 -7.83 9.79
CA GLY B 47 -40.28 -8.96 10.73
C GLY B 47 -41.58 -9.76 10.59
N ASN B 48 -42.04 -9.92 9.34
CA ASN B 48 -43.34 -10.48 9.00
C ASN B 48 -43.17 -11.87 8.43
N LEU B 49 -43.08 -12.83 9.34
CA LEU B 49 -42.79 -14.24 9.02
C LEU B 49 -43.82 -14.88 8.10
N ASP B 50 -45.09 -14.47 8.27
CA ASP B 50 -46.26 -14.89 7.45
C ASP B 50 -45.99 -14.52 5.95
N ILE B 51 -45.60 -13.27 5.71
CA ILE B 51 -45.33 -12.78 4.34
C ILE B 51 -44.05 -13.39 3.72
N VAL B 52 -43.02 -13.61 4.54
CA VAL B 52 -41.81 -14.32 4.08
C VAL B 52 -42.17 -15.73 3.60
N LYS B 53 -42.88 -16.48 4.43
CA LYS B 53 -43.27 -17.86 4.06
C LYS B 53 -44.09 -17.92 2.78
N PHE B 54 -45.00 -16.97 2.63
CA PHE B 54 -45.79 -16.86 1.39
C PHE B 54 -44.90 -16.55 0.20
N LEU B 55 -43.99 -15.59 0.33
CA LEU B 55 -43.06 -15.26 -0.75
C LEU B 55 -42.09 -16.41 -1.06
N LEU B 56 -41.60 -17.12 -0.02
CA LEU B 56 -40.76 -18.31 -0.22
C LEU B 56 -41.50 -19.44 -0.94
N SER B 57 -42.83 -19.52 -0.78
CA SER B 57 -43.65 -20.50 -1.54
C SER B 57 -43.69 -20.20 -3.04
N LYS B 58 -43.38 -18.96 -3.43
CA LYS B 58 -43.23 -18.56 -4.83
C LYS B 58 -41.79 -18.73 -5.38
N LYS B 59 -40.87 -19.23 -4.56
CA LYS B 59 -39.48 -19.50 -4.94
C LYS B 59 -38.74 -18.27 -5.48
N VAL B 60 -38.83 -17.21 -4.71
CA VAL B 60 -38.11 -16.00 -5.00
C VAL B 60 -36.59 -16.25 -4.88
N ASN B 61 -35.80 -15.41 -5.52
CA ASN B 61 -34.37 -15.37 -5.37
C ASN B 61 -33.95 -14.84 -4.00
N LEU B 62 -33.21 -15.66 -3.25
CA LEU B 62 -32.78 -15.31 -1.89
C LEU B 62 -31.62 -14.32 -1.83
N GLU B 63 -30.81 -14.31 -2.89
CA GLU B 63 -29.49 -13.66 -2.86
C GLU B 63 -29.38 -12.35 -3.60
N LEU B 64 -30.50 -11.79 -4.05
CA LEU B 64 -30.52 -10.41 -4.52
C LEU B 64 -30.10 -9.46 -3.39
N LYS B 65 -29.45 -8.37 -3.77
CA LYS B 65 -28.94 -7.36 -2.85
C LYS B 65 -29.51 -6.00 -3.18
N ASN B 66 -29.88 -5.24 -2.14
CA ASN B 66 -30.26 -3.82 -2.33
C ASN B 66 -28.98 -2.95 -2.55
N ASN B 67 -29.16 -1.66 -2.73
CA ASN B 67 -28.01 -0.73 -2.88
C ASN B 67 -26.98 -0.79 -1.74
N GLY B 68 -27.43 -1.10 -0.52
CA GLY B 68 -26.56 -1.32 0.61
C GLY B 68 -25.81 -2.66 0.69
N GLY B 69 -25.92 -3.49 -0.35
CA GLY B 69 -25.22 -4.76 -0.41
C GLY B 69 -25.85 -5.88 0.39
N GLU B 70 -27.06 -5.67 0.92
CA GLU B 70 -27.69 -6.61 1.84
C GLU B 70 -28.73 -7.51 1.18
N THR B 71 -28.68 -8.80 1.53
CA THR B 71 -29.73 -9.74 1.18
C THR B 71 -30.85 -9.69 2.20
N ALA B 72 -31.96 -10.34 1.87
CA ALA B 72 -33.11 -10.48 2.81
C ALA B 72 -32.71 -11.03 4.15
N LEU B 73 -31.85 -12.05 4.15
CA LEU B 73 -31.30 -12.56 5.40
C LEU B 73 -30.64 -11.43 6.21
N ALA B 74 -29.84 -10.60 5.56
CA ALA B 74 -29.20 -9.51 6.24
C ALA B 74 -30.22 -8.51 6.80
N PHE B 75 -31.27 -8.21 6.02
CA PHE B 75 -32.34 -7.32 6.51
C PHE B 75 -33.00 -7.90 7.74
N ALA B 76 -33.24 -9.21 7.73
CA ALA B 76 -33.83 -9.86 8.89
C ALA B 76 -32.96 -9.72 10.16
N VAL B 77 -31.69 -10.09 10.03
CA VAL B 77 -30.77 -10.09 11.17
C VAL B 77 -30.60 -8.69 11.69
N THR B 78 -30.28 -7.75 10.81
CA THR B 78 -29.98 -6.37 11.23
C THR B 78 -31.18 -5.70 11.90
N ASN B 79 -32.38 -6.11 11.52
CA ASN B 79 -33.63 -5.56 12.12
C ASN B 79 -34.29 -6.49 13.14
N ASP B 80 -33.53 -7.41 13.72
CA ASP B 80 -33.98 -8.25 14.86
C ASP B 80 -35.20 -9.15 14.60
N ALA B 81 -35.38 -9.55 13.35
CA ALA B 81 -36.44 -10.44 12.96
C ALA B 81 -35.81 -11.81 12.85
N TYR B 82 -35.43 -12.35 14.00
CA TYR B 82 -34.66 -13.61 14.04
C TYR B 82 -35.49 -14.84 13.72
N ASP B 83 -36.78 -14.79 13.99
CA ASP B 83 -37.68 -15.83 13.52
C ASP B 83 -37.66 -15.89 11.98
N VAL B 84 -37.59 -14.73 11.32
CA VAL B 84 -37.43 -14.66 9.85
C VAL B 84 -36.05 -15.16 9.40
N ALA B 85 -35.03 -14.81 10.16
CA ALA B 85 -33.69 -15.27 9.86
C ALA B 85 -33.61 -16.78 9.84
N GLU B 86 -34.21 -17.39 10.83
CA GLU B 86 -34.24 -18.86 10.91
C GLU B 86 -34.94 -19.49 9.72
N GLU B 87 -36.05 -18.90 9.29
CA GLU B 87 -36.80 -19.41 8.16
C GLU B 87 -35.95 -19.33 6.90
N LEU B 88 -35.32 -18.17 6.70
CA LEU B 88 -34.46 -17.94 5.54
C LEU B 88 -33.25 -18.85 5.51
N ILE B 89 -32.65 -19.12 6.67
CA ILE B 89 -31.53 -20.08 6.72
C ILE B 89 -31.99 -21.50 6.36
N LYS B 90 -33.13 -21.93 6.90
CA LYS B 90 -33.70 -23.24 6.56
C LYS B 90 -34.05 -23.33 5.08
N ALA B 91 -34.40 -22.20 4.46
CA ALA B 91 -34.70 -22.14 3.03
C ALA B 91 -33.47 -22.14 2.13
N GLY B 92 -32.26 -22.13 2.70
CA GLY B 92 -31.01 -22.15 1.92
C GLY B 92 -30.34 -20.79 1.73
N ALA B 93 -30.73 -19.76 2.47
CA ALA B 93 -30.09 -18.44 2.36
C ALA B 93 -28.61 -18.55 2.73
N ASN B 94 -27.76 -17.89 1.96
CA ASN B 94 -26.35 -17.87 2.26
C ASN B 94 -26.12 -17.06 3.56
N VAL B 95 -25.38 -17.66 4.50
CA VAL B 95 -25.03 -17.04 5.75
C VAL B 95 -23.64 -16.39 5.80
N ASP B 96 -22.77 -16.75 4.88
CA ASP B 96 -21.45 -16.09 4.76
C ASP B 96 -21.57 -14.79 3.98
N ILE B 97 -22.18 -13.79 4.60
CA ILE B 97 -22.47 -12.52 3.96
C ILE B 97 -22.08 -11.39 4.89
N ILE B 98 -22.08 -10.18 4.34
CA ILE B 98 -21.74 -8.94 5.03
C ILE B 98 -23.02 -8.13 5.22
N VAL B 99 -23.19 -7.54 6.39
CA VAL B 99 -24.28 -6.59 6.62
C VAL B 99 -23.74 -5.19 6.36
N ALA B 100 -24.63 -4.24 6.10
CA ALA B 100 -24.25 -2.88 5.72
C ALA B 100 -23.54 -2.13 6.87
N GLY B 101 -22.91 -1.03 6.52
CA GLY B 101 -22.18 -0.19 7.46
C GLY B 101 -20.71 -0.17 7.13
N ASP B 102 -20.00 0.79 7.73
CA ASP B 102 -18.62 1.06 7.43
C ASP B 102 -17.68 -0.04 7.81
N GLU B 103 -18.09 -0.91 8.74
CA GLU B 103 -17.19 -1.87 9.32
C GLU B 103 -17.08 -3.16 8.50
N GLY B 104 -18.09 -3.44 7.68
CA GLY B 104 -18.15 -4.74 6.98
C GLY B 104 -18.36 -5.92 7.92
N ASP B 105 -19.20 -5.73 8.94
CA ASP B 105 -19.50 -6.79 9.89
C ASP B 105 -20.05 -8.02 9.18
N THR B 106 -19.64 -9.22 9.62
CA THR B 106 -20.22 -10.43 9.09
C THR B 106 -21.63 -10.58 9.68
N LEU B 107 -22.49 -11.27 8.95
CA LEU B 107 -23.78 -11.65 9.48
C LEU B 107 -23.65 -12.32 10.84
N PHE B 108 -22.67 -13.23 10.97
CA PHE B 108 -22.45 -13.95 12.23
C PHE B 108 -22.21 -13.00 13.39
N MET B 109 -21.37 -12.00 13.13
CA MET B 109 -21.08 -10.93 14.11
C MET B 109 -22.36 -10.24 14.62
N ARG B 110 -23.22 -9.83 13.69
CA ARG B 110 -24.38 -9.08 14.06
C ARG B 110 -25.32 -9.98 14.90
N ALA B 111 -25.49 -11.26 14.45
CA ALA B 111 -26.25 -12.24 15.19
C ALA B 111 -25.63 -12.55 16.57
N ALA B 112 -24.31 -12.67 16.64
CA ALA B 112 -23.64 -12.97 17.90
C ALA B 112 -23.86 -11.91 18.94
N GLN B 113 -24.01 -10.66 18.54
CA GLN B 113 -24.29 -9.63 19.54
C GLN B 113 -25.72 -9.69 20.10
N ASN B 114 -26.64 -10.32 19.40
CA ASN B 114 -28.07 -10.09 19.63
C ASN B 114 -28.95 -11.32 19.88
N ASN B 115 -28.68 -12.43 19.16
CA ASN B 115 -29.48 -13.65 19.21
C ASN B 115 -28.62 -14.90 19.13
N LYS B 116 -28.48 -15.55 20.27
CA LYS B 116 -27.61 -16.72 20.36
C LYS B 116 -28.03 -17.87 19.42
N LYS B 117 -29.33 -18.10 19.26
CA LYS B 117 -29.82 -19.20 18.43
C LYS B 117 -29.48 -19.05 16.97
N THR B 118 -29.66 -17.85 16.42
CA THR B 118 -29.32 -17.61 15.04
C THR B 118 -27.80 -17.59 14.84
N ALA B 119 -27.05 -17.16 15.85
CA ALA B 119 -25.59 -17.24 15.82
C ALA B 119 -25.17 -18.68 15.67
N GLU B 120 -25.83 -19.57 16.42
CA GLU B 120 -25.55 -21.02 16.29
C GLU B 120 -25.97 -21.62 14.94
N SER B 121 -27.10 -21.19 14.40
CA SER B 121 -27.59 -21.68 13.10
C SER B 121 -26.62 -21.31 11.97
N ILE B 122 -26.03 -20.13 12.08
CA ILE B 122 -25.03 -19.69 11.13
C ILE B 122 -23.77 -20.55 11.21
N LEU B 123 -23.27 -20.75 12.41
CA LEU B 123 -22.07 -21.58 12.64
C LEU B 123 -22.27 -23.03 12.23
N ALA B 124 -23.49 -23.52 12.39
CA ALA B 124 -23.84 -24.88 11.94
C ALA B 124 -23.68 -25.05 10.41
N LYS B 125 -23.83 -23.96 9.64
CA LYS B 125 -23.53 -23.98 8.21
C LYS B 125 -22.03 -23.83 7.92
N ASN B 126 -21.30 -23.09 8.76
CA ASN B 126 -19.86 -22.83 8.54
C ASN B 126 -19.15 -22.43 9.82
N LYS B 127 -18.56 -23.42 10.47
CA LYS B 127 -17.83 -23.23 11.75
C LYS B 127 -16.75 -22.16 11.73
N SER B 128 -16.08 -21.97 10.59
CA SER B 128 -14.97 -21.01 10.55
C SER B 128 -15.41 -19.56 10.69
N LEU B 129 -16.69 -19.27 10.48
CA LEU B 129 -17.22 -17.89 10.64
C LEU B 129 -17.02 -17.31 12.04
N ILE B 130 -16.86 -18.14 13.05
CA ILE B 130 -16.47 -17.67 14.40
C ILE B 130 -15.28 -16.67 14.39
N ASN B 131 -14.29 -16.97 13.58
CA ASN B 131 -13.03 -16.20 13.50
C ASN B 131 -12.86 -15.39 12.20
N LYS B 132 -13.93 -15.23 11.40
CA LYS B 132 -13.86 -14.40 10.19
C LYS B 132 -14.02 -12.93 10.53
N ALA B 133 -13.01 -12.16 10.15
CA ALA B 133 -12.93 -10.76 10.54
C ALA B 133 -13.67 -9.85 9.58
N ASN B 134 -14.12 -8.71 10.08
CA ASN B 134 -14.64 -7.63 9.22
C ASN B 134 -13.51 -6.79 8.55
N THR B 135 -13.84 -5.69 7.88
CA THR B 135 -12.88 -4.85 7.15
C THR B 135 -11.82 -4.17 8.04
N LEU B 136 -12.09 -4.00 9.31
CA LEU B 136 -11.11 -3.45 10.27
C LEU B 136 -10.32 -4.55 11.00
N GLY B 137 -10.47 -5.81 10.58
CA GLY B 137 -9.78 -6.94 11.25
C GLY B 137 -10.40 -7.36 12.58
N GLU B 138 -11.71 -7.16 12.74
CA GLU B 138 -12.40 -7.50 14.00
C GLU B 138 -13.42 -8.61 13.80
N THR B 139 -13.51 -9.45 14.82
CA THR B 139 -14.50 -10.54 14.88
C THR B 139 -15.53 -10.24 15.96
N ALA B 140 -16.48 -11.15 16.12
CA ALA B 140 -17.50 -11.10 17.13
C ALA B 140 -16.93 -10.83 18.53
N LEU B 141 -15.83 -11.49 18.84
CA LEU B 141 -15.21 -11.34 20.14
C LEU B 141 -14.84 -9.90 20.45
N PHE B 142 -14.43 -9.15 19.43
CA PHE B 142 -14.14 -7.70 19.57
C PHE B 142 -15.41 -6.88 19.84
N ALA B 143 -16.46 -7.15 19.09
CA ALA B 143 -17.75 -6.44 19.28
C ALA B 143 -18.33 -6.64 20.69
N VAL B 144 -18.34 -7.90 21.16
CA VAL B 144 -18.98 -8.20 22.42
C VAL B 144 -18.01 -7.78 23.54
N ALA B 145 -16.70 -7.79 23.27
CA ALA B 145 -15.75 -7.24 24.23
C ALA B 145 -16.01 -5.78 24.52
N ARG B 146 -16.35 -5.01 23.51
CA ARG B 146 -16.74 -3.62 23.74
C ARG B 146 -18.10 -3.55 24.43
N TYR B 147 -19.10 -4.22 23.88
CA TYR B 147 -20.50 -3.86 24.12
C TYR B 147 -21.39 -4.95 24.67
N GLY B 148 -20.76 -6.06 25.05
CA GLY B 148 -21.45 -7.28 25.47
C GLY B 148 -21.08 -7.67 26.87
N THR B 149 -21.25 -8.95 27.16
CA THR B 149 -21.20 -9.47 28.54
C THR B 149 -20.22 -10.63 28.63
N PRO B 150 -19.82 -10.98 29.86
CA PRO B 150 -19.05 -12.23 30.07
C PRO B 150 -19.67 -13.49 29.46
N ALA B 151 -20.98 -13.64 29.58
CA ALA B 151 -21.73 -14.73 28.92
C ALA B 151 -21.55 -14.77 27.40
N ASP B 152 -21.51 -13.59 26.77
CA ASP B 152 -21.21 -13.53 25.36
C ASP B 152 -19.78 -14.04 25.09
N ILE B 153 -18.83 -13.59 25.92
CA ILE B 153 -17.43 -13.93 25.73
C ILE B 153 -17.31 -15.45 25.75
N ASP B 154 -17.81 -16.09 26.79
CA ASP B 154 -17.66 -17.53 26.85
C ASP B 154 -18.41 -18.32 25.81
N PHE B 155 -19.54 -17.80 25.38
CA PHE B 155 -20.22 -18.43 24.28
C PHE B 155 -19.28 -18.51 23.06
N LEU B 156 -18.65 -17.39 22.72
CA LEU B 156 -17.68 -17.35 21.63
C LEU B 156 -16.41 -18.18 21.91
N ILE B 157 -15.87 -18.17 23.13
CA ILE B 157 -14.69 -19.02 23.49
C ILE B 157 -15.04 -20.50 23.26
N LYS B 158 -16.23 -20.90 23.71
CA LYS B 158 -16.70 -22.28 23.53
C LYS B 158 -16.89 -22.72 22.05
N LYS B 159 -17.18 -21.77 21.17
CA LYS B 159 -17.31 -22.00 19.71
C LYS B 159 -15.99 -21.84 18.99
N GLY B 160 -14.92 -21.59 19.74
CA GLY B 160 -13.57 -21.63 19.23
C GLY B 160 -13.04 -20.27 18.85
N ALA B 161 -13.52 -19.19 19.45
CA ALA B 161 -12.95 -17.87 19.12
C ALA B 161 -11.50 -17.77 19.59
N ASP B 162 -10.69 -17.03 18.85
CA ASP B 162 -9.27 -17.00 19.09
C ASP B 162 -8.95 -15.72 19.82
N LEU B 163 -8.58 -15.88 21.07
CA LEU B 163 -8.30 -14.77 21.96
C LEU B 163 -7.20 -13.82 21.51
N LYS B 164 -6.24 -14.35 20.79
CA LYS B 164 -5.02 -13.60 20.51
C LYS B 164 -5.07 -12.90 19.14
N LEU B 165 -6.21 -12.93 18.44
CA LEU B 165 -6.29 -12.20 17.15
C LEU B 165 -6.16 -10.70 17.37
N LYS B 166 -5.43 -10.05 16.48
CA LYS B 166 -5.32 -8.60 16.50
C LYS B 166 -6.07 -7.97 15.32
N ASN B 167 -6.69 -6.83 15.58
CA ASN B 167 -7.28 -6.04 14.51
C ASN B 167 -6.20 -5.25 13.76
N LYS B 168 -6.62 -4.50 12.75
CA LYS B 168 -5.67 -3.75 11.93
C LYS B 168 -4.91 -2.65 12.65
N LYS B 169 -5.38 -2.22 13.80
CA LYS B 169 -4.60 -1.33 14.68
C LYS B 169 -3.70 -2.08 15.68
N GLY B 170 -3.64 -3.41 15.60
CA GLY B 170 -2.79 -4.19 16.51
C GLY B 170 -3.38 -4.43 17.90
N GLN B 171 -4.68 -4.17 18.08
CA GLN B 171 -5.36 -4.40 19.35
C GLN B 171 -5.96 -5.83 19.42
N THR B 172 -5.89 -6.43 20.60
CA THR B 172 -6.67 -7.63 20.91
C THR B 172 -8.09 -7.24 21.39
N ALA B 173 -8.94 -8.26 21.56
CA ALA B 173 -10.26 -8.06 22.12
C ALA B 173 -10.12 -7.48 23.52
N LEU B 174 -9.18 -8.03 24.29
CA LEU B 174 -8.91 -7.52 25.62
C LEU B 174 -8.57 -6.01 25.59
N ASP B 175 -7.71 -5.61 24.64
CA ASP B 175 -7.38 -4.18 24.49
C ASP B 175 -8.61 -3.31 24.20
N VAL B 176 -9.51 -3.76 23.30
CA VAL B 176 -10.69 -2.95 22.97
C VAL B 176 -11.72 -2.91 24.10
N ALA B 177 -11.81 -3.99 24.89
CA ALA B 177 -12.62 -4.00 26.11
C ALA B 177 -12.19 -2.89 27.06
N LYS B 178 -10.88 -2.75 27.22
CA LYS B 178 -10.33 -1.78 28.16
C LYS B 178 -10.54 -0.36 27.65
N GLU B 179 -10.28 -0.18 26.36
CA GLU B 179 -10.50 1.10 25.70
C GLU B 179 -12.00 1.50 25.77
N ALA B 180 -12.90 0.54 25.75
CA ALA B 180 -14.33 0.80 25.88
C ALA B 180 -14.82 0.94 27.32
N SER B 181 -13.95 0.71 28.30
CA SER B 181 -14.30 0.70 29.74
C SER B 181 -15.30 -0.35 30.13
N ASN B 182 -15.32 -1.46 29.40
CA ASN B 182 -16.15 -2.60 29.77
C ASN B 182 -15.35 -3.47 30.75
N GLN B 183 -15.47 -3.16 32.03
CA GLN B 183 -14.67 -3.80 33.06
C GLN B 183 -15.04 -5.27 33.14
N ASP B 184 -16.30 -5.59 32.87
CA ASP B 184 -16.80 -6.97 32.98
C ASP B 184 -16.19 -7.91 31.95
N THR B 185 -16.20 -7.51 30.68
CA THR B 185 -15.60 -8.33 29.62
C THR B 185 -14.08 -8.30 29.71
N ALA B 186 -13.52 -7.16 30.13
CA ALA B 186 -12.08 -7.04 30.34
C ALA B 186 -11.61 -8.08 31.34
N LYS B 187 -12.28 -8.12 32.50
CA LYS B 187 -12.00 -9.16 33.53
C LYS B 187 -12.11 -10.56 32.97
N ALA B 188 -13.23 -10.89 32.30
CA ALA B 188 -13.45 -12.23 31.72
C ALA B 188 -12.37 -12.60 30.71
N LEU B 189 -11.96 -11.65 29.87
CA LEU B 189 -10.95 -11.93 28.86
C LEU B 189 -9.58 -12.08 29.48
N SER B 190 -9.23 -11.19 30.42
CA SER B 190 -7.90 -11.18 31.02
C SER B 190 -7.65 -12.33 32.01
N LYS B 191 -8.71 -12.98 32.51
CA LYS B 191 -8.55 -14.24 33.25
C LYS B 191 -8.34 -15.43 32.30
N LYS B 192 -9.06 -15.43 31.17
CA LYS B 192 -8.88 -16.44 30.08
C LYS B 192 -7.45 -16.48 29.48
N LYS B 193 -7.13 -17.58 28.78
CA LYS B 193 -5.83 -17.87 28.15
C LYS B 193 -6.01 -18.41 26.71
N MET C 1 -33.51 20.47 36.18
CA MET C 1 -32.45 19.87 35.29
C MET C 1 -31.30 20.86 35.07
N VAL C 2 -30.06 20.33 35.02
CA VAL C 2 -28.87 21.15 34.86
C VAL C 2 -28.07 20.68 33.67
N TYR C 3 -27.76 21.61 32.77
CA TYR C 3 -27.00 21.30 31.59
C TYR C 3 -26.38 22.52 30.91
N VAL C 4 -25.35 22.24 30.10
CA VAL C 4 -24.63 23.24 29.36
C VAL C 4 -25.50 23.74 28.21
N ASN C 5 -25.80 25.03 28.18
CA ASN C 5 -26.30 25.67 26.98
C ASN C 5 -25.13 25.93 25.99
N SER C 6 -24.07 26.54 26.47
CA SER C 6 -23.04 27.11 25.62
C SER C 6 -21.81 27.45 26.44
N VAL C 7 -20.63 27.23 25.86
CA VAL C 7 -19.35 27.68 26.39
C VAL C 7 -18.48 28.30 25.28
N CYS C 8 -17.83 29.42 25.54
CA CYS C 8 -16.89 30.07 24.61
C CYS C 8 -15.65 30.44 25.31
N HIS C 9 -14.56 30.39 24.56
CA HIS C 9 -13.35 31.02 25.01
C HIS C 9 -12.40 31.43 23.87
N MET C 10 -11.62 32.47 24.14
CA MET C 10 -10.85 33.20 23.14
C MET C 10 -9.67 33.77 23.87
N LYS C 11 -8.51 33.65 23.29
CA LYS C 11 -7.34 34.26 23.89
C LYS C 11 -7.40 35.79 23.84
N ALA C 12 -6.98 36.43 24.91
CA ALA C 12 -6.95 37.90 24.98
C ALA C 12 -5.69 38.33 24.25
N ALA C 13 -5.89 39.11 23.18
CA ALA C 13 -4.81 39.59 22.37
C ALA C 13 -5.26 40.89 21.71
N ALA C 14 -4.40 41.42 20.83
CA ALA C 14 -4.70 42.67 20.14
C ALA C 14 -5.89 42.48 19.19
N THR C 15 -6.14 41.25 18.75
CA THR C 15 -7.25 40.93 17.86
C THR C 15 -8.14 39.85 18.52
N ALA C 16 -9.41 39.81 18.09
CA ALA C 16 -10.42 38.88 18.61
C ALA C 16 -10.38 37.68 17.68
N GLY C 17 -9.63 36.65 18.05
CA GLY C 17 -9.26 35.55 17.13
C GLY C 17 -10.01 34.23 17.27
N LYS C 18 -9.27 33.13 17.41
CA LYS C 18 -9.89 31.79 17.47
C LYS C 18 -10.78 31.59 18.71
N VAL C 19 -11.99 31.10 18.49
CA VAL C 19 -12.95 30.85 19.55
C VAL C 19 -13.28 29.37 19.58
N GLU C 20 -13.24 28.77 20.74
CA GLU C 20 -13.58 27.35 20.92
C GLU C 20 -14.53 27.23 22.10
N GLY C 21 -15.06 26.05 22.30
CA GLY C 21 -16.03 25.83 23.34
C GLY C 21 -17.00 24.67 23.11
N GLU C 22 -18.25 24.86 23.50
CA GLU C 22 -19.26 23.82 23.46
C GLU C 22 -20.57 24.44 23.07
N GLY C 23 -21.38 23.72 22.30
CA GLY C 23 -22.70 24.16 21.96
C GLY C 23 -22.62 25.26 20.94
N ASP C 24 -23.78 25.90 20.77
CA ASP C 24 -24.01 26.83 19.69
C ASP C 24 -23.67 28.20 20.24
N MET C 25 -22.56 28.74 19.77
CA MET C 25 -22.15 30.12 20.08
C MET C 25 -23.08 31.21 19.56
N GLN C 26 -23.90 30.89 18.57
CA GLN C 26 -24.76 31.88 17.95
C GLN C 26 -26.21 31.76 18.38
N LYS C 27 -26.49 30.99 19.43
CA LYS C 27 -27.85 30.87 19.94
C LYS C 27 -28.02 31.72 21.15
N LYS C 28 -29.10 32.48 21.18
CA LYS C 28 -29.44 33.28 22.37
C LYS C 28 -29.83 32.41 23.54
N PHE C 29 -29.24 32.69 24.72
CA PHE C 29 -29.64 32.03 25.97
C PHE C 29 -29.78 33.05 27.09
N PRO C 30 -30.56 32.73 28.12
CA PRO C 30 -30.66 33.65 29.25
C PRO C 30 -29.31 33.91 29.87
N LEU C 31 -29.02 35.18 30.15
CA LEU C 31 -27.74 35.62 30.68
C LEU C 31 -27.68 35.68 32.18
N ALA C 32 -28.83 35.90 32.84
CA ALA C 32 -28.79 36.27 34.22
C ALA C 32 -27.83 37.45 34.37
N ALA C 33 -27.12 37.55 35.49
CA ALA C 33 -26.40 38.74 35.83
C ALA C 33 -25.11 38.97 34.99
N ILE C 34 -24.71 38.07 34.11
CA ILE C 34 -23.62 38.47 33.20
C ILE C 34 -24.10 39.55 32.24
N SER C 35 -25.42 39.75 32.15
CA SER C 35 -25.99 40.98 31.63
C SER C 35 -25.31 42.24 32.12
N LYS C 36 -24.92 42.25 33.39
CA LYS C 36 -24.28 43.43 34.00
C LYS C 36 -22.91 43.80 33.41
N VAL C 37 -22.24 42.81 32.83
CA VAL C 37 -21.03 43.07 32.04
C VAL C 37 -21.35 43.97 30.84
N ILE C 38 -22.50 43.73 30.21
CA ILE C 38 -22.92 44.52 29.05
C ILE C 38 -23.42 45.91 29.51
N THR C 39 -24.20 45.94 30.57
CA THR C 39 -24.63 47.22 31.16
C THR C 39 -23.42 48.07 31.52
N THR C 40 -22.40 47.41 32.08
CA THR C 40 -21.14 48.04 32.45
C THR C 40 -20.48 48.69 31.26
N LEU C 41 -20.42 47.99 30.13
CA LEU C 41 -19.77 48.53 28.93
C LEU C 41 -20.54 49.74 28.46
N TRP C 42 -21.85 49.61 28.43
CA TRP C 42 -22.72 50.68 27.91
C TRP C 42 -22.54 51.95 28.76
N ALA C 43 -22.58 51.80 30.09
CA ALA C 43 -22.39 52.96 31.00
C ALA C 43 -21.03 53.63 30.75
N ILE C 44 -19.96 52.82 30.64
CA ILE C 44 -18.64 53.37 30.41
C ILE C 44 -18.60 54.07 29.06
N GLU C 45 -19.19 53.47 28.03
CA GLU C 45 -19.15 54.08 26.72
C GLU C 45 -19.90 55.40 26.66
N LYS C 46 -21.07 55.49 27.27
CA LYS C 46 -21.86 56.71 27.19
C LYS C 46 -21.40 57.79 28.16
N LEU C 47 -21.06 57.40 29.39
CA LEU C 47 -20.73 58.37 30.45
C LEU C 47 -19.24 58.64 30.61
N GLY C 48 -18.40 57.64 30.34
CA GLY C 48 -16.96 57.76 30.57
C GLY C 48 -16.61 57.05 31.85
N VAL C 49 -15.48 56.37 31.85
CA VAL C 49 -15.10 55.49 32.94
C VAL C 49 -15.01 56.20 34.29
N ASP C 50 -14.62 57.47 34.30
CA ASP C 50 -14.43 58.23 35.54
C ASP C 50 -15.54 59.28 35.78
N TYR C 51 -16.66 59.12 35.12
CA TYR C 51 -17.80 60.00 35.35
C TYR C 51 -18.27 60.04 36.83
N ARG C 52 -18.73 61.20 37.24
CA ARG C 52 -19.27 61.37 38.58
C ARG C 52 -20.69 61.99 38.60
N HIS C 53 -21.57 61.35 39.37
CA HIS C 53 -22.94 61.85 39.57
C HIS C 53 -22.87 62.99 40.55
N LYS C 54 -23.16 64.20 40.06
CA LYS C 54 -23.02 65.44 40.84
C LYS C 54 -24.37 65.91 41.35
N THR C 55 -24.72 65.45 42.55
CA THR C 55 -25.96 65.86 43.25
C THR C 55 -25.75 67.28 43.85
N VAL C 56 -26.64 68.22 43.53
CA VAL C 56 -26.49 69.60 44.00
C VAL C 56 -27.48 69.89 45.15
N LEU C 57 -26.95 70.50 46.21
CA LEU C 57 -27.70 70.77 47.44
C LEU C 57 -27.77 72.29 47.58
N HIS C 58 -29.00 72.80 47.64
CA HIS C 58 -29.32 74.21 47.63
C HIS C 58 -29.77 74.54 49.05
N LEU C 59 -28.90 75.23 49.78
CA LEU C 59 -29.07 75.50 51.21
C LEU C 59 -29.39 76.98 51.45
N THR C 60 -30.57 77.24 52.03
CA THR C 60 -31.03 78.62 52.28
C THR C 60 -31.33 78.82 53.77
N PRO C 61 -30.67 79.81 54.43
CA PRO C 61 -30.98 80.04 55.85
C PRO C 61 -32.43 80.44 56.13
N THR C 62 -32.98 79.85 57.18
CA THR C 62 -34.28 80.24 57.77
C THR C 62 -34.06 81.14 58.98
N ALA C 63 -35.08 81.93 59.33
CA ALA C 63 -35.03 82.90 60.45
C ALA C 63 -34.65 82.32 61.83
N ASN C 64 -35.04 81.09 62.09
CA ASN C 64 -34.67 80.35 63.32
C ASN C 64 -33.19 79.89 63.37
N GLY C 65 -32.46 79.98 62.25
CA GLY C 65 -31.06 79.59 62.20
C GLY C 65 -30.79 78.18 61.67
N SER C 66 -31.83 77.48 61.19
CA SER C 66 -31.68 76.21 60.45
C SER C 66 -31.56 76.50 58.93
N MET C 67 -31.55 75.45 58.12
CA MET C 67 -31.51 75.60 56.67
C MET C 67 -32.79 75.01 56.05
N ASP C 68 -33.26 75.61 54.95
CA ASP C 68 -34.07 74.88 53.95
C ASP C 68 -33.08 74.25 52.97
N LEU C 69 -33.46 73.12 52.41
CA LEU C 69 -32.63 72.33 51.47
C LEU C 69 -33.47 71.89 50.27
N HIS C 70 -33.03 72.25 49.06
CA HIS C 70 -33.57 71.67 47.85
C HIS C 70 -32.49 70.80 47.24
N VAL C 71 -32.82 69.53 47.05
CA VAL C 71 -31.91 68.58 46.42
C VAL C 71 -32.21 68.52 44.91
N GLU C 72 -31.22 68.95 44.11
CA GLU C 72 -31.28 68.82 42.66
C GLU C 72 -30.52 67.56 42.34
N GLY C 73 -31.25 66.55 41.84
CA GLY C 73 -30.72 65.20 41.72
C GLY C 73 -29.86 65.00 40.48
N SER C 74 -28.94 64.05 40.55
CA SER C 74 -28.12 63.60 39.40
C SER C 74 -28.51 62.20 38.93
N ARG C 75 -29.65 61.68 39.41
CA ARG C 75 -30.02 60.29 39.23
C ARG C 75 -28.96 59.27 39.72
N ASP C 76 -28.19 59.65 40.74
CA ASP C 76 -27.16 58.79 41.32
C ASP C 76 -27.73 57.39 41.70
N PRO C 77 -27.25 56.33 41.01
CA PRO C 77 -27.82 55.00 41.20
C PRO C 77 -27.29 54.25 42.41
N ILE C 78 -26.40 54.85 43.21
CA ILE C 78 -25.91 54.26 44.47
C ILE C 78 -26.20 55.15 45.71
N PHE C 79 -27.18 56.05 45.59
CA PHE C 79 -27.54 56.96 46.67
C PHE C 79 -28.48 56.23 47.62
N GLY C 80 -27.96 55.86 48.78
CA GLY C 80 -28.78 55.20 49.82
C GLY C 80 -28.17 55.47 51.19
N ARG C 81 -28.10 54.45 52.03
CA ARG C 81 -27.63 54.61 53.42
C ARG C 81 -26.25 55.23 53.50
N ASN C 82 -25.27 54.63 52.80
CA ASN C 82 -23.89 55.00 52.97
C ASN C 82 -23.57 56.39 52.51
N LEU C 83 -24.06 56.73 51.33
CA LEU C 83 -23.90 58.08 50.83
C LEU C 83 -24.71 59.11 51.67
N SER C 84 -25.87 58.71 52.19
CA SER C 84 -26.60 59.53 53.12
C SER C 84 -25.81 59.79 54.42
N TYR C 85 -25.18 58.75 54.98
CA TYR C 85 -24.35 58.91 56.20
C TYR C 85 -23.20 59.87 55.95
N PHE C 86 -22.53 59.73 54.80
CA PHE C 86 -21.47 60.65 54.39
C PHE C 86 -21.98 62.10 54.25
N LEU C 87 -23.17 62.26 53.65
CA LEU C 87 -23.78 63.58 53.48
C LEU C 87 -24.09 64.25 54.82
N ILE C 88 -24.58 63.46 55.77
CA ILE C 88 -24.88 63.95 57.11
C ILE C 88 -23.61 64.42 57.80
N SER C 89 -22.54 63.63 57.77
CA SER C 89 -21.21 64.05 58.25
C SER C 89 -20.82 65.39 57.62
N GLU C 90 -20.94 65.44 56.30
CA GLU C 90 -20.60 66.63 55.53
C GLU C 90 -21.40 67.87 55.89
N LEU C 91 -22.70 67.70 56.10
CA LEU C 91 -23.57 68.80 56.48
C LEU C 91 -23.15 69.38 57.83
N ASN C 92 -22.80 68.50 58.77
CA ASN C 92 -22.32 68.89 60.10
C ASN C 92 -20.97 69.61 60.04
N ARG C 93 -20.07 69.18 59.16
CA ARG C 93 -18.83 69.92 58.90
C ARG C 93 -19.09 71.36 58.47
N MET C 94 -20.13 71.56 57.65
CA MET C 94 -20.58 72.91 57.23
C MET C 94 -21.49 73.60 58.23
N LYS C 95 -21.67 73.05 59.43
CA LYS C 95 -22.44 73.68 60.49
C LYS C 95 -23.95 73.61 60.28
N VAL C 96 -24.39 72.59 59.53
CA VAL C 96 -25.81 72.33 59.32
C VAL C 96 -26.20 71.03 60.05
N THR C 97 -27.02 71.19 61.10
CA THR C 97 -27.56 70.09 61.87
C THR C 97 -29.07 69.96 61.77
N LYS C 98 -29.75 71.02 61.30
CA LYS C 98 -31.20 71.10 61.28
C LYS C 98 -31.70 71.62 59.93
N ILE C 99 -32.63 70.88 59.32
CA ILE C 99 -33.28 71.32 58.10
C ILE C 99 -34.73 71.57 58.38
N GLU C 100 -35.21 72.74 58.02
CA GLU C 100 -36.65 73.04 58.11
C GLU C 100 -37.39 72.33 56.97
N ASN C 101 -37.29 72.87 55.75
CA ASN C 101 -37.97 72.34 54.57
C ASN C 101 -36.98 71.67 53.64
N LEU C 102 -37.15 70.36 53.50
CA LEU C 102 -36.36 69.54 52.61
C LEU C 102 -37.22 69.23 51.40
N THR C 103 -36.90 69.84 50.27
CA THR C 103 -37.53 69.49 48.98
C THR C 103 -36.52 68.69 48.16
N PHE C 104 -37.02 68.00 47.14
CA PHE C 104 -36.19 67.30 46.16
C PHE C 104 -36.91 67.21 44.82
N ASP C 105 -36.14 67.13 43.74
CA ASP C 105 -36.66 67.13 42.36
C ASP C 105 -36.75 65.70 41.78
N GLU C 106 -37.19 65.61 40.52
CA GLU C 106 -37.46 64.33 39.86
C GLU C 106 -36.23 63.45 39.59
N ASN C 107 -35.03 64.02 39.79
CA ASN C 107 -33.78 63.29 39.57
C ASN C 107 -33.11 62.79 40.85
N PHE C 108 -33.70 63.07 42.01
CA PHE C 108 -33.13 62.59 43.25
C PHE C 108 -33.67 61.19 43.56
N LEU C 109 -32.80 60.20 43.39
CA LEU C 109 -33.16 58.82 43.72
C LEU C 109 -32.56 58.51 45.07
N LEU C 110 -33.38 57.97 45.97
CA LEU C 110 -32.93 57.57 47.28
C LEU C 110 -33.65 56.30 47.59
N ASP C 111 -32.87 55.23 47.62
CA ASP C 111 -33.33 53.96 48.16
C ASP C 111 -32.30 53.58 49.24
N TRP C 112 -32.75 53.62 50.51
CA TRP C 112 -31.91 53.38 51.68
C TRP C 112 -31.05 52.11 51.54
N LEU C 113 -31.65 51.04 51.03
CA LEU C 113 -30.99 49.75 50.95
C LEU C 113 -30.34 49.48 49.57
N ALA C 114 -29.99 50.54 48.83
CA ALA C 114 -29.31 50.44 47.53
C ALA C 114 -28.14 49.46 47.46
N GLU C 115 -27.35 49.38 48.53
CA GLU C 115 -26.21 48.45 48.59
C GLU C 115 -26.45 47.26 49.52
N GLU C 116 -27.70 46.94 49.79
CA GLU C 116 -28.05 45.86 50.72
C GLU C 116 -29.18 44.98 50.19
N SER C 117 -29.32 43.79 50.80
CA SER C 117 -30.52 42.98 50.64
C SER C 117 -31.75 43.69 51.18
N PRO C 118 -32.90 43.57 50.51
CA PRO C 118 -33.12 42.71 49.36
C PRO C 118 -32.96 43.43 48.00
N ARG C 119 -32.39 44.64 47.95
CA ARG C 119 -32.23 45.37 46.71
C ARG C 119 -31.18 44.79 45.78
N ILE C 120 -30.15 44.20 46.38
CA ILE C 120 -29.12 43.47 45.63
C ILE C 120 -29.75 42.40 44.69
N GLY C 121 -30.55 41.48 45.24
CA GLY C 121 -31.16 40.41 44.48
C GLY C 121 -32.64 40.54 44.18
N GLY C 122 -33.29 41.60 44.64
CA GLY C 122 -34.75 41.75 44.46
C GLY C 122 -35.09 42.28 43.07
N VAL C 123 -36.39 42.37 42.79
CA VAL C 123 -36.87 43.05 41.60
C VAL C 123 -36.81 44.53 41.94
N THR C 124 -36.12 45.27 41.09
CA THR C 124 -35.92 46.68 41.32
C THR C 124 -37.23 47.38 41.16
N PRO C 125 -37.63 48.19 42.15
CA PRO C 125 -38.86 48.95 42.02
C PRO C 125 -38.82 49.85 40.81
N ARG C 126 -39.89 49.78 40.01
CA ARG C 126 -40.03 50.57 38.82
C ARG C 126 -41.24 51.48 39.01
N TYR C 127 -41.01 52.78 39.10
CA TYR C 127 -42.05 53.73 39.39
C TYR C 127 -42.66 54.17 38.08
N GLU C 128 -43.96 53.95 37.94
CA GLU C 128 -44.65 54.16 36.66
C GLU C 128 -44.96 55.64 36.49
N THR C 129 -45.32 56.30 37.59
CA THR C 129 -45.48 57.75 37.60
C THR C 129 -44.42 58.38 38.48
N ILE C 130 -44.23 59.68 38.26
CA ILE C 130 -43.32 60.47 39.09
C ILE C 130 -43.82 60.61 40.53
N GLU C 131 -45.15 60.69 40.68
CA GLU C 131 -45.84 60.72 41.98
C GLU C 131 -45.44 59.50 42.82
N GLN C 132 -45.44 58.32 42.21
CA GLN C 132 -44.97 57.10 42.88
C GLN C 132 -43.50 57.15 43.28
N GLN C 133 -42.64 57.69 42.40
CA GLN C 133 -41.21 57.88 42.71
C GLN C 133 -41.04 58.84 43.88
N ALA C 134 -41.73 59.98 43.79
CA ALA C 134 -41.74 60.98 44.86
C ALA C 134 -42.16 60.40 46.21
N GLU C 135 -43.28 59.67 46.24
CA GLU C 135 -43.78 59.12 47.50
C GLU C 135 -42.82 58.07 48.09
N ALA C 136 -42.12 57.30 47.25
CA ALA C 136 -41.09 56.38 47.74
C ALA C 136 -39.85 57.13 48.27
N VAL C 137 -39.43 58.21 47.62
CA VAL C 137 -38.31 59.01 48.11
C VAL C 137 -38.68 59.68 49.45
N ILE C 138 -39.89 60.24 49.51
CA ILE C 138 -40.45 60.76 50.76
C ILE C 138 -40.35 59.67 51.85
N LYS C 139 -40.88 58.48 51.59
CA LYS C 139 -40.79 57.37 52.57
C LYS C 139 -39.40 57.13 53.15
N ASN C 140 -38.41 57.06 52.26
CA ASN C 140 -37.00 56.90 52.66
C ASN C 140 -36.47 58.04 53.49
N LEU C 141 -36.69 59.26 53.00
CA LEU C 141 -36.29 60.47 53.73
C LEU C 141 -36.91 60.53 55.12
N LYS C 142 -38.21 60.23 55.19
CA LYS C 142 -38.99 60.30 56.45
C LYS C 142 -38.60 59.20 57.45
N GLU C 143 -38.53 57.97 56.95
CA GLU C 143 -38.28 56.78 57.80
C GLU C 143 -36.80 56.44 58.07
N SER C 144 -35.88 56.79 57.17
CA SER C 144 -34.48 56.39 57.31
C SER C 144 -33.51 57.56 57.43
N PHE C 145 -33.53 58.49 56.47
CA PHE C 145 -32.64 59.66 56.48
C PHE C 145 -32.81 60.54 57.73
N SER C 146 -34.05 60.67 58.23
CA SER C 146 -34.39 61.54 59.34
C SER C 146 -34.45 60.87 60.71
N THR C 147 -34.36 59.55 60.75
CA THR C 147 -34.44 58.82 62.04
C THR C 147 -33.05 58.69 62.67
N ALA C 148 -33.02 58.23 63.91
CA ALA C 148 -31.77 57.95 64.62
C ALA C 148 -30.84 57.14 63.75
N ILE C 149 -29.60 57.61 63.61
CA ILE C 149 -28.57 56.89 62.90
C ILE C 149 -28.26 55.57 63.61
N ASN C 150 -28.20 54.49 62.83
CA ASN C 150 -27.75 53.17 63.32
C ASN C 150 -26.27 53.31 63.66
N ARG C 151 -25.99 53.37 64.96
CA ARG C 151 -24.63 53.58 65.46
C ARG C 151 -23.64 52.49 64.96
N ALA C 152 -24.03 51.23 64.96
CA ALA C 152 -23.14 50.12 64.53
C ALA C 152 -22.81 50.19 63.02
N MET C 153 -23.84 50.43 62.19
CA MET C 153 -23.63 50.58 60.77
C MET C 153 -22.87 51.82 60.36
N TYR C 154 -23.19 52.97 60.94
CA TYR C 154 -22.40 54.18 60.68
C TYR C 154 -20.91 53.92 61.00
N SER C 155 -20.66 53.22 62.09
CA SER C 155 -19.31 53.00 62.56
C SER C 155 -18.53 52.07 61.63
N LYS C 156 -19.19 51.02 61.12
CA LYS C 156 -18.61 50.12 60.11
C LYS C 156 -18.26 50.92 58.88
N LEU C 157 -19.19 51.76 58.43
CA LEU C 157 -18.96 52.59 57.26
C LEU C 157 -17.75 53.49 57.46
N ARG C 158 -17.71 54.18 58.56
CA ARG C 158 -16.61 55.08 58.86
C ARG C 158 -15.24 54.37 58.93
N GLU C 159 -15.21 53.16 59.47
CA GLU C 159 -13.99 52.36 59.52
C GLU C 159 -13.45 52.10 58.13
N ARG C 160 -14.33 51.73 57.23
CA ARG C 160 -14.01 51.61 55.79
C ARG C 160 -13.55 52.94 55.16
N ALA C 161 -14.27 54.02 55.43
CA ALA C 161 -13.88 55.36 54.96
C ALA C 161 -12.47 55.73 55.41
N THR C 162 -12.17 55.43 56.68
CA THR C 162 -10.84 55.63 57.25
C THR C 162 -9.75 54.80 56.56
N LYS C 163 -10.01 53.52 56.29
CA LYS C 163 -9.14 52.71 55.41
C LYS C 163 -8.91 53.46 54.07
N ALA C 164 -10.00 53.99 53.51
CA ALA C 164 -9.97 54.69 52.24
C ALA C 164 -9.47 56.17 52.35
N LYS C 165 -8.96 56.59 53.52
CA LYS C 165 -8.45 57.93 53.74
C LYS C 165 -9.51 59.00 53.49
N VAL C 166 -10.77 58.69 53.76
CA VAL C 166 -11.85 59.67 53.70
C VAL C 166 -12.29 60.01 55.11
N PHE C 167 -12.40 61.31 55.39
CA PHE C 167 -12.81 61.83 56.70
C PHE C 167 -14.32 61.85 56.90
N MET C 168 -14.73 61.32 58.03
CA MET C 168 -16.12 61.41 58.48
C MET C 168 -16.06 61.73 59.96
N LEU C 169 -17.04 62.48 60.44
CA LEU C 169 -17.19 62.71 61.87
C LEU C 169 -17.59 61.42 62.63
N GLU C 170 -17.16 61.30 63.90
CA GLU C 170 -17.51 60.15 64.78
C GLU C 170 -19.02 60.02 64.93
N LYS C 171 -19.69 61.15 65.13
CA LYS C 171 -21.03 61.10 65.73
C LYS C 171 -21.95 62.25 65.27
N PRO C 172 -22.20 62.33 63.95
CA PRO C 172 -23.05 63.40 63.44
C PRO C 172 -24.51 63.09 63.57
N THR C 173 -25.33 64.12 63.56
CA THR C 173 -26.79 63.99 63.46
C THR C 173 -27.37 65.02 62.51
N ILE C 174 -28.62 64.76 62.12
CA ILE C 174 -29.43 65.67 61.35
C ILE C 174 -30.85 65.61 61.88
N GLU C 175 -31.56 66.72 61.77
CA GLU C 175 -33.01 66.77 61.99
C GLU C 175 -33.66 67.38 60.75
N VAL C 176 -34.81 66.85 60.36
CA VAL C 176 -35.57 67.35 59.21
C VAL C 176 -37.02 67.44 59.62
N ARG C 177 -37.57 68.67 59.59
CA ARG C 177 -38.99 68.89 59.94
C ARG C 177 -39.95 68.52 58.83
N ASN C 178 -39.79 69.06 57.64
CA ASN C 178 -40.73 68.82 56.56
C ASN C 178 -39.99 68.32 55.34
N ILE C 179 -40.64 67.42 54.61
CA ILE C 179 -40.10 66.79 53.44
C ILE C 179 -41.21 66.84 52.40
N SER C 180 -40.89 67.29 51.18
CA SER C 180 -41.83 67.18 50.07
C SER C 180 -41.13 67.26 48.70
N PHE C 181 -41.85 66.81 47.67
CA PHE C 181 -41.40 66.84 46.29
C PHE C 181 -41.56 68.23 45.72
N LEU C 182 -40.57 68.69 44.99
CA LEU C 182 -40.66 69.96 44.26
C LEU C 182 -39.93 69.80 42.94
N PRO C 183 -40.68 69.72 41.81
CA PRO C 183 -40.03 69.57 40.51
C PRO C 183 -38.99 70.63 40.22
N LYS C 184 -38.00 70.24 39.43
CA LYS C 184 -36.95 71.16 39.02
C LYS C 184 -37.53 72.37 38.28
N ASN C 185 -38.56 72.16 37.46
CA ASN C 185 -39.34 73.25 36.81
C ASN C 185 -39.76 74.42 37.71
N ASN C 186 -40.07 74.09 38.97
CA ASN C 186 -40.64 74.98 39.96
C ASN C 186 -39.71 75.41 41.06
N TYR C 187 -38.44 75.00 41.03
CA TYR C 187 -37.51 75.45 42.05
C TYR C 187 -36.73 76.64 41.55
N LYS C 188 -36.81 77.73 42.30
CA LYS C 188 -35.99 78.87 42.06
C LYS C 188 -35.47 79.33 43.39
N LYS C 189 -34.24 79.84 43.40
CA LYS C 189 -33.53 80.03 44.67
C LYS C 189 -33.56 81.45 45.17
N ASP C 190 -33.53 81.59 46.50
CA ASP C 190 -33.56 82.88 47.17
C ASP C 190 -32.24 83.59 46.99
N LYS C 191 -32.29 84.88 47.24
CA LYS C 191 -31.08 85.68 47.20
C LYS C 191 -29.95 85.13 48.07
N TYR C 192 -30.32 84.50 49.18
CA TYR C 192 -29.37 84.07 50.20
C TYR C 192 -29.15 82.54 50.09
N THR C 193 -29.47 81.94 48.95
CA THR C 193 -29.21 80.51 48.73
C THR C 193 -27.73 80.31 48.35
N GLY C 194 -27.03 79.50 49.14
CA GLY C 194 -25.71 79.03 48.81
C GLY C 194 -25.89 77.60 48.38
N SER C 195 -25.14 77.17 47.36
CA SER C 195 -25.32 75.83 46.85
C SER C 195 -24.01 75.06 46.58
N VAL C 196 -24.09 73.78 46.89
CA VAL C 196 -22.94 72.97 47.14
C VAL C 196 -23.15 71.62 46.43
N VAL C 197 -22.08 70.94 46.03
CA VAL C 197 -22.21 69.75 45.20
C VAL C 197 -21.58 68.53 45.91
N LEU C 198 -22.31 67.42 45.87
CA LEU C 198 -21.84 66.15 46.35
C LEU C 198 -21.58 65.21 45.17
N GLN C 199 -20.30 64.97 44.89
CA GLN C 199 -19.87 64.03 43.86
C GLN C 199 -19.75 62.66 44.45
N SER C 200 -20.48 61.71 43.91
CA SER C 200 -20.28 60.33 44.28
C SER C 200 -18.95 59.81 43.71
N ALA C 201 -18.61 58.59 44.07
CA ALA C 201 -17.41 57.93 43.55
C ALA C 201 -17.42 57.88 42.00
N PRO C 202 -16.25 57.75 41.39
CA PRO C 202 -16.22 57.58 39.95
C PRO C 202 -16.99 56.33 39.49
N LEU C 203 -17.53 56.42 38.29
CA LEU C 203 -18.40 55.38 37.75
C LEU C 203 -17.77 53.98 37.83
N ARG C 204 -16.49 53.85 37.48
CA ARG C 204 -15.81 52.56 37.52
C ARG C 204 -15.94 51.87 38.86
N THR C 205 -15.92 52.65 39.93
CA THR C 205 -16.06 52.11 41.27
C THR C 205 -17.50 51.76 41.63
N ILE C 206 -18.46 52.58 41.20
CA ILE C 206 -19.87 52.22 41.30
C ILE C 206 -20.09 50.89 40.56
N LEU C 207 -19.45 50.72 39.40
CA LEU C 207 -19.60 49.50 38.60
C LEU C 207 -18.90 48.28 39.23
N LYS C 208 -17.69 48.51 39.77
CA LYS C 208 -17.01 47.50 40.59
C LYS C 208 -17.90 47.02 41.75
N ARG C 209 -18.54 47.95 42.44
CA ARG C 209 -19.42 47.59 43.54
C ARG C 209 -20.64 46.74 43.03
N MET C 210 -21.25 47.19 41.93
CA MET C 210 -22.41 46.53 41.35
C MET C 210 -22.07 45.11 40.96
N ASN C 211 -20.97 44.97 40.27
CA ASN C 211 -20.51 43.65 39.77
C ASN C 211 -20.02 42.70 40.87
N ASN C 212 -19.39 43.24 41.93
CA ASN C 212 -19.07 42.49 43.14
C ASN C 212 -20.30 41.89 43.85
N GLN C 213 -21.30 42.73 44.08
CA GLN C 213 -22.54 42.30 44.71
C GLN C 213 -23.55 41.59 43.76
N SER C 214 -23.43 41.80 42.45
CA SER C 214 -24.52 41.52 41.54
C SER C 214 -25.74 42.40 41.90
N ASN C 215 -25.50 43.71 42.08
CA ASN C 215 -26.53 44.62 42.51
C ASN C 215 -27.54 44.99 41.43
N ASN C 216 -28.73 44.42 41.52
CA ASN C 216 -29.85 44.69 40.61
C ASN C 216 -30.34 46.14 40.65
N TYR C 217 -30.42 46.73 41.85
CA TYR C 217 -30.84 48.12 41.97
C TYR C 217 -29.92 49.06 41.10
N ILE C 218 -28.60 48.94 41.26
CA ILE C 218 -27.68 49.80 40.59
C ILE C 218 -27.74 49.55 39.08
N ALA C 219 -27.72 48.28 38.70
CA ALA C 219 -27.78 47.91 37.26
C ALA C 219 -29.04 48.37 36.56
N ASP C 220 -30.18 48.14 37.20
CA ASP C 220 -31.48 48.48 36.59
C ASP C 220 -31.67 49.95 36.46
N ASN C 221 -31.19 50.72 37.44
CA ASN C 221 -31.26 52.18 37.38
C ASN C 221 -30.28 52.79 36.36
N LEU C 222 -29.07 52.21 36.23
CA LEU C 222 -28.15 52.61 35.14
C LEU C 222 -28.82 52.47 33.78
N TYR C 223 -29.46 51.32 33.57
CA TYR C 223 -30.16 51.03 32.32
C TYR C 223 -31.21 52.11 32.01
N TRP C 224 -32.07 52.44 32.99
CA TRP C 224 -33.07 53.50 32.78
C TRP C 224 -32.40 54.83 32.59
N ASN C 225 -31.37 55.12 33.39
CA ASN C 225 -30.63 56.37 33.30
C ASN C 225 -30.00 56.59 31.95
N LEU C 226 -29.53 55.50 31.33
CA LEU C 226 -28.91 55.56 29.97
C LEU C 226 -29.92 55.62 28.81
N GLY C 227 -31.21 55.52 29.12
CA GLY C 227 -32.26 55.63 28.10
C GLY C 227 -33.12 54.41 27.92
N GLY C 228 -32.91 53.36 28.71
CA GLY C 228 -33.75 52.19 28.61
C GLY C 228 -33.58 51.44 27.30
N THR C 229 -34.58 50.66 26.95
CA THR C 229 -34.46 49.66 25.89
C THR C 229 -34.16 50.24 24.51
N ALA C 230 -34.81 51.32 24.14
CA ALA C 230 -34.58 51.91 22.83
C ALA C 230 -33.13 52.38 22.71
N ALA C 231 -32.66 53.12 23.70
CA ALA C 231 -31.27 53.55 23.73
C ALA C 231 -30.34 52.34 23.74
N PHE C 232 -30.70 51.28 24.48
CA PHE C 232 -29.86 50.05 24.51
C PHE C 232 -29.67 49.39 23.15
N ASN C 233 -30.76 49.24 22.41
CA ASN C 233 -30.70 48.62 21.08
C ASN C 233 -29.77 49.38 20.10
N ALA C 234 -29.78 50.72 20.13
CA ALA C 234 -28.84 51.51 19.30
C ALA C 234 -27.39 51.27 19.69
N PHE C 235 -27.17 51.17 21.00
CA PHE C 235 -25.87 50.83 21.54
C PHE C 235 -25.41 49.47 21.05
N ALA C 236 -26.31 48.49 21.09
CA ALA C 236 -25.93 47.12 20.67
C ALA C 236 -25.59 47.01 19.20
N ALA C 237 -26.36 47.72 18.39
CA ALA C 237 -26.11 47.80 16.94
C ALA C 237 -24.78 48.46 16.59
N ALA C 238 -24.48 49.58 17.23
CA ALA C 238 -23.26 50.35 16.91
C ALA C 238 -21.99 49.74 17.55
N THR C 239 -22.04 49.43 18.84
CA THR C 239 -20.88 48.93 19.53
C THR C 239 -20.70 47.43 19.37
N LEU C 240 -21.75 46.63 19.49
CA LEU C 240 -21.61 45.16 19.48
C LEU C 240 -21.93 44.52 18.13
N LYS C 241 -22.30 45.33 17.15
CA LYS C 241 -22.71 44.87 15.83
C LYS C 241 -23.79 43.81 15.96
N ALA C 242 -24.79 44.12 16.77
CA ALA C 242 -25.74 43.13 17.23
C ALA C 242 -27.17 43.66 17.21
N ASP C 243 -28.07 42.84 16.67
CA ASP C 243 -29.49 43.15 16.73
C ASP C 243 -30.21 42.06 17.53
N GLN C 244 -31.54 42.08 17.50
CA GLN C 244 -32.37 41.06 18.16
C GLN C 244 -32.03 39.57 17.91
N ASN C 245 -31.44 39.26 16.77
CA ASN C 245 -30.90 37.91 16.53
C ASN C 245 -29.78 37.51 17.44
N GLN C 246 -29.01 38.47 17.93
CA GLN C 246 -27.91 38.23 18.88
C GLN C 246 -28.20 38.62 20.36
N ILE C 247 -29.13 39.55 20.60
CA ILE C 247 -29.29 40.11 21.93
C ILE C 247 -30.66 40.82 22.10
N VAL C 248 -31.33 40.48 23.21
CA VAL C 248 -32.58 41.13 23.61
C VAL C 248 -32.45 41.46 25.09
N PHE C 249 -32.57 42.75 25.42
CA PHE C 249 -32.58 43.22 26.81
C PHE C 249 -33.92 43.83 27.20
N HIS C 250 -34.27 43.62 28.47
CA HIS C 250 -35.39 44.24 29.13
C HIS C 250 -34.97 45.07 30.35
N ASN C 251 -33.80 44.80 30.91
CA ASN C 251 -33.32 45.56 32.07
C ASN C 251 -31.80 45.54 32.14
N GLY C 252 -31.22 46.23 33.12
CA GLY C 252 -29.75 46.26 33.27
C GLY C 252 -29.16 45.11 34.04
N SER C 253 -30.00 44.46 34.86
CA SER C 253 -29.56 43.47 35.86
C SER C 253 -29.45 42.03 35.35
N GLY C 254 -30.26 41.71 34.35
CA GLY C 254 -30.44 40.31 33.95
C GLY C 254 -31.55 39.58 34.73
N ASN C 255 -32.23 40.28 35.64
CA ASN C 255 -33.22 39.71 36.49
C ASN C 255 -34.49 39.44 35.74
N ASN C 256 -35.28 38.52 36.26
CA ASN C 256 -36.56 38.14 35.68
C ASN C 256 -37.54 39.31 35.60
N GLU C 257 -38.04 39.61 34.38
CA GLU C 257 -39.05 40.67 34.15
C GLU C 257 -40.46 40.13 34.05
N GLY C 258 -40.62 38.81 34.09
CA GLY C 258 -41.94 38.20 34.00
C GLY C 258 -42.35 37.58 35.29
N THR C 259 -43.02 36.45 35.19
CA THR C 259 -43.45 35.66 36.37
C THR C 259 -42.57 34.48 36.73
N THR C 260 -42.66 34.03 37.97
CA THR C 260 -42.09 32.74 38.34
C THR C 260 -42.47 31.63 37.35
N ALA C 261 -43.74 31.53 37.00
CA ALA C 261 -44.23 30.55 36.01
C ALA C 261 -43.84 30.87 34.58
N LYS C 262 -43.85 32.17 34.21
CA LYS C 262 -43.54 32.64 32.84
C LYS C 262 -42.41 33.65 32.87
N PRO C 263 -41.17 33.20 33.08
CA PRO C 263 -40.04 34.14 33.23
C PRO C 263 -39.65 34.80 31.91
N ILE C 264 -39.14 36.02 32.00
CA ILE C 264 -38.62 36.76 30.86
C ILE C 264 -37.25 37.27 31.26
N TYR C 265 -36.26 36.93 30.45
CA TYR C 265 -34.84 37.17 30.76
C TYR C 265 -34.14 37.87 29.62
N ASN C 266 -33.18 38.73 29.96
CA ASN C 266 -32.22 39.19 29.00
C ASN C 266 -31.50 37.98 28.38
N GLU C 267 -31.36 38.00 27.06
CA GLU C 267 -30.72 36.91 26.32
C GLU C 267 -29.66 37.48 25.42
N ALA C 268 -28.57 36.76 25.28
CA ALA C 268 -27.65 36.98 24.17
C ALA C 268 -26.91 35.71 23.82
N THR C 269 -26.24 35.74 22.69
CA THR C 269 -25.41 34.60 22.27
C THR C 269 -24.12 34.65 23.03
N CYS C 270 -23.50 33.48 23.14
CA CYS C 270 -22.22 33.34 23.82
C CYS C 270 -21.10 34.12 23.11
N GLU C 271 -21.15 34.15 21.79
CA GLU C 271 -20.31 35.06 20.98
C GLU C 271 -20.44 36.54 21.41
N THR C 272 -21.67 36.98 21.64
CA THR C 272 -21.92 38.40 22.02
C THR C 272 -21.25 38.74 23.31
N MET C 273 -21.20 37.76 24.22
CA MET C 273 -20.52 37.97 25.50
C MET C 273 -19.01 38.11 25.35
N ILE C 274 -18.42 37.33 24.46
CA ILE C 274 -17.00 37.41 24.17
C ILE C 274 -16.67 38.76 23.52
N LYS C 275 -17.46 39.20 22.55
CA LYS C 275 -17.32 40.57 22.02
C LYS C 275 -17.33 41.63 23.14
N THR C 276 -18.34 41.58 24.00
CA THR C 276 -18.53 42.54 25.08
C THR C 276 -17.29 42.61 25.93
N LEU C 277 -16.80 41.43 26.30
CA LEU C 277 -15.61 41.33 27.13
C LEU C 277 -14.40 41.96 26.44
N TYR C 278 -14.17 41.63 25.16
CA TYR C 278 -13.02 42.17 24.42
C TYR C 278 -13.12 43.68 24.27
N THR C 279 -14.29 44.17 23.89
CA THR C 279 -14.54 45.62 23.77
C THR C 279 -14.44 46.38 25.11
N LEU C 280 -14.94 45.79 26.18
CA LEU C 280 -14.91 46.41 27.51
C LEU C 280 -13.46 46.57 27.93
N ASN C 281 -12.68 45.50 27.75
CA ASN C 281 -11.25 45.49 28.07
C ASN C 281 -10.49 46.55 27.26
N LYS C 282 -10.76 46.65 25.95
CA LYS C 282 -10.12 47.63 25.09
C LYS C 282 -10.41 49.04 25.58
N SER C 283 -11.66 49.27 25.92
CA SER C 283 -12.10 50.54 26.41
C SER C 283 -11.35 50.95 27.66
N LEU C 284 -11.33 50.05 28.62
CA LEU C 284 -10.64 50.31 29.87
C LEU C 284 -9.14 50.53 29.65
N GLU C 285 -8.51 49.72 28.81
CA GLU C 285 -7.05 49.86 28.56
C GLU C 285 -6.73 51.20 27.90
N ALA C 286 -7.62 51.68 27.04
CA ALA C 286 -7.49 53.01 26.43
C ALA C 286 -7.50 54.19 27.43
N LYS C 287 -8.10 54.00 28.60
CA LYS C 287 -8.03 54.95 29.66
C LYS C 287 -7.07 54.55 30.78
N GLY C 288 -6.14 53.62 30.54
CA GLY C 288 -5.20 53.19 31.58
C GLY C 288 -5.75 52.31 32.70
N TYR C 289 -6.93 51.74 32.51
CA TYR C 289 -7.51 50.82 33.50
C TYR C 289 -7.42 49.36 33.04
N LYS C 290 -7.96 48.46 33.85
CA LYS C 290 -7.98 47.03 33.58
C LYS C 290 -9.36 46.47 33.88
N LEU C 291 -9.60 45.25 33.43
CA LEU C 291 -10.89 44.60 33.61
C LEU C 291 -11.21 44.41 35.09
N SER C 292 -10.18 44.20 35.91
CA SER C 292 -10.31 44.08 37.35
C SER C 292 -10.74 45.38 38.05
N ASP C 293 -10.74 46.52 37.37
CA ASP C 293 -11.27 47.77 37.95
C ASP C 293 -12.79 47.87 37.96
N VAL C 294 -13.45 46.99 37.20
CA VAL C 294 -14.92 46.95 37.20
C VAL C 294 -15.51 45.57 37.50
N LEU C 295 -14.76 44.49 37.27
CA LEU C 295 -15.25 43.17 37.54
C LEU C 295 -14.46 42.56 38.67
N SER C 296 -15.11 41.62 39.36
CA SER C 296 -14.54 40.97 40.57
C SER C 296 -13.38 40.05 40.22
N VAL C 297 -12.51 39.85 41.20
CA VAL C 297 -11.37 38.97 41.07
C VAL C 297 -11.56 37.83 42.02
N ALA C 298 -11.52 36.61 41.47
CA ALA C 298 -11.71 35.38 42.27
C ALA C 298 -10.81 35.39 43.53
N ASN C 299 -11.44 35.12 44.66
CA ASN C 299 -10.80 35.06 45.96
C ASN C 299 -10.35 36.40 46.52
N LYS C 300 -9.71 37.23 45.72
CA LYS C 300 -9.16 38.51 46.22
C LYS C 300 -10.19 39.58 46.58
N ASP C 301 -11.35 39.61 45.91
CA ASP C 301 -12.41 40.52 46.29
C ASP C 301 -13.33 39.84 47.28
N SER C 302 -13.04 40.06 48.56
CA SER C 302 -13.72 39.37 49.68
C SER C 302 -15.20 39.73 49.77
N ASP C 303 -15.53 40.94 49.35
CA ASP C 303 -16.92 41.35 49.38
C ASP C 303 -17.45 41.23 47.91
N SER C 304 -17.58 39.98 47.45
CA SER C 304 -18.04 39.72 46.10
C SER C 304 -18.61 38.31 46.04
N THR C 305 -19.34 38.01 44.98
CA THR C 305 -19.90 36.71 44.80
C THR C 305 -18.89 35.66 44.45
N ILE C 306 -17.62 36.01 44.25
CA ILE C 306 -16.61 35.00 43.90
C ILE C 306 -15.51 35.02 44.88
N ASP C 307 -15.82 35.52 46.07
CA ASP C 307 -14.95 35.37 47.27
C ASP C 307 -14.51 33.89 47.51
N ASN C 308 -15.42 32.94 47.27
CA ASN C 308 -15.22 31.53 47.56
C ASN C 308 -15.57 30.71 46.34
N PHE C 309 -14.85 31.29 45.17
CA PHE C 309 -14.63 30.56 43.94
C PHE C 309 -13.29 29.82 44.10
N GLY C 310 -13.32 28.66 44.72
CA GLY C 310 -12.07 27.96 45.02
C GLY C 310 -11.43 27.38 43.78
N GLY C 311 -10.48 26.48 43.96
CA GLY C 311 -9.83 25.85 42.82
C GLY C 311 -8.71 26.68 42.24
N ASN C 312 -8.24 26.23 41.07
CA ASN C 312 -7.08 26.89 40.51
C ASN C 312 -7.39 28.28 39.90
N ALA C 313 -8.65 28.67 39.96
CA ALA C 313 -9.09 29.99 39.57
C ALA C 313 -8.80 31.03 40.60
N ALA C 314 -8.51 30.62 41.82
CA ALA C 314 -8.26 31.60 42.89
C ALA C 314 -7.10 32.57 42.55
N GLY C 315 -7.38 33.86 42.56
CA GLY C 315 -6.39 34.85 42.25
C GLY C 315 -6.02 34.94 40.79
N SER C 316 -6.69 34.15 39.95
CA SER C 316 -6.35 34.00 38.54
C SER C 316 -7.52 34.14 37.59
N MET C 317 -8.67 34.56 38.08
CA MET C 317 -9.83 34.75 37.27
C MET C 317 -10.49 36.08 37.63
N ILE C 318 -10.90 36.80 36.59
CA ILE C 318 -11.70 37.99 36.72
C ILE C 318 -13.03 37.59 36.17
N ALA C 319 -14.11 37.84 36.89
CA ALA C 319 -15.39 37.32 36.43
C ALA C 319 -16.63 37.93 37.10
N LYS C 320 -17.74 37.76 36.38
CA LYS C 320 -19.05 38.08 36.85
C LYS C 320 -19.90 36.80 36.82
N THR C 321 -20.62 36.55 37.92
CA THR C 321 -21.51 35.41 38.05
C THR C 321 -22.94 35.79 37.65
N GLY C 322 -23.76 34.79 37.39
CA GLY C 322 -25.19 35.01 37.16
C GLY C 322 -26.02 33.88 37.72
N THR C 323 -27.17 34.24 38.26
CA THR C 323 -28.08 33.32 38.84
C THR C 323 -29.54 33.78 38.60
N VAL C 324 -30.33 32.99 37.86
CA VAL C 324 -31.80 33.12 37.87
C VAL C 324 -32.34 31.72 38.02
N ASN C 325 -33.66 31.59 38.11
CA ASN C 325 -34.25 30.28 38.26
C ASN C 325 -33.90 29.33 37.14
N LYS C 326 -33.78 29.84 35.90
CA LYS C 326 -33.49 29.00 34.71
C LYS C 326 -32.04 28.97 34.22
N ALA C 327 -31.14 29.66 34.91
CA ALA C 327 -29.79 29.74 34.43
C ALA C 327 -28.75 30.03 35.49
N LYS C 328 -27.55 29.49 35.23
CA LYS C 328 -26.36 29.73 36.05
C LYS C 328 -25.25 30.04 35.07
N THR C 329 -24.60 31.19 35.23
CA THR C 329 -23.75 31.72 34.18
C THR C 329 -22.49 32.32 34.79
N LEU C 330 -21.45 32.40 33.97
CA LEU C 330 -20.23 33.03 34.35
C LEU C 330 -19.54 33.62 33.09
N ALA C 331 -18.92 34.78 33.23
CA ALA C 331 -18.18 35.43 32.13
C ALA C 331 -17.04 36.30 32.64
N GLY C 332 -15.91 36.31 31.92
CA GLY C 332 -14.77 37.11 32.34
C GLY C 332 -13.52 36.66 31.67
N SER C 333 -12.42 36.59 32.44
CA SER C 333 -11.19 36.02 31.90
C SER C 333 -10.43 35.20 32.94
N ILE C 334 -9.60 34.29 32.45
CA ILE C 334 -8.73 33.48 33.24
C ILE C 334 -7.30 33.81 32.83
N SER C 335 -6.41 33.80 33.82
CA SER C 335 -5.01 34.11 33.59
C SER C 335 -4.27 32.81 33.80
N THR C 336 -3.54 32.37 32.78
CA THR C 336 -2.88 31.08 32.77
C THR C 336 -1.46 31.25 32.28
N LYS C 337 -0.66 30.19 32.38
CA LYS C 337 0.70 30.23 31.85
C LYS C 337 0.82 30.38 30.34
N GLU C 338 -0.27 30.19 29.61
CA GLU C 338 -0.33 30.51 28.14
C GLU C 338 -1.00 31.84 27.82
N GLY C 339 -1.22 32.68 28.83
CA GLY C 339 -1.84 33.98 28.67
C GLY C 339 -3.22 34.05 29.26
N GLU C 340 -3.87 35.19 29.04
CA GLU C 340 -5.20 35.44 29.47
C GLU C 340 -6.21 35.02 28.40
N PHE C 341 -7.35 34.48 28.84
CA PHE C 341 -8.40 34.01 27.93
C PHE C 341 -9.77 34.51 28.38
N TYR C 342 -10.52 35.13 27.47
CA TYR C 342 -11.89 35.50 27.72
C TYR C 342 -12.73 34.22 27.67
N PHE C 343 -13.79 34.17 28.44
CA PHE C 343 -14.68 33.04 28.44
C PHE C 343 -16.10 33.48 28.79
N ALA C 344 -17.08 32.68 28.35
CA ALA C 344 -18.45 32.77 28.84
C ALA C 344 -19.03 31.37 28.94
N ILE C 345 -19.72 31.09 30.05
CA ILE C 345 -20.27 29.77 30.35
C ILE C 345 -21.72 29.96 30.74
N LEU C 346 -22.62 29.32 29.99
CA LEU C 346 -24.04 29.46 30.20
C LEU C 346 -24.66 28.06 30.48
N LEU C 347 -25.24 27.88 31.66
CA LEU C 347 -25.94 26.66 32.03
C LEU C 347 -27.44 26.89 32.24
N HIS C 348 -28.23 25.88 31.93
CA HIS C 348 -29.64 25.82 32.31
C HIS C 348 -29.78 25.20 33.72
N THR C 349 -30.77 25.69 34.47
CA THR C 349 -31.21 25.14 35.75
C THR C 349 -32.70 25.21 35.82
N ASP C 350 -33.31 24.50 36.78
CA ASP C 350 -34.78 24.59 37.07
C ASP C 350 -35.04 24.55 38.58
N MET C 351 -35.03 25.71 39.20
CA MET C 351 -35.34 25.80 40.65
C MET C 351 -36.71 25.34 41.02
N ASP C 352 -37.68 25.54 40.14
CA ASP C 352 -38.99 24.94 40.33
C ASP C 352 -39.00 23.39 40.41
N GLN C 353 -38.01 22.71 39.83
CA GLN C 353 -37.87 21.26 40.02
C GLN C 353 -37.13 21.08 41.33
N SER C 354 -35.99 21.74 41.51
CA SER C 354 -35.23 21.64 42.75
C SER C 354 -34.30 22.80 42.93
N SER C 355 -34.32 23.37 44.13
CA SER C 355 -33.39 24.41 44.48
C SER C 355 -31.95 23.91 44.61
N SER C 356 -31.74 22.61 44.78
CA SER C 356 -30.40 22.06 44.71
C SER C 356 -29.67 22.27 43.35
N ASP C 357 -30.42 22.52 42.27
CA ASP C 357 -29.84 22.77 40.94
C ASP C 357 -28.83 23.93 41.02
N ARG C 358 -29.07 24.93 41.86
CA ARG C 358 -28.14 26.08 41.89
C ARG C 358 -26.70 25.67 42.32
N GLY C 359 -26.61 24.91 43.42
CA GLY C 359 -25.38 24.38 43.90
C GLY C 359 -24.69 23.44 42.92
N VAL C 360 -25.47 22.62 42.22
CA VAL C 360 -24.90 21.65 41.26
C VAL C 360 -24.30 22.42 40.11
N ALA C 361 -25.04 23.40 39.61
CA ALA C 361 -24.58 24.21 38.49
C ALA C 361 -23.30 24.96 38.85
N SER C 362 -23.25 25.50 40.07
CA SER C 362 -22.05 26.22 40.52
C SER C 362 -20.79 25.43 40.46
N GLN C 363 -20.80 24.21 40.98
CA GLN C 363 -19.60 23.40 41.01
C GLN C 363 -19.23 22.86 39.60
N MET C 364 -20.22 22.64 38.74
CA MET C 364 -19.95 22.31 37.36
C MET C 364 -19.20 23.44 36.68
N ILE C 365 -19.66 24.67 36.86
CA ILE C 365 -19.00 25.82 36.27
C ILE C 365 -17.55 25.93 36.76
N LYS C 366 -17.37 25.76 38.07
CA LYS C 366 -16.06 25.90 38.68
C LYS C 366 -15.09 24.86 38.14
N ASN C 367 -15.59 23.65 38.01
CA ASN C 367 -14.77 22.58 37.50
C ASN C 367 -14.45 22.77 36.02
N LYS C 368 -15.39 23.35 35.28
CA LYS C 368 -15.17 23.66 33.88
C LYS C 368 -14.05 24.68 33.78
N ILE C 369 -14.12 25.73 34.58
CA ILE C 369 -13.08 26.75 34.60
C ILE C 369 -11.72 26.12 34.94
N SER C 370 -11.71 25.27 35.93
CA SER C 370 -10.47 24.60 36.33
C SER C 370 -9.90 23.77 35.18
N GLN C 371 -10.78 23.08 34.46
CA GLN C 371 -10.37 22.28 33.31
C GLN C 371 -9.74 23.16 32.22
N LEU C 372 -10.38 24.28 31.90
CA LEU C 372 -9.83 25.23 30.94
C LEU C 372 -8.45 25.70 31.41
N ILE C 373 -8.31 25.98 32.70
CA ILE C 373 -7.02 26.39 33.25
C ILE C 373 -5.97 25.26 33.08
N ASN C 374 -6.33 24.03 33.45
CA ASN C 374 -5.46 22.88 33.31
C ASN C 374 -4.88 22.73 31.90
N LYS C 375 -5.76 22.81 30.90
CA LYS C 375 -5.38 22.72 29.49
C LYS C 375 -4.55 23.90 28.99
N ARG C 376 -4.53 25.02 29.72
CA ARG C 376 -3.67 26.13 29.42
C ARG C 376 -2.46 26.23 30.38
N SER C 377 -2.00 25.07 30.85
CA SER C 377 -0.76 24.90 31.63
C SER C 377 -0.82 25.55 33.04
N GLY C 378 -2.03 25.70 33.58
CA GLY C 378 -2.20 26.07 34.95
C GLY C 378 -2.38 27.55 35.13
N PRO C 379 -2.72 27.96 36.34
CA PRO C 379 -2.98 29.34 36.61
C PRO C 379 -1.74 30.22 36.65
N LYS C 380 -1.93 31.49 36.35
CA LYS C 380 -0.96 32.53 36.62
C LYS C 380 -1.64 33.62 37.43
N GLU C 381 -1.16 33.86 38.66
CA GLU C 381 -1.83 34.80 39.54
C GLU C 381 -1.79 36.22 39.01
N ILE C 382 -2.91 36.93 39.16
CA ILE C 382 -3.08 38.26 38.60
C ILE C 382 -2.53 39.36 39.50
N GLN C 383 -1.88 40.36 38.91
CA GLN C 383 -1.49 41.57 39.64
C GLN C 383 -2.70 42.40 40.07
N TYR C 384 -3.09 42.30 41.34
CA TYR C 384 -4.30 43.00 41.82
C TYR C 384 -4.31 43.21 43.32
N THR C 385 -4.71 44.43 43.75
CA THR C 385 -5.00 44.70 45.16
C THR C 385 -6.49 45.12 45.30
N GLU C 386 -7.13 44.49 46.27
CA GLU C 386 -8.58 44.59 46.49
C GLU C 386 -9.01 46.05 46.53
N ILE C 387 -9.87 46.42 45.61
CA ILE C 387 -10.48 47.73 45.58
C ILE C 387 -11.55 47.80 46.64
N LEU C 388 -11.50 48.85 47.44
CA LEU C 388 -12.48 49.05 48.48
C LEU C 388 -13.49 49.95 47.83
N ALA C 389 -14.63 49.39 47.50
CA ALA C 389 -15.59 50.04 46.61
C ALA C 389 -16.70 50.83 47.36
N LEU C 390 -16.33 52.00 47.85
CA LEU C 390 -17.25 52.90 48.53
C LEU C 390 -17.94 53.80 47.53
N PRO C 391 -19.14 54.27 47.87
CA PRO C 391 -19.84 55.16 46.96
C PRO C 391 -19.36 56.63 47.01
N PHE C 392 -18.33 56.92 47.78
CA PHE C 392 -17.72 58.24 47.85
C PHE C 392 -16.22 58.02 48.05
N ASP C 393 -15.44 59.05 47.72
CA ASP C 393 -13.98 59.03 47.90
C ASP C 393 -13.48 60.43 48.30
N GLN C 394 -12.17 60.69 48.18
CA GLN C 394 -11.61 61.97 48.65
C GLN C 394 -12.06 63.20 47.88
N ASN C 395 -12.69 63.03 46.72
CA ASN C 395 -13.23 64.15 45.96
C ASN C 395 -14.71 64.26 46.14
N SER C 396 -15.26 63.55 47.12
CA SER C 396 -16.69 63.62 47.38
C SER C 396 -17.06 64.71 48.39
N TYR C 397 -16.08 65.30 49.09
CA TYR C 397 -16.38 66.38 50.08
C TYR C 397 -17.11 67.54 49.42
N LEU C 398 -18.08 68.11 50.13
CA LEU C 398 -18.93 69.19 49.61
C LEU C 398 -18.11 70.41 49.13
N THR C 399 -18.32 70.87 47.90
CA THR C 399 -17.64 72.06 47.36
C THR C 399 -18.68 73.00 46.77
N GLU C 400 -18.32 74.26 46.63
CA GLU C 400 -19.23 75.27 46.05
C GLU C 400 -19.50 74.94 44.59
N ALA C 401 -20.71 75.17 44.13
CA ALA C 401 -21.11 74.83 42.73
C ALA C 401 -20.30 75.54 41.61
N LYS D 1 -48.17 23.94 56.85
CA LYS D 1 -48.38 25.01 55.83
C LYS D 1 -47.21 26.00 55.75
N SER D 2 -46.41 25.91 54.69
CA SER D 2 -45.29 26.84 54.51
C SER D 2 -45.80 28.10 53.85
N SER D 3 -44.98 29.13 53.87
CA SER D 3 -45.31 30.42 53.25
C SER D 3 -44.34 30.77 52.10
N LYS D 4 -44.91 30.89 50.89
CA LYS D 4 -44.18 31.35 49.73
C LYS D 4 -43.51 32.70 49.99
N ALA D 5 -44.29 33.69 50.43
CA ALA D 5 -43.75 35.01 50.72
C ALA D 5 -42.56 34.96 51.70
N LEU D 6 -42.64 34.14 52.75
CA LEU D 6 -41.58 34.00 53.75
C LEU D 6 -40.32 33.33 53.14
N ASN D 7 -40.52 32.24 52.41
CA ASN D 7 -39.43 31.56 51.79
C ASN D 7 -38.68 32.50 50.82
N GLU D 8 -39.42 33.26 50.02
CA GLU D 8 -38.81 34.19 49.06
C GLU D 8 -38.10 35.32 49.77
N ALA D 9 -38.71 35.82 50.84
CA ALA D 9 -38.07 36.86 51.65
C ALA D 9 -36.78 36.38 52.29
N ALA D 10 -36.76 35.14 52.77
CA ALA D 10 -35.54 34.54 53.34
C ALA D 10 -34.43 34.41 52.33
N GLU D 11 -34.78 33.94 51.14
CA GLU D 11 -33.80 33.77 50.10
C GLU D 11 -33.20 35.12 49.69
N GLN D 12 -34.07 36.12 49.54
CA GLN D 12 -33.70 37.44 49.03
C GLN D 12 -33.07 38.37 50.06
N GLY D 13 -33.07 38.02 51.36
CA GLY D 13 -32.41 38.87 52.37
C GLY D 13 -33.23 40.01 52.93
N ASP D 14 -34.54 39.96 52.77
CA ASP D 14 -35.41 40.95 53.35
C ASP D 14 -35.72 40.53 54.78
N LEU D 15 -34.80 40.87 55.68
CA LEU D 15 -34.97 40.61 57.10
C LEU D 15 -36.24 41.25 57.67
N ALA D 16 -36.52 42.49 57.29
CA ALA D 16 -37.71 43.22 57.83
C ALA D 16 -39.00 42.47 57.52
N LYS D 17 -39.12 41.99 56.27
CA LYS D 17 -40.27 41.23 55.82
C LYS D 17 -40.36 39.84 56.47
N VAL D 18 -39.21 39.20 56.72
CA VAL D 18 -39.16 37.91 57.45
C VAL D 18 -39.69 38.07 58.89
N LYS D 19 -39.08 38.99 59.64
CA LYS D 19 -39.54 39.28 61.01
C LYS D 19 -41.00 39.68 61.04
N ASN D 20 -41.44 40.45 60.06
CA ASN D 20 -42.83 40.85 60.00
C ASN D 20 -43.80 39.66 59.89
N LEU D 21 -43.49 38.74 58.98
CA LEU D 21 -44.35 37.56 58.72
C LEU D 21 -44.30 36.55 59.86
N VAL D 22 -43.13 36.39 60.47
CA VAL D 22 -42.93 35.50 61.63
C VAL D 22 -43.60 36.06 62.91
N GLN D 23 -43.60 37.40 63.07
CA GLN D 23 -44.25 38.10 64.20
C GLN D 23 -45.76 37.83 64.26
N LYS D 24 -46.46 37.76 63.12
CA LYS D 24 -47.90 37.36 63.16
C LYS D 24 -48.12 36.02 63.85
N ASN D 25 -47.16 35.11 63.67
CA ASN D 25 -47.10 33.80 64.31
C ASN D 25 -48.00 32.71 63.64
N LYS D 26 -48.32 32.88 62.34
CA LYS D 26 -49.16 31.88 61.61
C LYS D 26 -48.30 30.74 61.16
N ILE D 27 -47.01 30.98 60.95
CA ILE D 27 -46.20 30.11 60.11
C ILE D 27 -45.36 29.14 60.93
N ASP D 28 -45.53 27.86 60.64
CA ASP D 28 -44.66 26.80 61.15
C ASP D 28 -43.36 26.84 60.35
N LEU D 29 -42.24 27.16 61.01
CA LEU D 29 -40.97 27.42 60.34
C LEU D 29 -40.24 26.15 59.90
N ASN D 30 -40.78 25.00 60.32
CA ASN D 30 -40.37 23.67 59.87
C ASN D 30 -41.26 23.04 58.79
N ALA D 31 -42.35 23.73 58.43
CA ALA D 31 -43.13 23.38 57.25
C ALA D 31 -42.29 23.50 55.95
N GLN D 32 -42.29 22.42 55.17
CA GLN D 32 -41.55 22.31 53.93
C GLN D 32 -42.49 22.56 52.77
N ASP D 33 -41.99 23.18 51.69
CA ASP D 33 -42.85 23.52 50.53
C ASP D 33 -42.96 22.32 49.57
N GLU D 34 -43.49 22.52 48.38
CA GLU D 34 -43.68 21.39 47.41
C GLU D 34 -42.36 20.72 46.93
N THR D 35 -41.20 21.39 47.01
CA THR D 35 -39.90 20.75 46.75
C THR D 35 -39.09 20.43 48.01
N GLY D 36 -39.72 20.47 49.17
CA GLY D 36 -39.07 20.16 50.44
C GLY D 36 -38.30 21.31 51.08
N MET D 37 -38.43 22.52 50.55
CA MET D 37 -37.68 23.69 51.06
C MET D 37 -38.29 24.29 52.37
N THR D 38 -37.39 24.65 53.31
CA THR D 38 -37.71 25.42 54.54
C THR D 38 -37.22 26.87 54.46
N PRO D 39 -37.75 27.74 55.31
CA PRO D 39 -37.19 29.12 55.39
C PRO D 39 -35.69 29.13 55.69
N LEU D 40 -35.23 28.20 56.52
CA LEU D 40 -33.81 28.13 56.89
C LEU D 40 -32.93 27.76 55.70
N MET D 41 -33.40 26.80 54.89
CA MET D 41 -32.71 26.45 53.64
C MET D 41 -32.60 27.66 52.69
N ASN D 42 -33.71 28.37 52.54
CA ASN D 42 -33.71 29.56 51.68
C ASN D 42 -32.80 30.63 52.17
N ALA D 43 -32.78 30.84 53.49
CA ALA D 43 -31.88 31.81 54.08
C ALA D 43 -30.42 31.44 53.86
N ALA D 44 -30.11 30.16 54.02
CA ALA D 44 -28.76 29.66 53.82
C ALA D 44 -28.34 29.74 52.35
N MET D 45 -29.20 29.26 51.46
CA MET D 45 -28.93 29.33 50.03
C MET D 45 -28.62 30.75 49.58
N GLY D 46 -29.39 31.72 50.06
CA GLY D 46 -29.20 33.14 49.70
C GLY D 46 -28.10 33.88 50.44
N GLY D 47 -27.39 33.22 51.35
CA GLY D 47 -26.24 33.82 52.07
C GLY D 47 -26.55 34.98 53.01
N ASN D 48 -27.70 34.87 53.67
CA ASN D 48 -28.26 35.91 54.50
C ASN D 48 -28.12 35.51 55.98
N LEU D 49 -26.95 35.84 56.53
CA LEU D 49 -26.55 35.48 57.89
C LEU D 49 -27.47 36.05 58.97
N ASP D 50 -28.01 37.24 58.73
CA ASP D 50 -29.02 37.84 59.58
C ASP D 50 -30.22 36.95 59.74
N ILE D 51 -30.79 36.56 58.61
CA ILE D 51 -32.03 35.82 58.61
C ILE D 51 -31.80 34.43 59.21
N VAL D 52 -30.63 33.84 58.98
CA VAL D 52 -30.27 32.58 59.60
C VAL D 52 -30.25 32.70 61.14
N LYS D 53 -29.54 33.69 61.65
CA LYS D 53 -29.49 33.92 63.08
C LYS D 53 -30.88 34.15 63.72
N PHE D 54 -31.72 34.90 63.03
CA PHE D 54 -33.09 35.11 63.50
C PHE D 54 -33.87 33.78 63.51
N LEU D 55 -33.77 33.00 62.45
CA LEU D 55 -34.45 31.71 62.40
C LEU D 55 -33.89 30.70 63.42
N LEU D 56 -32.57 30.72 63.62
CA LEU D 56 -31.93 29.91 64.68
C LEU D 56 -32.37 30.30 66.09
N SER D 57 -32.74 31.57 66.28
CA SER D 57 -33.31 32.00 67.57
C SER D 57 -34.68 31.38 67.85
N LYS D 58 -35.37 30.91 66.80
CA LYS D 58 -36.64 30.22 66.95
C LYS D 58 -36.49 28.69 67.08
N LYS D 59 -35.25 28.20 67.10
CA LYS D 59 -34.95 26.79 67.27
C LYS D 59 -35.67 25.88 66.23
N VAL D 60 -35.47 26.24 64.98
CA VAL D 60 -35.87 25.44 63.86
C VAL D 60 -35.08 24.12 63.79
N ASN D 61 -35.64 23.14 63.11
CA ASN D 61 -35.00 21.86 62.85
C ASN D 61 -33.90 21.98 61.79
N LEU D 62 -32.67 21.66 62.18
CA LEU D 62 -31.48 21.92 61.35
C LEU D 62 -31.38 20.88 60.24
N GLU D 63 -31.96 19.70 60.49
CA GLU D 63 -31.64 18.51 59.71
C GLU D 63 -32.69 18.10 58.70
N LEU D 64 -33.72 18.93 58.51
CA LEU D 64 -34.69 18.69 57.42
C LEU D 64 -33.96 18.77 56.08
N LYS D 65 -34.45 18.01 55.12
CA LYS D 65 -33.87 17.90 53.81
C LYS D 65 -34.86 18.24 52.72
N ASN D 66 -34.42 18.95 51.69
CA ASN D 66 -35.26 19.21 50.52
C ASN D 66 -35.28 17.98 49.61
N ASN D 67 -36.00 18.04 48.49
CA ASN D 67 -36.08 16.91 47.57
C ASN D 67 -34.72 16.43 47.08
N GLY D 68 -33.77 17.35 46.98
CA GLY D 68 -32.38 17.02 46.66
C GLY D 68 -31.49 16.49 47.78
N GLY D 69 -32.06 16.19 48.93
CA GLY D 69 -31.36 15.49 50.02
C GLY D 69 -30.49 16.39 50.87
N GLU D 70 -30.62 17.71 50.68
CA GLU D 70 -29.73 18.67 51.29
C GLU D 70 -30.34 19.36 52.50
N THR D 71 -29.55 19.45 53.56
CA THR D 71 -29.89 20.28 54.72
C THR D 71 -29.49 21.72 54.47
N ALA D 72 -29.92 22.61 55.34
CA ALA D 72 -29.53 24.02 55.29
C ALA D 72 -28.01 24.22 55.23
N LEU D 73 -27.29 23.47 56.06
CA LEU D 73 -25.83 23.48 55.99
C LEU D 73 -25.32 23.19 54.59
N ALA D 74 -25.89 22.18 53.95
CA ALA D 74 -25.52 21.84 52.56
C ALA D 74 -25.83 22.96 51.58
N PHE D 75 -27.00 23.61 51.73
CA PHE D 75 -27.31 24.80 50.91
C PHE D 75 -26.27 25.89 51.08
N ALA D 76 -25.87 26.15 52.32
CA ALA D 76 -24.90 27.19 52.62
C ALA D 76 -23.55 26.92 51.94
N VAL D 77 -23.02 25.71 52.16
CA VAL D 77 -21.74 25.30 51.60
C VAL D 77 -21.76 25.29 50.04
N THR D 78 -22.76 24.64 49.45
CA THR D 78 -22.84 24.53 48.01
C THR D 78 -23.02 25.91 47.32
N ASN D 79 -23.63 26.88 48.00
CA ASN D 79 -23.79 28.23 47.47
C ASN D 79 -22.81 29.27 48.02
N ASP D 80 -21.66 28.81 48.53
CA ASP D 80 -20.59 29.70 48.97
C ASP D 80 -20.93 30.73 50.07
N ALA D 81 -21.90 30.39 50.90
CA ALA D 81 -22.28 31.22 52.03
C ALA D 81 -21.59 30.66 53.24
N TYR D 82 -20.28 30.77 53.26
CA TYR D 82 -19.47 30.12 54.31
C TYR D 82 -19.59 30.76 55.70
N ASP D 83 -19.88 32.04 55.75
CA ASP D 83 -20.21 32.69 57.00
C ASP D 83 -21.48 32.05 57.62
N VAL D 84 -22.46 31.70 56.77
CA VAL D 84 -23.64 30.96 57.23
C VAL D 84 -23.26 29.53 57.67
N ALA D 85 -22.37 28.87 56.92
CA ALA D 85 -21.95 27.53 57.24
C ALA D 85 -21.33 27.47 58.61
N GLU D 86 -20.46 28.43 58.91
CA GLU D 86 -19.88 28.53 60.23
C GLU D 86 -20.92 28.69 61.34
N GLU D 87 -21.92 29.52 61.12
CA GLU D 87 -22.95 29.77 62.11
C GLU D 87 -23.71 28.49 62.38
N LEU D 88 -24.12 27.84 61.32
CA LEU D 88 -24.84 26.57 61.41
C LEU D 88 -24.05 25.48 62.14
N ILE D 89 -22.75 25.41 61.87
CA ILE D 89 -21.92 24.41 62.52
C ILE D 89 -21.84 24.70 64.02
N LYS D 90 -21.67 25.95 64.39
CA LYS D 90 -21.70 26.32 65.81
C LYS D 90 -23.03 26.01 66.46
N ALA D 91 -24.12 26.09 65.69
CA ALA D 91 -25.46 25.81 66.21
C ALA D 91 -25.74 24.33 66.36
N GLY D 92 -24.81 23.45 65.96
CA GLY D 92 -24.96 22.01 66.07
C GLY D 92 -25.42 21.30 64.79
N ALA D 93 -25.36 21.95 63.62
CA ALA D 93 -25.70 21.27 62.38
C ALA D 93 -24.78 20.09 62.15
N ASN D 94 -25.37 19.00 61.68
CA ASN D 94 -24.60 17.83 61.35
C ASN D 94 -23.74 18.14 60.09
N VAL D 95 -22.44 17.85 60.21
CA VAL D 95 -21.46 18.03 59.14
C VAL D 95 -21.17 16.75 58.34
N ASP D 96 -21.49 15.59 58.90
CA ASP D 96 -21.35 14.31 58.19
C ASP D 96 -22.57 14.12 57.28
N ILE D 97 -22.65 14.90 56.22
CA ILE D 97 -23.75 14.88 55.29
C ILE D 97 -23.26 14.90 53.85
N ILE D 98 -24.18 14.68 52.94
CA ILE D 98 -23.95 14.58 51.52
C ILE D 98 -24.57 15.81 50.89
N VAL D 99 -23.88 16.40 49.92
CA VAL D 99 -24.47 17.45 49.10
C VAL D 99 -25.03 16.83 47.82
N ALA D 100 -25.92 17.55 47.14
CA ALA D 100 -26.63 17.03 45.97
C ALA D 100 -25.73 16.79 44.79
N GLY D 101 -26.27 16.05 43.82
CA GLY D 101 -25.57 15.68 42.62
C GLY D 101 -25.39 14.17 42.53
N ASP D 102 -24.98 13.72 41.37
CA ASP D 102 -24.78 12.31 41.09
C ASP D 102 -23.68 11.63 41.86
N GLU D 103 -22.70 12.38 42.32
CA GLU D 103 -21.46 11.82 42.86
C GLU D 103 -21.61 11.43 44.33
N GLY D 104 -22.58 12.04 45.03
CA GLY D 104 -22.66 11.91 46.48
C GLY D 104 -21.48 12.51 47.25
N ASP D 105 -21.01 13.68 46.82
CA ASP D 105 -19.92 14.36 47.47
C ASP D 105 -20.25 14.62 48.93
N THR D 106 -19.26 14.47 49.81
CA THR D 106 -19.45 14.83 51.20
C THR D 106 -19.44 16.34 51.30
N LEU D 107 -20.08 16.84 52.32
CA LEU D 107 -19.95 18.25 52.68
C LEU D 107 -18.49 18.71 52.82
N PHE D 108 -17.68 17.90 53.50
CA PHE D 108 -16.26 18.19 53.64
C PHE D 108 -15.57 18.41 52.25
N MET D 109 -15.86 17.49 51.30
CA MET D 109 -15.34 17.58 49.91
C MET D 109 -15.67 18.90 49.22
N ARG D 110 -16.93 19.32 49.33
CA ARG D 110 -17.33 20.58 48.73
C ARG D 110 -16.64 21.80 49.38
N ALA D 111 -16.58 21.81 50.72
CA ALA D 111 -15.82 22.83 51.47
C ALA D 111 -14.31 22.82 51.19
N ALA D 112 -13.72 21.64 51.11
CA ALA D 112 -12.30 21.52 50.83
C ALA D 112 -11.93 22.12 49.49
N GLN D 113 -12.80 22.06 48.49
CA GLN D 113 -12.49 22.70 47.19
C GLN D 113 -12.59 24.25 47.23
N ASN D 114 -13.29 24.85 48.19
CA ASN D 114 -13.70 26.23 48.09
C ASN D 114 -13.36 27.17 49.27
N ASN D 115 -13.39 26.65 50.52
CA ASN D 115 -13.14 27.44 51.72
C ASN D 115 -12.38 26.61 52.79
N LYS D 116 -11.11 26.94 52.97
CA LYS D 116 -10.26 26.22 53.88
C LYS D 116 -10.77 26.29 55.35
N LYS D 117 -11.31 27.44 55.77
CA LYS D 117 -11.77 27.58 57.15
C LYS D 117 -12.94 26.65 57.52
N THR D 118 -13.93 26.57 56.65
CA THR D 118 -15.04 25.68 56.90
C THR D 118 -14.66 24.22 56.75
N ALA D 119 -13.70 23.94 55.86
CA ALA D 119 -13.15 22.61 55.77
C ALA D 119 -12.55 22.19 57.13
N GLU D 120 -11.82 23.12 57.76
CA GLU D 120 -11.26 22.85 59.08
C GLU D 120 -12.32 22.71 60.19
N SER D 121 -13.36 23.53 60.14
CA SER D 121 -14.45 23.44 61.13
C SER D 121 -15.16 22.08 61.08
N ILE D 122 -15.29 21.54 59.88
CA ILE D 122 -15.91 20.24 59.64
C ILE D 122 -15.03 19.13 60.22
N LEU D 123 -13.74 19.15 59.89
CA LEU D 123 -12.80 18.18 60.43
C LEU D 123 -12.65 18.26 61.94
N ALA D 124 -12.79 19.44 62.52
CA ALA D 124 -12.77 19.62 64.00
C ALA D 124 -13.92 18.85 64.68
N LYS D 125 -15.04 18.66 63.98
CA LYS D 125 -16.15 17.79 64.45
C LYS D 125 -15.93 16.30 64.21
N ASN D 126 -15.28 15.95 63.12
CA ASN D 126 -15.02 14.55 62.78
C ASN D 126 -13.80 14.38 61.86
N LYS D 127 -12.65 14.12 62.46
CA LYS D 127 -11.37 13.92 61.79
C LYS D 127 -11.40 12.91 60.65
N SER D 128 -12.20 11.85 60.78
CA SER D 128 -12.22 10.79 59.78
C SER D 128 -12.89 11.18 58.43
N LEU D 129 -13.63 12.28 58.41
CA LEU D 129 -14.14 12.82 57.15
C LEU D 129 -13.08 13.14 56.05
N ILE D 130 -11.84 13.42 56.43
CA ILE D 130 -10.76 13.62 55.46
C ILE D 130 -10.70 12.54 54.39
N ASN D 131 -10.93 11.30 54.82
CA ASN D 131 -10.82 10.12 53.98
C ASN D 131 -12.15 9.40 53.69
N LYS D 132 -13.28 10.06 53.95
CA LYS D 132 -14.58 9.51 53.62
C LYS D 132 -14.94 9.74 52.13
N ALA D 133 -15.22 8.65 51.42
CA ALA D 133 -15.36 8.69 49.98
C ALA D 133 -16.78 8.90 49.60
N ASN D 134 -16.99 9.47 48.43
CA ASN D 134 -18.35 9.62 47.86
C ASN D 134 -18.75 8.30 47.19
N THR D 135 -19.87 8.29 46.44
CA THR D 135 -20.40 7.03 45.84
C THR D 135 -19.52 6.43 44.76
N LEU D 136 -18.61 7.21 44.17
CA LEU D 136 -17.65 6.69 43.18
C LEU D 136 -16.32 6.30 43.80
N GLY D 137 -16.22 6.30 45.15
CA GLY D 137 -14.98 5.99 45.84
C GLY D 137 -13.95 7.08 45.80
N GLU D 138 -14.39 8.35 45.72
CA GLU D 138 -13.47 9.47 45.69
C GLU D 138 -13.59 10.34 46.93
N THR D 139 -12.45 10.89 47.34
CA THR D 139 -12.36 11.87 48.45
C THR D 139 -11.98 13.24 47.90
N ALA D 140 -11.85 14.20 48.82
CA ALA D 140 -11.39 15.56 48.56
C ALA D 140 -10.11 15.61 47.76
N LEU D 141 -9.17 14.75 48.12
CA LEU D 141 -7.91 14.68 47.41
C LEU D 141 -8.12 14.47 45.89
N PHE D 142 -9.12 13.67 45.51
CA PHE D 142 -9.40 13.37 44.09
C PHE D 142 -9.97 14.62 43.40
N ALA D 143 -10.90 15.28 44.08
CA ALA D 143 -11.48 16.51 43.53
C ALA D 143 -10.46 17.63 43.28
N VAL D 144 -9.61 17.89 44.29
CA VAL D 144 -8.66 18.99 44.18
C VAL D 144 -7.51 18.55 43.25
N ALA D 145 -7.20 17.24 43.21
CA ALA D 145 -6.27 16.70 42.19
C ALA D 145 -6.69 17.03 40.75
N ARG D 146 -8.00 16.95 40.48
CA ARG D 146 -8.50 17.35 39.15
C ARG D 146 -8.52 18.86 38.99
N TYR D 147 -9.11 19.59 39.96
CA TYR D 147 -9.56 20.94 39.73
C TYR D 147 -8.99 22.00 40.71
N GLY D 148 -8.00 21.62 41.52
CA GLY D 148 -7.45 22.45 42.58
C GLY D 148 -5.98 22.71 42.37
N THR D 149 -5.30 23.01 43.47
CA THR D 149 -3.92 23.51 43.44
C THR D 149 -3.01 22.68 44.33
N PRO D 150 -1.69 22.85 44.18
CA PRO D 150 -0.71 22.25 45.14
C PRO D 150 -0.99 22.59 46.60
N ALA D 151 -1.33 23.84 46.89
CA ALA D 151 -1.73 24.27 48.23
C ALA D 151 -2.91 23.45 48.79
N ASP D 152 -3.88 23.15 47.94
CA ASP D 152 -4.99 22.30 48.35
C ASP D 152 -4.48 20.87 48.68
N ILE D 153 -3.61 20.33 47.82
CA ILE D 153 -3.04 19.01 48.04
C ILE D 153 -2.33 18.92 49.40
N ASP D 154 -1.36 19.80 49.67
CA ASP D 154 -0.64 19.71 50.93
C ASP D 154 -1.50 20.12 52.17
N PHE D 155 -2.57 20.90 52.01
CA PHE D 155 -3.52 21.05 53.10
C PHE D 155 -4.14 19.69 53.47
N LEU D 156 -4.62 18.96 52.48
CA LEU D 156 -5.20 17.66 52.70
C LEU D 156 -4.18 16.60 53.18
N ILE D 157 -2.96 16.59 52.63
CA ILE D 157 -1.90 15.68 53.14
C ILE D 157 -1.62 15.95 54.63
N LYS D 158 -1.55 17.22 55.01
CA LYS D 158 -1.32 17.62 56.41
C LYS D 158 -2.46 17.21 57.38
N LYS D 159 -3.70 17.11 56.87
CA LYS D 159 -4.85 16.65 57.66
C LYS D 159 -5.00 15.14 57.65
N GLY D 160 -4.08 14.46 57.00
CA GLY D 160 -4.03 13.01 56.97
C GLY D 160 -4.71 12.35 55.80
N ALA D 161 -4.80 13.00 54.67
CA ALA D 161 -5.38 12.31 53.52
C ALA D 161 -4.49 11.14 53.12
N ASP D 162 -5.09 10.10 52.60
CA ASP D 162 -4.38 8.90 52.22
C ASP D 162 -4.10 8.86 50.71
N LEU D 163 -2.84 9.04 50.34
CA LEU D 163 -2.40 9.15 48.92
C LEU D 163 -2.72 7.94 48.09
N LYS D 164 -2.75 6.77 48.71
CA LYS D 164 -2.84 5.52 47.97
C LYS D 164 -4.29 4.98 47.85
N LEU D 165 -5.32 5.73 48.29
CA LEU D 165 -6.70 5.27 48.09
C LEU D 165 -7.03 5.21 46.59
N LYS D 166 -7.74 4.16 46.20
CA LYS D 166 -8.24 4.03 44.85
C LYS D 166 -9.75 4.19 44.80
N ASN D 167 -10.21 4.85 43.75
CA ASN D 167 -11.64 4.97 43.48
C ASN D 167 -12.15 3.66 42.88
N LYS D 168 -13.44 3.62 42.60
CA LYS D 168 -14.06 2.41 42.08
C LYS D 168 -13.59 1.98 40.67
N LYS D 169 -12.96 2.87 39.90
CA LYS D 169 -12.29 2.50 38.66
C LYS D 169 -10.83 2.06 38.87
N GLY D 170 -10.36 2.01 40.12
CA GLY D 170 -8.96 1.66 40.43
C GLY D 170 -7.91 2.78 40.27
N GLN D 171 -8.36 4.03 40.14
CA GLN D 171 -7.45 5.16 39.97
C GLN D 171 -7.10 5.76 41.33
N THR D 172 -5.86 6.23 41.46
CA THR D 172 -5.45 7.10 42.55
C THR D 172 -5.74 8.57 42.20
N ALA D 173 -5.51 9.45 43.19
CA ALA D 173 -5.62 10.90 42.98
C ALA D 173 -4.60 11.39 41.94
N LEU D 174 -3.39 10.86 42.02
CA LEU D 174 -2.37 11.08 41.00
C LEU D 174 -2.84 10.71 39.60
N ASP D 175 -3.44 9.52 39.45
CA ASP D 175 -3.99 9.14 38.16
C ASP D 175 -5.03 10.14 37.62
N VAL D 176 -5.94 10.62 38.48
CA VAL D 176 -7.02 11.50 38.03
C VAL D 176 -6.50 12.90 37.73
N ALA D 177 -5.44 13.31 38.44
CA ALA D 177 -4.73 14.57 38.12
C ALA D 177 -4.16 14.55 36.69
N LYS D 178 -3.55 13.42 36.32
CA LYS D 178 -2.96 13.25 35.00
C LYS D 178 -4.04 13.19 33.93
N GLU D 179 -5.09 12.41 34.18
CA GLU D 179 -6.21 12.30 33.27
C GLU D 179 -6.87 13.69 33.07
N ALA D 180 -6.89 14.53 34.10
CA ALA D 180 -7.44 15.91 34.01
C ALA D 180 -6.47 16.96 33.43
N SER D 181 -5.22 16.57 33.15
CA SER D 181 -4.16 17.47 32.66
C SER D 181 -3.81 18.58 33.63
N ASN D 182 -4.01 18.33 34.92
CA ASN D 182 -3.58 19.24 35.98
C ASN D 182 -2.12 18.91 36.31
N GLN D 183 -1.22 19.55 35.57
CA GLN D 183 0.19 19.27 35.69
C GLN D 183 0.68 19.67 37.10
N ASP D 184 0.11 20.74 37.66
CA ASP D 184 0.55 21.30 38.96
C ASP D 184 0.26 20.34 40.13
N THR D 185 -0.96 19.82 40.22
CA THR D 185 -1.28 18.85 41.24
C THR D 185 -0.61 17.50 40.97
N ALA D 186 -0.49 17.14 39.70
CA ALA D 186 0.18 15.90 39.32
C ALA D 186 1.61 15.90 39.88
N LYS D 187 2.33 16.97 39.60
CA LYS D 187 3.70 17.16 40.11
C LYS D 187 3.73 17.08 41.63
N ALA D 188 2.85 17.82 42.31
CA ALA D 188 2.77 17.80 43.79
C ALA D 188 2.45 16.43 44.35
N LEU D 189 1.54 15.70 43.73
CA LEU D 189 1.22 14.36 44.19
C LEU D 189 2.36 13.37 43.93
N SER D 190 2.94 13.42 42.74
CA SER D 190 3.95 12.42 42.33
C SER D 190 5.30 12.61 43.03
N LYS D 191 5.52 13.79 43.61
CA LYS D 191 6.67 14.02 44.50
C LYS D 191 6.43 13.46 45.91
N LYS D 192 5.20 13.64 46.44
CA LYS D 192 4.74 12.99 47.72
C LYS D 192 4.79 11.44 47.71
N LYS D 193 4.78 10.87 48.91
CA LYS D 193 4.87 9.42 49.19
C LYS D 193 3.76 9.01 50.19
N MET E 1 -12.92 36.87 14.36
CA MET E 1 -13.02 35.61 15.12
C MET E 1 -13.03 34.42 14.17
N VAL E 2 -12.36 33.32 14.58
CA VAL E 2 -12.32 32.11 13.82
C VAL E 2 -12.85 30.95 14.66
N TYR E 3 -13.75 30.18 14.07
CA TYR E 3 -14.35 29.01 14.71
C TYR E 3 -15.09 28.09 13.77
N VAL E 4 -15.27 26.87 14.24
CA VAL E 4 -15.91 25.84 13.50
C VAL E 4 -17.41 26.11 13.51
N ASN E 5 -17.98 26.28 12.33
CA ASN E 5 -19.44 26.19 12.16
C ASN E 5 -19.91 24.73 12.18
N SER E 6 -19.28 23.90 11.37
CA SER E 6 -19.80 22.57 11.10
C SER E 6 -18.72 21.71 10.39
N VAL E 7 -18.65 20.43 10.74
CA VAL E 7 -17.83 19.45 10.05
C VAL E 7 -18.67 18.19 9.80
N CYS E 8 -18.59 17.62 8.60
CA CYS E 8 -19.20 16.34 8.29
C CYS E 8 -18.21 15.42 7.63
N HIS E 9 -18.37 14.13 7.88
CA HIS E 9 -17.70 13.14 7.04
C HIS E 9 -18.45 11.82 6.96
N MET E 10 -18.27 11.13 5.83
CA MET E 10 -19.05 9.98 5.49
C MET E 10 -18.14 9.14 4.63
N LYS E 11 -18.15 7.85 4.87
CA LYS E 11 -17.40 6.95 4.03
C LYS E 11 -17.99 6.86 2.63
N ALA E 12 -17.11 6.83 1.64
CA ALA E 12 -17.54 6.69 0.21
C ALA E 12 -17.83 5.22 -0.04
N ALA E 13 -19.07 4.93 -0.36
CA ALA E 13 -19.51 3.57 -0.58
C ALA E 13 -20.68 3.58 -1.56
N ALA E 14 -21.26 2.41 -1.80
CA ALA E 14 -22.43 2.33 -2.70
C ALA E 14 -23.64 3.13 -2.14
N THR E 15 -23.68 3.34 -0.82
CA THR E 15 -24.78 4.07 -0.17
C THR E 15 -24.20 5.25 0.56
N ALA E 16 -25.07 6.20 0.83
CA ALA E 16 -24.74 7.33 1.67
C ALA E 16 -25.14 7.01 3.12
N GLY E 17 -24.17 6.56 3.92
CA GLY E 17 -24.45 5.95 5.24
C GLY E 17 -24.18 6.80 6.49
N LYS E 18 -23.38 6.27 7.42
CA LYS E 18 -23.11 6.99 8.65
C LYS E 18 -22.38 8.30 8.42
N VAL E 19 -22.89 9.37 9.03
CA VAL E 19 -22.20 10.65 9.03
C VAL E 19 -21.80 11.08 10.44
N GLU E 20 -20.56 11.51 10.60
CA GLU E 20 -20.06 12.03 11.87
C GLU E 20 -19.34 13.35 11.63
N GLY E 21 -18.97 14.01 12.73
CA GLY E 21 -18.44 15.36 12.64
C GLY E 21 -18.67 16.23 13.86
N GLU E 22 -18.90 17.53 13.63
CA GLU E 22 -18.93 18.55 14.68
C GLU E 22 -20.00 19.55 14.32
N GLY E 23 -20.71 20.06 15.31
CA GLY E 23 -21.69 21.08 15.11
C GLY E 23 -22.95 20.52 14.50
N ASP E 24 -23.80 21.46 14.09
CA ASP E 24 -25.16 21.18 13.57
C ASP E 24 -25.03 20.96 12.06
N MET E 25 -25.17 19.73 11.64
CA MET E 25 -25.20 19.36 10.24
C MET E 25 -26.37 19.89 9.45
N GLN E 26 -27.43 20.29 10.14
CA GLN E 26 -28.65 20.74 9.49
C GLN E 26 -28.83 22.24 9.60
N LYS E 27 -27.78 22.98 9.96
CA LYS E 27 -27.85 24.45 9.96
C LYS E 27 -27.12 25.04 8.75
N LYS E 28 -27.79 25.98 8.11
CA LYS E 28 -27.22 26.64 6.91
C LYS E 28 -26.13 27.56 7.29
N PHE E 29 -25.02 27.46 6.59
CA PHE E 29 -23.88 28.37 6.79
C PHE E 29 -23.38 28.86 5.43
N PRO E 30 -22.75 30.04 5.39
CA PRO E 30 -22.10 30.45 4.17
C PRO E 30 -21.06 29.44 3.63
N LEU E 31 -21.17 29.18 2.34
CA LEU E 31 -20.36 28.15 1.67
C LEU E 31 -19.09 28.70 1.07
N ALA E 32 -19.11 29.97 0.70
CA ALA E 32 -18.01 30.48 -0.16
C ALA E 32 -17.90 29.56 -1.37
N ALA E 33 -16.71 29.33 -1.88
CA ALA E 33 -16.53 28.67 -3.15
C ALA E 33 -16.74 27.15 -3.15
N ILE E 34 -16.98 26.51 -2.02
CA ILE E 34 -17.50 25.14 -2.15
C ILE E 34 -18.91 25.09 -2.80
N SER E 35 -19.58 26.25 -2.87
CA SER E 35 -20.70 26.46 -3.78
C SER E 35 -20.44 25.90 -5.17
N LYS E 36 -19.20 26.04 -5.67
CA LYS E 36 -18.84 25.59 -7.02
C LYS E 36 -18.99 24.08 -7.23
N VAL E 37 -18.85 23.32 -6.14
CA VAL E 37 -19.08 21.88 -6.18
C VAL E 37 -20.53 21.59 -6.56
N ILE E 38 -21.46 22.38 -6.02
CA ILE E 38 -22.87 22.26 -6.37
C ILE E 38 -23.16 22.75 -7.79
N THR E 39 -22.60 23.92 -8.16
CA THR E 39 -22.74 24.42 -9.49
C THR E 39 -22.24 23.37 -10.47
N THR E 40 -21.11 22.74 -10.13
CA THR E 40 -20.51 21.67 -10.93
C THR E 40 -21.49 20.50 -11.16
N LEU E 41 -22.15 20.05 -10.10
CA LEU E 41 -23.08 18.96 -10.20
C LEU E 41 -24.23 19.36 -11.11
N TRP E 42 -24.74 20.58 -10.90
CA TRP E 42 -25.90 21.05 -11.65
C TRP E 42 -25.54 21.06 -13.16
N ALA E 43 -24.39 21.62 -13.49
CA ALA E 43 -23.98 21.71 -14.88
C ALA E 43 -23.88 20.33 -15.50
N ILE E 44 -23.21 19.41 -14.81
CA ILE E 44 -23.10 18.07 -15.30
C ILE E 44 -24.46 17.43 -15.49
N GLU E 45 -25.34 17.58 -14.51
CA GLU E 45 -26.63 16.95 -14.60
C GLU E 45 -27.44 17.50 -15.79
N LYS E 46 -27.41 18.81 -16.02
CA LYS E 46 -28.24 19.39 -17.08
C LYS E 46 -27.64 19.25 -18.47
N LEU E 47 -26.33 19.45 -18.57
CA LEU E 47 -25.67 19.47 -19.85
C LEU E 47 -25.05 18.15 -20.25
N GLY E 48 -24.59 17.37 -19.29
CA GLY E 48 -23.82 16.17 -19.58
C GLY E 48 -22.33 16.43 -19.41
N VAL E 49 -21.63 15.45 -18.84
CA VAL E 49 -20.25 15.63 -18.42
C VAL E 49 -19.32 16.01 -19.56
N ASP E 50 -19.59 15.50 -20.76
CA ASP E 50 -18.73 15.78 -21.93
C ASP E 50 -19.33 16.80 -22.88
N TYR E 51 -20.29 17.58 -22.41
CA TYR E 51 -20.89 18.62 -23.24
C TYR E 51 -19.87 19.62 -23.80
N ARG E 52 -20.14 20.09 -25.01
CA ARG E 52 -19.30 21.09 -25.66
C ARG E 52 -20.09 22.31 -26.14
N HIS E 53 -19.57 23.48 -25.79
CA HIS E 53 -20.13 24.75 -26.23
C HIS E 53 -19.69 24.94 -27.67
N LYS E 54 -20.66 24.84 -28.58
CA LYS E 54 -20.44 24.92 -30.04
C LYS E 54 -20.76 26.32 -30.58
N THR E 55 -19.74 27.18 -30.62
CA THR E 55 -19.84 28.51 -31.18
C THR E 55 -19.72 28.47 -32.70
N VAL E 56 -20.68 29.07 -33.40
CA VAL E 56 -20.75 28.97 -34.87
C VAL E 56 -20.37 30.30 -35.51
N LEU E 57 -19.50 30.21 -36.49
CA LEU E 57 -18.86 31.36 -37.14
C LEU E 57 -19.33 31.33 -38.59
N HIS E 58 -19.99 32.41 -39.00
CA HIS E 58 -20.62 32.56 -40.27
C HIS E 58 -19.74 33.53 -41.08
N LEU E 59 -19.03 32.99 -42.07
CA LEU E 59 -17.97 33.71 -42.80
C LEU E 59 -18.47 33.94 -44.22
N THR E 60 -18.60 35.21 -44.60
CA THR E 60 -19.06 35.55 -45.93
C THR E 60 -18.07 36.47 -46.65
N PRO E 61 -17.66 36.10 -47.90
CA PRO E 61 -16.62 36.92 -48.53
C PRO E 61 -17.13 38.31 -48.86
N THR E 62 -16.26 39.31 -48.65
CA THR E 62 -16.44 40.66 -49.15
C THR E 62 -15.65 40.90 -50.43
N ALA E 63 -16.07 41.89 -51.20
CA ALA E 63 -15.47 42.20 -52.52
C ALA E 63 -13.94 42.48 -52.51
N ASN E 64 -13.45 43.08 -51.41
CA ASN E 64 -12.00 43.33 -51.22
C ASN E 64 -11.18 42.08 -50.91
N GLY E 65 -11.84 40.94 -50.67
CA GLY E 65 -11.15 39.68 -50.40
C GLY E 65 -10.97 39.36 -48.93
N SER E 66 -11.56 40.15 -48.03
CA SER E 66 -11.66 39.82 -46.61
C SER E 66 -12.97 39.07 -46.33
N MET E 67 -13.26 38.81 -45.06
CA MET E 67 -14.51 38.15 -44.66
C MET E 67 -15.35 39.07 -43.76
N ASP E 68 -16.67 38.97 -43.89
CA ASP E 68 -17.57 39.39 -42.83
C ASP E 68 -17.75 38.16 -41.98
N LEU E 69 -17.96 38.40 -40.68
CA LEU E 69 -18.13 37.35 -39.71
C LEU E 69 -19.32 37.66 -38.82
N HIS E 70 -20.28 36.74 -38.73
CA HIS E 70 -21.28 36.79 -37.71
C HIS E 70 -21.02 35.64 -36.76
N VAL E 71 -20.85 35.96 -35.47
CA VAL E 71 -20.65 34.95 -34.40
C VAL E 71 -22.03 34.60 -33.79
N GLU E 72 -22.47 33.36 -33.99
CA GLU E 72 -23.64 32.81 -33.32
C GLU E 72 -23.16 32.11 -32.08
N GLY E 73 -23.49 32.66 -30.92
CA GLY E 73 -22.86 32.28 -29.66
C GLY E 73 -23.46 31.02 -29.05
N SER E 74 -22.68 30.31 -28.26
CA SER E 74 -23.11 29.15 -27.49
C SER E 74 -23.11 29.45 -25.98
N ARG E 75 -22.98 30.73 -25.61
CA ARG E 75 -22.81 31.17 -24.21
C ARG E 75 -21.59 30.54 -23.53
N ASP E 76 -20.56 30.23 -24.31
CA ASP E 76 -19.35 29.61 -23.77
C ASP E 76 -18.77 30.41 -22.58
N PRO E 77 -18.74 29.80 -21.38
CA PRO E 77 -18.33 30.54 -20.18
C PRO E 77 -16.81 30.63 -19.95
N ILE E 78 -15.99 30.10 -20.85
CA ILE E 78 -14.53 30.23 -20.75
C ILE E 78 -13.95 30.93 -21.98
N PHE E 79 -14.79 31.68 -22.71
CA PHE E 79 -14.36 32.32 -23.95
C PHE E 79 -13.71 33.66 -23.56
N GLY E 80 -12.39 33.69 -23.65
CA GLY E 80 -11.63 34.88 -23.42
C GLY E 80 -10.35 34.86 -24.22
N ARG E 81 -9.25 35.25 -23.58
CA ARG E 81 -7.97 35.38 -24.26
C ARG E 81 -7.57 34.10 -24.96
N ASN E 82 -7.53 33.00 -24.21
CA ASN E 82 -6.91 31.79 -24.73
C ASN E 82 -7.68 31.17 -25.88
N LEU E 83 -8.98 31.10 -25.73
CA LEU E 83 -9.82 30.60 -26.80
C LEU E 83 -9.80 31.55 -28.02
N SER E 84 -9.71 32.86 -27.75
CA SER E 84 -9.55 33.86 -28.82
C SER E 84 -8.25 33.66 -29.58
N TYR E 85 -7.14 33.42 -28.87
CA TYR E 85 -5.85 33.11 -29.55
C TYR E 85 -5.94 31.88 -30.44
N PHE E 86 -6.56 30.82 -29.90
CA PHE E 86 -6.78 29.59 -30.66
C PHE E 86 -7.65 29.85 -31.93
N LEU E 87 -8.71 30.64 -31.79
CA LEU E 87 -9.59 31.01 -32.90
C LEU E 87 -8.84 31.79 -33.99
N ILE E 88 -7.97 32.69 -33.56
CA ILE E 88 -7.15 33.48 -34.48
C ILE E 88 -6.22 32.55 -35.28
N SER E 89 -5.51 31.65 -34.59
CA SER E 89 -4.70 30.62 -35.26
C SER E 89 -5.57 29.90 -36.29
N GLU E 90 -6.73 29.44 -35.84
CA GLU E 90 -7.65 28.67 -36.68
C GLU E 90 -8.15 29.42 -37.91
N LEU E 91 -8.46 30.70 -37.73
CA LEU E 91 -8.88 31.55 -38.86
C LEU E 91 -7.77 31.64 -39.94
N ASN E 92 -6.53 31.78 -39.49
CA ASN E 92 -5.37 31.85 -40.38
C ASN E 92 -5.12 30.55 -41.10
N ARG E 93 -5.33 29.42 -40.43
CA ARG E 93 -5.26 28.12 -41.10
C ARG E 93 -6.25 28.06 -42.23
N MET E 94 -7.42 28.68 -42.06
CA MET E 94 -8.44 28.77 -43.13
C MET E 94 -8.23 29.92 -44.12
N LYS E 95 -7.11 30.62 -44.05
CA LYS E 95 -6.77 31.72 -44.96
C LYS E 95 -7.60 33.00 -44.71
N VAL E 96 -8.05 33.16 -43.47
CA VAL E 96 -8.70 34.41 -43.04
C VAL E 96 -7.77 35.20 -42.07
N THR E 97 -7.27 36.36 -42.52
CA THR E 97 -6.48 37.29 -41.67
C THR E 97 -7.21 38.62 -41.43
N LYS E 98 -8.27 38.92 -42.20
CA LYS E 98 -8.92 40.23 -42.17
C LYS E 98 -10.42 40.07 -42.14
N ILE E 99 -11.05 40.74 -41.17
CA ILE E 99 -12.49 40.75 -41.06
C ILE E 99 -12.96 42.18 -41.32
N GLU E 100 -13.88 42.35 -42.25
CA GLU E 100 -14.54 43.65 -42.46
C GLU E 100 -15.54 43.92 -41.34
N ASN E 101 -16.70 43.25 -41.39
CA ASN E 101 -17.79 43.43 -40.42
C ASN E 101 -17.92 42.24 -39.54
N LEU E 102 -17.64 42.45 -38.26
CA LEU E 102 -17.74 41.44 -37.23
C LEU E 102 -18.97 41.73 -36.42
N THR E 103 -20.00 40.92 -36.60
CA THR E 103 -21.21 41.02 -35.80
C THR E 103 -21.27 39.83 -34.86
N PHE E 104 -22.08 39.93 -33.82
CA PHE E 104 -22.24 38.83 -32.84
C PHE E 104 -23.63 38.94 -32.22
N ASP E 105 -24.18 37.80 -31.81
CA ASP E 105 -25.54 37.71 -31.28
C ASP E 105 -25.54 37.69 -29.72
N GLU E 106 -26.74 37.59 -29.14
CA GLU E 106 -26.93 37.71 -27.70
C GLU E 106 -26.33 36.58 -26.87
N ASN E 107 -25.88 35.52 -27.53
CA ASN E 107 -25.25 34.38 -26.87
C ASN E 107 -23.72 34.35 -26.94
N PHE E 108 -23.09 35.33 -27.59
CA PHE E 108 -21.63 35.38 -27.61
C PHE E 108 -21.10 36.14 -26.38
N LEU E 109 -20.51 35.39 -25.45
CA LEU E 109 -19.89 35.99 -24.26
C LEU E 109 -18.42 36.01 -24.50
N LEU E 110 -17.82 37.15 -24.22
CA LEU E 110 -16.38 37.34 -24.36
C LEU E 110 -15.95 38.26 -23.26
N ASP E 111 -15.17 37.69 -22.36
CA ASP E 111 -14.44 38.46 -21.38
C ASP E 111 -12.99 38.01 -21.47
N TRP E 112 -12.13 38.94 -21.89
CA TRP E 112 -10.71 38.67 -22.18
C TRP E 112 -10.01 37.99 -21.04
N LEU E 113 -10.32 38.42 -19.82
CA LEU E 113 -9.65 37.92 -18.63
C LEU E 113 -10.40 36.81 -17.91
N ALA E 114 -11.23 36.07 -18.64
CA ALA E 114 -12.02 34.94 -18.10
C ALA E 114 -11.24 33.97 -17.21
N GLU E 115 -10.00 33.67 -17.58
CA GLU E 115 -9.17 32.75 -16.82
C GLU E 115 -8.10 33.44 -16.02
N GLU E 116 -8.26 34.73 -15.76
CA GLU E 116 -7.20 35.53 -15.10
C GLU E 116 -7.81 36.42 -14.02
N SER E 117 -6.96 36.90 -13.13
CA SER E 117 -7.31 38.01 -12.24
C SER E 117 -7.61 39.29 -13.01
N PRO E 118 -8.56 40.11 -12.54
CA PRO E 118 -9.33 39.93 -11.35
C PRO E 118 -10.66 39.16 -11.54
N ARG E 119 -10.88 38.49 -12.68
CA ARG E 119 -12.13 37.77 -12.91
C ARG E 119 -12.28 36.52 -12.05
N ILE E 120 -11.14 35.88 -11.77
CA ILE E 120 -11.09 34.70 -10.94
C ILE E 120 -11.76 34.96 -9.60
N GLY E 121 -11.28 36.00 -8.91
CA GLY E 121 -11.80 36.37 -7.58
C GLY E 121 -12.74 37.59 -7.49
N GLY E 122 -12.98 38.28 -8.60
CA GLY E 122 -13.77 39.49 -8.60
C GLY E 122 -15.26 39.21 -8.54
N VAL E 123 -16.05 40.27 -8.39
CA VAL E 123 -17.48 40.12 -8.56
C VAL E 123 -17.72 40.07 -10.10
N THR E 124 -18.38 38.99 -10.55
CA THR E 124 -18.61 38.78 -11.95
C THR E 124 -19.58 39.84 -12.45
N PRO E 125 -19.20 40.51 -13.53
CA PRO E 125 -20.08 41.53 -14.06
C PRO E 125 -21.41 40.90 -14.41
N ARG E 126 -22.49 41.56 -13.99
CA ARG E 126 -23.82 41.13 -14.31
C ARG E 126 -24.51 42.20 -15.16
N TYR E 127 -24.84 41.86 -16.40
CA TYR E 127 -25.42 42.80 -17.34
C TYR E 127 -26.93 42.77 -17.20
N GLU E 128 -27.54 43.91 -16.85
CA GLU E 128 -28.97 43.98 -16.56
C GLU E 128 -29.73 44.00 -17.88
N THR E 129 -29.20 44.72 -18.88
CA THR E 129 -29.78 44.72 -20.20
C THR E 129 -28.83 44.06 -21.19
N ILE E 130 -29.40 43.65 -22.31
CA ILE E 130 -28.62 43.09 -23.40
C ILE E 130 -27.68 44.13 -24.02
N GLU E 131 -28.14 45.38 -24.07
CA GLU E 131 -27.31 46.54 -24.54
C GLU E 131 -26.01 46.65 -23.75
N GLN E 132 -26.10 46.49 -22.41
CA GLN E 132 -24.94 46.49 -21.54
C GLN E 132 -24.01 45.33 -21.81
N GLN E 133 -24.57 44.15 -22.05
CA GLN E 133 -23.79 42.97 -22.46
C GLN E 133 -23.09 43.19 -23.83
N ALA E 134 -23.85 43.62 -24.81
CA ALA E 134 -23.32 43.96 -26.11
C ALA E 134 -22.15 44.97 -26.03
N GLU E 135 -22.34 46.07 -25.29
CA GLU E 135 -21.32 47.11 -25.20
C GLU E 135 -20.05 46.58 -24.53
N ALA E 136 -20.17 45.70 -23.53
CA ALA E 136 -19.00 45.06 -22.92
C ALA E 136 -18.31 44.04 -23.87
N VAL E 137 -19.07 43.31 -24.68
CA VAL E 137 -18.49 42.42 -25.70
C VAL E 137 -17.74 43.24 -26.75
N ILE E 138 -18.37 44.33 -27.17
CA ILE E 138 -17.71 45.28 -28.06
C ILE E 138 -16.39 45.74 -27.50
N LYS E 139 -16.40 46.26 -26.25
CA LYS E 139 -15.19 46.73 -25.59
C LYS E 139 -14.05 45.69 -25.70
N ASN E 140 -14.34 44.44 -25.38
CA ASN E 140 -13.35 43.34 -25.49
C ASN E 140 -12.87 43.02 -26.90
N LEU E 141 -13.81 42.85 -27.82
CA LEU E 141 -13.46 42.69 -29.23
C LEU E 141 -12.58 43.83 -29.76
N LYS E 142 -12.96 45.05 -29.42
CA LYS E 142 -12.26 46.22 -29.90
C LYS E 142 -10.88 46.41 -29.27
N GLU E 143 -10.80 46.30 -27.94
CA GLU E 143 -9.58 46.58 -27.17
C GLU E 143 -8.60 45.41 -27.07
N SER E 144 -9.10 44.17 -27.13
CA SER E 144 -8.26 42.99 -26.92
C SER E 144 -8.16 42.03 -28.13
N PHE E 145 -9.31 41.58 -28.65
CA PHE E 145 -9.35 40.64 -29.79
C PHE E 145 -8.74 41.24 -31.07
N SER E 146 -8.93 42.55 -31.29
CA SER E 146 -8.51 43.28 -32.56
C SER E 146 -7.08 43.93 -32.38
N THR E 147 -6.52 44.01 -31.16
CA THR E 147 -5.21 44.67 -30.95
C THR E 147 -4.04 43.70 -31.15
N ALA E 148 -2.83 44.24 -31.21
CA ALA E 148 -1.63 43.42 -31.31
C ALA E 148 -1.67 42.30 -30.29
N ILE E 149 -1.43 41.07 -30.76
CA ILE E 149 -1.32 39.93 -29.87
C ILE E 149 -0.10 40.08 -28.93
N ASN E 150 -0.32 39.80 -27.64
CA ASN E 150 0.76 39.72 -26.66
C ASN E 150 1.61 38.50 -27.00
N ARG E 151 2.79 38.76 -27.56
CA ARG E 151 3.69 37.69 -28.01
C ARG E 151 4.05 36.69 -26.92
N ALA E 152 4.39 37.18 -25.73
CA ALA E 152 4.82 36.32 -24.63
C ALA E 152 3.67 35.40 -24.16
N MET E 153 2.48 35.97 -24.01
CA MET E 153 1.30 35.19 -23.59
C MET E 153 0.81 34.20 -24.63
N TYR E 154 0.76 34.60 -25.90
CA TYR E 154 0.45 33.66 -26.97
C TYR E 154 1.41 32.48 -26.97
N SER E 155 2.69 32.77 -26.78
CA SER E 155 3.71 31.75 -26.82
C SER E 155 3.63 30.76 -25.63
N LYS E 156 3.30 31.27 -24.44
CA LYS E 156 3.05 30.42 -23.27
C LYS E 156 1.87 29.51 -23.55
N LEU E 157 0.78 30.08 -24.08
CA LEU E 157 -0.39 29.30 -24.39
C LEU E 157 -0.06 28.18 -25.38
N ARG E 158 0.65 28.53 -26.45
CA ARG E 158 1.02 27.57 -27.48
C ARG E 158 1.92 26.45 -26.97
N GLU E 159 2.82 26.77 -26.05
CA GLU E 159 3.64 25.75 -25.39
C GLU E 159 2.79 24.71 -24.67
N ARG E 160 1.80 25.18 -23.92
CA ARG E 160 0.82 24.31 -23.30
C ARG E 160 0.02 23.50 -24.33
N ALA E 161 -0.47 24.17 -25.38
CA ALA E 161 -1.21 23.49 -26.47
C ALA E 161 -0.39 22.37 -27.10
N THR E 162 0.88 22.66 -27.34
CA THR E 162 1.84 21.65 -27.79
C THR E 162 2.04 20.47 -26.80
N LYS E 163 2.17 20.71 -25.50
CA LYS E 163 2.12 19.57 -24.55
C LYS E 163 0.83 18.79 -24.67
N ALA E 164 -0.29 19.51 -24.84
CA ALA E 164 -1.60 18.87 -25.04
C ALA E 164 -1.84 18.27 -26.46
N LYS E 165 -0.80 18.24 -27.31
CA LYS E 165 -0.87 17.76 -28.68
C LYS E 165 -1.89 18.54 -29.55
N VAL E 166 -2.08 19.84 -29.29
CA VAL E 166 -2.97 20.67 -30.11
C VAL E 166 -2.07 21.59 -30.92
N PHE E 167 -2.35 21.66 -32.24
CA PHE E 167 -1.65 22.54 -33.16
C PHE E 167 -2.14 24.00 -33.12
N MET E 168 -1.19 24.92 -32.98
CA MET E 168 -1.42 26.36 -33.15
C MET E 168 -0.27 26.93 -33.97
N LEU E 169 -0.55 27.92 -34.79
CA LEU E 169 0.50 28.58 -35.58
C LEU E 169 1.43 29.37 -34.67
N GLU E 170 2.69 29.52 -35.06
CA GLU E 170 3.63 30.34 -34.29
C GLU E 170 3.24 31.82 -34.18
N LYS E 171 2.75 32.37 -35.34
CA LYS E 171 2.74 33.73 -35.96
C LYS E 171 1.43 34.56 -35.95
N PRO E 172 0.26 33.95 -35.71
CA PRO E 172 -0.92 34.47 -36.42
C PRO E 172 -1.33 35.88 -36.07
N THR E 173 -2.04 36.51 -36.99
CA THR E 173 -2.66 37.83 -36.81
C THR E 173 -4.10 37.81 -37.28
N ILE E 174 -4.85 38.81 -36.80
CA ILE E 174 -6.17 39.15 -37.33
C ILE E 174 -6.31 40.69 -37.34
N GLU E 175 -7.08 41.19 -38.31
CA GLU E 175 -7.52 42.59 -38.36
C GLU E 175 -9.04 42.61 -38.42
N VAL E 176 -9.66 43.54 -37.70
CA VAL E 176 -11.11 43.70 -37.68
C VAL E 176 -11.43 45.16 -37.81
N ARG E 177 -12.14 45.51 -38.86
CA ARG E 177 -12.53 46.86 -39.11
C ARG E 177 -13.70 47.36 -38.29
N ASN E 178 -14.83 46.69 -38.38
CA ASN E 178 -16.05 47.10 -37.68
C ASN E 178 -16.52 45.97 -36.82
N ILE E 179 -17.08 46.35 -35.69
CA ILE E 179 -17.60 45.45 -34.72
C ILE E 179 -18.96 46.03 -34.29
N SER E 180 -20.00 45.18 -34.28
CA SER E 180 -21.29 45.58 -33.73
C SER E 180 -22.15 44.39 -33.37
N PHE E 181 -23.14 44.67 -32.52
CA PHE E 181 -24.10 43.68 -32.08
C PHE E 181 -25.13 43.46 -33.18
N LEU E 182 -25.52 42.20 -33.39
CA LEU E 182 -26.60 41.86 -34.30
C LEU E 182 -27.35 40.67 -33.71
N PRO E 183 -28.57 40.91 -33.14
CA PRO E 183 -29.37 39.79 -32.61
C PRO E 183 -29.58 38.61 -33.58
N LYS E 184 -29.67 37.42 -33.01
CA LYS E 184 -29.89 36.21 -33.78
C LYS E 184 -31.19 36.32 -34.62
N ASN E 185 -32.23 36.93 -34.03
CA ASN E 185 -33.46 37.25 -34.75
C ASN E 185 -33.27 37.90 -36.14
N ASN E 186 -32.24 38.75 -36.25
CA ASN E 186 -32.00 39.61 -37.41
C ASN E 186 -30.84 39.17 -38.29
N TYR E 187 -30.19 38.04 -38.00
CA TYR E 187 -29.11 37.60 -38.84
C TYR E 187 -29.64 36.56 -39.84
N LYS E 188 -29.45 36.82 -41.12
CA LYS E 188 -29.71 35.84 -42.17
C LYS E 188 -28.54 35.85 -43.10
N LYS E 189 -28.21 34.69 -43.63
CA LYS E 189 -26.96 34.54 -44.31
C LYS E 189 -27.11 34.60 -45.82
N ASP E 190 -26.05 35.07 -46.47
CA ASP E 190 -26.01 35.13 -47.91
C ASP E 190 -25.85 33.76 -48.54
N LYS E 191 -26.15 33.69 -49.81
CA LYS E 191 -25.94 32.46 -50.54
C LYS E 191 -24.49 31.91 -50.50
N TYR E 192 -23.49 32.80 -50.37
CA TYR E 192 -22.03 32.46 -50.39
C TYR E 192 -21.48 32.51 -48.92
N THR E 193 -22.37 32.41 -47.91
CA THR E 193 -21.91 32.26 -46.52
C THR E 193 -21.51 30.79 -46.28
N GLY E 194 -20.27 30.57 -45.87
CA GLY E 194 -19.80 29.29 -45.39
C GLY E 194 -19.75 29.44 -43.90
N SER E 195 -20.16 28.40 -43.19
CA SER E 195 -20.16 28.50 -41.74
C SER E 195 -19.50 27.29 -41.05
N VAL E 196 -18.80 27.61 -39.98
CA VAL E 196 -17.82 26.75 -39.35
C VAL E 196 -18.03 26.77 -37.82
N VAL E 197 -17.66 25.70 -37.13
CA VAL E 197 -17.95 25.57 -35.71
C VAL E 197 -16.65 25.49 -34.93
N LEU E 198 -16.63 26.23 -33.83
CA LEU E 198 -15.60 26.09 -32.81
C LEU E 198 -16.19 25.45 -31.52
N GLN E 199 -15.79 24.20 -31.26
CA GLN E 199 -16.10 23.47 -30.02
C GLN E 199 -15.07 23.74 -28.98
N SER E 200 -15.48 24.30 -27.85
CA SER E 200 -14.54 24.42 -26.71
C SER E 200 -14.23 23.02 -26.13
N ALA E 201 -13.36 22.98 -25.14
CA ALA E 201 -13.10 21.76 -24.38
C ALA E 201 -14.41 21.15 -23.76
N PRO E 202 -14.39 19.83 -23.49
CA PRO E 202 -15.53 19.23 -22.81
C PRO E 202 -15.78 19.85 -21.44
N LEU E 203 -17.04 19.86 -21.03
CA LEU E 203 -17.49 20.56 -19.82
C LEU E 203 -16.68 20.17 -18.62
N ARG E 204 -16.41 18.86 -18.47
CA ARG E 204 -15.64 18.37 -17.30
C ARG E 204 -14.29 19.10 -17.14
N THR E 205 -13.65 19.46 -18.25
CA THR E 205 -12.41 20.19 -18.24
C THR E 205 -12.58 21.67 -17.93
N ILE E 206 -13.66 22.26 -18.43
CA ILE E 206 -14.02 23.63 -18.08
C ILE E 206 -14.24 23.68 -16.60
N LEU E 207 -14.92 22.66 -16.08
CA LEU E 207 -15.20 22.56 -14.61
C LEU E 207 -13.91 22.37 -13.77
N LYS E 208 -13.03 21.50 -14.25
CA LYS E 208 -11.73 21.27 -13.62
C LYS E 208 -10.96 22.56 -13.53
N ARG E 209 -10.99 23.34 -14.60
CA ARG E 209 -10.31 24.63 -14.62
C ARG E 209 -10.92 25.59 -13.61
N MET E 210 -12.25 25.68 -13.62
CA MET E 210 -12.98 26.57 -12.71
C MET E 210 -12.68 26.24 -11.24
N ASN E 211 -12.73 24.96 -10.93
CA ASN E 211 -12.53 24.46 -9.55
C ASN E 211 -11.09 24.55 -9.06
N ASN E 212 -10.15 24.37 -9.98
CA ASN E 212 -8.74 24.61 -9.71
C ASN E 212 -8.50 26.04 -9.27
N GLN E 213 -8.99 26.98 -10.09
CA GLN E 213 -8.76 28.45 -9.90
C GLN E 213 -9.70 29.06 -8.87
N SER E 214 -10.83 28.41 -8.61
CA SER E 214 -11.98 29.05 -7.94
C SER E 214 -12.48 30.22 -8.81
N ASN E 215 -12.70 29.94 -10.09
CA ASN E 215 -13.02 30.96 -11.04
C ASN E 215 -14.48 31.43 -10.98
N ASN E 216 -14.69 32.62 -10.43
CA ASN E 216 -16.03 33.20 -10.26
C ASN E 216 -16.70 33.50 -11.58
N TYR E 217 -15.93 33.98 -12.57
CA TYR E 217 -16.52 34.26 -13.87
C TYR E 217 -17.19 33.04 -14.48
N ILE E 218 -16.45 31.94 -14.50
CA ILE E 218 -16.94 30.72 -15.10
C ILE E 218 -18.13 30.20 -14.31
N ALA E 219 -18.02 30.13 -12.99
CA ALA E 219 -19.10 29.60 -12.13
C ALA E 219 -20.38 30.45 -12.20
N ASP E 220 -20.23 31.77 -12.14
CA ASP E 220 -21.38 32.63 -12.18
C ASP E 220 -22.11 32.59 -13.48
N ASN E 221 -21.36 32.47 -14.58
CA ASN E 221 -21.98 32.41 -15.93
C ASN E 221 -22.64 31.04 -16.19
N LEU E 222 -22.06 29.95 -15.66
CA LEU E 222 -22.73 28.65 -15.71
C LEU E 222 -24.10 28.71 -15.04
N TYR E 223 -24.14 29.31 -13.86
CA TYR E 223 -25.38 29.52 -13.09
C TYR E 223 -26.45 30.22 -13.91
N TRP E 224 -26.09 31.35 -14.54
CA TRP E 224 -27.02 32.08 -15.40
C TRP E 224 -27.38 31.25 -16.60
N ASN E 225 -26.40 30.61 -17.19
CA ASN E 225 -26.61 29.76 -18.37
C ASN E 225 -27.56 28.62 -18.11
N LEU E 226 -27.52 28.08 -16.88
CA LEU E 226 -28.41 26.99 -16.49
C LEU E 226 -29.82 27.46 -16.03
N GLY E 227 -30.06 28.76 -15.95
CA GLY E 227 -31.40 29.27 -15.69
C GLY E 227 -31.48 30.11 -14.47
N GLY E 228 -30.36 30.36 -13.82
CA GLY E 228 -30.35 31.21 -12.65
C GLY E 228 -31.13 30.59 -11.46
N THR E 229 -31.58 31.44 -10.56
CA THR E 229 -32.08 31.03 -9.27
C THR E 229 -33.33 30.18 -9.32
N ALA E 230 -34.27 30.51 -10.19
CA ALA E 230 -35.47 29.72 -10.29
C ALA E 230 -35.18 28.31 -10.76
N ALA E 231 -34.42 28.22 -11.84
CA ALA E 231 -33.99 26.90 -12.30
C ALA E 231 -33.19 26.16 -11.21
N PHE E 232 -32.35 26.88 -10.45
CA PHE E 232 -31.57 26.25 -9.37
C PHE E 232 -32.42 25.56 -8.29
N ASN E 233 -33.49 26.24 -7.86
CA ASN E 233 -34.37 25.70 -6.82
C ASN E 233 -35.00 24.40 -7.22
N ALA E 234 -35.48 24.31 -8.45
CA ALA E 234 -36.04 23.06 -8.97
C ALA E 234 -34.99 21.94 -8.99
N PHE E 235 -33.75 22.29 -9.38
CA PHE E 235 -32.67 21.35 -9.31
C PHE E 235 -32.43 20.86 -7.89
N ALA E 236 -32.42 21.78 -6.94
CA ALA E 236 -32.10 21.42 -5.58
C ALA E 236 -33.18 20.51 -4.98
N ALA E 237 -34.42 20.80 -5.30
CA ALA E 237 -35.57 19.98 -4.84
C ALA E 237 -35.51 18.56 -5.40
N ALA E 238 -35.27 18.44 -6.70
CA ALA E 238 -35.32 17.15 -7.34
C ALA E 238 -34.05 16.33 -7.07
N THR E 239 -32.87 16.92 -7.25
CA THR E 239 -31.62 16.18 -7.14
C THR E 239 -31.12 16.10 -5.69
N LEU E 240 -31.17 17.19 -4.93
CA LEU E 240 -30.63 17.23 -3.57
C LEU E 240 -31.70 17.07 -2.47
N LYS E 241 -32.97 16.95 -2.87
CA LYS E 241 -34.08 16.79 -1.92
C LYS E 241 -34.06 17.92 -0.91
N ALA E 242 -33.89 19.12 -1.41
CA ALA E 242 -33.52 20.26 -0.59
C ALA E 242 -34.34 21.49 -1.00
N ASP E 243 -34.88 22.22 -0.01
CA ASP E 243 -35.50 23.52 -0.25
C ASP E 243 -34.73 24.60 0.55
N GLN E 244 -35.29 25.81 0.61
CA GLN E 244 -34.67 26.94 1.29
C GLN E 244 -34.27 26.70 2.77
N ASN E 245 -34.87 25.74 3.44
CA ASN E 245 -34.38 25.29 4.77
C ASN E 245 -32.98 24.67 4.73
N GLN E 246 -32.61 24.05 3.62
CA GLN E 246 -31.31 23.43 3.46
C GLN E 246 -30.29 24.24 2.63
N ILE E 247 -30.78 25.08 1.72
CA ILE E 247 -29.93 25.70 0.73
C ILE E 247 -30.56 26.93 0.12
N VAL E 248 -29.79 28.02 0.07
CA VAL E 248 -30.18 29.25 -0.62
C VAL E 248 -28.99 29.67 -1.48
N PHE E 249 -29.22 29.80 -2.80
CA PHE E 249 -28.24 30.30 -3.74
C PHE E 249 -28.66 31.61 -4.39
N HIS E 250 -27.65 32.46 -4.63
CA HIS E 250 -27.75 33.73 -5.35
C HIS E 250 -26.87 33.74 -6.59
N ASN E 251 -25.82 32.91 -6.65
CA ASN E 251 -24.92 32.86 -7.77
C ASN E 251 -24.20 31.55 -7.83
N GLY E 252 -23.40 31.34 -8.85
CA GLY E 252 -22.69 30.07 -9.04
C GLY E 252 -21.37 29.94 -8.29
N SER E 253 -20.79 31.07 -7.90
CA SER E 253 -19.44 31.15 -7.39
C SER E 253 -19.30 30.99 -5.85
N GLY E 254 -20.34 31.38 -5.12
CA GLY E 254 -20.30 31.48 -3.69
C GLY E 254 -19.86 32.86 -3.25
N ASN E 255 -19.61 33.75 -4.19
CA ASN E 255 -19.08 35.07 -3.88
C ASN E 255 -20.17 35.96 -3.29
N ASN E 256 -19.72 36.98 -2.56
CA ASN E 256 -20.59 37.94 -1.91
C ASN E 256 -21.46 38.68 -2.90
N GLU E 257 -22.77 38.63 -2.71
CA GLU E 257 -23.74 39.36 -3.54
C GLU E 257 -24.22 40.64 -2.91
N GLY E 258 -23.80 40.92 -1.70
CA GLY E 258 -24.17 42.14 -1.03
C GLY E 258 -22.97 43.04 -0.89
N THR E 259 -22.93 43.72 0.25
CA THR E 259 -21.94 44.70 0.60
C THR E 259 -20.86 44.19 1.49
N THR E 260 -19.70 44.82 1.42
CA THR E 260 -18.68 44.57 2.42
C THR E 260 -19.18 44.68 3.89
N ALA E 261 -19.94 45.72 4.18
CA ALA E 261 -20.63 45.84 5.47
C ALA E 261 -21.80 44.87 5.67
N LYS E 262 -22.58 44.61 4.62
CA LYS E 262 -23.78 43.75 4.67
C LYS E 262 -23.64 42.62 3.64
N PRO E 263 -22.83 41.60 3.93
CA PRO E 263 -22.63 40.53 2.95
C PRO E 263 -23.84 39.60 2.77
N ILE E 264 -23.99 39.04 1.57
CA ILE E 264 -25.01 38.03 1.23
C ILE E 264 -24.31 36.90 0.53
N TYR E 265 -24.48 35.69 1.06
CA TYR E 265 -23.72 34.50 0.64
C TYR E 265 -24.61 33.34 0.36
N ASN E 266 -24.21 32.53 -0.61
CA ASN E 266 -24.80 31.21 -0.77
C ASN E 266 -24.62 30.44 0.53
N GLU E 267 -25.68 29.79 0.97
CA GLU E 267 -25.70 29.01 2.22
C GLU E 267 -26.25 27.64 1.99
N ALA E 268 -25.66 26.67 2.65
CA ALA E 268 -26.29 25.35 2.74
C ALA E 268 -25.84 24.65 4.00
N THR E 269 -26.53 23.58 4.34
CA THR E 269 -26.18 22.78 5.49
C THR E 269 -25.02 21.89 5.10
N CYS E 270 -24.28 21.49 6.11
CA CYS E 270 -23.14 20.60 5.90
C CYS E 270 -23.57 19.21 5.31
N GLU E 271 -24.73 18.73 5.73
CA GLU E 271 -25.37 17.56 5.16
C GLU E 271 -25.57 17.70 3.64
N THR E 272 -26.04 18.86 3.22
CA THR E 272 -26.28 19.15 1.82
C THR E 272 -25.00 19.03 0.98
N MET E 273 -23.88 19.46 1.54
CA MET E 273 -22.61 19.31 0.85
C MET E 273 -22.19 17.85 0.69
N ILE E 274 -22.45 17.03 1.70
CA ILE E 274 -22.12 15.61 1.63
C ILE E 274 -23.00 14.93 0.56
N LYS E 275 -24.30 15.25 0.53
CA LYS E 275 -25.17 14.76 -0.55
C LYS E 275 -24.65 15.11 -1.93
N THR E 276 -24.35 16.40 -2.12
CA THR E 276 -23.77 16.90 -3.36
C THR E 276 -22.58 16.05 -3.79
N LEU E 277 -21.65 15.85 -2.84
CA LEU E 277 -20.39 15.13 -3.14
C LEU E 277 -20.68 13.69 -3.53
N TYR E 278 -21.57 13.05 -2.80
CA TYR E 278 -21.90 11.66 -3.13
C TYR E 278 -22.56 11.60 -4.50
N THR E 279 -23.51 12.49 -4.76
CA THR E 279 -24.28 12.46 -6.02
C THR E 279 -23.41 12.81 -7.20
N LEU E 280 -22.50 13.78 -6.99
CA LEU E 280 -21.59 14.19 -8.06
C LEU E 280 -20.69 13.01 -8.43
N ASN E 281 -20.16 12.34 -7.42
CA ASN E 281 -19.32 11.15 -7.62
C ASN E 281 -20.06 10.02 -8.37
N LYS E 282 -21.30 9.74 -7.98
CA LYS E 282 -22.12 8.70 -8.63
C LYS E 282 -22.34 9.05 -10.10
N SER E 283 -22.63 10.32 -10.34
CA SER E 283 -22.82 10.83 -11.68
C SER E 283 -21.58 10.59 -12.58
N LEU E 284 -20.44 10.99 -12.07
CA LEU E 284 -19.20 10.83 -12.79
C LEU E 284 -18.84 9.38 -12.98
N GLU E 285 -19.01 8.55 -11.95
CA GLU E 285 -18.70 7.10 -12.08
C GLU E 285 -19.58 6.42 -13.12
N ALA E 286 -20.84 6.83 -13.22
CA ALA E 286 -21.75 6.31 -14.24
C ALA E 286 -21.29 6.58 -15.67
N LYS E 287 -20.48 7.61 -15.88
CA LYS E 287 -19.90 7.91 -17.19
C LYS E 287 -18.44 7.52 -17.29
N GLY E 288 -17.96 6.66 -16.41
CA GLY E 288 -16.54 6.29 -16.41
C GLY E 288 -15.51 7.32 -15.92
N TYR E 289 -15.96 8.38 -15.25
CA TYR E 289 -15.05 9.39 -14.72
C TYR E 289 -14.91 9.27 -13.22
N LYS E 290 -14.13 10.19 -12.66
CA LYS E 290 -13.87 10.23 -11.23
C LYS E 290 -14.03 11.66 -10.73
N LEU E 291 -14.10 11.81 -9.41
CA LEU E 291 -14.19 13.12 -8.78
C LEU E 291 -12.98 14.03 -9.13
N SER E 292 -11.80 13.42 -9.33
CA SER E 292 -10.59 14.14 -9.71
C SER E 292 -10.60 14.70 -11.13
N ASP E 293 -11.57 14.28 -11.96
CA ASP E 293 -11.77 14.87 -13.30
C ASP E 293 -12.46 16.23 -13.31
N VAL E 294 -13.06 16.63 -12.18
CA VAL E 294 -13.61 17.99 -12.03
C VAL E 294 -13.14 18.78 -10.80
N LEU E 295 -12.65 18.10 -9.76
CA LEU E 295 -12.12 18.79 -8.57
C LEU E 295 -10.61 18.58 -8.47
N SER E 296 -9.95 19.53 -7.81
CA SER E 296 -8.50 19.57 -7.67
C SER E 296 -7.98 18.49 -6.75
N VAL E 297 -6.73 18.09 -6.98
CA VAL E 297 -6.07 17.04 -6.22
C VAL E 297 -4.92 17.69 -5.48
N ALA E 298 -4.90 17.52 -4.15
CA ALA E 298 -3.89 18.16 -3.29
C ALA E 298 -2.49 17.88 -3.78
N ASN E 299 -1.71 18.95 -3.87
CA ASN E 299 -0.35 18.90 -4.33
C ASN E 299 -0.15 18.57 -5.82
N LYS E 300 -0.86 17.58 -6.37
CA LYS E 300 -0.66 17.18 -7.75
C LYS E 300 -1.14 18.18 -8.80
N ASP E 301 -2.16 18.98 -8.49
CA ASP E 301 -2.60 20.01 -9.41
C ASP E 301 -1.92 21.30 -9.06
N SER E 302 -0.78 21.52 -9.71
CA SER E 302 0.10 22.69 -9.49
C SER E 302 -0.57 24.01 -9.77
N ASP E 303 -1.49 24.03 -10.72
CA ASP E 303 -2.19 25.26 -11.06
C ASP E 303 -3.56 25.21 -10.38
N SER E 304 -3.57 25.24 -9.06
CA SER E 304 -4.83 25.13 -8.28
C SER E 304 -4.61 25.77 -6.93
N THR E 305 -5.72 26.00 -6.22
CA THR E 305 -5.63 26.59 -4.87
C THR E 305 -5.15 25.60 -3.79
N ILE E 306 -4.93 24.33 -4.13
CA ILE E 306 -4.44 23.36 -3.15
C ILE E 306 -3.16 22.76 -3.59
N ASP E 307 -2.46 23.47 -4.48
CA ASP E 307 -1.05 23.18 -4.83
C ASP E 307 -0.18 23.02 -3.59
N ASN E 308 -0.42 23.85 -2.59
CA ASN E 308 0.37 23.90 -1.36
C ASN E 308 -0.43 23.58 -0.11
N PHE E 309 -1.35 22.62 -0.24
CA PHE E 309 -2.06 22.04 0.88
C PHE E 309 -1.19 20.93 1.38
N GLY E 310 -0.19 21.25 2.16
CA GLY E 310 0.78 20.19 2.61
C GLY E 310 0.15 19.34 3.70
N GLY E 311 1.01 18.59 4.40
CA GLY E 311 0.57 17.61 5.35
C GLY E 311 0.31 16.27 4.67
N ASN E 312 -0.27 15.35 5.41
CA ASN E 312 -0.52 14.01 4.89
C ASN E 312 -1.64 13.95 3.84
N ALA E 313 -2.30 15.09 3.57
CA ALA E 313 -3.28 15.18 2.53
C ALA E 313 -2.63 15.15 1.15
N ALA E 314 -1.34 15.43 1.07
CA ALA E 314 -0.71 15.60 -0.22
C ALA E 314 -0.85 14.34 -1.06
N GLY E 315 -1.42 14.49 -2.26
CA GLY E 315 -1.64 13.36 -3.15
C GLY E 315 -2.76 12.44 -2.73
N SER E 316 -3.48 12.79 -1.67
CA SER E 316 -4.45 11.93 -1.06
C SER E 316 -5.79 12.58 -0.77
N MET E 317 -5.98 13.82 -1.21
CA MET E 317 -7.20 14.51 -1.03
C MET E 317 -7.60 15.13 -2.34
N ILE E 318 -8.89 15.02 -2.62
CA ILE E 318 -9.55 15.70 -3.73
C ILE E 318 -10.43 16.74 -3.06
N ALA E 319 -10.33 18.01 -3.47
CA ALA E 319 -11.06 19.04 -2.73
C ALA E 319 -11.23 20.34 -3.46
N LYS E 320 -12.22 21.11 -2.97
CA LYS E 320 -12.45 22.48 -3.37
C LYS E 320 -12.40 23.35 -2.13
N THR E 321 -11.69 24.47 -2.23
CA THR E 321 -11.55 25.47 -1.14
C THR E 321 -12.59 26.57 -1.28
N GLY E 322 -12.78 27.33 -0.22
CA GLY E 322 -13.60 28.51 -0.26
C GLY E 322 -13.14 29.58 0.68
N THR E 323 -13.30 30.83 0.25
CA THR E 323 -12.85 32.00 0.97
C THR E 323 -13.79 33.18 0.74
N VAL E 324 -14.46 33.66 1.78
CA VAL E 324 -15.11 34.97 1.80
C VAL E 324 -14.79 35.61 3.09
N ASN E 325 -15.21 36.86 3.30
CA ASN E 325 -14.86 37.57 4.49
C ASN E 325 -15.29 36.87 5.77
N LYS E 326 -16.46 36.24 5.70
CA LYS E 326 -17.06 35.56 6.87
C LYS E 326 -16.86 34.05 6.95
N ALA E 327 -16.14 33.46 5.99
CA ALA E 327 -16.00 32.01 6.00
C ALA E 327 -14.77 31.50 5.27
N LYS E 328 -14.32 30.34 5.75
CA LYS E 328 -13.26 29.58 5.18
C LYS E 328 -13.74 28.15 5.14
N THR E 329 -13.77 27.56 3.95
CA THR E 329 -14.48 26.29 3.79
C THR E 329 -13.65 25.31 2.92
N LEU E 330 -13.92 24.02 3.09
CA LEU E 330 -13.30 22.97 2.29
C LEU E 330 -14.25 21.81 2.14
N ALA E 331 -14.30 21.20 0.94
CA ALA E 331 -15.19 20.03 0.70
C ALA E 331 -14.61 19.10 -0.37
N GLY E 332 -14.76 17.80 -0.18
CA GLY E 332 -14.18 16.83 -1.11
C GLY E 332 -14.07 15.46 -0.52
N SER E 333 -12.98 14.77 -0.81
CA SER E 333 -12.74 13.45 -0.23
C SER E 333 -11.25 13.20 0.08
N ILE E 334 -11.02 12.33 1.06
CA ILE E 334 -9.69 11.97 1.49
C ILE E 334 -9.57 10.49 1.24
N SER E 335 -8.39 10.07 0.82
CA SER E 335 -8.13 8.65 0.51
C SER E 335 -7.16 8.13 1.56
N THR E 336 -7.58 7.13 2.31
CA THR E 336 -6.90 6.67 3.51
C THR E 336 -6.81 5.16 3.46
N LYS E 337 -6.03 4.58 4.35
CA LYS E 337 -5.92 3.13 4.40
C LYS E 337 -7.22 2.40 4.81
N GLU E 338 -8.21 3.12 5.34
CA GLU E 338 -9.55 2.58 5.56
C GLU E 338 -10.56 2.94 4.48
N GLY E 339 -10.10 3.45 3.34
CA GLY E 339 -10.95 3.79 2.22
C GLY E 339 -11.01 5.29 2.00
N GLU E 340 -11.88 5.68 1.07
CA GLU E 340 -12.17 7.06 0.79
C GLU E 340 -13.35 7.60 1.61
N PHE E 341 -13.28 8.87 2.00
CA PHE E 341 -14.30 9.52 2.86
C PHE E 341 -14.62 10.89 2.36
N TYR E 342 -15.92 11.17 2.20
CA TYR E 342 -16.37 12.52 1.83
C TYR E 342 -16.28 13.34 3.06
N PHE E 343 -16.03 14.62 2.88
CA PHE E 343 -16.05 15.55 4.00
C PHE E 343 -16.52 16.92 3.57
N ALA E 344 -16.99 17.70 4.52
CA ALA E 344 -17.14 19.14 4.35
C ALA E 344 -16.80 19.84 5.66
N ILE E 345 -16.04 20.92 5.58
CA ILE E 345 -15.58 21.67 6.77
C ILE E 345 -15.93 23.14 6.54
N LEU E 346 -16.70 23.73 7.46
CA LEU E 346 -17.14 25.11 7.34
C LEU E 346 -16.69 25.88 8.57
N LEU E 347 -15.82 26.89 8.36
CA LEU E 347 -15.36 27.80 9.43
C LEU E 347 -15.87 29.21 9.23
N HIS E 348 -16.10 29.87 10.35
CA HIS E 348 -16.39 31.28 10.35
C HIS E 348 -15.03 32.05 10.45
N THR E 349 -14.98 33.22 9.80
CA THR E 349 -13.91 34.23 9.92
C THR E 349 -14.54 35.63 9.98
N ASP E 350 -13.77 36.64 10.43
CA ASP E 350 -14.17 38.09 10.33
C ASP E 350 -12.97 38.93 9.85
N MET E 351 -12.85 39.09 8.54
CA MET E 351 -11.80 39.96 8.00
C MET E 351 -11.91 41.39 8.50
N ASP E 352 -13.12 41.88 8.75
CA ASP E 352 -13.30 43.22 9.30
C ASP E 352 -12.74 43.38 10.70
N GLN E 353 -12.56 42.30 11.44
CA GLN E 353 -11.81 42.33 12.71
C GLN E 353 -10.31 42.22 12.40
N SER E 354 -9.91 41.22 11.65
CA SER E 354 -8.53 41.10 11.20
C SER E 354 -8.41 40.25 9.96
N SER E 355 -7.63 40.73 9.00
CA SER E 355 -7.33 39.93 7.82
C SER E 355 -6.45 38.72 8.14
N SER E 356 -5.77 38.71 9.30
CA SER E 356 -5.05 37.51 9.73
C SER E 356 -5.94 36.28 9.94
N ASP E 357 -7.24 36.49 10.12
CA ASP E 357 -8.22 35.37 10.26
C ASP E 357 -8.15 34.37 9.10
N ARG E 358 -7.91 34.84 7.88
CA ARG E 358 -7.86 33.94 6.75
C ARG E 358 -6.76 32.89 6.88
N GLY E 359 -5.55 33.33 7.17
CA GLY E 359 -4.42 32.42 7.40
C GLY E 359 -4.62 31.44 8.57
N VAL E 360 -5.23 31.93 9.65
CA VAL E 360 -5.47 31.13 10.84
C VAL E 360 -6.48 30.01 10.47
N ALA E 361 -7.54 30.38 9.79
CA ALA E 361 -8.55 29.42 9.37
C ALA E 361 -7.99 28.36 8.45
N SER E 362 -7.14 28.79 7.52
CA SER E 362 -6.49 27.81 6.60
C SER E 362 -5.74 26.69 7.26
N GLN E 363 -4.87 27.03 8.21
CA GLN E 363 -4.07 26.00 8.86
C GLN E 363 -4.94 25.12 9.81
N MET E 364 -6.01 25.69 10.36
CA MET E 364 -6.91 24.92 11.18
C MET E 364 -7.58 23.83 10.30
N ILE E 365 -8.06 24.21 9.13
CA ILE E 365 -8.70 23.30 8.25
C ILE E 365 -7.71 22.19 7.85
N LYS E 366 -6.47 22.59 7.49
CA LYS E 366 -5.43 21.60 7.09
C LYS E 366 -5.12 20.60 8.16
N ASN E 367 -5.00 21.11 9.37
CA ASN E 367 -4.76 20.23 10.51
C ASN E 367 -5.95 19.30 10.82
N LYS E 368 -7.16 19.80 10.61
CA LYS E 368 -8.37 19.02 10.84
C LYS E 368 -8.36 17.87 9.86
N ILE E 369 -8.06 18.15 8.59
CA ILE E 369 -7.95 17.13 7.55
C ILE E 369 -6.88 16.08 7.90
N SER E 370 -5.72 16.55 8.37
CA SER E 370 -4.65 15.64 8.78
C SER E 370 -5.07 14.73 9.93
N GLN E 371 -5.77 15.30 10.90
CA GLN E 371 -6.31 14.54 12.00
C GLN E 371 -7.27 13.43 11.50
N LEU E 372 -8.18 13.79 10.60
CA LEU E 372 -9.14 12.82 10.07
C LEU E 372 -8.38 11.71 9.38
N ILE E 373 -7.35 12.07 8.63
CA ILE E 373 -6.49 11.08 7.98
C ILE E 373 -5.77 10.15 8.99
N ASN E 374 -5.16 10.75 10.02
CA ASN E 374 -4.54 9.99 11.10
C ASN E 374 -5.47 8.91 11.70
N LYS E 375 -6.71 9.31 12.01
CA LYS E 375 -7.73 8.44 12.59
C LYS E 375 -8.24 7.36 11.62
N ARG E 376 -7.99 7.53 10.34
CA ARG E 376 -8.29 6.51 9.38
C ARG E 376 -7.03 5.76 8.87
N SER E 377 -6.03 5.65 9.76
CA SER E 377 -4.81 4.87 9.53
C SER E 377 -3.89 5.41 8.42
N GLY E 378 -3.97 6.70 8.16
CA GLY E 378 -2.98 7.35 7.33
C GLY E 378 -3.37 7.40 5.89
N PRO E 379 -2.57 8.10 5.09
CA PRO E 379 -3.02 8.43 3.74
C PRO E 379 -2.78 7.27 2.81
N LYS E 380 -3.57 7.21 1.75
CA LYS E 380 -3.33 6.30 0.64
C LYS E 380 -3.33 7.13 -0.64
N GLU E 381 -2.21 7.16 -1.34
CA GLU E 381 -2.04 8.11 -2.44
C GLU E 381 -2.98 7.71 -3.61
N ILE E 382 -3.57 8.74 -4.23
CA ILE E 382 -4.59 8.56 -5.25
C ILE E 382 -3.98 8.28 -6.63
N GLN E 383 -4.60 7.36 -7.38
CA GLN E 383 -4.26 7.13 -8.80
C GLN E 383 -4.65 8.37 -9.67
N TYR E 384 -3.71 9.27 -10.01
CA TYR E 384 -4.04 10.52 -10.72
C TYR E 384 -2.84 11.13 -11.42
N THR E 385 -3.06 11.58 -12.66
CA THR E 385 -2.06 12.39 -13.40
C THR E 385 -2.69 13.76 -13.74
N GLU E 386 -1.90 14.80 -13.49
CA GLU E 386 -2.33 16.16 -13.55
C GLU E 386 -3.00 16.43 -14.87
N ILE E 387 -4.25 16.86 -14.82
CA ILE E 387 -4.96 17.31 -16.00
C ILE E 387 -4.47 18.71 -16.39
N LEU E 388 -4.10 18.88 -17.67
CA LEU E 388 -3.73 20.19 -18.20
C LEU E 388 -5.04 20.77 -18.75
N ALA E 389 -5.62 21.73 -18.03
CA ALA E 389 -7.00 22.14 -18.28
C ALA E 389 -7.13 23.36 -19.23
N LEU E 390 -6.95 23.11 -20.51
CA LEU E 390 -7.09 24.12 -21.52
C LEU E 390 -8.54 24.25 -21.99
N PRO E 391 -8.91 25.44 -22.50
CA PRO E 391 -10.30 25.63 -22.91
C PRO E 391 -10.60 25.06 -24.32
N PHE E 392 -9.63 24.41 -24.94
CA PHE E 392 -9.79 23.74 -26.23
C PHE E 392 -8.93 22.46 -26.22
N ASP E 393 -9.24 21.51 -27.09
CA ASP E 393 -8.49 20.28 -27.23
C ASP E 393 -8.47 19.85 -28.70
N GLN E 394 -8.12 18.59 -28.97
CA GLN E 394 -7.92 18.15 -30.36
C GLN E 394 -9.18 18.10 -31.20
N ASN E 395 -10.34 18.21 -30.58
CA ASN E 395 -11.59 18.30 -31.30
C ASN E 395 -12.12 19.72 -31.34
N SER E 396 -11.28 20.70 -31.04
CA SER E 396 -11.68 22.08 -31.12
C SER E 396 -11.40 22.73 -32.48
N TYR E 397 -10.64 22.08 -33.35
CA TYR E 397 -10.30 22.67 -34.67
C TYR E 397 -11.60 22.94 -35.45
N LEU E 398 -11.61 24.05 -36.18
CA LEU E 398 -12.79 24.47 -36.97
C LEU E 398 -13.24 23.42 -37.98
N THR E 399 -14.53 23.07 -37.95
CA THR E 399 -15.11 22.12 -38.90
C THR E 399 -16.37 22.74 -39.52
N GLU E 400 -16.76 22.25 -40.70
CA GLU E 400 -17.96 22.72 -41.38
C GLU E 400 -19.20 22.39 -40.50
N ALA E 401 -20.18 23.28 -40.45
CA ALA E 401 -21.39 23.09 -39.62
C ALA E 401 -22.25 21.83 -39.92
N LYS F 1 -3.26 58.52 4.93
CA LYS F 1 -4.58 58.20 4.33
C LYS F 1 -4.51 57.02 3.35
N SER F 2 -5.04 55.87 3.74
CA SER F 2 -5.03 54.71 2.84
C SER F 2 -6.25 54.76 1.95
N SER F 3 -6.24 53.92 0.92
CA SER F 3 -7.35 53.83 -0.04
C SER F 3 -8.02 52.44 -0.04
N LYS F 4 -9.28 52.41 0.35
CA LYS F 4 -10.11 51.20 0.29
C LYS F 4 -10.08 50.62 -1.10
N ALA F 5 -10.39 51.43 -2.12
CA ALA F 5 -10.40 50.94 -3.50
C ALA F 5 -9.08 50.27 -3.89
N LEU F 6 -7.96 50.86 -3.47
CA LEU F 6 -6.62 50.35 -3.81
C LEU F 6 -6.32 49.04 -3.09
N ASN F 7 -6.60 49.02 -1.80
CA ASN F 7 -6.45 47.81 -1.01
C ASN F 7 -7.29 46.64 -1.57
N GLU F 8 -8.54 46.90 -1.93
CA GLU F 8 -9.41 45.88 -2.55
C GLU F 8 -8.94 45.44 -3.93
N ALA F 9 -8.50 46.38 -4.73
CA ALA F 9 -7.89 46.06 -6.04
C ALA F 9 -6.63 45.21 -5.92
N ALA F 10 -5.78 45.53 -4.91
CA ALA F 10 -4.56 44.73 -4.65
C ALA F 10 -4.91 43.29 -4.26
N GLU F 11 -5.86 43.14 -3.35
CA GLU F 11 -6.29 41.82 -2.90
C GLU F 11 -6.86 40.98 -4.03
N GLN F 12 -7.68 41.60 -4.86
CA GLN F 12 -8.38 40.91 -5.94
C GLN F 12 -7.56 40.67 -7.19
N GLY F 13 -6.38 41.26 -7.32
CA GLY F 13 -5.59 41.05 -8.55
C GLY F 13 -5.94 41.92 -9.76
N ASP F 14 -6.61 43.06 -9.54
CA ASP F 14 -6.83 44.04 -10.61
C ASP F 14 -5.61 44.98 -10.73
N LEU F 15 -4.59 44.49 -11.43
CA LEU F 15 -3.35 45.27 -11.70
C LEU F 15 -3.64 46.60 -12.39
N ALA F 16 -4.53 46.58 -13.41
CA ALA F 16 -4.87 47.79 -14.16
C ALA F 16 -5.38 48.89 -13.22
N LYS F 17 -6.28 48.51 -12.32
CA LYS F 17 -6.87 49.45 -11.38
C LYS F 17 -5.86 49.94 -10.34
N VAL F 18 -4.94 49.07 -9.92
CA VAL F 18 -3.89 49.45 -8.98
C VAL F 18 -2.97 50.48 -9.57
N LYS F 19 -2.42 50.19 -10.74
CA LYS F 19 -1.58 51.14 -11.49
C LYS F 19 -2.31 52.45 -11.75
N ASN F 20 -3.58 52.37 -12.09
CA ASN F 20 -4.37 53.56 -12.34
C ASN F 20 -4.45 54.47 -11.11
N LEU F 21 -4.75 53.89 -9.96
CA LEU F 21 -4.92 54.67 -8.72
C LEU F 21 -3.58 55.21 -8.18
N VAL F 22 -2.52 54.43 -8.34
CA VAL F 22 -1.15 54.82 -7.92
C VAL F 22 -0.55 55.90 -8.86
N GLN F 23 -0.91 55.86 -10.15
CA GLN F 23 -0.48 56.91 -11.07
C GLN F 23 -0.98 58.29 -10.75
N LYS F 24 -2.24 58.44 -10.32
CA LYS F 24 -2.74 59.78 -9.94
C LYS F 24 -1.85 60.39 -8.80
N ASN F 25 -1.20 59.52 -8.00
CA ASN F 25 -0.13 59.89 -7.05
C ASN F 25 -0.66 60.49 -5.72
N LYS F 26 -1.91 60.20 -5.38
CA LYS F 26 -2.53 60.72 -4.16
C LYS F 26 -2.20 59.87 -2.95
N ILE F 27 -1.91 58.59 -3.19
CA ILE F 27 -1.93 57.59 -2.12
C ILE F 27 -0.52 57.29 -1.57
N ASP F 28 -0.37 57.45 -0.26
CA ASP F 28 0.78 56.97 0.47
C ASP F 28 0.65 55.45 0.61
N LEU F 29 1.56 54.70 -0.02
CA LEU F 29 1.47 53.24 -0.12
C LEU F 29 1.85 52.53 1.16
N ASN F 30 2.37 53.28 2.12
CA ASN F 30 2.68 52.82 3.48
C ASN F 30 1.62 53.20 4.50
N ALA F 31 0.62 53.97 4.08
CA ALA F 31 -0.57 54.21 4.89
C ALA F 31 -1.35 52.90 5.19
N GLN F 32 -1.61 52.67 6.48
CA GLN F 32 -2.28 51.46 7.01
C GLN F 32 -3.74 51.79 7.31
N ASP F 33 -4.65 50.84 7.04
CA ASP F 33 -6.10 51.07 7.21
C ASP F 33 -6.51 50.85 8.67
N GLU F 34 -7.81 50.81 8.96
CA GLU F 34 -8.26 50.73 10.36
C GLU F 34 -7.89 49.40 11.08
N THR F 35 -7.54 48.35 10.34
CA THR F 35 -6.96 47.11 10.94
C THR F 35 -5.44 46.95 10.76
N GLY F 36 -4.76 48.01 10.29
CA GLY F 36 -3.34 47.95 10.03
C GLY F 36 -2.90 47.43 8.68
N MET F 37 -3.82 47.22 7.76
CA MET F 37 -3.49 46.65 6.45
C MET F 37 -2.91 47.67 5.46
N THR F 38 -1.89 47.24 4.71
CA THR F 38 -1.26 48.01 3.61
C THR F 38 -1.63 47.40 2.24
N PRO F 39 -1.51 48.20 1.17
CA PRO F 39 -1.64 47.59 -0.17
C PRO F 39 -0.75 46.34 -0.41
N LEU F 40 0.47 46.36 0.10
CA LEU F 40 1.40 45.25 -0.07
C LEU F 40 0.86 43.97 0.60
N MET F 41 0.35 44.12 1.82
CA MET F 41 -0.27 43.01 2.55
C MET F 41 -1.45 42.41 1.75
N ASN F 42 -2.29 43.28 1.24
CA ASN F 42 -3.41 42.82 0.46
C ASN F 42 -2.96 42.09 -0.78
N ALA F 43 -1.95 42.63 -1.49
CA ALA F 43 -1.42 42.01 -2.70
C ALA F 43 -0.86 40.62 -2.36
N ALA F 44 -0.14 40.52 -1.26
CA ALA F 44 0.47 39.26 -0.84
C ALA F 44 -0.62 38.26 -0.43
N MET F 45 -1.54 38.71 0.40
CA MET F 45 -2.66 37.86 0.85
C MET F 45 -3.41 37.24 -0.35
N GLY F 46 -3.67 38.05 -1.37
CA GLY F 46 -4.37 37.60 -2.56
C GLY F 46 -3.55 36.81 -3.58
N GLY F 47 -2.26 36.61 -3.34
CA GLY F 47 -1.39 35.85 -4.23
C GLY F 47 -1.14 36.45 -5.61
N ASN F 48 -1.06 37.77 -5.66
CA ASN F 48 -1.00 38.54 -6.90
C ASN F 48 0.44 39.07 -7.11
N LEU F 49 1.28 38.21 -7.70
CA LEU F 49 2.71 38.46 -7.88
C LEU F 49 3.04 39.72 -8.72
N ASP F 50 2.19 39.99 -9.70
CA ASP F 50 2.25 41.20 -10.48
C ASP F 50 2.15 42.43 -9.65
N ILE F 51 1.11 42.49 -8.82
CA ILE F 51 0.85 43.67 -7.99
C ILE F 51 1.95 43.86 -6.93
N VAL F 52 2.46 42.76 -6.40
CA VAL F 52 3.59 42.83 -5.48
C VAL F 52 4.80 43.47 -6.16
N LYS F 53 5.16 42.96 -7.33
CA LYS F 53 6.32 43.47 -8.05
C LYS F 53 6.20 44.95 -8.37
N PHE F 54 4.99 45.35 -8.77
CA PHE F 54 4.73 46.75 -9.01
C PHE F 54 4.89 47.58 -7.72
N LEU F 55 4.34 47.10 -6.62
CA LEU F 55 4.45 47.83 -5.34
C LEU F 55 5.92 47.87 -4.86
N LEU F 56 6.65 46.79 -5.07
CA LEU F 56 8.07 46.72 -4.70
C LEU F 56 8.90 47.66 -5.53
N SER F 57 8.47 47.93 -6.75
CA SER F 57 9.12 48.98 -7.58
C SER F 57 8.96 50.40 -7.03
N LYS F 58 7.97 50.62 -6.16
CA LYS F 58 7.80 51.89 -5.45
C LYS F 58 8.53 51.96 -4.09
N LYS F 59 9.24 50.89 -3.72
CA LYS F 59 10.03 50.80 -2.46
C LYS F 59 9.21 51.01 -1.20
N VAL F 60 8.13 50.27 -1.13
CA VAL F 60 7.29 50.25 0.05
C VAL F 60 8.02 49.62 1.22
N ASN F 61 7.58 49.94 2.41
CA ASN F 61 8.09 49.35 3.66
C ASN F 61 7.63 47.89 3.83
N LEU F 62 8.61 46.99 3.89
CA LEU F 62 8.33 45.55 3.91
C LEU F 62 7.87 45.07 5.26
N GLU F 63 8.23 45.81 6.30
CA GLU F 63 8.10 45.33 7.68
C GLU F 63 6.94 45.89 8.51
N LEU F 64 6.07 46.68 7.90
CA LEU F 64 4.86 47.09 8.57
C LEU F 64 4.01 45.85 8.93
N LYS F 65 3.28 45.95 10.03
CA LYS F 65 2.47 44.85 10.55
C LYS F 65 1.03 45.29 10.71
N ASN F 66 0.10 44.38 10.35
CA ASN F 66 -1.32 44.63 10.61
C ASN F 66 -1.61 44.43 12.11
N ASN F 67 -2.86 44.63 12.52
CA ASN F 67 -3.27 44.37 13.92
C ASN F 67 -2.93 42.95 14.43
N GLY F 68 -2.94 41.96 13.53
CA GLY F 68 -2.53 40.58 13.82
C GLY F 68 -1.02 40.32 13.86
N GLY F 69 -0.20 41.37 13.77
CA GLY F 69 1.25 41.26 13.95
C GLY F 69 2.01 40.77 12.73
N GLU F 70 1.32 40.67 11.60
CA GLU F 70 1.84 40.01 10.41
C GLU F 70 2.34 41.01 9.39
N THR F 71 3.54 40.74 8.86
CA THR F 71 4.06 41.44 7.70
C THR F 71 3.47 40.84 6.40
N ALA F 72 3.70 41.54 5.30
CA ALA F 72 3.33 41.04 3.97
C ALA F 72 3.85 39.63 3.71
N LEU F 73 5.13 39.40 4.09
CA LEU F 73 5.69 38.06 3.95
C LEU F 73 4.82 37.01 4.67
N ALA F 74 4.39 37.34 5.89
CA ALA F 74 3.53 36.45 6.67
C ALA F 74 2.15 36.23 5.98
N PHE F 75 1.56 37.29 5.41
CA PHE F 75 0.35 37.12 4.63
C PHE F 75 0.56 36.17 3.46
N ALA F 76 1.66 36.32 2.75
CA ALA F 76 1.94 35.47 1.60
C ALA F 76 2.05 33.99 2.00
N VAL F 77 2.90 33.71 3.00
CA VAL F 77 3.10 32.34 3.47
C VAL F 77 1.82 31.73 4.00
N THR F 78 1.12 32.44 4.89
CA THR F 78 -0.09 31.90 5.54
C THR F 78 -1.22 31.64 4.54
N ASN F 79 -1.24 32.39 3.44
CA ASN F 79 -2.23 32.18 2.39
C ASN F 79 -1.73 31.44 1.14
N ASP F 80 -0.66 30.67 1.29
CA ASP F 80 -0.14 29.79 0.21
C ASP F 80 0.27 30.50 -1.12
N ALA F 81 0.67 31.76 -1.02
CA ALA F 81 1.16 32.53 -2.14
C ALA F 81 2.68 32.46 -2.08
N TYR F 82 3.22 31.28 -2.33
CA TYR F 82 4.66 31.02 -2.15
C TYR F 82 5.53 31.62 -3.23
N ASP F 83 4.99 31.79 -4.44
CA ASP F 83 5.66 32.61 -5.46
C ASP F 83 5.88 34.07 -4.95
N VAL F 84 4.89 34.64 -4.25
CA VAL F 84 5.01 35.97 -3.62
C VAL F 84 6.00 35.95 -2.47
N ALA F 85 5.96 34.90 -1.66
CA ALA F 85 6.90 34.74 -0.57
C ALA F 85 8.35 34.79 -1.09
N GLU F 86 8.63 34.04 -2.15
CA GLU F 86 9.98 34.03 -2.74
C GLU F 86 10.42 35.42 -3.22
N GLU F 87 9.51 36.18 -3.84
CA GLU F 87 9.81 37.51 -4.33
C GLU F 87 10.13 38.43 -3.18
N LEU F 88 9.27 38.41 -2.17
CA LEU F 88 9.50 39.21 -0.96
C LEU F 88 10.86 38.88 -0.29
N ILE F 89 11.21 37.59 -0.21
CA ILE F 89 12.45 37.19 0.45
C ILE F 89 13.64 37.72 -0.35
N LYS F 90 13.59 37.61 -1.67
CA LYS F 90 14.63 38.22 -2.52
C LYS F 90 14.72 39.74 -2.38
N ALA F 91 13.58 40.40 -2.13
CA ALA F 91 13.57 41.83 -1.94
C ALA F 91 14.10 42.27 -0.57
N GLY F 92 14.47 41.34 0.31
CA GLY F 92 14.99 41.65 1.68
C GLY F 92 13.99 41.54 2.85
N ALA F 93 12.83 40.93 2.65
CA ALA F 93 11.84 40.79 3.74
C ALA F 93 12.44 39.95 4.85
N ASN F 94 12.23 40.39 6.07
CA ASN F 94 12.67 39.64 7.22
C ASN F 94 11.88 38.31 7.32
N VAL F 95 12.62 37.22 7.43
CA VAL F 95 12.08 35.87 7.59
C VAL F 95 12.00 35.37 9.03
N ASP F 96 12.72 36.00 9.94
CA ASP F 96 12.60 35.70 11.36
C ASP F 96 11.40 36.44 11.92
N ILE F 97 10.21 35.99 11.57
CA ILE F 97 8.97 36.61 12.04
C ILE F 97 7.96 35.55 12.51
N ILE F 98 6.89 36.04 13.13
CA ILE F 98 5.83 35.21 13.70
C ILE F 98 4.61 35.38 12.83
N VAL F 99 3.89 34.29 12.53
CA VAL F 99 2.58 34.39 11.88
C VAL F 99 1.52 34.45 12.98
N ALA F 100 0.33 34.95 12.64
CA ALA F 100 -0.75 35.15 13.60
C ALA F 100 -1.31 33.83 14.15
N GLY F 101 -2.10 33.97 15.22
CA GLY F 101 -2.65 32.82 15.94
C GLY F 101 -2.07 32.66 17.33
N ASP F 102 -2.72 31.84 18.13
CA ASP F 102 -2.43 31.70 19.57
C ASP F 102 -1.11 31.04 19.85
N GLU F 103 -0.59 30.31 18.88
CA GLU F 103 0.58 29.48 19.08
C GLU F 103 1.90 30.26 18.93
N GLY F 104 1.88 31.38 18.20
CA GLY F 104 3.09 32.13 17.83
C GLY F 104 4.01 31.37 16.88
N ASP F 105 3.41 30.63 15.94
CA ASP F 105 4.19 29.83 15.00
C ASP F 105 5.22 30.73 14.26
N THR F 106 6.43 30.22 14.02
CA THR F 106 7.40 30.96 13.22
C THR F 106 6.97 30.85 11.76
N LEU F 107 7.36 31.84 10.98
CA LEU F 107 7.20 31.76 9.54
C LEU F 107 7.75 30.46 8.97
N PHE F 108 8.93 30.06 9.45
CA PHE F 108 9.58 28.83 9.00
C PHE F 108 8.69 27.58 9.22
N MET F 109 8.11 27.50 10.42
CA MET F 109 7.12 26.46 10.76
C MET F 109 5.97 26.38 9.77
N ARG F 110 5.37 27.51 9.46
CA ARG F 110 4.21 27.50 8.54
C ARG F 110 4.63 27.06 7.11
N ALA F 111 5.77 27.56 6.63
CA ALA F 111 6.34 27.13 5.37
C ALA F 111 6.76 25.66 5.36
N ALA F 112 7.38 25.20 6.43
CA ALA F 112 7.79 23.79 6.51
C ALA F 112 6.62 22.83 6.38
N GLN F 113 5.43 23.21 6.87
CA GLN F 113 4.28 22.31 6.69
C GLN F 113 3.75 22.25 5.27
N ASN F 114 4.07 23.26 4.45
CA ASN F 114 3.29 23.52 3.21
C ASN F 114 4.08 23.62 1.90
N ASN F 115 5.28 24.23 1.95
CA ASN F 115 6.13 24.42 0.78
C ASN F 115 7.64 24.26 1.08
N LYS F 116 8.22 23.15 0.63
CA LYS F 116 9.62 22.81 0.90
C LYS F 116 10.60 23.89 0.37
N LYS F 117 10.33 24.48 -0.79
CA LYS F 117 11.22 25.49 -1.37
C LYS F 117 11.33 26.78 -0.56
N THR F 118 10.20 27.32 -0.10
CA THR F 118 10.22 28.51 0.73
C THR F 118 10.78 28.21 2.12
N ALA F 119 10.58 26.98 2.61
CA ALA F 119 11.19 26.55 3.86
C ALA F 119 12.71 26.63 3.74
N GLU F 120 13.23 26.17 2.61
CA GLU F 120 14.67 26.26 2.36
C GLU F 120 15.18 27.69 2.19
N SER F 121 14.41 28.55 1.51
CA SER F 121 14.81 29.94 1.33
C SER F 121 14.92 30.68 2.65
N ILE F 122 14.02 30.34 3.59
CA ILE F 122 14.03 30.91 4.95
C ILE F 122 15.28 30.46 5.70
N LEU F 123 15.56 29.17 5.70
CA LEU F 123 16.75 28.62 6.36
C LEU F 123 18.08 29.11 5.75
N ALA F 124 18.09 29.39 4.44
CA ALA F 124 19.25 29.98 3.77
C ALA F 124 19.60 31.37 4.35
N LYS F 125 18.60 32.09 4.87
CA LYS F 125 18.83 33.37 5.56
C LYS F 125 19.25 33.18 7.01
N ASN F 126 18.74 32.15 7.69
CA ASN F 126 19.03 31.90 9.10
C ASN F 126 18.83 30.42 9.46
N LYS F 127 19.91 29.65 9.40
CA LYS F 127 19.86 28.21 9.74
C LYS F 127 19.28 27.86 11.09
N SER F 128 19.47 28.71 12.10
CA SER F 128 18.99 28.38 13.45
C SER F 128 17.44 28.34 13.58
N LEU F 129 16.73 28.92 12.62
CA LEU F 129 15.27 28.86 12.64
C LEU F 129 14.72 27.43 12.64
N ILE F 130 15.48 26.44 12.15
CA ILE F 130 15.05 25.04 12.20
C ILE F 130 14.55 24.62 13.60
N ASN F 131 15.24 25.10 14.62
CA ASN F 131 14.96 24.75 16.02
C ASN F 131 14.33 25.85 16.87
N LYS F 132 13.85 26.93 16.23
CA LYS F 132 13.26 28.05 16.96
C LYS F 132 11.80 27.74 17.28
N ALA F 133 11.49 27.74 18.57
CA ALA F 133 10.20 27.26 19.05
C ALA F 133 9.20 28.39 19.07
N ASN F 134 7.94 28.03 18.93
CA ASN F 134 6.83 28.97 19.14
C ASN F 134 6.54 29.18 20.65
N THR F 135 5.45 29.87 20.99
CA THR F 135 5.08 30.21 22.38
C THR F 135 4.79 29.01 23.29
N LEU F 136 4.41 27.88 22.71
CA LEU F 136 4.20 26.64 23.46
C LEU F 136 5.43 25.75 23.52
N GLY F 137 6.58 26.23 23.07
CA GLY F 137 7.79 25.41 22.98
C GLY F 137 7.83 24.35 21.88
N GLU F 138 7.15 24.60 20.76
CA GLU F 138 7.10 23.65 19.65
C GLU F 138 7.76 24.21 18.39
N THR F 139 8.39 23.31 17.65
CA THR F 139 9.05 23.64 16.37
C THR F 139 8.33 22.94 15.27
N ALA F 140 8.84 23.15 14.06
CA ALA F 140 8.32 22.50 12.86
C ALA F 140 8.20 20.99 13.01
N LEU F 141 9.20 20.38 13.63
CA LEU F 141 9.20 18.93 13.84
C LEU F 141 7.91 18.46 14.59
N PHE F 142 7.43 19.26 15.55
CA PHE F 142 6.22 18.96 16.30
C PHE F 142 4.98 19.05 15.39
N ALA F 143 4.91 20.11 14.60
CA ALA F 143 3.78 20.29 13.68
C ALA F 143 3.62 19.19 12.67
N VAL F 144 4.73 18.83 12.04
CA VAL F 144 4.70 17.85 10.99
C VAL F 144 4.56 16.45 11.64
N ALA F 145 5.11 16.26 12.87
CA ALA F 145 4.88 15.02 13.61
C ALA F 145 3.39 14.73 13.83
N ARG F 146 2.61 15.78 14.12
CA ARG F 146 1.16 15.61 14.22
C ARG F 146 0.53 15.41 12.86
N TYR F 147 0.86 16.29 11.91
CA TYR F 147 0.02 16.49 10.72
C TYR F 147 0.70 16.33 9.37
N GLY F 148 1.93 15.83 9.37
CA GLY F 148 2.74 15.69 8.18
C GLY F 148 3.11 14.27 7.89
N THR F 149 4.24 14.10 7.20
CA THR F 149 4.66 12.83 6.64
C THR F 149 6.10 12.49 7.02
N PRO F 150 6.48 11.22 6.84
CA PRO F 150 7.88 10.82 7.02
C PRO F 150 8.88 11.67 6.23
N ALA F 151 8.56 11.95 4.97
CA ALA F 151 9.34 12.83 4.12
C ALA F 151 9.55 14.19 4.79
N ASP F 152 8.51 14.72 5.43
CA ASP F 152 8.66 15.99 6.16
C ASP F 152 9.68 15.82 7.33
N ILE F 153 9.53 14.73 8.07
CA ILE F 153 10.39 14.47 9.20
C ILE F 153 11.85 14.45 8.74
N ASP F 154 12.18 13.61 7.77
CA ASP F 154 13.59 13.52 7.37
C ASP F 154 14.10 14.79 6.65
N PHE F 155 13.23 15.57 6.03
CA PHE F 155 13.65 16.88 5.56
C PHE F 155 14.18 17.71 6.75
N LEU F 156 13.39 17.76 7.83
CA LEU F 156 13.75 18.54 9.01
C LEU F 156 14.95 17.94 9.77
N ILE F 157 15.04 16.61 9.85
CA ILE F 157 16.25 15.97 10.43
C ILE F 157 17.51 16.40 9.65
N LYS F 158 17.43 16.39 8.33
CA LYS F 158 18.55 16.73 7.44
C LYS F 158 19.00 18.19 7.55
N LYS F 159 18.07 19.07 7.90
CA LYS F 159 18.34 20.49 8.18
C LYS F 159 18.75 20.75 9.64
N GLY F 160 18.86 19.69 10.44
CA GLY F 160 19.41 19.75 11.76
C GLY F 160 18.37 19.89 12.84
N ALA F 161 17.15 19.41 12.62
CA ALA F 161 16.18 19.48 13.71
C ALA F 161 16.59 18.59 14.88
N ASP F 162 16.27 19.01 16.09
CA ASP F 162 16.72 18.33 17.30
C ASP F 162 15.58 17.47 17.82
N LEU F 163 15.75 16.16 17.68
CA LEU F 163 14.75 15.17 18.05
C LEU F 163 14.31 15.22 19.51
N LYS F 164 15.23 15.62 20.40
CA LYS F 164 15.01 15.48 21.84
C LYS F 164 14.46 16.78 22.48
N LEU F 165 14.12 17.83 21.70
CA LEU F 165 13.50 19.02 22.29
C LEU F 165 12.11 18.70 22.86
N LYS F 166 11.84 19.27 24.02
CA LYS F 166 10.54 19.12 24.65
C LYS F 166 9.79 20.44 24.62
N ASN F 167 8.49 20.34 24.42
CA ASN F 167 7.63 21.50 24.52
C ASN F 167 7.37 21.83 25.98
N LYS F 168 6.59 22.88 26.20
CA LYS F 168 6.27 23.30 27.57
C LYS F 168 5.46 22.33 28.40
N LYS F 169 4.79 21.35 27.79
CA LYS F 169 4.18 20.24 28.52
C LYS F 169 5.10 19.05 28.72
N GLY F 170 6.36 19.17 28.30
CA GLY F 170 7.34 18.09 28.45
C GLY F 170 7.27 16.99 27.41
N GLN F 171 6.56 17.22 26.30
CA GLN F 171 6.43 16.24 25.24
C GLN F 171 7.51 16.44 24.18
N THR F 172 8.01 15.33 23.63
CA THR F 172 8.82 15.34 22.40
C THR F 172 7.90 15.32 21.17
N ALA F 173 8.52 15.48 20.00
CA ALA F 173 7.81 15.34 18.73
C ALA F 173 7.22 13.93 18.59
N LEU F 174 8.01 12.94 18.99
CA LEU F 174 7.53 11.55 19.03
C LEU F 174 6.27 11.43 19.88
N ASP F 175 6.28 12.05 21.06
CA ASP F 175 5.10 11.98 21.93
C ASP F 175 3.88 12.58 21.28
N VAL F 176 4.03 13.73 20.64
CA VAL F 176 2.88 14.42 20.01
C VAL F 176 2.38 13.67 18.74
N ALA F 177 3.28 13.00 18.00
CA ALA F 177 2.90 12.09 16.91
C ALA F 177 1.99 10.98 17.39
N LYS F 178 2.34 10.40 18.55
CA LYS F 178 1.55 9.30 19.12
C LYS F 178 0.22 9.80 19.62
N GLU F 179 0.24 10.93 20.31
CA GLU F 179 -0.98 11.56 20.81
C GLU F 179 -1.93 11.93 19.65
N ALA F 180 -1.37 12.30 18.49
CA ALA F 180 -2.15 12.58 17.30
C ALA F 180 -2.57 11.37 16.46
N SER F 181 -2.13 10.17 16.83
CA SER F 181 -2.34 8.90 16.09
C SER F 181 -1.76 8.93 14.69
N ASN F 182 -0.69 9.68 14.50
CA ASN F 182 0.04 9.67 13.23
C ASN F 182 1.08 8.54 13.31
N GLN F 183 0.65 7.34 12.91
CA GLN F 183 1.47 6.13 13.05
C GLN F 183 2.71 6.26 12.14
N ASP F 184 2.56 6.93 10.98
CA ASP F 184 3.64 7.04 9.98
C ASP F 184 4.79 7.89 10.48
N THR F 185 4.51 9.07 11.01
CA THR F 185 5.55 9.91 11.60
C THR F 185 6.09 9.33 12.91
N ALA F 186 5.21 8.71 13.70
CA ALA F 186 5.62 8.07 14.95
C ALA F 186 6.70 7.04 14.65
N LYS F 187 6.41 6.18 13.69
CA LYS F 187 7.38 5.20 13.24
C LYS F 187 8.68 5.84 12.83
N ALA F 188 8.62 6.81 11.93
CA ALA F 188 9.81 7.50 11.41
C ALA F 188 10.62 8.16 12.52
N LEU F 189 9.96 8.76 13.49
CA LEU F 189 10.65 9.38 14.60
C LEU F 189 11.27 8.35 15.54
N SER F 190 10.52 7.30 15.87
CA SER F 190 10.94 6.32 16.87
C SER F 190 12.03 5.37 16.36
N LYS F 191 12.23 5.29 15.03
CA LYS F 191 13.42 4.61 14.49
C LYS F 191 14.65 5.51 14.53
N LYS F 192 14.48 6.82 14.25
CA LYS F 192 15.58 7.86 14.39
C LYS F 192 16.14 7.94 15.85
N LYS F 193 17.35 8.51 15.97
CA LYS F 193 18.14 8.57 17.22
C LYS F 193 19.01 9.83 17.43
N MET G 1 9.06 -32.19 -20.80
CA MET G 1 10.00 -31.64 -19.78
C MET G 1 9.91 -30.12 -19.71
N VAL G 2 10.05 -29.58 -18.49
CA VAL G 2 9.96 -28.13 -18.24
C VAL G 2 11.21 -27.64 -17.53
N TYR G 3 11.83 -26.61 -18.11
CA TYR G 3 13.04 -26.05 -17.56
C TYR G 3 13.35 -24.68 -18.10
N VAL G 4 14.17 -23.97 -17.35
CA VAL G 4 14.57 -22.63 -17.66
C VAL G 4 15.58 -22.67 -18.81
N ASN G 5 15.27 -22.02 -19.91
CA ASN G 5 16.27 -21.70 -20.94
C ASN G 5 17.13 -20.53 -20.50
N SER G 6 16.49 -19.47 -20.06
CA SER G 6 17.14 -18.21 -19.89
C SER G 6 16.24 -17.23 -19.12
N VAL G 7 16.83 -16.41 -18.24
CA VAL G 7 16.15 -15.31 -17.55
C VAL G 7 17.05 -14.06 -17.54
N CYS G 8 16.47 -12.89 -17.80
CA CYS G 8 17.18 -11.62 -17.78
C CYS G 8 16.40 -10.62 -17.05
N HIS G 9 17.10 -9.72 -16.38
CA HIS G 9 16.47 -8.52 -15.90
C HIS G 9 17.47 -7.36 -15.76
N MET G 10 16.92 -6.16 -15.87
CA MET G 10 17.70 -4.91 -15.99
C MET G 10 16.80 -3.79 -15.47
N LYS G 11 17.37 -2.91 -14.68
CA LYS G 11 16.62 -1.80 -14.16
C LYS G 11 16.29 -0.81 -15.26
N ALA G 12 15.06 -0.27 -15.20
CA ALA G 12 14.61 0.73 -16.16
C ALA G 12 15.15 2.07 -15.76
N ALA G 13 15.98 2.65 -16.62
CA ALA G 13 16.65 3.90 -16.33
C ALA G 13 16.96 4.60 -17.62
N ALA G 14 17.69 5.70 -17.55
CA ALA G 14 18.08 6.44 -18.76
C ALA G 14 19.01 5.63 -19.67
N THR G 15 19.72 4.66 -19.08
CA THR G 15 20.66 3.82 -19.80
C THR G 15 20.27 2.35 -19.62
N ALA G 16 20.72 1.54 -20.56
CA ALA G 16 20.55 0.09 -20.48
C ALA G 16 21.78 -0.51 -19.80
N GLY G 17 21.69 -0.70 -18.48
CA GLY G 17 22.85 -1.01 -17.62
C GLY G 17 23.06 -2.47 -17.20
N LYS G 18 23.22 -2.71 -15.89
CA LYS G 18 23.52 -4.05 -15.41
C LYS G 18 22.41 -5.04 -15.71
N VAL G 19 22.78 -6.19 -16.25
CA VAL G 19 21.83 -7.27 -16.48
C VAL G 19 22.20 -8.51 -15.70
N GLU G 20 21.23 -9.09 -15.00
CA GLU G 20 21.42 -10.32 -14.24
C GLU G 20 20.29 -11.31 -14.57
N GLY G 21 20.43 -12.53 -14.11
CA GLY G 21 19.52 -13.59 -14.51
C GLY G 21 20.09 -14.99 -14.45
N GLU G 22 19.68 -15.84 -15.39
CA GLU G 22 20.01 -17.28 -15.37
C GLU G 22 20.23 -17.73 -16.76
N GLY G 23 21.17 -18.64 -16.94
CA GLY G 23 21.44 -19.22 -18.25
C GLY G 23 22.19 -18.29 -19.14
N ASP G 24 22.21 -18.65 -20.41
CA ASP G 24 22.99 -17.97 -21.42
C ASP G 24 22.10 -16.91 -22.03
N MET G 25 22.40 -15.66 -21.72
CA MET G 25 21.71 -14.52 -22.29
C MET G 25 21.92 -14.34 -23.77
N GLN G 26 22.96 -14.98 -24.31
CA GLN G 26 23.31 -14.77 -25.71
C GLN G 26 22.96 -15.95 -26.57
N LYS G 27 22.16 -16.87 -26.05
CA LYS G 27 21.77 -18.04 -26.83
C LYS G 27 20.34 -17.84 -27.33
N LYS G 28 20.14 -18.12 -28.62
CA LYS G 28 18.81 -18.03 -29.21
C LYS G 28 17.89 -19.13 -28.71
N PHE G 29 16.68 -18.75 -28.31
CA PHE G 29 15.67 -19.71 -27.89
C PHE G 29 14.35 -19.31 -28.50
N PRO G 30 13.46 -20.29 -28.67
CA PRO G 30 12.12 -19.95 -29.16
C PRO G 30 11.41 -18.94 -28.29
N LEU G 31 10.83 -17.93 -28.93
CA LEU G 31 10.17 -16.80 -28.22
C LEU G 31 8.73 -17.02 -27.94
N ALA G 32 8.06 -17.82 -28.78
CA ALA G 32 6.61 -17.83 -28.77
C ALA G 32 6.16 -16.36 -28.87
N ALA G 33 5.04 -16.01 -28.25
CA ALA G 33 4.40 -14.74 -28.54
C ALA G 33 5.11 -13.54 -27.96
N ILE G 34 6.18 -13.68 -27.22
CA ILE G 34 6.90 -12.45 -26.87
C ILE G 34 7.53 -11.85 -28.14
N SER G 35 7.59 -12.64 -29.24
CA SER G 35 7.85 -12.13 -30.59
C SER G 35 7.04 -10.89 -30.93
N LYS G 36 5.81 -10.83 -30.42
CA LYS G 36 4.95 -9.70 -30.65
C LYS G 36 5.45 -8.40 -30.07
N VAL G 37 6.24 -8.49 -29.01
CA VAL G 37 6.85 -7.28 -28.43
C VAL G 37 7.75 -6.66 -29.48
N ILE G 38 8.46 -7.50 -30.22
CA ILE G 38 9.40 -7.02 -31.22
C ILE G 38 8.62 -6.50 -32.42
N THR G 39 7.62 -7.25 -32.85
CA THR G 39 6.73 -6.82 -33.94
C THR G 39 6.10 -5.46 -33.62
N THR G 40 5.68 -5.30 -32.37
CA THR G 40 5.18 -4.03 -31.82
C THR G 40 6.17 -2.84 -31.93
N LEU G 41 7.43 -3.07 -31.56
CA LEU G 41 8.46 -2.05 -31.71
C LEU G 41 8.68 -1.69 -33.22
N TRP G 42 8.74 -2.71 -34.09
CA TRP G 42 8.96 -2.50 -35.52
C TRP G 42 7.81 -1.68 -36.12
N ALA G 43 6.57 -2.06 -35.80
CA ALA G 43 5.39 -1.31 -36.28
C ALA G 43 5.43 0.15 -35.84
N ILE G 44 5.68 0.39 -34.55
CA ILE G 44 5.78 1.75 -34.05
C ILE G 44 6.89 2.52 -34.73
N GLU G 45 8.04 1.91 -34.87
CA GLU G 45 9.17 2.60 -35.49
C GLU G 45 8.87 3.00 -36.94
N LYS G 46 8.28 2.10 -37.72
CA LYS G 46 8.09 2.37 -39.12
C LYS G 46 6.88 3.23 -39.39
N LEU G 47 5.78 2.97 -38.66
CA LEU G 47 4.51 3.66 -38.90
C LEU G 47 4.25 4.87 -38.01
N GLY G 48 4.77 4.85 -36.80
CA GLY G 48 4.49 5.91 -35.81
C GLY G 48 3.40 5.42 -34.86
N VAL G 49 3.57 5.75 -33.59
CA VAL G 49 2.72 5.21 -32.52
C VAL G 49 1.23 5.49 -32.70
N ASP G 50 0.92 6.63 -33.29
CA ASP G 50 -0.48 7.04 -33.49
C ASP G 50 -0.96 6.91 -34.93
N TYR G 51 -0.26 6.10 -35.71
CA TYR G 51 -0.65 5.87 -37.08
C TYR G 51 -2.06 5.26 -37.20
N ARG G 52 -2.72 5.65 -38.27
CA ARG G 52 -4.05 5.17 -38.54
C ARG G 52 -4.15 4.62 -39.95
N HIS G 53 -4.73 3.43 -40.02
CA HIS G 53 -5.06 2.81 -41.29
C HIS G 53 -6.32 3.48 -41.84
N LYS G 54 -6.14 4.19 -42.97
CA LYS G 54 -7.17 5.00 -43.59
C LYS G 54 -7.74 4.32 -44.80
N THR G 55 -8.79 3.54 -44.56
CA THR G 55 -9.51 2.85 -45.61
C THR G 55 -10.52 3.83 -46.32
N VAL G 56 -10.42 3.92 -47.64
CA VAL G 56 -11.17 4.90 -48.38
C VAL G 56 -12.32 4.18 -49.09
N LEU G 57 -13.51 4.75 -48.96
CA LEU G 57 -14.75 4.20 -49.51
C LEU G 57 -15.27 5.17 -50.56
N HIS G 58 -15.42 4.66 -51.77
CA HIS G 58 -15.75 5.43 -52.97
C HIS G 58 -17.19 5.06 -53.31
N LEU G 59 -18.10 5.98 -53.02
CA LEU G 59 -19.54 5.76 -53.09
C LEU G 59 -20.10 6.52 -54.31
N THR G 60 -20.70 5.80 -55.26
CA THR G 60 -21.29 6.39 -56.47
C THR G 60 -22.77 6.03 -56.60
N PRO G 61 -23.66 7.03 -56.73
CA PRO G 61 -25.09 6.68 -56.86
C PRO G 61 -25.42 5.91 -58.13
N THR G 62 -26.27 4.89 -57.97
CA THR G 62 -26.88 4.16 -59.07
C THR G 62 -28.30 4.71 -59.35
N ALA G 63 -28.79 4.47 -60.57
CA ALA G 63 -30.11 4.95 -61.00
C ALA G 63 -31.30 4.51 -60.12
N ASN G 64 -31.22 3.32 -59.53
CA ASN G 64 -32.26 2.83 -58.57
C ASN G 64 -32.25 3.53 -57.19
N GLY G 65 -31.23 4.33 -56.89
CA GLY G 65 -31.13 5.04 -55.62
C GLY G 65 -30.27 4.36 -54.57
N SER G 66 -29.60 3.26 -54.91
CA SER G 66 -28.59 2.63 -54.05
C SER G 66 -27.19 3.21 -54.39
N MET G 67 -26.14 2.66 -53.78
CA MET G 67 -24.79 3.06 -54.10
C MET G 67 -24.01 1.90 -54.73
N ASP G 68 -23.08 2.22 -55.64
CA ASP G 68 -21.90 1.37 -55.88
C ASP G 68 -20.81 1.80 -54.87
N LEU G 69 -19.98 0.84 -54.46
CA LEU G 69 -18.91 1.06 -53.48
C LEU G 69 -17.60 0.42 -53.96
N HIS G 70 -16.54 1.22 -54.09
CA HIS G 70 -15.19 0.68 -54.28
C HIS G 70 -14.40 0.94 -53.00
N VAL G 71 -13.89 -0.14 -52.40
CA VAL G 71 -13.07 -0.04 -51.19
C VAL G 71 -11.59 0.00 -51.59
N GLU G 72 -10.96 1.13 -51.30
CA GLU G 72 -9.52 1.30 -51.48
C GLU G 72 -8.91 1.01 -50.14
N GLY G 73 -8.16 -0.08 -50.06
CA GLY G 73 -7.73 -0.62 -48.79
C GLY G 73 -6.53 0.06 -48.25
N SER G 74 -6.39 0.00 -46.94
CA SER G 74 -5.19 0.48 -46.23
C SER G 74 -4.38 -0.68 -45.59
N ARG G 75 -4.68 -1.93 -45.97
CA ARG G 75 -4.15 -3.15 -45.36
C ARG G 75 -4.46 -3.28 -43.88
N ASP G 76 -5.57 -2.67 -43.44
CA ASP G 76 -5.91 -2.62 -42.00
C ASP G 76 -5.89 -4.03 -41.40
N PRO G 77 -4.98 -4.27 -40.44
CA PRO G 77 -4.82 -5.64 -39.89
C PRO G 77 -5.84 -6.04 -38.80
N ILE G 78 -6.79 -5.17 -38.45
CA ILE G 78 -7.84 -5.52 -37.49
C ILE G 78 -9.23 -5.35 -38.12
N PHE G 79 -9.29 -5.37 -39.46
CA PHE G 79 -10.56 -5.20 -40.17
C PHE G 79 -11.26 -6.55 -40.20
N GLY G 80 -12.30 -6.67 -39.39
CA GLY G 80 -13.13 -7.87 -39.37
C GLY G 80 -14.52 -7.52 -38.90
N ARG G 81 -15.07 -8.37 -38.04
CA ARG G 81 -16.45 -8.21 -37.59
C ARG G 81 -16.70 -6.83 -37.03
N ASN G 82 -15.91 -6.45 -36.04
CA ASN G 82 -16.26 -5.26 -35.25
C ASN G 82 -16.17 -3.98 -36.04
N LEU G 83 -15.11 -3.86 -36.82
CA LEU G 83 -14.95 -2.70 -37.70
C LEU G 83 -15.97 -2.70 -38.85
N SER G 84 -16.31 -3.89 -39.34
CA SER G 84 -17.44 -4.04 -40.25
C SER G 84 -18.81 -3.58 -39.66
N TYR G 85 -19.13 -3.97 -38.42
CA TYR G 85 -20.34 -3.49 -37.73
C TYR G 85 -20.38 -1.97 -37.59
N PHE G 86 -19.25 -1.40 -37.18
CA PHE G 86 -19.10 0.04 -37.10
C PHE G 86 -19.31 0.72 -38.45
N LEU G 87 -18.73 0.15 -39.52
CA LEU G 87 -18.87 0.69 -40.90
C LEU G 87 -20.31 0.66 -41.36
N ILE G 88 -21.00 -0.43 -41.03
CA ILE G 88 -22.44 -0.58 -41.36
C ILE G 88 -23.29 0.52 -40.67
N SER G 89 -23.09 0.71 -39.35
CA SER G 89 -23.70 1.82 -38.61
C SER G 89 -23.42 3.15 -39.31
N GLU G 90 -22.13 3.38 -39.62
CA GLU G 90 -21.71 4.59 -40.30
C GLU G 90 -22.36 4.82 -41.69
N LEU G 91 -22.49 3.75 -42.48
CA LEU G 91 -23.11 3.85 -43.80
C LEU G 91 -24.57 4.30 -43.65
N ASN G 92 -25.26 3.73 -42.66
CA ASN G 92 -26.67 4.08 -42.37
C ASN G 92 -26.85 5.51 -41.87
N ARG G 93 -25.91 6.00 -41.05
CA ARG G 93 -25.87 7.43 -40.70
C ARG G 93 -25.77 8.35 -41.94
N MET G 94 -25.04 7.92 -42.97
CA MET G 94 -24.97 8.63 -44.26
C MET G 94 -26.09 8.29 -45.24
N LYS G 95 -27.11 7.55 -44.83
CA LYS G 95 -28.28 7.19 -45.65
C LYS G 95 -28.00 6.15 -46.74
N VAL G 96 -27.00 5.30 -46.49
CA VAL G 96 -26.69 4.18 -47.37
C VAL G 96 -27.04 2.86 -46.68
N THR G 97 -28.05 2.19 -47.21
CA THR G 97 -28.57 0.93 -46.71
C THR G 97 -28.43 -0.21 -47.76
N LYS G 98 -28.19 0.14 -49.02
CA LYS G 98 -28.11 -0.80 -50.11
C LYS G 98 -26.92 -0.50 -51.01
N ILE G 99 -26.11 -1.53 -51.26
CA ILE G 99 -24.99 -1.44 -52.21
C ILE G 99 -25.33 -2.33 -53.43
N GLU G 100 -25.28 -1.75 -54.62
CA GLU G 100 -25.37 -2.54 -55.83
C GLU G 100 -24.07 -3.31 -56.08
N ASN G 101 -23.03 -2.62 -56.56
CA ASN G 101 -21.74 -3.21 -56.91
C ASN G 101 -20.69 -2.84 -55.86
N LEU G 102 -20.22 -3.83 -55.11
CA LEU G 102 -19.18 -3.67 -54.14
C LEU G 102 -17.91 -4.24 -54.74
N THR G 103 -16.97 -3.37 -55.07
CA THR G 103 -15.63 -3.78 -55.49
C THR G 103 -14.64 -3.44 -54.38
N PHE G 104 -13.47 -4.08 -54.42
CA PHE G 104 -12.39 -3.81 -53.47
C PHE G 104 -11.04 -4.11 -54.12
N ASP G 105 -9.98 -3.39 -53.66
CA ASP G 105 -8.64 -3.48 -54.26
C ASP G 105 -7.70 -4.42 -53.44
N GLU G 106 -6.47 -4.55 -53.91
CA GLU G 106 -5.49 -5.51 -53.35
C GLU G 106 -5.05 -5.22 -51.93
N ASN G 107 -5.41 -4.05 -51.40
CA ASN G 107 -5.07 -3.65 -50.04
C ASN G 107 -6.21 -3.81 -49.03
N PHE G 108 -7.40 -4.26 -49.46
CA PHE G 108 -8.48 -4.44 -48.53
C PHE G 108 -8.40 -5.84 -47.95
N LEU G 109 -8.01 -5.90 -46.67
CA LEU G 109 -7.99 -7.15 -45.93
C LEU G 109 -9.23 -7.21 -45.06
N LEU G 110 -9.92 -8.36 -45.12
CA LEU G 110 -11.11 -8.62 -44.33
C LEU G 110 -11.06 -10.08 -43.95
N ASP G 111 -10.88 -10.29 -42.68
CA ASP G 111 -11.09 -11.58 -42.07
C ASP G 111 -12.04 -11.38 -40.89
N TRP G 112 -13.24 -11.94 -41.04
CA TRP G 112 -14.35 -11.72 -40.10
C TRP G 112 -13.95 -11.97 -38.67
N LEU G 113 -13.17 -13.02 -38.46
CA LEU G 113 -12.80 -13.44 -37.10
C LEU G 113 -11.46 -12.92 -36.65
N ALA G 114 -11.01 -11.79 -37.22
CA ALA G 114 -9.74 -11.13 -36.86
C ALA G 114 -9.46 -10.99 -35.35
N GLU G 115 -10.48 -10.70 -34.55
CA GLU G 115 -10.34 -10.55 -33.11
C GLU G 115 -10.89 -11.71 -32.32
N GLU G 116 -11.07 -12.87 -32.95
CA GLU G 116 -11.74 -14.03 -32.34
C GLU G 116 -10.99 -15.32 -32.63
N SER G 117 -11.28 -16.35 -31.85
CA SER G 117 -10.85 -17.71 -32.17
C SER G 117 -11.53 -18.20 -33.43
N PRO G 118 -10.85 -19.02 -34.23
CA PRO G 118 -9.49 -19.50 -34.01
C PRO G 118 -8.33 -18.59 -34.58
N ARG G 119 -8.61 -17.36 -35.01
CA ARG G 119 -7.58 -16.51 -35.61
C ARG G 119 -6.59 -16.00 -34.62
N ILE G 120 -7.04 -15.81 -33.37
CA ILE G 120 -6.17 -15.43 -32.23
C ILE G 120 -4.99 -16.38 -32.10
N GLY G 121 -5.28 -17.67 -31.98
CA GLY G 121 -4.25 -18.70 -31.78
C GLY G 121 -3.93 -19.59 -32.96
N GLY G 122 -4.63 -19.39 -34.08
CA GLY G 122 -4.47 -20.27 -35.27
C GLY G 122 -3.30 -19.85 -36.14
N VAL G 123 -3.04 -20.67 -37.18
CA VAL G 123 -2.02 -20.32 -38.14
C VAL G 123 -2.67 -19.32 -39.03
N THR G 124 -2.03 -18.16 -39.18
CA THR G 124 -2.61 -17.11 -39.97
C THR G 124 -2.59 -17.51 -41.44
N PRO G 125 -3.75 -17.44 -42.12
CA PRO G 125 -3.77 -17.72 -43.53
C PRO G 125 -2.81 -16.84 -44.28
N ARG G 126 -2.03 -17.47 -45.15
CA ARG G 126 -1.06 -16.78 -45.99
C ARG G 126 -1.44 -17.00 -47.46
N TYR G 127 -1.83 -15.93 -48.14
CA TYR G 127 -2.29 -16.00 -49.53
C TYR G 127 -1.07 -15.86 -50.43
N GLU G 128 -0.83 -16.87 -51.25
CA GLU G 128 0.36 -16.92 -52.06
C GLU G 128 0.16 -16.03 -53.30
N THR G 129 -1.04 -16.06 -53.87
CA THR G 129 -1.39 -15.17 -54.97
C THR G 129 -2.44 -14.16 -54.52
N ILE G 130 -2.56 -13.10 -55.30
CA ILE G 130 -3.59 -12.09 -55.08
C ILE G 130 -5.00 -12.63 -55.31
N GLU G 131 -5.12 -13.52 -56.29
CA GLU G 131 -6.37 -14.23 -56.58
C GLU G 131 -6.88 -14.94 -55.33
N GLN G 132 -5.99 -15.64 -54.63
CA GLN G 132 -6.35 -16.34 -53.39
C GLN G 132 -6.81 -15.38 -52.30
N GLN G 133 -6.12 -14.24 -52.18
CA GLN G 133 -6.54 -13.20 -51.24
C GLN G 133 -7.92 -12.65 -51.60
N ALA G 134 -8.09 -12.28 -52.87
CA ALA G 134 -9.36 -11.80 -53.39
C ALA G 134 -10.51 -12.78 -53.11
N GLU G 135 -10.33 -14.05 -53.45
CA GLU G 135 -11.40 -15.04 -53.25
C GLU G 135 -11.74 -15.20 -51.75
N ALA G 136 -10.75 -15.10 -50.85
CA ALA G 136 -11.03 -15.13 -49.41
C ALA G 136 -11.75 -13.87 -48.93
N VAL G 137 -11.40 -12.71 -49.46
CA VAL G 137 -12.10 -11.47 -49.12
C VAL G 137 -13.56 -11.55 -49.63
N ILE G 138 -13.74 -11.99 -50.87
CA ILE G 138 -15.06 -12.26 -51.44
C ILE G 138 -15.85 -13.15 -50.45
N LYS G 139 -15.28 -14.31 -50.07
CA LYS G 139 -15.96 -15.20 -49.13
C LYS G 139 -16.50 -14.50 -47.89
N ASN G 140 -15.64 -13.70 -47.24
CA ASN G 140 -16.03 -12.94 -46.03
C ASN G 140 -17.12 -11.91 -46.28
N LEU G 141 -16.93 -11.11 -47.33
CA LEU G 141 -17.96 -10.15 -47.77
C LEU G 141 -19.30 -10.83 -48.06
N LYS G 142 -19.24 -11.95 -48.77
CA LYS G 142 -20.43 -12.66 -49.17
C LYS G 142 -21.13 -13.33 -47.98
N GLU G 143 -20.36 -14.03 -47.16
CA GLU G 143 -20.92 -14.88 -46.09
C GLU G 143 -21.16 -14.16 -44.77
N SER G 144 -20.39 -13.11 -44.49
CA SER G 144 -20.46 -12.45 -43.19
C SER G 144 -20.92 -10.99 -43.25
N PHE G 145 -20.23 -10.17 -44.04
CA PHE G 145 -20.55 -8.74 -44.19
C PHE G 145 -21.95 -8.49 -44.72
N SER G 146 -22.43 -9.37 -45.62
CA SER G 146 -23.73 -9.24 -46.29
C SER G 146 -24.88 -10.03 -45.65
N THR G 147 -24.57 -10.86 -44.68
CA THR G 147 -25.55 -11.73 -44.05
C THR G 147 -26.22 -10.97 -42.90
N ALA G 148 -27.32 -11.53 -42.39
CA ALA G 148 -27.98 -11.02 -41.20
C ALA G 148 -26.96 -10.77 -40.11
N ILE G 149 -26.99 -9.56 -39.56
CA ILE G 149 -26.12 -9.21 -38.43
C ILE G 149 -26.51 -10.05 -37.18
N ASN G 150 -25.49 -10.57 -36.51
CA ASN G 150 -25.66 -11.27 -35.24
C ASN G 150 -26.08 -10.26 -34.20
N ARG G 151 -27.34 -10.29 -33.79
CA ARG G 151 -27.91 -9.31 -32.83
C ARG G 151 -27.14 -9.23 -31.53
N ALA G 152 -26.84 -10.38 -30.95
CA ALA G 152 -26.20 -10.46 -29.64
C ALA G 152 -24.78 -9.90 -29.68
N MET G 153 -24.02 -10.26 -30.72
CA MET G 153 -22.66 -9.74 -30.91
C MET G 153 -22.59 -8.25 -31.28
N TYR G 154 -23.42 -7.78 -32.22
CA TYR G 154 -23.55 -6.33 -32.47
C TYR G 154 -23.85 -5.53 -31.20
N SER G 155 -24.74 -6.07 -30.37
CA SER G 155 -25.16 -5.40 -29.13
C SER G 155 -24.05 -5.34 -28.07
N LYS G 156 -23.28 -6.43 -27.94
CA LYS G 156 -22.09 -6.43 -27.07
C LYS G 156 -21.09 -5.39 -27.52
N LEU G 157 -20.84 -5.36 -28.84
CA LEU G 157 -19.90 -4.39 -29.40
C LEU G 157 -20.36 -2.96 -29.11
N ARG G 158 -21.62 -2.69 -29.39
CA ARG G 158 -22.17 -1.35 -29.15
C ARG G 158 -22.11 -0.92 -27.67
N GLU G 159 -22.31 -1.85 -26.75
CA GLU G 159 -22.18 -1.57 -25.31
C GLU G 159 -20.78 -1.09 -24.95
N ARG G 160 -19.79 -1.79 -25.46
CA ARG G 160 -18.40 -1.36 -25.37
C ARG G 160 -18.14 0.01 -26.04
N ALA G 161 -18.62 0.20 -27.27
CA ALA G 161 -18.50 1.50 -27.98
C ALA G 161 -19.09 2.66 -27.15
N THR G 162 -20.26 2.41 -26.54
CA THR G 162 -20.87 3.36 -25.62
C THR G 162 -20.00 3.65 -24.38
N LYS G 163 -19.39 2.63 -23.76
CA LYS G 163 -18.38 2.87 -22.71
C LYS G 163 -17.24 3.76 -23.22
N ALA G 164 -16.82 3.50 -24.44
CA ALA G 164 -15.78 4.29 -25.10
C ALA G 164 -16.25 5.62 -25.71
N LYS G 165 -17.50 6.04 -25.42
CA LYS G 165 -18.07 7.26 -25.92
C LYS G 165 -18.07 7.31 -27.49
N VAL G 166 -18.23 6.16 -28.15
CA VAL G 166 -18.40 6.12 -29.60
C VAL G 166 -19.85 5.77 -29.93
N PHE G 167 -20.46 6.57 -30.81
CA PHE G 167 -21.85 6.36 -31.23
C PHE G 167 -21.98 5.26 -32.29
N MET G 168 -22.92 4.34 -32.08
CA MET G 168 -23.35 3.35 -33.10
C MET G 168 -24.86 3.24 -33.04
N LEU G 169 -25.48 3.02 -34.19
CA LEU G 169 -26.92 2.88 -34.22
C LEU G 169 -27.33 1.60 -33.50
N GLU G 170 -28.52 1.57 -32.91
CA GLU G 170 -29.05 0.34 -32.32
C GLU G 170 -29.16 -0.84 -33.31
N LYS G 171 -29.65 -0.56 -34.51
CA LYS G 171 -30.19 -1.64 -35.34
C LYS G 171 -30.01 -1.41 -36.87
N PRO G 172 -28.74 -1.22 -37.29
CA PRO G 172 -28.48 -0.96 -38.71
C PRO G 172 -28.47 -2.24 -39.54
N THR G 173 -28.70 -2.09 -40.85
CA THR G 173 -28.58 -3.13 -41.85
C THR G 173 -27.82 -2.62 -43.06
N ILE G 174 -27.33 -3.58 -43.84
CA ILE G 174 -26.81 -3.35 -45.17
C ILE G 174 -27.29 -4.49 -46.09
N GLU G 175 -27.45 -4.20 -47.39
CA GLU G 175 -27.65 -5.21 -48.44
C GLU G 175 -26.63 -4.98 -49.52
N VAL G 176 -26.06 -6.07 -50.04
CA VAL G 176 -25.05 -5.99 -51.09
C VAL G 176 -25.42 -7.02 -52.13
N ARG G 177 -25.68 -6.54 -53.35
CA ARG G 177 -26.05 -7.41 -54.46
C ARG G 177 -24.85 -8.12 -55.09
N ASN G 178 -23.83 -7.39 -55.52
CA ASN G 178 -22.66 -7.98 -56.19
C ASN G 178 -21.38 -7.59 -55.47
N ILE G 179 -20.44 -8.52 -55.45
CA ILE G 179 -19.16 -8.35 -54.82
C ILE G 179 -18.11 -8.89 -55.78
N SER G 180 -17.06 -8.11 -56.01
CA SER G 180 -15.92 -8.59 -56.83
C SER G 180 -14.65 -7.77 -56.59
N PHE G 181 -13.53 -8.38 -56.96
CA PHE G 181 -12.21 -7.76 -56.88
C PHE G 181 -12.02 -6.79 -58.03
N LEU G 182 -11.46 -5.63 -57.74
CA LEU G 182 -11.09 -4.67 -58.77
C LEU G 182 -9.78 -4.00 -58.36
N PRO G 183 -8.66 -4.34 -59.05
CA PRO G 183 -7.36 -3.75 -58.66
C PRO G 183 -7.35 -2.24 -58.68
N LYS G 184 -6.51 -1.65 -57.82
CA LYS G 184 -6.39 -0.21 -57.71
C LYS G 184 -5.99 0.39 -59.07
N ASN G 185 -5.11 -0.31 -59.78
CA ASN G 185 -4.78 0.06 -61.15
C ASN G 185 -5.92 0.38 -62.09
N ASN G 186 -7.02 -0.35 -61.91
CA ASN G 186 -8.17 -0.34 -62.80
C ASN G 186 -9.39 0.39 -62.24
N TYR G 187 -9.30 0.98 -61.06
CA TYR G 187 -10.44 1.73 -60.56
C TYR G 187 -10.27 3.20 -60.90
N LYS G 188 -11.28 3.74 -61.56
CA LYS G 188 -11.38 5.16 -61.80
C LYS G 188 -12.82 5.58 -61.55
N LYS G 189 -12.99 6.78 -60.99
CA LYS G 189 -14.25 7.15 -60.39
C LYS G 189 -15.09 8.03 -61.29
N ASP G 190 -16.41 7.90 -61.12
CA ASP G 190 -17.40 8.63 -61.83
C ASP G 190 -17.38 10.10 -61.42
N LYS G 191 -17.95 10.92 -62.29
CA LYS G 191 -18.18 12.34 -62.01
C LYS G 191 -18.88 12.57 -60.65
N TYR G 192 -19.80 11.66 -60.30
CA TYR G 192 -20.64 11.78 -59.11
C TYR G 192 -20.18 10.88 -58.00
N THR G 193 -18.91 10.43 -58.02
CA THR G 193 -18.37 9.65 -56.92
C THR G 193 -17.99 10.60 -55.77
N GLY G 194 -18.59 10.38 -54.61
CA GLY G 194 -18.20 11.05 -53.39
C GLY G 194 -17.39 10.00 -52.67
N SER G 195 -16.33 10.41 -52.00
CA SER G 195 -15.53 9.45 -51.30
C SER G 195 -15.18 9.87 -49.89
N VAL G 196 -15.16 8.88 -49.03
CA VAL G 196 -15.22 9.04 -47.60
C VAL G 196 -14.16 8.10 -46.97
N VAL G 197 -13.67 8.44 -45.79
CA VAL G 197 -12.60 7.66 -45.20
C VAL G 197 -13.00 7.12 -43.85
N LEU G 198 -12.62 5.86 -43.64
CA LEU G 198 -12.73 5.20 -42.35
C LEU G 198 -11.34 4.96 -41.71
N GLN G 199 -11.03 5.74 -40.68
CA GLN G 199 -9.81 5.60 -39.90
C GLN G 199 -10.05 4.63 -38.81
N SER G 200 -9.27 3.57 -38.78
CA SER G 200 -9.30 2.67 -37.62
C SER G 200 -8.64 3.36 -36.40
N ALA G 201 -8.69 2.67 -35.27
CA ALA G 201 -8.06 3.14 -34.06
C ALA G 201 -6.56 3.38 -34.27
N PRO G 202 -5.97 4.23 -33.42
CA PRO G 202 -4.54 4.47 -33.56
C PRO G 202 -3.74 3.18 -33.30
N LEU G 203 -2.59 3.08 -33.94
CA LEU G 203 -1.79 1.86 -33.96
C LEU G 203 -1.53 1.34 -32.58
N ARG G 204 -1.21 2.24 -31.65
CA ARG G 204 -0.95 1.84 -30.27
C ARG G 204 -2.08 1.02 -29.64
N THR G 205 -3.31 1.32 -30.01
CA THR G 205 -4.46 0.58 -29.51
C THR G 205 -4.69 -0.75 -30.25
N ILE G 206 -4.44 -0.75 -31.56
CA ILE G 206 -4.43 -2.02 -32.31
C ILE G 206 -3.36 -2.96 -31.65
N LEU G 207 -2.22 -2.40 -31.29
CA LEU G 207 -1.13 -3.17 -30.69
C LEU G 207 -1.49 -3.65 -29.30
N LYS G 208 -2.14 -2.76 -28.52
CA LYS G 208 -2.65 -3.14 -27.20
C LYS G 208 -3.59 -4.32 -27.31
N ARG G 209 -4.48 -4.28 -28.28
CA ARG G 209 -5.43 -5.36 -28.47
C ARG G 209 -4.72 -6.65 -28.81
N MET G 210 -3.80 -6.57 -29.77
CA MET G 210 -3.01 -7.74 -30.25
C MET G 210 -2.26 -8.37 -29.10
N ASN G 211 -1.57 -7.54 -28.33
CA ASN G 211 -0.78 -7.99 -27.19
C ASN G 211 -1.64 -8.53 -26.02
N ASN G 212 -2.81 -7.95 -25.78
CA ASN G 212 -3.75 -8.48 -24.80
C ASN G 212 -4.19 -9.92 -25.14
N GLN G 213 -4.61 -10.13 -26.40
CA GLN G 213 -5.13 -11.39 -26.86
C GLN G 213 -4.06 -12.40 -27.21
N SER G 214 -2.89 -11.90 -27.52
CA SER G 214 -1.88 -12.66 -28.29
C SER G 214 -2.38 -13.01 -29.70
N ASN G 215 -2.91 -11.99 -30.38
CA ASN G 215 -3.58 -12.17 -31.66
C ASN G 215 -2.61 -12.41 -32.84
N ASN G 216 -2.53 -13.66 -33.30
CA ASN G 216 -1.65 -14.04 -34.42
C ASN G 216 -2.01 -13.37 -35.73
N TYR G 217 -3.31 -13.25 -35.99
CA TYR G 217 -3.78 -12.63 -37.24
C TYR G 217 -3.23 -11.19 -37.38
N ILE G 218 -3.39 -10.39 -36.32
CA ILE G 218 -2.94 -9.01 -36.33
C ILE G 218 -1.41 -8.94 -36.43
N ALA G 219 -0.72 -9.70 -35.60
CA ALA G 219 0.74 -9.72 -35.59
C ALA G 219 1.34 -10.19 -36.93
N ASP G 220 0.79 -11.28 -37.50
CA ASP G 220 1.34 -11.83 -38.75
C ASP G 220 1.11 -10.91 -39.93
N ASN G 221 -0.04 -10.24 -39.97
CA ASN G 221 -0.32 -9.28 -41.01
C ASN G 221 0.47 -7.97 -40.92
N LEU G 222 0.71 -7.52 -39.70
CA LEU G 222 1.62 -6.40 -39.51
C LEU G 222 2.98 -6.73 -40.13
N TYR G 223 3.49 -7.91 -39.80
CA TYR G 223 4.81 -8.37 -40.27
C TYR G 223 4.91 -8.34 -41.82
N TRP G 224 3.89 -8.90 -42.49
CA TRP G 224 3.82 -8.81 -43.97
C TRP G 224 3.63 -7.36 -44.44
N ASN G 225 2.74 -6.60 -43.79
CA ASN G 225 2.53 -5.20 -44.11
C ASN G 225 3.82 -4.38 -44.03
N LEU G 226 4.69 -4.70 -43.07
CA LEU G 226 5.92 -3.94 -42.89
C LEU G 226 7.05 -4.38 -43.83
N GLY G 227 6.80 -5.40 -44.65
CA GLY G 227 7.76 -5.86 -45.63
C GLY G 227 8.24 -7.30 -45.45
N GLY G 228 7.75 -8.03 -44.44
CA GLY G 228 8.17 -9.38 -44.21
C GLY G 228 9.61 -9.52 -43.77
N THR G 229 10.16 -10.70 -43.98
CA THR G 229 11.44 -11.09 -43.42
C THR G 229 12.65 -10.24 -43.86
N ALA G 230 12.74 -9.92 -45.14
CA ALA G 230 13.84 -9.07 -45.61
C ALA G 230 13.81 -7.69 -44.93
N ALA G 231 12.64 -7.06 -44.90
CA ALA G 231 12.50 -5.80 -44.21
C ALA G 231 12.78 -5.96 -42.70
N PHE G 232 12.33 -7.06 -42.11
CA PHE G 232 12.58 -7.31 -40.69
C PHE G 232 14.07 -7.35 -40.34
N ASN G 233 14.84 -8.06 -41.15
CA ASN G 233 16.27 -8.18 -40.89
C ASN G 233 17.03 -6.84 -40.93
N ALA G 234 16.69 -5.94 -41.86
CA ALA G 234 17.24 -4.58 -41.87
C ALA G 234 16.87 -3.79 -40.61
N PHE G 235 15.61 -3.93 -40.19
CA PHE G 235 15.16 -3.37 -38.91
C PHE G 235 15.99 -3.89 -37.72
N ALA G 236 16.21 -5.21 -37.66
CA ALA G 236 16.91 -5.80 -36.53
C ALA G 236 18.38 -5.35 -36.47
N ALA G 237 19.01 -5.23 -37.63
CA ALA G 237 20.38 -4.73 -37.72
C ALA G 237 20.52 -3.27 -37.26
N ALA G 238 19.63 -2.40 -37.73
CA ALA G 238 19.73 -0.97 -37.47
C ALA G 238 19.23 -0.61 -36.06
N THR G 239 18.04 -1.08 -35.68
CA THR G 239 17.47 -0.74 -34.39
C THR G 239 18.02 -1.62 -33.25
N LEU G 240 18.10 -2.93 -33.43
CA LEU G 240 18.48 -3.85 -32.33
C LEU G 240 19.97 -4.27 -32.33
N LYS G 241 20.73 -3.79 -33.30
CA LYS G 241 22.12 -4.14 -33.49
C LYS G 241 22.28 -5.66 -33.52
N ALA G 242 21.44 -6.30 -34.31
CA ALA G 242 21.24 -7.73 -34.24
C ALA G 242 21.16 -8.37 -35.60
N ASP G 243 21.88 -9.48 -35.78
CA ASP G 243 21.79 -10.27 -36.98
C ASP G 243 21.32 -11.68 -36.62
N GLN G 244 21.37 -12.60 -37.56
CA GLN G 244 20.98 -14.02 -37.33
C GLN G 244 21.58 -14.73 -36.12
N ASN G 245 22.78 -14.33 -35.69
CA ASN G 245 23.34 -14.81 -34.43
C ASN G 245 22.48 -14.46 -33.20
N GLN G 246 21.76 -13.35 -33.24
CA GLN G 246 20.89 -12.92 -32.12
C GLN G 246 19.42 -13.16 -32.32
N ILE G 247 18.98 -13.25 -33.57
CA ILE G 247 17.55 -13.23 -33.87
C ILE G 247 17.24 -13.79 -35.27
N VAL G 248 16.27 -14.71 -35.35
CA VAL G 248 15.73 -15.20 -36.62
C VAL G 248 14.21 -15.16 -36.52
N PHE G 249 13.58 -14.43 -37.46
CA PHE G 249 12.12 -14.36 -37.54
C PHE G 249 11.61 -14.97 -38.83
N HIS G 250 10.45 -15.59 -38.72
CA HIS G 250 9.67 -16.11 -39.84
C HIS G 250 8.28 -15.44 -39.93
N ASN G 251 7.78 -14.86 -38.83
CA ASN G 251 6.48 -14.25 -38.82
C ASN G 251 6.40 -13.22 -37.72
N GLY G 252 5.25 -12.56 -37.60
CA GLY G 252 5.06 -11.54 -36.57
C GLY G 252 4.58 -12.05 -35.23
N SER G 253 4.01 -13.25 -35.23
CA SER G 253 3.26 -13.78 -34.08
C SER G 253 4.08 -14.61 -33.09
N GLY G 254 5.16 -15.23 -33.58
CA GLY G 254 5.92 -16.21 -32.81
C GLY G 254 5.39 -17.61 -32.96
N ASN G 255 4.32 -17.77 -33.75
CA ASN G 255 3.66 -19.04 -33.90
C ASN G 255 4.52 -19.98 -34.74
N ASN G 256 4.26 -21.26 -34.58
CA ASN G 256 4.94 -22.34 -35.32
C ASN G 256 4.72 -22.21 -36.83
N GLU G 257 5.82 -22.13 -37.58
CA GLU G 257 5.79 -22.11 -39.06
C GLU G 257 6.04 -23.46 -39.70
N GLY G 258 6.35 -24.47 -38.89
CA GLY G 258 6.63 -25.79 -39.39
C GLY G 258 5.53 -26.75 -39.01
N THR G 259 5.94 -27.97 -38.72
CA THR G 259 5.09 -29.10 -38.33
C THR G 259 5.01 -29.37 -36.85
N THR G 260 3.89 -29.96 -36.41
CA THR G 260 3.79 -30.46 -35.03
C THR G 260 5.03 -31.30 -34.66
N ALA G 261 5.41 -32.19 -35.55
CA ALA G 261 6.63 -32.98 -35.37
C ALA G 261 7.93 -32.18 -35.53
N LYS G 262 7.98 -31.26 -36.51
CA LYS G 262 9.18 -30.48 -36.87
C LYS G 262 8.88 -28.99 -36.77
N PRO G 263 8.80 -28.46 -35.53
CA PRO G 263 8.39 -27.06 -35.38
C PRO G 263 9.49 -26.06 -35.80
N ILE G 264 9.07 -24.88 -36.25
CA ILE G 264 9.97 -23.78 -36.65
C ILE G 264 9.43 -22.53 -35.96
N TYR G 265 10.28 -21.90 -35.17
CA TYR G 265 9.89 -20.82 -34.28
C TYR G 265 10.79 -19.60 -34.47
N ASN G 266 10.20 -18.40 -34.32
CA ASN G 266 11.00 -17.22 -34.12
C ASN G 266 11.88 -17.44 -32.88
N GLU G 267 13.16 -17.08 -33.01
CA GLU G 267 14.13 -17.22 -31.95
C GLU G 267 14.90 -15.94 -31.76
N ALA G 268 15.19 -15.63 -30.50
CA ALA G 268 16.15 -14.59 -30.21
C ALA G 268 16.81 -14.87 -28.86
N THR G 269 17.86 -14.12 -28.56
CA THR G 269 18.50 -14.22 -27.29
C THR G 269 17.74 -13.40 -26.28
N CYS G 270 17.91 -13.76 -25.01
CA CYS G 270 17.26 -13.08 -23.94
C CYS G 270 17.69 -11.60 -23.84
N GLU G 271 18.98 -11.34 -24.10
CA GLU G 271 19.55 -9.99 -24.24
C GLU G 271 18.78 -9.16 -25.30
N THR G 272 18.47 -9.78 -26.44
CA THR G 272 17.70 -9.11 -27.51
C THR G 272 16.32 -8.64 -27.03
N MET G 273 15.69 -9.43 -26.17
CA MET G 273 14.40 -9.07 -25.63
C MET G 273 14.48 -7.90 -24.68
N ILE G 274 15.53 -7.83 -23.87
CA ILE G 274 15.76 -6.71 -23.00
C ILE G 274 16.01 -5.43 -23.82
N LYS G 275 16.83 -5.51 -24.85
CA LYS G 275 17.03 -4.38 -25.77
C LYS G 275 15.69 -3.88 -26.32
N THR G 276 14.89 -4.82 -26.86
CA THR G 276 13.61 -4.52 -27.45
C THR G 276 12.73 -3.76 -26.47
N LEU G 277 12.66 -4.27 -25.24
CA LEU G 277 11.87 -3.63 -24.20
C LEU G 277 12.36 -2.21 -23.86
N TYR G 278 13.67 -2.04 -23.73
CA TYR G 278 14.19 -0.74 -23.42
C TYR G 278 13.92 0.25 -24.57
N THR G 279 14.22 -0.16 -25.81
CA THR G 279 14.02 0.70 -26.98
C THR G 279 12.56 1.01 -27.21
N LEU G 280 11.68 0.05 -26.95
CA LEU G 280 10.23 0.24 -27.11
C LEU G 280 9.72 1.28 -26.12
N ASN G 281 10.16 1.13 -24.87
CA ASN G 281 9.85 2.11 -23.82
C ASN G 281 10.35 3.52 -24.11
N LYS G 282 11.58 3.65 -24.59
CA LYS G 282 12.13 4.96 -24.96
C LYS G 282 11.30 5.59 -26.06
N SER G 283 10.96 4.78 -27.06
CA SER G 283 10.18 5.25 -28.20
C SER G 283 8.80 5.82 -27.74
N LEU G 284 8.11 5.06 -26.91
CA LEU G 284 6.85 5.48 -26.35
C LEU G 284 6.97 6.70 -25.47
N GLU G 285 7.99 6.76 -24.60
CA GLU G 285 8.14 7.92 -23.74
C GLU G 285 8.39 9.17 -24.53
N ALA G 286 9.12 9.05 -25.64
CA ALA G 286 9.41 10.19 -26.50
C ALA G 286 8.16 10.81 -27.10
N LYS G 287 7.09 10.04 -27.20
CA LYS G 287 5.81 10.54 -27.67
C LYS G 287 4.80 10.74 -26.55
N GLY G 288 5.25 10.80 -25.30
CA GLY G 288 4.34 10.93 -24.16
C GLY G 288 3.54 9.69 -23.72
N TYR G 289 3.93 8.51 -24.21
CA TYR G 289 3.21 7.27 -23.86
C TYR G 289 4.02 6.45 -22.89
N LYS G 290 3.46 5.30 -22.52
CA LYS G 290 4.05 4.37 -21.60
C LYS G 290 3.93 2.95 -22.15
N LEU G 291 4.68 2.04 -21.54
CA LEU G 291 4.70 0.63 -22.00
C LEU G 291 3.31 -0.01 -21.86
N SER G 292 2.57 0.42 -20.85
CA SER G 292 1.19 -0.01 -20.62
C SER G 292 0.18 0.44 -21.66
N ASP G 293 0.56 1.35 -22.55
CA ASP G 293 -0.28 1.68 -23.73
C ASP G 293 -0.24 0.69 -24.89
N VAL G 294 0.72 -0.22 -24.89
CA VAL G 294 0.76 -1.30 -25.89
C VAL G 294 0.86 -2.71 -25.33
N LEU G 295 1.31 -2.86 -24.09
CA LEU G 295 1.38 -4.19 -23.42
C LEU G 295 0.42 -4.25 -22.26
N SER G 296 -0.03 -5.46 -21.99
CA SER G 296 -1.04 -5.76 -20.96
C SER G 296 -0.51 -5.49 -19.55
N VAL G 297 -1.41 -5.17 -18.64
CA VAL G 297 -1.08 -4.92 -17.25
C VAL G 297 -1.70 -6.02 -16.43
N ALA G 298 -0.87 -6.69 -15.62
CA ALA G 298 -1.34 -7.80 -14.75
C ALA G 298 -2.56 -7.44 -13.89
N ASN G 299 -3.57 -8.29 -13.97
CA ASN G 299 -4.84 -8.12 -13.29
C ASN G 299 -5.76 -6.98 -13.78
N LYS G 300 -5.22 -5.80 -14.05
CA LYS G 300 -6.02 -4.66 -14.51
C LYS G 300 -6.59 -4.75 -15.93
N ASP G 301 -5.90 -5.40 -16.86
CA ASP G 301 -6.49 -5.64 -18.18
C ASP G 301 -7.26 -7.00 -18.17
N SER G 302 -8.57 -6.92 -17.86
CA SER G 302 -9.47 -8.09 -17.80
C SER G 302 -9.53 -8.88 -19.06
N ASP G 303 -9.46 -8.21 -20.21
CA ASP G 303 -9.58 -8.90 -21.47
C ASP G 303 -8.16 -9.10 -21.99
N SER G 304 -7.38 -9.92 -21.28
CA SER G 304 -5.95 -10.16 -21.63
C SER G 304 -5.53 -11.48 -21.04
N THR G 305 -4.40 -11.98 -21.52
CA THR G 305 -3.90 -13.28 -21.07
C THR G 305 -3.29 -13.21 -19.69
N ILE G 306 -3.18 -12.03 -19.09
CA ILE G 306 -2.67 -11.91 -17.73
C ILE G 306 -3.67 -11.27 -16.81
N ASP G 307 -4.94 -11.37 -17.17
CA ASP G 307 -6.06 -11.11 -16.26
C ASP G 307 -5.92 -11.83 -14.90
N ASN G 308 -5.44 -13.07 -14.92
CA ASN G 308 -5.34 -13.91 -13.72
C ASN G 308 -3.90 -14.31 -13.35
N PHE G 309 -2.97 -13.39 -13.59
CA PHE G 309 -1.58 -13.56 -13.22
C PHE G 309 -1.52 -13.06 -11.78
N GLY G 310 -1.91 -13.89 -10.84
CA GLY G 310 -2.01 -13.44 -9.46
C GLY G 310 -0.64 -13.33 -8.85
N GLY G 311 -0.62 -13.24 -7.52
CA GLY G 311 0.60 -13.03 -6.75
C GLY G 311 0.85 -11.56 -6.62
N ASN G 312 2.05 -11.24 -6.17
CA ASN G 312 2.44 -9.85 -5.94
C ASN G 312 2.71 -9.05 -7.23
N ALA G 313 2.60 -9.70 -8.37
CA ALA G 313 2.64 -9.01 -9.64
C ALA G 313 1.36 -8.23 -9.93
N ALA G 314 0.27 -8.54 -9.24
CA ALA G 314 -1.03 -7.99 -9.63
C ALA G 314 -0.98 -6.46 -9.55
N GLY G 315 -1.30 -5.81 -10.65
CA GLY G 315 -1.28 -4.35 -10.71
C GLY G 315 0.10 -3.73 -10.72
N SER G 316 1.14 -4.57 -10.79
CA SER G 316 2.51 -4.16 -10.71
C SER G 316 3.41 -4.74 -11.79
N MET G 317 2.84 -5.39 -12.81
CA MET G 317 3.62 -5.92 -13.90
C MET G 317 2.95 -5.58 -15.19
N ILE G 318 3.77 -5.19 -16.14
CA ILE G 318 3.36 -4.99 -17.52
C ILE G 318 4.05 -6.10 -18.28
N ALA G 319 3.31 -6.84 -19.09
CA ALA G 319 3.91 -8.03 -19.72
C ALA G 319 3.14 -8.61 -20.89
N LYS G 320 3.86 -9.39 -21.68
CA LYS G 320 3.36 -10.20 -22.75
C LYS G 320 3.76 -11.64 -22.46
N THR G 321 2.78 -12.54 -22.61
CA THR G 321 2.96 -13.99 -22.47
C THR G 321 3.28 -14.68 -23.82
N GLY G 322 3.80 -15.90 -23.73
CA GLY G 322 4.00 -16.71 -24.93
C GLY G 322 3.84 -18.16 -24.67
N THR G 323 3.28 -18.85 -25.66
CA THR G 323 2.91 -20.27 -25.55
C THR G 323 3.04 -20.98 -26.90
N VAL G 324 3.97 -21.90 -27.01
CA VAL G 324 4.00 -22.83 -28.13
C VAL G 324 4.32 -24.18 -27.52
N ASN G 325 4.31 -25.23 -28.33
CA ASN G 325 4.52 -26.57 -27.81
C ASN G 325 5.83 -26.75 -27.06
N LYS G 326 6.87 -26.07 -27.54
CA LYS G 326 8.22 -26.16 -26.96
C LYS G 326 8.65 -25.04 -26.04
N ALA G 327 7.76 -24.08 -25.78
CA ALA G 327 8.14 -22.95 -24.96
C ALA G 327 6.99 -22.21 -24.27
N LYS G 328 7.33 -21.67 -23.09
CA LYS G 328 6.47 -20.84 -22.28
C LYS G 328 7.31 -19.64 -21.85
N THR G 329 6.84 -18.43 -22.18
CA THR G 329 7.69 -17.26 -22.14
C THR G 329 6.93 -16.08 -21.57
N LEU G 330 7.68 -15.13 -21.03
CA LEU G 330 7.12 -13.88 -20.52
C LEU G 330 8.16 -12.76 -20.63
N ALA G 331 7.71 -11.55 -20.99
CA ALA G 331 8.59 -10.40 -21.12
C ALA G 331 7.85 -9.10 -20.82
N GLY G 332 8.54 -8.14 -20.19
CA GLY G 332 7.89 -6.88 -19.84
C GLY G 332 8.64 -6.12 -18.76
N SER G 333 7.90 -5.56 -17.82
CA SER G 333 8.52 -4.93 -16.62
C SER G 333 7.72 -5.10 -15.34
N ILE G 334 8.41 -5.01 -14.23
CA ILE G 334 7.81 -5.13 -12.90
C ILE G 334 8.09 -3.82 -12.21
N SER G 335 7.13 -3.37 -11.41
CA SER G 335 7.24 -2.12 -10.68
C SER G 335 7.32 -2.47 -9.22
N THR G 336 8.41 -2.08 -8.58
CA THR G 336 8.76 -2.48 -7.25
C THR G 336 9.20 -1.27 -6.47
N LYS G 337 9.38 -1.44 -5.16
CA LYS G 337 9.81 -0.33 -4.31
C LYS G 337 11.23 0.14 -4.61
N GLU G 338 12.03 -0.64 -5.35
CA GLU G 338 13.31 -0.19 -5.84
C GLU G 338 13.30 0.28 -7.30
N GLY G 339 12.12 0.51 -7.87
CA GLY G 339 11.97 1.00 -9.23
C GLY G 339 11.41 -0.05 -10.15
N GLU G 340 11.33 0.31 -11.42
CA GLU G 340 10.87 -0.58 -12.47
C GLU G 340 12.03 -1.37 -13.07
N PHE G 341 11.78 -2.64 -13.43
CA PHE G 341 12.82 -3.52 -14.00
C PHE G 341 12.26 -4.22 -15.21
N TYR G 342 12.98 -4.16 -16.32
CA TYR G 342 12.67 -4.96 -17.50
C TYR G 342 13.05 -6.44 -17.15
N PHE G 343 12.33 -7.38 -17.73
CA PHE G 343 12.66 -8.81 -17.58
C PHE G 343 12.25 -9.59 -18.83
N ALA G 344 12.90 -10.73 -19.02
CA ALA G 344 12.46 -11.72 -19.96
C ALA G 344 12.75 -13.11 -19.37
N ILE G 345 11.77 -14.02 -19.52
CA ILE G 345 11.85 -15.35 -18.98
C ILE G 345 11.44 -16.31 -20.08
N LEU G 346 12.33 -17.25 -20.39
CA LEU G 346 12.11 -18.22 -21.46
C LEU G 346 12.24 -19.63 -20.86
N LEU G 347 11.15 -20.40 -20.90
CA LEU G 347 11.14 -21.78 -20.50
C LEU G 347 10.96 -22.72 -21.69
N HIS G 348 11.53 -23.91 -21.58
CA HIS G 348 11.21 -25.01 -22.45
C HIS G 348 10.05 -25.83 -21.89
N THR G 349 9.23 -26.36 -22.79
CA THR G 349 8.16 -27.32 -22.50
C THR G 349 8.16 -28.38 -23.60
N ASP G 350 7.49 -29.52 -23.37
CA ASP G 350 7.22 -30.54 -24.40
C ASP G 350 5.77 -31.04 -24.28
N MET G 351 4.85 -30.37 -24.97
CA MET G 351 3.47 -30.85 -25.03
C MET G 351 3.30 -32.24 -25.60
N ASP G 352 4.15 -32.62 -26.54
CA ASP G 352 4.15 -34.00 -27.03
C ASP G 352 4.47 -35.06 -25.96
N GLN G 353 5.16 -34.67 -24.90
CA GLN G 353 5.35 -35.55 -23.75
C GLN G 353 4.10 -35.46 -22.88
N SER G 354 3.70 -34.25 -22.50
CA SER G 354 2.50 -34.08 -21.72
C SER G 354 1.99 -32.65 -21.84
N SER G 355 0.67 -32.52 -22.03
CA SER G 355 0.05 -31.22 -22.10
C SER G 355 0.04 -30.58 -20.75
N SER G 356 0.22 -31.35 -19.67
CA SER G 356 0.36 -30.75 -18.33
C SER G 356 1.57 -29.80 -18.16
N ASP G 357 2.58 -29.94 -19.02
CA ASP G 357 3.74 -29.04 -19.05
C ASP G 357 3.34 -27.54 -19.11
N ARG G 358 2.29 -27.21 -19.84
CA ARG G 358 1.92 -25.78 -20.00
C ARG G 358 1.56 -25.16 -18.64
N GLY G 359 0.70 -25.83 -17.88
CA GLY G 359 0.31 -25.37 -16.55
C GLY G 359 1.44 -25.33 -15.53
N VAL G 360 2.36 -26.30 -15.61
CA VAL G 360 3.53 -26.31 -14.74
C VAL G 360 4.43 -25.12 -15.06
N ALA G 361 4.68 -24.89 -16.34
CA ALA G 361 5.55 -23.78 -16.76
C ALA G 361 4.96 -22.43 -16.34
N SER G 362 3.63 -22.31 -16.46
CA SER G 362 2.91 -21.11 -16.15
C SER G 362 3.13 -20.69 -14.70
N GLN G 363 2.99 -21.61 -13.77
CA GLN G 363 3.16 -21.27 -12.34
C GLN G 363 4.65 -21.06 -11.96
N MET G 364 5.55 -21.72 -12.66
CA MET G 364 6.97 -21.51 -12.44
C MET G 364 7.33 -20.06 -12.81
N ILE G 365 6.84 -19.60 -13.95
CA ILE G 365 7.09 -18.25 -14.39
C ILE G 365 6.51 -17.22 -13.40
N LYS G 366 5.27 -17.45 -12.96
CA LYS G 366 4.64 -16.59 -11.96
C LYS G 366 5.37 -16.51 -10.62
N ASN G 367 5.82 -17.65 -10.12
CA ASN G 367 6.62 -17.66 -8.92
C ASN G 367 7.97 -16.97 -9.10
N LYS G 368 8.56 -17.11 -10.28
CA LYS G 368 9.83 -16.49 -10.57
C LYS G 368 9.66 -14.98 -10.51
N ILE G 369 8.61 -14.46 -11.16
CA ILE G 369 8.31 -13.05 -11.12
C ILE G 369 8.10 -12.57 -9.69
N SER G 370 7.35 -13.34 -8.88
CA SER G 370 7.13 -12.98 -7.48
C SER G 370 8.43 -12.92 -6.70
N GLN G 371 9.31 -13.88 -6.94
CA GLN G 371 10.62 -13.89 -6.30
C GLN G 371 11.43 -12.63 -6.65
N LEU G 372 11.46 -12.28 -7.93
CA LEU G 372 12.15 -11.08 -8.35
C LEU G 372 11.56 -9.85 -7.62
N ILE G 373 10.23 -9.79 -7.52
CA ILE G 373 9.59 -8.71 -6.83
C ILE G 373 9.99 -8.69 -5.35
N ASN G 374 9.93 -9.85 -4.69
CA ASN G 374 10.36 -9.96 -3.31
C ASN G 374 11.75 -9.36 -3.05
N LYS G 375 12.72 -9.73 -3.89
CA LYS G 375 14.10 -9.27 -3.80
C LYS G 375 14.28 -7.78 -4.11
N ARG G 376 13.31 -7.16 -4.74
CA ARG G 376 13.30 -5.73 -4.95
C ARG G 376 12.32 -5.00 -4.00
N SER G 377 12.13 -5.57 -2.80
CA SER G 377 11.41 -4.95 -1.69
C SER G 377 9.90 -4.83 -1.92
N GLY G 378 9.37 -5.69 -2.77
CA GLY G 378 7.93 -5.81 -2.91
C GLY G 378 7.37 -4.94 -3.99
N PRO G 379 6.12 -5.14 -4.24
CA PRO G 379 5.51 -4.47 -5.41
C PRO G 379 5.17 -3.01 -5.18
N LYS G 380 5.13 -2.24 -6.25
CA LYS G 380 4.61 -0.88 -6.23
C LYS G 380 3.57 -0.76 -7.32
N GLU G 381 2.33 -0.48 -6.94
CA GLU G 381 1.24 -0.55 -7.90
C GLU G 381 1.39 0.54 -8.99
N ILE G 382 1.10 0.17 -10.25
CA ILE G 382 1.30 1.05 -11.37
C ILE G 382 0.11 2.03 -11.56
N GLN G 383 0.41 3.29 -11.91
CA GLN G 383 -0.60 4.25 -12.37
C GLN G 383 -1.23 3.86 -13.71
N TYR G 384 -2.42 3.26 -13.72
CA TYR G 384 -3.00 2.73 -14.95
C TYR G 384 -4.51 2.56 -14.85
N THR G 385 -5.21 2.97 -15.90
CA THR G 385 -6.64 2.64 -16.07
C THR G 385 -6.81 1.81 -17.36
N GLU G 386 -7.59 0.77 -17.22
CA GLU G 386 -7.79 -0.20 -18.24
C GLU G 386 -8.16 0.51 -19.51
N ILE G 387 -7.34 0.30 -20.54
CA ILE G 387 -7.68 0.69 -21.91
C ILE G 387 -8.72 -0.30 -22.46
N LEU G 388 -9.79 0.24 -23.00
CA LEU G 388 -10.79 -0.55 -23.68
C LEU G 388 -10.39 -0.51 -25.14
N ALA G 389 -9.85 -1.63 -25.64
CA ALA G 389 -9.13 -1.64 -26.91
C ALA G 389 -10.02 -2.02 -28.10
N LEU G 390 -10.82 -1.07 -28.54
CA LEU G 390 -11.62 -1.21 -29.73
C LEU G 390 -10.81 -0.90 -30.99
N PRO G 391 -11.20 -1.51 -32.13
CA PRO G 391 -10.59 -1.17 -33.40
C PRO G 391 -11.02 0.17 -34.02
N PHE G 392 -11.87 0.95 -33.34
CA PHE G 392 -12.27 2.28 -33.79
C PHE G 392 -12.43 3.14 -32.56
N ASP G 393 -12.39 4.46 -32.74
CA ASP G 393 -12.61 5.41 -31.63
C ASP G 393 -13.39 6.63 -32.13
N GLN G 394 -13.34 7.75 -31.39
CA GLN G 394 -14.15 8.95 -31.75
C GLN G 394 -13.71 9.66 -33.02
N ASN G 395 -12.55 9.33 -33.55
CA ASN G 395 -12.10 9.84 -34.84
C ASN G 395 -12.22 8.84 -35.97
N SER G 396 -12.97 7.80 -35.74
CA SER G 396 -13.19 6.79 -36.76
C SER G 396 -14.45 7.07 -37.58
N TYR G 397 -15.30 8.02 -37.16
CA TYR G 397 -16.48 8.36 -37.97
C TYR G 397 -16.08 8.77 -39.39
N LEU G 398 -16.89 8.37 -40.36
CA LEU G 398 -16.67 8.67 -41.78
C LEU G 398 -16.57 10.15 -42.12
N THR G 399 -15.56 10.48 -42.93
CA THR G 399 -15.32 11.84 -43.45
C THR G 399 -14.90 11.79 -44.91
N LYS H 1 -10.98 -44.63 -30.26
CA LYS H 1 -10.27 -43.87 -31.31
C LYS H 1 -10.50 -42.35 -31.21
N SER H 2 -9.48 -41.60 -30.78
CA SER H 2 -9.62 -40.15 -30.70
C SER H 2 -9.29 -39.53 -32.03
N SER H 3 -9.62 -38.25 -32.17
CA SER H 3 -9.33 -37.49 -33.39
C SER H 3 -8.37 -36.32 -33.15
N LYS H 4 -7.21 -36.39 -33.81
CA LYS H 4 -6.21 -35.31 -33.77
C LYS H 4 -6.83 -33.98 -34.21
N ALA H 5 -7.48 -33.97 -35.36
CA ALA H 5 -8.14 -32.77 -35.87
C ALA H 5 -9.15 -32.15 -34.88
N LEU H 6 -9.93 -32.98 -34.21
CA LEU H 6 -10.89 -32.52 -33.21
C LEU H 6 -10.21 -31.96 -31.98
N ASN H 7 -9.24 -32.68 -31.46
CA ASN H 7 -8.49 -32.21 -30.29
C ASN H 7 -7.83 -30.82 -30.56
N GLU H 8 -7.23 -30.67 -31.74
CA GLU H 8 -6.57 -29.43 -32.10
C GLU H 8 -7.57 -28.31 -32.29
N ALA H 9 -8.69 -28.63 -32.93
CA ALA H 9 -9.78 -27.67 -33.07
C ALA H 9 -10.35 -27.20 -31.71
N ALA H 10 -10.49 -28.12 -30.76
CA ALA H 10 -10.95 -27.80 -29.38
C ALA H 10 -9.98 -26.89 -28.66
N GLU H 11 -8.69 -27.19 -28.74
CA GLU H 11 -7.65 -26.38 -28.14
C GLU H 11 -7.61 -24.95 -28.72
N GLN H 12 -7.71 -24.87 -30.04
CA GLN H 12 -7.62 -23.61 -30.76
C GLN H 12 -8.88 -22.75 -30.79
N GLY H 13 -10.03 -23.26 -30.33
CA GLY H 13 -11.25 -22.47 -30.35
C GLY H 13 -12.05 -22.40 -31.66
N ASP H 14 -11.82 -23.35 -32.57
CA ASP H 14 -12.61 -23.43 -33.81
C ASP H 14 -13.90 -24.24 -33.54
N LEU H 15 -14.90 -23.55 -32.98
CA LEU H 15 -16.19 -24.16 -32.67
C LEU H 15 -16.84 -24.75 -33.89
N ALA H 16 -16.77 -24.05 -35.02
CA ALA H 16 -17.40 -24.51 -36.27
C ALA H 16 -16.86 -25.89 -36.68
N LYS H 17 -15.53 -26.01 -36.62
CA LYS H 17 -14.85 -27.24 -36.98
C LYS H 17 -15.15 -28.37 -35.98
N VAL H 18 -15.27 -28.04 -34.71
CA VAL H 18 -15.60 -29.02 -33.67
C VAL H 18 -16.99 -29.60 -33.90
N LYS H 19 -17.99 -28.72 -33.99
CA LYS H 19 -19.37 -29.13 -34.31
C LYS H 19 -19.45 -29.91 -35.63
N ASN H 20 -18.68 -29.50 -36.64
CA ASN H 20 -18.65 -30.22 -37.91
C ASN H 20 -18.15 -31.67 -37.78
N LEU H 21 -17.04 -31.86 -37.07
CA LEU H 21 -16.48 -33.20 -36.86
C LEU H 21 -17.36 -34.11 -35.95
N VAL H 22 -17.96 -33.52 -34.91
CA VAL H 22 -18.84 -34.22 -33.97
C VAL H 22 -20.19 -34.58 -34.62
N GLN H 23 -20.68 -33.73 -35.54
CA GLN H 23 -21.92 -33.96 -36.30
C GLN H 23 -21.86 -35.22 -37.16
N LYS H 24 -20.73 -35.50 -37.82
CA LYS H 24 -20.61 -36.75 -38.61
C LYS H 24 -20.80 -38.02 -37.70
N ASN H 25 -20.49 -37.89 -36.40
CA ASN H 25 -20.85 -38.88 -35.34
C ASN H 25 -19.88 -40.09 -35.26
N LYS H 26 -18.66 -39.93 -35.77
CA LYS H 26 -17.67 -41.00 -35.79
C LYS H 26 -16.93 -41.08 -34.47
N ILE H 27 -16.84 -39.96 -33.76
CA ILE H 27 -15.83 -39.81 -32.71
C ILE H 27 -16.40 -40.04 -31.32
N ASP H 28 -15.78 -40.95 -30.59
CA ASP H 28 -16.03 -41.15 -29.19
C ASP H 28 -15.33 -40.02 -28.43
N LEU H 29 -16.10 -39.16 -27.78
CA LEU H 29 -15.59 -37.94 -27.17
C LEU H 29 -14.85 -38.18 -25.85
N ASN H 30 -14.94 -39.41 -25.36
CA ASN H 30 -14.20 -39.88 -24.19
C ASN H 30 -12.96 -40.67 -24.54
N ALA H 31 -12.74 -40.91 -25.84
CA ALA H 31 -11.48 -41.47 -26.33
C ALA H 31 -10.27 -40.52 -26.03
N GLN H 32 -9.26 -41.07 -25.38
CA GLN H 32 -8.06 -40.34 -24.97
C GLN H 32 -6.95 -40.63 -25.95
N ASP H 33 -6.11 -39.63 -26.21
CA ASP H 33 -5.03 -39.77 -27.23
C ASP H 33 -3.78 -40.42 -26.60
N GLU H 34 -2.66 -40.42 -27.30
CA GLU H 34 -1.47 -41.13 -26.83
C GLU H 34 -0.88 -40.55 -25.51
N THR H 35 -1.23 -39.31 -25.14
CA THR H 35 -0.87 -38.75 -23.83
C THR H 35 -2.03 -38.62 -22.86
N GLY H 36 -3.13 -39.27 -23.16
CA GLY H 36 -4.31 -39.29 -22.27
C GLY H 36 -5.28 -38.14 -22.46
N MET H 37 -5.07 -37.32 -23.49
CA MET H 37 -5.87 -36.08 -23.68
C MET H 37 -7.23 -36.35 -24.33
N THR H 38 -8.27 -35.68 -23.80
CA THR H 38 -9.62 -35.69 -24.37
C THR H 38 -9.94 -34.36 -25.07
N PRO H 39 -10.93 -34.36 -25.97
CA PRO H 39 -11.42 -33.06 -26.46
C PRO H 39 -11.78 -32.04 -25.35
N LEU H 40 -12.37 -32.49 -24.25
CA LEU H 40 -12.78 -31.61 -23.16
C LEU H 40 -11.56 -30.96 -22.46
N MET H 41 -10.52 -31.75 -22.23
CA MET H 41 -9.25 -31.23 -21.72
C MET H 41 -8.64 -30.16 -22.64
N ASN H 42 -8.62 -30.44 -23.93
CA ASN H 42 -8.09 -29.49 -24.88
C ASN H 42 -8.91 -28.21 -24.90
N ALA H 43 -10.24 -28.33 -24.89
CA ALA H 43 -11.11 -27.16 -24.87
C ALA H 43 -10.85 -26.33 -23.61
N ALA H 44 -10.72 -27.01 -22.46
CA ALA H 44 -10.47 -26.35 -21.20
C ALA H 44 -9.10 -25.66 -21.18
N MET H 45 -8.06 -26.41 -21.57
CA MET H 45 -6.69 -25.85 -21.65
C MET H 45 -6.62 -24.59 -22.51
N GLY H 46 -7.30 -24.60 -23.66
CA GLY H 46 -7.36 -23.45 -24.56
C GLY H 46 -8.34 -22.32 -24.20
N GLY H 47 -9.08 -22.46 -23.09
CA GLY H 47 -9.95 -21.39 -22.58
C GLY H 47 -11.16 -21.05 -23.45
N ASN H 48 -11.72 -22.08 -24.07
CA ASN H 48 -12.74 -21.95 -25.08
C ASN H 48 -14.06 -22.43 -24.47
N LEU H 49 -14.74 -21.50 -23.80
CA LEU H 49 -15.97 -21.77 -23.08
C LEU H 49 -17.11 -22.31 -23.96
N ASP H 50 -17.17 -21.82 -25.20
CA ASP H 50 -18.12 -22.32 -26.19
C ASP H 50 -18.00 -23.80 -26.41
N ILE H 51 -16.78 -24.23 -26.69
CA ILE H 51 -16.52 -25.59 -27.04
C ILE H 51 -16.75 -26.50 -25.82
N VAL H 52 -16.41 -26.02 -24.62
CA VAL H 52 -16.71 -26.72 -23.38
C VAL H 52 -18.24 -26.97 -23.24
N LYS H 53 -19.03 -25.91 -23.36
CA LYS H 53 -20.48 -26.00 -23.24
C LYS H 53 -21.09 -26.97 -24.27
N PHE H 54 -20.60 -26.91 -25.51
CA PHE H 54 -21.01 -27.86 -26.54
C PHE H 54 -20.63 -29.29 -26.18
N LEU H 55 -19.41 -29.52 -25.71
CA LEU H 55 -18.99 -30.85 -25.27
C LEU H 55 -19.77 -31.34 -24.02
N LEU H 56 -20.03 -30.44 -23.07
CA LEU H 56 -20.85 -30.77 -21.90
C LEU H 56 -22.29 -31.13 -22.28
N SER H 57 -22.78 -30.59 -23.39
CA SER H 57 -24.11 -30.97 -23.88
C SER H 57 -24.16 -32.41 -24.37
N LYS H 58 -22.99 -33.00 -24.67
CA LYS H 58 -22.88 -34.41 -25.05
C LYS H 58 -22.63 -35.34 -23.86
N LYS H 59 -22.61 -34.80 -22.64
CA LYS H 59 -22.40 -35.53 -21.35
C LYS H 59 -21.13 -36.35 -21.34
N VAL H 60 -20.05 -35.70 -21.70
CA VAL H 60 -18.71 -36.32 -21.63
C VAL H 60 -18.36 -36.61 -20.17
N ASN H 61 -17.44 -37.55 -19.99
CA ASN H 61 -16.88 -37.86 -18.69
C ASN H 61 -15.96 -36.74 -18.19
N LEU H 62 -16.31 -36.17 -17.03
CA LEU H 62 -15.59 -35.03 -16.48
C LEU H 62 -14.25 -35.42 -15.82
N GLU H 63 -14.17 -36.68 -15.38
CA GLU H 63 -13.13 -37.10 -14.46
C GLU H 63 -12.03 -37.95 -15.08
N LEU H 64 -12.02 -38.10 -16.40
CA LEU H 64 -10.86 -38.66 -17.08
C LEU H 64 -9.60 -37.77 -16.84
N LYS H 65 -8.44 -38.43 -16.81
CA LYS H 65 -7.18 -37.79 -16.52
C LYS H 65 -6.20 -38.06 -17.64
N ASN H 66 -5.44 -37.05 -18.00
CA ASN H 66 -4.32 -37.24 -18.94
C ASN H 66 -3.12 -37.89 -18.20
N ASN H 67 -2.03 -38.13 -18.91
CA ASN H 67 -0.87 -38.74 -18.31
C ASN H 67 -0.37 -38.01 -17.08
N GLY H 68 -0.53 -36.69 -17.07
CA GLY H 68 -0.15 -35.84 -15.94
C GLY H 68 -1.09 -35.83 -14.76
N GLY H 69 -2.10 -36.72 -14.76
CA GLY H 69 -3.02 -36.88 -13.65
C GLY H 69 -4.12 -35.83 -13.54
N GLU H 70 -4.25 -34.98 -14.56
CA GLU H 70 -5.10 -33.83 -14.52
C GLU H 70 -6.44 -34.09 -15.22
N THR H 71 -7.52 -33.70 -14.57
CA THR H 71 -8.82 -33.58 -15.22
C THR H 71 -8.98 -32.26 -16.01
N ALA H 72 -10.04 -32.18 -16.82
CA ALA H 72 -10.37 -30.95 -17.55
C ALA H 72 -10.46 -29.71 -16.64
N LEU H 73 -11.05 -29.87 -15.46
CA LEU H 73 -11.08 -28.79 -14.46
C LEU H 73 -9.66 -28.31 -14.11
N ALA H 74 -8.75 -29.27 -13.88
CA ALA H 74 -7.35 -28.92 -13.62
C ALA H 74 -6.69 -28.17 -14.80
N PHE H 75 -6.97 -28.60 -16.05
CA PHE H 75 -6.44 -27.90 -17.22
C PHE H 75 -6.94 -26.47 -17.23
N ALA H 76 -8.21 -26.28 -16.95
CA ALA H 76 -8.80 -24.94 -16.96
C ALA H 76 -8.11 -24.04 -15.93
N VAL H 77 -8.03 -24.52 -14.70
CA VAL H 77 -7.46 -23.75 -13.60
C VAL H 77 -5.98 -23.42 -13.84
N THR H 78 -5.19 -24.44 -14.16
CA THR H 78 -3.76 -24.26 -14.36
C THR H 78 -3.45 -23.30 -15.53
N ASN H 79 -4.34 -23.25 -16.54
CA ASN H 79 -4.15 -22.36 -17.69
C ASN H 79 -5.00 -21.09 -17.65
N ASP H 80 -5.45 -20.70 -16.46
CA ASP H 80 -6.13 -19.42 -16.28
C ASP H 80 -7.43 -19.20 -17.10
N ALA H 81 -8.11 -20.29 -17.41
CA ALA H 81 -9.41 -20.27 -18.06
C ALA H 81 -10.47 -20.43 -16.98
N TYR H 82 -10.60 -19.40 -16.14
CA TYR H 82 -11.44 -19.47 -14.96
C TYR H 82 -12.93 -19.43 -15.27
N ASP H 83 -13.29 -18.79 -16.38
CA ASP H 83 -14.67 -18.87 -16.88
C ASP H 83 -15.05 -20.35 -17.21
N VAL H 84 -14.13 -21.10 -17.79
CA VAL H 84 -14.30 -22.54 -18.02
C VAL H 84 -14.35 -23.33 -16.68
N ALA H 85 -13.49 -22.95 -15.72
CA ALA H 85 -13.47 -23.59 -14.40
C ALA H 85 -14.82 -23.48 -13.72
N GLU H 86 -15.41 -22.29 -13.76
CA GLU H 86 -16.74 -22.08 -13.22
C GLU H 86 -17.81 -22.92 -13.87
N GLU H 87 -17.77 -23.04 -15.19
CA GLU H 87 -18.74 -23.86 -15.93
C GLU H 87 -18.62 -25.33 -15.53
N LEU H 88 -17.38 -25.85 -15.50
CA LEU H 88 -17.12 -27.23 -15.11
C LEU H 88 -17.55 -27.52 -13.69
N ILE H 89 -17.34 -26.58 -12.77
CA ILE H 89 -17.76 -26.77 -11.38
C ILE H 89 -19.28 -26.85 -11.27
N LYS H 90 -19.97 -25.97 -11.97
CA LYS H 90 -21.44 -26.04 -12.04
C LYS H 90 -21.94 -27.33 -12.67
N ALA H 91 -21.17 -27.88 -13.62
CA ALA H 91 -21.54 -29.14 -14.25
C ALA H 91 -21.29 -30.38 -13.37
N GLY H 92 -20.73 -30.21 -12.17
CA GLY H 92 -20.43 -31.33 -11.26
C GLY H 92 -19.00 -31.85 -11.28
N ALA H 93 -18.06 -31.09 -11.85
CA ALA H 93 -16.65 -31.53 -11.82
C ALA H 93 -16.15 -31.61 -10.39
N ASN H 94 -15.39 -32.65 -10.12
CA ASN H 94 -14.79 -32.81 -8.80
C ASN H 94 -13.71 -31.75 -8.61
N VAL H 95 -13.82 -31.04 -7.48
CA VAL H 95 -12.86 -29.97 -7.11
C VAL H 95 -11.76 -30.46 -6.16
N ASP H 96 -11.97 -31.59 -5.46
CA ASP H 96 -10.99 -32.14 -4.57
C ASP H 96 -9.96 -32.94 -5.36
N ILE H 97 -9.12 -32.24 -6.11
CA ILE H 97 -8.21 -32.87 -7.07
C ILE H 97 -6.85 -32.20 -6.97
N ILE H 98 -5.88 -32.85 -7.60
CA ILE H 98 -4.48 -32.43 -7.59
C ILE H 98 -4.13 -31.93 -8.99
N VAL H 99 -3.41 -30.82 -9.07
CA VAL H 99 -2.89 -30.36 -10.36
C VAL H 99 -1.47 -30.90 -10.51
N ALA H 100 -0.98 -30.92 -11.74
CA ALA H 100 0.33 -31.55 -12.05
C ALA H 100 1.49 -30.76 -11.44
N GLY H 101 2.66 -31.40 -11.42
CA GLY H 101 3.87 -30.81 -10.85
C GLY H 101 4.34 -31.60 -9.65
N ASP H 102 5.57 -31.35 -9.25
CA ASP H 102 6.26 -32.09 -8.21
C ASP H 102 5.69 -31.93 -6.81
N GLU H 103 4.94 -30.85 -6.58
CA GLU H 103 4.45 -30.49 -5.27
C GLU H 103 3.14 -31.20 -4.88
N GLY H 104 2.35 -31.65 -5.87
CA GLY H 104 1.01 -32.12 -5.62
C GLY H 104 0.04 -31.06 -5.11
N ASP H 105 0.16 -29.85 -5.66
CA ASP H 105 -0.72 -28.73 -5.27
C ASP H 105 -2.20 -29.12 -5.44
N THR H 106 -3.05 -28.71 -4.51
CA THR H 106 -4.46 -28.93 -4.68
C THR H 106 -4.95 -27.93 -5.71
N LEU H 107 -6.03 -28.28 -6.38
CA LEU H 107 -6.73 -27.35 -7.26
C LEU H 107 -7.05 -26.02 -6.52
N PHE H 108 -7.53 -26.11 -5.28
CA PHE H 108 -7.80 -24.93 -4.48
C PHE H 108 -6.56 -23.98 -4.34
N MET H 109 -5.39 -24.58 -4.02
CA MET H 109 -4.14 -23.86 -3.94
C MET H 109 -3.82 -23.08 -5.23
N ARG H 110 -3.96 -23.73 -6.37
CA ARG H 110 -3.68 -23.05 -7.63
C ARG H 110 -4.65 -21.86 -7.88
N ALA H 111 -5.95 -22.10 -7.65
CA ALA H 111 -6.95 -21.07 -7.77
C ALA H 111 -6.75 -19.94 -6.78
N ALA H 112 -6.38 -20.28 -5.53
CA ALA H 112 -6.15 -19.26 -4.52
C ALA H 112 -5.05 -18.29 -4.91
N GLN H 113 -4.03 -18.75 -5.62
CA GLN H 113 -2.95 -17.83 -6.00
C GLN H 113 -3.38 -16.88 -7.12
N ASN H 114 -4.42 -17.20 -7.87
CA ASN H 114 -4.68 -16.59 -9.19
C ASN H 114 -6.06 -15.98 -9.45
N ASN H 115 -7.11 -16.63 -8.93
CA ASN H 115 -8.52 -16.17 -9.11
C ASN H 115 -9.38 -16.40 -7.84
N LYS H 116 -9.68 -15.31 -7.16
CA LYS H 116 -10.41 -15.35 -5.92
C LYS H 116 -11.83 -15.97 -6.07
N LYS H 117 -12.54 -15.68 -7.17
CA LYS H 117 -13.87 -16.22 -7.40
C LYS H 117 -13.94 -17.75 -7.51
N THR H 118 -13.02 -18.34 -8.28
CA THR H 118 -12.96 -19.80 -8.41
C THR H 118 -12.43 -20.45 -7.13
N ALA H 119 -11.57 -19.76 -6.39
CA ALA H 119 -11.14 -20.20 -5.06
C ALA H 119 -12.37 -20.35 -4.14
N GLU H 120 -13.26 -19.37 -4.19
CA GLU H 120 -14.48 -19.41 -3.40
C GLU H 120 -15.45 -20.51 -3.86
N SER H 121 -15.57 -20.71 -5.19
CA SER H 121 -16.45 -21.74 -5.72
C SER H 121 -16.03 -23.15 -5.28
N ILE H 122 -14.73 -23.37 -5.20
CA ILE H 122 -14.16 -24.61 -4.74
C ILE H 122 -14.46 -24.82 -3.28
N LEU H 123 -14.20 -23.80 -2.45
CA LEU H 123 -14.50 -23.88 -1.00
C LEU H 123 -16.00 -24.07 -0.71
N ALA H 124 -16.86 -23.51 -1.56
CA ALA H 124 -18.33 -23.69 -1.45
C ALA H 124 -18.75 -25.17 -1.62
N LYS H 125 -17.96 -25.95 -2.36
CA LYS H 125 -18.14 -27.42 -2.43
C LYS H 125 -17.54 -28.19 -1.26
N ASN H 126 -16.43 -27.70 -0.71
CA ASN H 126 -15.76 -28.35 0.38
C ASN H 126 -14.89 -27.35 1.15
N LYS H 127 -15.45 -26.80 2.22
CA LYS H 127 -14.72 -25.88 3.12
C LYS H 127 -13.36 -26.36 3.63
N SER H 128 -13.21 -27.66 3.89
CA SER H 128 -11.98 -28.15 4.54
C SER H 128 -10.75 -28.07 3.60
N LEU H 129 -10.99 -27.89 2.30
CA LEU H 129 -9.89 -27.67 1.35
C LEU H 129 -8.99 -26.49 1.68
N ILE H 130 -9.48 -25.49 2.41
CA ILE H 130 -8.64 -24.34 2.87
C ILE H 130 -7.31 -24.80 3.51
N ASN H 131 -7.42 -25.89 4.29
CA ASN H 131 -6.31 -26.44 5.05
C ASN H 131 -5.79 -27.81 4.58
N LYS H 132 -6.18 -28.23 3.38
CA LYS H 132 -5.67 -29.46 2.82
C LYS H 132 -4.28 -29.22 2.18
N ALA H 133 -3.30 -29.97 2.68
CA ALA H 133 -1.92 -29.80 2.31
C ALA H 133 -1.55 -30.60 1.06
N ASN H 134 -0.60 -30.10 0.28
CA ASN H 134 0.03 -30.86 -0.84
C ASN H 134 1.04 -31.92 -0.31
N THR H 135 1.78 -32.59 -1.20
CA THR H 135 2.70 -33.66 -0.79
C THR H 135 3.85 -33.21 0.11
N LEU H 136 4.21 -31.91 0.09
CA LEU H 136 5.26 -31.39 0.97
C LEU H 136 4.69 -30.80 2.26
N GLY H 137 3.40 -31.02 2.54
CA GLY H 137 2.77 -30.47 3.74
C GLY H 137 2.44 -28.99 3.69
N GLU H 138 2.20 -28.46 2.50
CA GLU H 138 1.95 -27.05 2.34
C GLU H 138 0.55 -26.77 1.83
N THR H 139 -0.03 -25.68 2.32
CA THR H 139 -1.34 -25.21 1.90
C THR H 139 -1.20 -23.87 1.17
N ALA H 140 -2.34 -23.35 0.72
CA ALA H 140 -2.43 -22.07 0.00
C ALA H 140 -1.74 -20.93 0.74
N LEU H 141 -1.91 -20.92 2.06
CA LEU H 141 -1.23 -19.95 2.89
C LEU H 141 0.33 -19.94 2.66
N PHE H 142 0.94 -21.10 2.46
CA PHE H 142 2.40 -21.19 2.22
C PHE H 142 2.75 -20.59 0.85
N ALA H 143 1.96 -20.95 -0.18
CA ALA H 143 2.20 -20.45 -1.53
C ALA H 143 2.10 -18.92 -1.62
N VAL H 144 1.05 -18.35 -1.03
CA VAL H 144 0.83 -16.92 -1.13
C VAL H 144 1.80 -16.20 -0.15
N ALA H 145 2.19 -16.85 0.95
CA ALA H 145 3.26 -16.32 1.80
C ALA H 145 4.56 -16.11 1.04
N ARG H 146 4.92 -17.05 0.18
CA ARG H 146 6.11 -16.87 -0.64
C ARG H 146 5.87 -15.83 -1.72
N TYR H 147 4.76 -15.96 -2.46
CA TYR H 147 4.63 -15.31 -3.77
C TYR H 147 3.44 -14.38 -3.98
N GLY H 148 2.74 -14.10 -2.89
CA GLY H 148 1.47 -13.36 -2.90
C GLY H 148 1.55 -12.10 -2.07
N THR H 149 0.40 -11.65 -1.60
CA THR H 149 0.25 -10.33 -1.01
C THR H 149 -0.43 -10.45 0.35
N PRO H 150 -0.31 -9.41 1.18
CA PRO H 150 -1.16 -9.30 2.37
C PRO H 150 -2.66 -9.58 2.15
N ALA H 151 -3.24 -9.01 1.09
CA ALA H 151 -4.66 -9.27 0.72
C ALA H 151 -4.93 -10.77 0.53
N ASP H 152 -4.01 -11.48 -0.10
CA ASP H 152 -4.13 -12.94 -0.23
C ASP H 152 -4.12 -13.61 1.15
N ILE H 153 -3.18 -13.17 2.02
CA ILE H 153 -3.09 -13.71 3.38
C ILE H 153 -4.43 -13.56 4.11
N ASP H 154 -4.97 -12.35 4.21
CA ASP H 154 -6.21 -12.17 4.98
C ASP H 154 -7.48 -12.74 4.28
N PHE H 155 -7.46 -12.93 2.94
CA PHE H 155 -8.51 -13.74 2.30
C PHE H 155 -8.51 -15.19 2.85
N LEU H 156 -7.35 -15.81 2.90
CA LEU H 156 -7.21 -17.15 3.46
C LEU H 156 -7.44 -17.25 4.99
N ILE H 157 -6.98 -16.25 5.77
CA ILE H 157 -7.29 -16.21 7.23
C ILE H 157 -8.83 -16.17 7.43
N LYS H 158 -9.54 -15.35 6.62
CA LYS H 158 -11.02 -15.15 6.66
C LYS H 158 -11.79 -16.48 6.35
N LYS H 159 -11.21 -17.29 5.48
CA LYS H 159 -11.75 -18.60 5.13
C LYS H 159 -11.32 -19.72 6.09
N GLY H 160 -10.55 -19.38 7.13
CA GLY H 160 -10.20 -20.29 8.18
C GLY H 160 -8.88 -20.99 7.97
N ALA H 161 -7.92 -20.36 7.28
CA ALA H 161 -6.60 -20.97 7.19
C ALA H 161 -5.92 -21.01 8.57
N ASP H 162 -5.13 -22.05 8.82
CA ASP H 162 -4.52 -22.27 10.12
C ASP H 162 -3.07 -21.81 10.08
N LEU H 163 -2.79 -20.71 10.78
CA LEU H 163 -1.47 -20.05 10.79
C LEU H 163 -0.33 -20.94 11.27
N LYS H 164 -0.63 -21.86 12.18
CA LYS H 164 0.41 -22.63 12.85
C LYS H 164 0.75 -23.93 12.16
N LEU H 165 0.13 -24.28 11.03
CA LEU H 165 0.48 -25.53 10.36
C LEU H 165 1.95 -25.50 9.95
N LYS H 166 2.64 -26.63 10.15
CA LYS H 166 4.01 -26.80 9.67
C LYS H 166 4.06 -27.76 8.48
N ASN H 167 4.90 -27.43 7.51
CA ASN H 167 5.18 -28.34 6.40
C ASN H 167 6.09 -29.47 6.88
N LYS H 168 6.41 -30.36 5.97
CA LYS H 168 7.28 -31.48 6.29
C LYS H 168 8.72 -31.16 6.67
N LYS H 169 9.20 -29.96 6.38
CA LYS H 169 10.47 -29.48 6.91
C LYS H 169 10.34 -28.77 8.25
N GLY H 170 9.14 -28.72 8.82
CA GLY H 170 8.90 -28.01 10.07
C GLY H 170 8.76 -26.50 10.00
N GLN H 171 8.58 -25.94 8.80
CA GLN H 171 8.40 -24.49 8.62
C GLN H 171 6.92 -24.11 8.67
N THR H 172 6.65 -22.95 9.27
CA THR H 172 5.35 -22.30 9.10
C THR H 172 5.31 -21.46 7.79
N ALA H 173 4.14 -20.95 7.48
CA ALA H 173 3.97 -19.98 6.40
C ALA H 173 4.83 -18.71 6.63
N LEU H 174 4.83 -18.21 7.86
CA LEU H 174 5.72 -17.15 8.25
C LEU H 174 7.18 -17.46 7.93
N ASP H 175 7.64 -18.66 8.30
CA ASP H 175 9.03 -19.04 8.01
C ASP H 175 9.33 -19.00 6.50
N VAL H 176 8.42 -19.52 5.67
CA VAL H 176 8.66 -19.56 4.23
C VAL H 176 8.57 -18.18 3.58
N ALA H 177 7.73 -17.29 4.13
CA ALA H 177 7.69 -15.87 3.71
C ALA H 177 9.06 -15.20 3.90
N LYS H 178 9.67 -15.46 5.05
CA LYS H 178 10.99 -14.89 5.35
C LYS H 178 12.07 -15.47 4.47
N GLU H 179 12.05 -16.79 4.33
CA GLU H 179 12.99 -17.49 3.45
C GLU H 179 12.88 -17.00 1.99
N ALA H 180 11.67 -16.64 1.55
CA ALA H 180 11.44 -16.07 0.22
C ALA H 180 11.72 -14.55 0.09
N SER H 181 12.05 -13.88 1.19
CA SER H 181 12.21 -12.42 1.26
C SER H 181 10.98 -11.62 0.91
N ASN H 182 9.79 -12.17 1.17
CA ASN H 182 8.54 -11.46 0.98
C ASN H 182 8.27 -10.72 2.27
N GLN H 183 8.79 -9.49 2.33
CA GLN H 183 8.72 -8.69 3.53
C GLN H 183 7.26 -8.33 3.84
N ASP H 184 6.45 -8.14 2.79
CA ASP H 184 5.05 -7.74 2.95
C ASP H 184 4.20 -8.83 3.62
N THR H 185 4.27 -10.07 3.11
CA THR H 185 3.50 -11.19 3.70
C THR H 185 4.10 -11.58 5.06
N ALA H 186 5.43 -11.46 5.20
CA ALA H 186 6.11 -11.74 6.48
C ALA H 186 5.59 -10.84 7.59
N LYS H 187 5.55 -9.55 7.29
CA LYS H 187 4.89 -8.61 8.17
C LYS H 187 3.45 -8.95 8.53
N ALA H 188 2.60 -9.15 7.51
CA ALA H 188 1.17 -9.49 7.70
C ALA H 188 1.03 -10.73 8.57
N LEU H 189 1.86 -11.75 8.35
CA LEU H 189 1.74 -12.99 9.07
C LEU H 189 2.25 -12.85 10.51
N SER H 190 3.38 -12.17 10.69
CA SER H 190 4.00 -12.01 12.00
C SER H 190 3.28 -11.02 12.93
N LYS H 191 2.43 -10.15 12.41
CA LYS H 191 1.48 -9.41 13.26
C LYS H 191 0.28 -10.28 13.67
N LYS H 192 -0.25 -11.09 12.74
CA LYS H 192 -1.35 -12.04 13.00
C LYS H 192 -1.02 -13.07 14.09
N LYS H 193 -2.08 -13.71 14.60
CA LYS H 193 -2.02 -14.66 15.73
C LYS H 193 -2.94 -15.91 15.47
N MET I 1 42.34 -30.92 -14.47
CA MET I 1 41.27 -30.03 -13.90
C MET I 1 39.96 -30.78 -13.72
N VAL I 2 39.26 -30.48 -12.63
CA VAL I 2 37.98 -31.13 -12.33
C VAL I 2 36.92 -30.09 -12.21
N TYR I 3 35.84 -30.28 -12.96
CA TYR I 3 34.70 -29.37 -12.87
C TYR I 3 33.44 -29.97 -13.41
N VAL I 4 32.33 -29.35 -13.00
CA VAL I 4 31.00 -29.76 -13.39
C VAL I 4 30.78 -29.35 -14.84
N ASN I 5 30.50 -30.31 -15.70
CA ASN I 5 30.00 -30.05 -17.02
C ASN I 5 28.53 -29.74 -16.92
N SER I 6 27.78 -30.57 -16.20
CA SER I 6 26.35 -30.51 -16.24
C SER I 6 25.75 -31.38 -15.12
N VAL I 7 24.64 -30.92 -14.52
CA VAL I 7 23.85 -31.71 -13.59
C VAL I 7 22.37 -31.53 -13.91
N CYS I 8 21.60 -32.63 -13.90
CA CYS I 8 20.17 -32.58 -14.10
C CYS I 8 19.48 -33.40 -13.05
N HIS I 9 18.28 -32.97 -12.70
CA HIS I 9 17.40 -33.82 -11.96
C HIS I 9 15.95 -33.47 -12.17
N MET I 10 15.13 -34.49 -12.01
CA MET I 10 13.70 -34.44 -12.37
C MET I 10 13.02 -35.45 -11.44
N LYS I 11 11.89 -35.08 -10.90
CA LYS I 11 11.13 -36.00 -10.09
C LYS I 11 10.58 -37.11 -10.94
N ALA I 12 10.60 -38.32 -10.38
CA ALA I 12 10.02 -39.50 -11.04
C ALA I 12 8.52 -39.53 -10.84
N ALA I 13 7.78 -39.46 -11.93
CA ALA I 13 6.32 -39.34 -11.85
C ALA I 13 5.73 -39.90 -13.11
N ALA I 14 4.42 -39.75 -13.28
CA ALA I 14 3.79 -40.15 -14.51
C ALA I 14 4.36 -39.40 -15.75
N THR I 15 4.82 -38.20 -15.53
CA THR I 15 5.13 -37.29 -16.58
C THR I 15 6.60 -36.93 -16.38
N ALA I 16 7.28 -36.56 -17.48
CA ALA I 16 8.59 -35.98 -17.40
C ALA I 16 8.42 -34.49 -17.28
N GLY I 17 8.52 -34.00 -16.03
CA GLY I 17 8.24 -32.58 -15.73
C GLY I 17 9.40 -31.61 -15.50
N LYS I 18 9.37 -30.88 -14.39
CA LYS I 18 10.36 -29.88 -14.14
C LYS I 18 11.77 -30.48 -14.04
N VAL I 19 12.71 -29.87 -14.74
CA VAL I 19 14.13 -30.24 -14.62
C VAL I 19 14.95 -29.09 -14.08
N GLU I 20 15.77 -29.37 -13.07
CA GLU I 20 16.68 -28.37 -12.47
C GLU I 20 18.10 -28.98 -12.37
N GLY I 21 19.07 -28.15 -12.06
CA GLY I 21 20.45 -28.58 -12.07
C GLY I 21 21.46 -27.46 -12.28
N GLU I 22 22.51 -27.78 -13.01
CA GLU I 22 23.64 -26.88 -13.18
C GLU I 22 24.19 -27.03 -14.57
N GLY I 23 24.63 -25.91 -15.15
CA GLY I 23 25.23 -25.94 -16.45
C GLY I 23 24.21 -26.08 -17.54
N ASP I 24 24.74 -26.34 -18.73
CA ASP I 24 23.96 -26.36 -19.94
C ASP I 24 23.48 -27.81 -20.09
N MET I 25 22.20 -27.99 -19.90
CA MET I 25 21.57 -29.28 -20.03
C MET I 25 21.44 -29.71 -21.50
N GLN I 26 21.67 -28.80 -22.45
CA GLN I 26 21.56 -29.14 -23.88
C GLN I 26 22.92 -29.20 -24.58
N LYS I 27 24.01 -29.26 -23.82
CA LYS I 27 25.33 -29.41 -24.43
C LYS I 27 25.83 -30.85 -24.29
N LYS I 28 26.34 -31.40 -25.38
CA LYS I 28 26.91 -32.74 -25.39
C LYS I 28 28.19 -32.80 -24.60
N PHE I 29 28.32 -33.82 -23.74
CA PHE I 29 29.54 -34.09 -23.01
C PHE I 29 29.83 -35.59 -22.99
N PRO I 30 31.07 -35.97 -22.70
CA PRO I 30 31.40 -37.39 -22.73
C PRO I 30 30.68 -38.09 -21.62
N LEU I 31 30.12 -39.26 -21.93
CA LEU I 31 29.28 -40.04 -21.01
C LEU I 31 30.03 -41.08 -20.23
N ALA I 32 31.14 -41.58 -20.75
CA ALA I 32 31.77 -42.76 -20.17
C ALA I 32 30.69 -43.83 -20.04
N ALA I 33 30.76 -44.69 -19.01
CA ALA I 33 29.86 -45.88 -18.97
C ALA I 33 28.36 -45.58 -18.67
N ILE I 34 27.97 -44.34 -18.41
CA ILE I 34 26.48 -44.11 -18.34
C ILE I 34 25.85 -44.29 -19.72
N SER I 35 26.70 -44.32 -20.76
CA SER I 35 26.35 -44.85 -22.06
C SER I 35 25.62 -46.18 -22.01
N LYS I 36 26.00 -47.04 -21.08
CA LYS I 36 25.33 -48.35 -20.91
C LYS I 36 23.83 -48.26 -20.53
N VAL I 37 23.44 -47.17 -19.87
CA VAL I 37 22.02 -46.95 -19.53
C VAL I 37 21.21 -46.81 -20.83
N ILE I 38 21.80 -46.17 -21.84
CA ILE I 38 21.15 -45.98 -23.12
C ILE I 38 21.17 -47.26 -23.92
N THR I 39 22.32 -47.93 -23.95
CA THR I 39 22.43 -49.26 -24.54
C THR I 39 21.38 -50.25 -23.95
N THR I 40 21.22 -50.18 -22.63
CA THR I 40 20.19 -50.92 -21.90
C THR I 40 18.77 -50.64 -22.37
N LEU I 41 18.44 -49.37 -22.53
CA LEU I 41 17.08 -49.02 -23.03
C LEU I 41 16.84 -49.57 -24.46
N TRP I 42 17.85 -49.39 -25.31
CA TRP I 42 17.77 -49.80 -26.68
C TRP I 42 17.57 -51.30 -26.75
N ALA I 43 18.37 -52.05 -25.99
CA ALA I 43 18.20 -53.51 -25.98
C ALA I 43 16.77 -53.92 -25.53
N ILE I 44 16.29 -53.32 -24.43
CA ILE I 44 14.94 -53.61 -23.94
C ILE I 44 13.88 -53.24 -24.95
N GLU I 45 14.02 -52.10 -25.60
CA GLU I 45 13.04 -51.70 -26.58
C GLU I 45 12.96 -52.61 -27.81
N LYS I 46 14.13 -53.01 -28.34
CA LYS I 46 14.15 -53.80 -29.54
C LYS I 46 13.86 -55.26 -29.26
N LEU I 47 14.40 -55.80 -28.16
CA LEU I 47 14.31 -57.23 -27.86
C LEU I 47 13.20 -57.59 -26.90
N GLY I 48 12.86 -56.71 -25.96
CA GLY I 48 11.87 -57.01 -24.92
C GLY I 48 12.62 -57.36 -23.64
N VAL I 49 12.09 -56.94 -22.52
CA VAL I 49 12.78 -57.04 -21.24
C VAL I 49 13.12 -58.46 -20.79
N ASP I 50 12.25 -59.40 -21.17
CA ASP I 50 12.45 -60.78 -20.81
C ASP I 50 12.92 -61.64 -22.01
N TYR I 51 13.46 -61.02 -23.03
CA TYR I 51 14.00 -61.74 -24.19
C TYR I 51 15.14 -62.72 -23.78
N ARG I 52 15.16 -63.83 -24.49
CA ARG I 52 16.14 -64.85 -24.24
C ARG I 52 16.89 -65.20 -25.50
N HIS I 53 18.23 -65.20 -25.38
CA HIS I 53 19.10 -65.68 -26.43
C HIS I 53 19.01 -67.21 -26.48
N LYS I 54 18.40 -67.74 -27.55
CA LYS I 54 18.09 -69.16 -27.73
C LYS I 54 19.10 -69.81 -28.65
N THR I 55 20.17 -70.30 -28.05
CA THR I 55 21.20 -71.00 -28.79
C THR I 55 20.76 -72.46 -29.05
N VAL I 56 20.82 -72.91 -30.31
CA VAL I 56 20.29 -74.22 -30.68
C VAL I 56 21.44 -75.17 -30.96
N LEU I 57 21.33 -76.35 -30.37
CA LEU I 57 22.37 -77.35 -30.39
C LEU I 57 21.81 -78.56 -31.16
N HIS I 58 22.49 -78.94 -32.23
CA HIS I 58 22.05 -79.96 -33.19
C HIS I 58 22.95 -81.17 -33.00
N LEU I 59 22.40 -82.20 -32.39
CA LEU I 59 23.17 -83.34 -31.85
C LEU I 59 22.82 -84.56 -32.68
N THR I 60 23.84 -85.11 -33.34
CA THR I 60 23.64 -86.25 -34.22
C THR I 60 24.53 -87.41 -33.76
N PRO I 61 23.95 -88.59 -33.51
CA PRO I 61 24.82 -89.72 -33.11
C PRO I 61 25.81 -90.20 -34.19
N THR I 62 27.04 -90.46 -33.75
CA THR I 62 28.09 -91.09 -34.55
C THR I 62 28.12 -92.59 -34.29
N ALA I 63 28.65 -93.35 -35.24
CA ALA I 63 28.76 -94.83 -35.15
C ALA I 63 29.50 -95.38 -33.91
N ASN I 64 30.50 -94.65 -33.43
CA ASN I 64 31.19 -94.98 -32.16
C ASN I 64 30.38 -94.76 -30.85
N GLY I 65 29.23 -94.09 -30.94
CA GLY I 65 28.39 -93.80 -29.77
C GLY I 65 28.59 -92.43 -29.13
N SER I 66 29.38 -91.57 -29.74
CA SER I 66 29.38 -90.13 -29.33
C SER I 66 28.42 -89.30 -30.13
N MET I 67 28.49 -87.97 -29.98
CA MET I 67 27.69 -87.08 -30.78
C MET I 67 28.57 -86.19 -31.68
N ASP I 68 28.05 -85.86 -32.86
CA ASP I 68 28.45 -84.62 -33.56
C ASP I 68 27.53 -83.52 -33.03
N LEU I 69 28.05 -82.30 -33.01
CA LEU I 69 27.32 -81.13 -32.54
C LEU I 69 27.50 -79.97 -33.53
N HIS I 70 26.40 -79.41 -34.03
CA HIS I 70 26.43 -78.12 -34.70
C HIS I 70 25.73 -77.06 -33.83
N VAL I 71 26.45 -75.98 -33.48
CA VAL I 71 25.91 -74.90 -32.67
C VAL I 71 25.37 -73.82 -33.60
N GLU I 72 24.06 -73.61 -33.54
CA GLU I 72 23.42 -72.53 -34.26
C GLU I 72 23.28 -71.40 -33.26
N GLY I 73 23.98 -70.30 -33.50
CA GLY I 73 24.19 -69.27 -32.51
C GLY I 73 23.04 -68.31 -32.45
N SER I 74 22.87 -67.68 -31.29
CA SER I 74 21.90 -66.63 -31.07
C SER I 74 22.58 -65.29 -30.81
N ARG I 75 23.88 -65.20 -31.06
CA ARG I 75 24.72 -64.04 -30.72
C ARG I 75 24.71 -63.68 -29.23
N ASP I 76 24.51 -64.68 -28.39
CA ASP I 76 24.45 -64.49 -26.94
C ASP I 76 25.70 -63.71 -26.41
N PRO I 77 25.48 -62.50 -25.90
CA PRO I 77 26.58 -61.64 -25.50
C PRO I 77 27.19 -61.92 -24.12
N ILE I 78 26.70 -62.95 -23.41
CA ILE I 78 27.25 -63.34 -22.13
C ILE I 78 27.71 -64.83 -22.16
N PHE I 79 27.92 -65.37 -23.36
CA PHE I 79 28.32 -66.76 -23.52
C PHE I 79 29.82 -66.83 -23.31
N GLY I 80 30.21 -67.35 -22.16
CA GLY I 80 31.62 -67.59 -21.86
C GLY I 80 31.75 -68.75 -20.87
N ARG I 81 32.62 -68.56 -19.86
CA ARG I 81 32.95 -69.62 -18.92
C ARG I 81 31.70 -70.18 -18.22
N ASN I 82 30.91 -69.29 -17.62
CA ASN I 82 29.82 -69.73 -16.77
C ASN I 82 28.68 -70.42 -17.48
N LEU I 83 28.29 -69.86 -18.62
CA LEU I 83 27.32 -70.53 -19.47
C LEU I 83 27.85 -71.82 -20.11
N SER I 84 29.12 -71.86 -20.45
CA SER I 84 29.77 -73.09 -20.92
C SER I 84 29.75 -74.20 -19.83
N TYR I 85 30.09 -73.85 -18.58
CA TYR I 85 30.03 -74.82 -17.46
C TYR I 85 28.62 -75.40 -17.28
N PHE I 86 27.63 -74.52 -17.32
CA PHE I 86 26.24 -74.94 -17.29
C PHE I 86 25.87 -75.88 -18.47
N LEU I 87 26.31 -75.54 -19.69
CA LEU I 87 26.05 -76.36 -20.87
C LEU I 87 26.66 -77.75 -20.74
N ILE I 88 27.87 -77.80 -20.19
CA ILE I 88 28.56 -79.08 -19.98
C ILE I 88 27.79 -79.97 -18.98
N SER I 89 27.37 -79.40 -17.85
CA SER I 89 26.46 -80.07 -16.91
C SER I 89 25.22 -80.61 -17.67
N GLU I 90 24.60 -79.74 -18.46
CA GLU I 90 23.40 -80.07 -19.20
C GLU I 90 23.58 -81.19 -20.23
N LEU I 91 24.71 -81.17 -20.93
CA LEU I 91 25.03 -82.20 -21.90
C LEU I 91 25.16 -83.57 -21.22
N ASN I 92 25.81 -83.58 -20.04
CA ASN I 92 25.93 -84.81 -19.22
C ASN I 92 24.60 -85.33 -18.69
N ARG I 93 23.70 -84.43 -18.31
CA ARG I 93 22.35 -84.82 -17.93
C ARG I 93 21.63 -85.52 -19.08
N MET I 94 21.85 -85.08 -20.31
CA MET I 94 21.25 -85.72 -21.51
C MET I 94 22.19 -86.81 -22.11
N LYS I 95 23.17 -87.28 -21.33
CA LYS I 95 24.00 -88.50 -21.64
C LYS I 95 25.02 -88.26 -22.72
N VAL I 96 25.43 -87.01 -22.89
CA VAL I 96 26.48 -86.63 -23.82
C VAL I 96 27.76 -86.17 -23.07
N THR I 97 28.80 -86.99 -23.16
CA THR I 97 30.11 -86.71 -22.58
C THR I 97 31.20 -86.51 -23.62
N LYS I 98 30.97 -86.98 -24.86
CA LYS I 98 31.95 -86.93 -25.95
C LYS I 98 31.33 -86.35 -27.17
N ILE I 99 32.02 -85.38 -27.75
CA ILE I 99 31.66 -84.83 -29.05
C ILE I 99 32.75 -85.20 -30.05
N GLU I 100 32.36 -85.80 -31.17
CA GLU I 100 33.31 -86.02 -32.28
C GLU I 100 33.60 -84.71 -33.00
N ASN I 101 32.64 -84.28 -33.81
CA ASN I 101 32.76 -83.08 -34.63
C ASN I 101 31.89 -82.00 -34.06
N LEU I 102 32.55 -80.94 -33.59
CA LEU I 102 31.88 -79.76 -33.11
C LEU I 102 32.03 -78.68 -34.17
N THR I 103 30.92 -78.35 -34.82
CA THR I 103 30.86 -77.21 -35.72
C THR I 103 30.04 -76.09 -35.09
N PHE I 104 30.21 -74.87 -35.58
CA PHE I 104 29.45 -73.70 -35.11
C PHE I 104 29.32 -72.67 -36.24
N ASP I 105 28.23 -71.89 -36.20
CA ASP I 105 27.90 -70.94 -37.27
C ASP I 105 28.31 -69.50 -36.90
N GLU I 106 28.03 -68.56 -37.80
CA GLU I 106 28.50 -67.17 -37.66
C GLU I 106 27.90 -66.40 -36.51
N ASN I 107 26.88 -66.97 -35.87
CA ASN I 107 26.17 -66.35 -34.73
C ASN I 107 26.57 -66.88 -33.36
N PHE I 108 27.46 -67.86 -33.32
CA PHE I 108 27.95 -68.37 -32.04
C PHE I 108 29.14 -67.53 -31.54
N LEU I 109 28.90 -66.74 -30.50
CA LEU I 109 29.95 -65.92 -29.88
C LEU I 109 30.34 -66.61 -28.60
N LEU I 110 31.65 -66.78 -28.43
CA LEU I 110 32.23 -67.43 -27.26
C LEU I 110 33.51 -66.73 -26.92
N ASP I 111 33.46 -66.01 -25.81
CA ASP I 111 34.64 -65.43 -25.23
C ASP I 111 34.62 -65.90 -23.77
N TRP I 112 35.59 -66.76 -23.46
CA TRP I 112 35.68 -67.39 -22.16
C TRP I 112 35.57 -66.39 -21.01
N LEU I 113 36.23 -65.23 -21.14
CA LEU I 113 36.31 -64.24 -20.07
C LEU I 113 35.26 -63.12 -20.19
N ALA I 114 34.15 -63.39 -20.86
CA ALA I 114 33.02 -62.46 -20.98
C ALA I 114 32.60 -61.73 -19.70
N GLU I 115 32.61 -62.39 -18.58
CA GLU I 115 32.23 -61.78 -17.28
C GLU I 115 33.41 -61.47 -16.36
N GLU I 116 34.60 -61.42 -16.92
CA GLU I 116 35.83 -61.34 -16.13
C GLU I 116 36.78 -60.31 -16.74
N SER I 117 37.73 -59.87 -15.92
CA SER I 117 38.87 -59.09 -16.42
C SER I 117 39.69 -59.96 -17.39
N PRO I 118 40.22 -59.38 -18.47
CA PRO I 118 40.18 -57.94 -18.75
C PRO I 118 39.07 -57.52 -19.71
N ARG I 119 38.11 -58.41 -19.96
CA ARG I 119 36.96 -58.08 -20.84
C ARG I 119 35.97 -57.04 -20.27
N ILE I 120 35.80 -57.03 -18.95
CA ILE I 120 35.00 -56.03 -18.27
C ILE I 120 35.42 -54.60 -18.64
N GLY I 121 36.71 -54.30 -18.47
CA GLY I 121 37.26 -52.95 -18.69
C GLY I 121 38.13 -52.77 -19.93
N GLY I 122 38.35 -53.85 -20.67
CA GLY I 122 39.19 -53.79 -21.87
C GLY I 122 38.46 -53.18 -23.07
N VAL I 123 39.20 -52.99 -24.15
CA VAL I 123 38.62 -52.68 -25.45
C VAL I 123 38.09 -53.96 -26.00
N THR I 124 36.80 -53.98 -26.34
CA THR I 124 36.16 -55.19 -26.79
C THR I 124 36.71 -55.58 -28.18
N PRO I 125 37.19 -56.85 -28.33
CA PRO I 125 37.67 -57.29 -29.64
C PRO I 125 36.59 -57.12 -30.69
N ARG I 126 36.98 -56.55 -31.81
CA ARG I 126 36.10 -56.33 -32.94
C ARG I 126 36.66 -57.11 -34.11
N TYR I 127 35.95 -58.13 -34.56
CA TYR I 127 36.42 -59.01 -35.65
C TYR I 127 35.97 -58.44 -36.97
N GLU I 128 36.93 -58.13 -37.84
CA GLU I 128 36.60 -57.37 -39.02
C GLU I 128 36.15 -58.33 -40.11
N THR I 129 36.69 -59.54 -40.13
CA THR I 129 36.15 -60.60 -40.98
C THR I 129 35.56 -61.72 -40.13
N ILE I 130 34.74 -62.52 -40.78
CA ILE I 130 34.13 -63.68 -40.14
C ILE I 130 35.16 -64.76 -39.83
N GLU I 131 36.16 -64.87 -40.70
CA GLU I 131 37.32 -65.77 -40.48
C GLU I 131 38.02 -65.46 -39.17
N GLN I 132 38.26 -64.18 -38.88
CA GLN I 132 38.82 -63.75 -37.60
C GLN I 132 37.95 -64.12 -36.41
N GLN I 133 36.63 -63.95 -36.56
CA GLN I 133 35.67 -64.34 -35.51
C GLN I 133 35.69 -65.85 -35.27
N ALA I 134 35.62 -66.61 -36.36
CA ALA I 134 35.71 -68.05 -36.34
C ALA I 134 36.98 -68.55 -35.63
N GLU I 135 38.13 -68.02 -36.04
CA GLU I 135 39.41 -68.45 -35.47
C GLU I 135 39.50 -68.13 -33.96
N ALA I 136 38.93 -67.00 -33.52
CA ALA I 136 38.85 -66.68 -32.07
C ALA I 136 37.89 -67.62 -31.32
N VAL I 137 36.77 -67.98 -31.94
CA VAL I 137 35.82 -68.93 -31.32
C VAL I 137 36.49 -70.33 -31.22
N ILE I 138 37.15 -70.74 -32.29
CA ILE I 138 37.96 -71.95 -32.27
C ILE I 138 38.94 -71.93 -31.10
N LYS I 139 39.74 -70.86 -30.98
CA LYS I 139 40.73 -70.76 -29.90
C LYS I 139 40.14 -70.95 -28.51
N ASN I 140 38.99 -70.32 -28.23
CA ASN I 140 38.24 -70.53 -26.98
C ASN I 140 37.70 -71.96 -26.78
N LEU I 141 37.01 -72.50 -27.78
CA LEU I 141 36.55 -73.90 -27.76
C LEU I 141 37.69 -74.87 -27.50
N LYS I 142 38.79 -74.66 -28.20
CA LYS I 142 39.91 -75.55 -28.12
C LYS I 142 40.69 -75.46 -26.80
N GLU I 143 40.99 -74.23 -26.37
CA GLU I 143 41.81 -73.99 -25.18
C GLU I 143 41.04 -73.98 -23.86
N SER I 144 39.75 -73.61 -23.87
CA SER I 144 38.99 -73.42 -22.62
C SER I 144 37.78 -74.36 -22.45
N PHE I 145 36.89 -74.39 -23.44
CA PHE I 145 35.74 -75.31 -23.44
C PHE I 145 36.10 -76.82 -23.38
N SER I 146 37.19 -77.22 -24.05
CA SER I 146 37.61 -78.61 -24.17
C SER I 146 38.63 -79.06 -23.13
N THR I 147 39.18 -78.12 -22.36
CA THR I 147 40.28 -78.38 -21.45
C THR I 147 39.68 -78.87 -20.14
N ALA I 148 40.52 -79.43 -19.27
CA ALA I 148 40.14 -79.77 -17.90
C ALA I 148 39.42 -78.60 -17.25
N ILE I 149 38.24 -78.86 -16.71
CA ILE I 149 37.47 -77.85 -16.03
C ILE I 149 38.22 -77.39 -14.75
N ASN I 150 38.27 -76.08 -14.53
CA ASN I 150 38.80 -75.50 -13.31
C ASN I 150 37.86 -75.88 -12.20
N ARG I 151 38.29 -76.83 -11.37
CA ARG I 151 37.47 -77.35 -10.26
C ARG I 151 36.98 -76.28 -9.28
N ALA I 152 37.87 -75.37 -8.87
CA ALA I 152 37.51 -74.33 -7.91
C ALA I 152 36.47 -73.35 -8.50
N MET I 153 36.66 -72.91 -9.76
CA MET I 153 35.69 -71.98 -10.43
C MET I 153 34.38 -72.66 -10.64
N TYR I 154 34.39 -73.88 -11.19
CA TYR I 154 33.13 -74.60 -11.43
C TYR I 154 32.33 -74.70 -10.11
N SER I 155 33.03 -74.98 -9.02
CA SER I 155 32.40 -75.18 -7.73
C SER I 155 31.80 -73.87 -7.16
N LYS I 156 32.51 -72.76 -7.33
CA LYS I 156 31.98 -71.44 -6.96
C LYS I 156 30.70 -71.17 -7.78
N LEU I 157 30.77 -71.41 -9.10
CA LEU I 157 29.61 -71.18 -9.98
C LEU I 157 28.42 -72.00 -9.52
N ARG I 158 28.65 -73.28 -9.27
CA ARG I 158 27.61 -74.16 -8.80
C ARG I 158 26.99 -73.77 -7.45
N GLU I 159 27.81 -73.28 -6.53
CA GLU I 159 27.30 -72.76 -5.24
C GLU I 159 26.31 -71.61 -5.43
N ARG I 160 26.67 -70.67 -6.32
CA ARG I 160 25.75 -69.64 -6.76
C ARG I 160 24.48 -70.18 -7.44
N ALA I 161 24.64 -71.10 -8.38
CA ALA I 161 23.50 -71.75 -9.04
C ALA I 161 22.53 -72.41 -8.04
N THR I 162 23.11 -73.11 -7.05
CA THR I 162 22.36 -73.66 -5.93
C THR I 162 21.63 -72.57 -5.07
N LYS I 163 22.27 -71.45 -4.75
CA LYS I 163 21.52 -70.28 -4.20
C LYS I 163 20.34 -69.85 -5.08
N ALA I 164 20.58 -69.79 -6.37
CA ALA I 164 19.56 -69.47 -7.36
C ALA I 164 18.57 -70.61 -7.70
N LYS I 165 18.61 -71.75 -6.98
CA LYS I 165 17.75 -72.90 -7.20
C LYS I 165 17.88 -73.47 -8.63
N VAL I 166 19.07 -73.39 -9.21
CA VAL I 166 19.38 -74.04 -10.49
C VAL I 166 20.26 -75.25 -10.22
N PHE I 167 19.86 -76.39 -10.81
CA PHE I 167 20.61 -77.65 -10.73
C PHE I 167 21.83 -77.70 -11.69
N MET I 168 22.99 -78.07 -11.13
CA MET I 168 24.17 -78.43 -11.91
C MET I 168 24.81 -79.66 -11.28
N LEU I 169 25.39 -80.53 -12.10
CA LEU I 169 26.07 -81.70 -11.60
C LEU I 169 27.31 -81.31 -10.83
N GLU I 170 27.69 -82.09 -9.85
CA GLU I 170 28.91 -81.84 -9.10
C GLU I 170 30.16 -81.84 -9.97
N LYS I 171 30.24 -82.81 -10.88
CA LYS I 171 31.55 -83.15 -11.49
C LYS I 171 31.38 -83.63 -12.95
N PRO I 172 30.81 -82.77 -13.81
CA PRO I 172 30.74 -83.12 -15.22
C PRO I 172 32.03 -82.93 -15.99
N THR I 173 32.14 -83.66 -17.10
CA THR I 173 33.19 -83.45 -18.10
C THR I 173 32.61 -83.47 -19.52
N ILE I 174 33.40 -82.94 -20.46
CA ILE I 174 33.17 -83.07 -21.89
C ILE I 174 34.51 -83.34 -22.59
N GLU I 175 34.47 -84.08 -23.70
CA GLU I 175 35.62 -84.26 -24.60
C GLU I 175 35.17 -83.84 -25.98
N VAL I 176 36.03 -83.14 -26.70
CA VAL I 176 35.74 -82.70 -28.06
C VAL I 176 36.95 -83.01 -28.89
N ARG I 177 36.75 -83.86 -29.91
CA ARG I 177 37.83 -84.28 -30.81
C ARG I 177 38.16 -83.22 -31.88
N ASN I 178 37.17 -82.79 -32.65
CA ASN I 178 37.38 -81.80 -33.72
C ASN I 178 36.46 -80.61 -33.57
N ILE I 179 36.99 -79.44 -33.91
CA ILE I 179 36.28 -78.18 -33.81
C ILE I 179 36.52 -77.46 -35.15
N SER I 180 35.46 -76.98 -35.77
CA SER I 180 35.61 -76.10 -36.94
C SER I 180 34.36 -75.25 -37.21
N PHE I 181 34.55 -74.19 -37.99
CA PHE I 181 33.50 -73.28 -38.39
C PHE I 181 32.68 -73.90 -39.51
N LEU I 182 31.36 -73.75 -39.44
CA LEU I 182 30.46 -74.19 -40.51
C LEU I 182 29.32 -73.19 -40.63
N PRO I 183 29.29 -72.38 -41.70
CA PRO I 183 28.25 -71.33 -41.81
C PRO I 183 26.86 -71.92 -41.79
N LYS I 184 25.91 -71.13 -41.32
CA LYS I 184 24.53 -71.54 -41.25
C LYS I 184 24.00 -71.90 -42.65
N ASN I 185 24.42 -71.16 -43.68
CA ASN I 185 24.04 -71.52 -45.07
C ASN I 185 24.33 -72.94 -45.47
N ASN I 186 25.39 -73.53 -44.89
CA ASN I 186 25.91 -74.86 -45.26
C ASN I 186 25.59 -75.99 -44.28
N TYR I 187 24.85 -75.71 -43.22
CA TYR I 187 24.53 -76.76 -42.28
C TYR I 187 23.17 -77.31 -42.63
N LYS I 188 23.11 -78.61 -42.87
CA LYS I 188 21.86 -79.34 -43.01
C LYS I 188 21.95 -80.63 -42.22
N LYS I 189 20.83 -81.01 -41.61
CA LYS I 189 20.87 -82.01 -40.55
C LYS I 189 20.47 -83.38 -41.01
N ASP I 190 21.04 -84.40 -40.37
CA ASP I 190 20.76 -85.80 -40.69
C ASP I 190 19.39 -86.18 -40.25
N LYS I 191 18.90 -87.29 -40.80
CA LYS I 191 17.64 -87.88 -40.39
C LYS I 191 17.56 -88.10 -38.89
N TYR I 192 18.69 -88.42 -38.26
CA TYR I 192 18.75 -88.75 -36.84
C TYR I 192 19.29 -87.60 -35.99
N THR I 193 19.24 -86.36 -36.50
CA THR I 193 19.62 -85.20 -35.70
C THR I 193 18.45 -84.82 -34.79
N GLY I 194 18.74 -84.80 -33.48
CA GLY I 194 17.83 -84.31 -32.47
C GLY I 194 18.40 -82.98 -32.09
N SER I 195 17.55 -81.99 -31.88
CA SER I 195 18.05 -80.70 -31.58
C SER I 195 17.34 -80.01 -30.42
N VAL I 196 18.14 -79.28 -29.66
CA VAL I 196 17.84 -78.90 -28.32
C VAL I 196 18.21 -77.43 -28.19
N VAL I 197 17.54 -76.70 -27.27
CA VAL I 197 17.76 -75.25 -27.14
C VAL I 197 18.24 -74.87 -25.73
N LEU I 198 19.26 -74.02 -25.70
CA LEU I 198 19.79 -73.45 -24.48
C LEU I 198 19.41 -71.98 -24.46
N GLN I 199 18.44 -71.66 -23.61
CA GLN I 199 18.05 -70.29 -23.31
C GLN I 199 18.92 -69.71 -22.21
N SER I 200 19.63 -68.62 -22.50
CA SER I 200 20.33 -67.89 -21.44
C SER I 200 19.30 -67.18 -20.52
N ALA I 201 19.82 -66.53 -19.50
CA ALA I 201 19.00 -65.75 -18.62
C ALA I 201 18.21 -64.68 -19.39
N PRO I 202 17.09 -64.21 -18.80
CA PRO I 202 16.36 -63.12 -19.44
C PRO I 202 17.21 -61.84 -19.54
N LEU I 203 16.94 -61.06 -20.59
CA LEU I 203 17.78 -59.94 -20.97
C LEU I 203 17.98 -58.99 -19.81
N ARG I 204 16.92 -58.75 -19.06
CA ARG I 204 17.02 -57.89 -17.89
C ARG I 204 18.16 -58.26 -16.91
N THR I 205 18.38 -59.55 -16.74
CA THR I 205 19.42 -60.03 -15.88
C THR I 205 20.82 -59.94 -16.53
N ILE I 206 20.91 -60.18 -17.82
CA ILE I 206 22.13 -59.92 -18.53
C ILE I 206 22.51 -58.44 -18.37
N LEU I 207 21.50 -57.58 -18.48
CA LEU I 207 21.72 -56.16 -18.36
C LEU I 207 22.12 -55.75 -16.93
N LYS I 208 21.46 -56.34 -15.93
CA LYS I 208 21.82 -56.11 -14.54
C LYS I 208 23.29 -56.47 -14.32
N ARG I 209 23.70 -57.60 -14.87
CA ARG I 209 25.09 -58.05 -14.76
C ARG I 209 26.09 -57.06 -15.41
N MET I 210 25.77 -56.63 -16.62
CA MET I 210 26.56 -55.67 -17.36
C MET I 210 26.72 -54.36 -16.60
N ASN I 211 25.59 -53.82 -16.13
CA ASN I 211 25.55 -52.52 -15.43
C ASN I 211 26.24 -52.56 -14.05
N ASN I 212 26.11 -53.68 -13.34
CA ASN I 212 26.85 -53.89 -12.10
C ASN I 212 28.36 -53.83 -12.30
N GLN I 213 28.84 -54.60 -13.28
CA GLN I 213 30.28 -54.70 -13.58
C GLN I 213 30.82 -53.54 -14.39
N SER I 214 29.93 -52.85 -15.12
CA SER I 214 30.33 -51.95 -16.22
C SER I 214 31.01 -52.77 -17.33
N ASN I 215 30.38 -53.87 -17.72
CA ASN I 215 30.96 -54.85 -18.65
C ASN I 215 30.94 -54.36 -20.08
N ASN I 216 32.13 -53.97 -20.57
CA ASN I 216 32.30 -53.49 -21.94
C ASN I 216 32.03 -54.56 -22.98
N TYR I 217 32.47 -55.81 -22.73
CA TYR I 217 32.23 -56.91 -23.67
C TYR I 217 30.72 -57.06 -23.95
N ILE I 218 29.93 -57.11 -22.89
CA ILE I 218 28.48 -57.33 -23.05
C ILE I 218 27.86 -56.14 -23.76
N ALA I 219 28.22 -54.93 -23.31
CA ALA I 219 27.63 -53.70 -23.87
C ALA I 219 27.98 -53.50 -25.33
N ASP I 220 29.26 -53.72 -25.68
CA ASP I 220 29.73 -53.51 -27.05
C ASP I 220 29.15 -54.52 -28.01
N ASN I 221 28.97 -55.77 -27.55
CA ASN I 221 28.31 -56.82 -28.37
C ASN I 221 26.80 -56.65 -28.54
N LEU I 222 26.13 -56.18 -27.49
CA LEU I 222 24.70 -55.77 -27.64
C LEU I 222 24.58 -54.73 -28.73
N TYR I 223 25.43 -53.72 -28.68
CA TYR I 223 25.41 -52.61 -29.65
C TYR I 223 25.52 -53.14 -31.12
N TRP I 224 26.50 -53.99 -31.37
CA TRP I 224 26.65 -54.61 -32.69
C TRP I 224 25.49 -55.50 -33.01
N ASN I 225 25.02 -56.29 -32.02
CA ASN I 225 23.88 -57.19 -32.22
C ASN I 225 22.63 -56.45 -32.60
N LEU I 226 22.45 -55.25 -32.06
CA LEU I 226 21.27 -54.44 -32.35
C LEU I 226 21.37 -53.69 -33.67
N GLY I 227 22.52 -53.75 -34.32
CA GLY I 227 22.70 -53.13 -35.62
C GLY I 227 23.79 -52.09 -35.71
N GLY I 228 24.50 -51.86 -34.61
CA GLY I 228 25.56 -50.84 -34.62
C GLY I 228 25.06 -49.41 -34.76
N THR I 229 25.96 -48.53 -35.20
CA THR I 229 25.72 -47.10 -35.20
C THR I 229 24.53 -46.62 -36.06
N ALA I 230 24.37 -47.15 -37.26
CA ALA I 230 23.24 -46.75 -38.07
C ALA I 230 21.90 -47.07 -37.35
N ALA I 231 21.76 -48.30 -36.89
CA ALA I 231 20.56 -48.72 -36.19
C ALA I 231 20.41 -47.91 -34.90
N PHE I 232 21.53 -47.60 -34.21
CA PHE I 232 21.46 -46.74 -33.03
C PHE I 232 20.84 -45.35 -33.31
N ASN I 233 21.27 -44.70 -34.38
CA ASN I 233 20.80 -43.36 -34.69
C ASN I 233 19.28 -43.33 -34.96
N ALA I 234 18.76 -44.34 -35.65
CA ALA I 234 17.31 -44.42 -35.86
C ALA I 234 16.57 -44.60 -34.54
N PHE I 235 17.10 -45.46 -33.69
CA PHE I 235 16.58 -45.61 -32.33
C PHE I 235 16.57 -44.28 -31.57
N ALA I 236 17.67 -43.53 -31.63
CA ALA I 236 17.77 -42.25 -30.88
C ALA I 236 16.76 -41.19 -31.40
N ALA I 237 16.55 -41.18 -32.71
CA ALA I 237 15.57 -40.28 -33.32
C ALA I 237 14.15 -40.62 -32.88
N ALA I 238 13.80 -41.89 -32.94
CA ALA I 238 12.44 -42.30 -32.71
C ALA I 238 12.09 -42.34 -31.21
N THR I 239 12.94 -42.95 -30.41
CA THR I 239 12.67 -43.09 -29.00
C THR I 239 13.08 -41.85 -28.20
N LEU I 240 14.25 -41.30 -28.46
CA LEU I 240 14.78 -40.22 -27.61
C LEU I 240 14.55 -38.84 -28.22
N LYS I 241 13.95 -38.78 -29.41
CA LYS I 241 13.74 -37.52 -30.12
C LYS I 241 15.03 -36.76 -30.24
N ALA I 242 16.07 -37.48 -30.67
CA ALA I 242 17.43 -37.00 -30.58
C ALA I 242 18.24 -37.29 -31.81
N ASP I 243 18.97 -36.28 -32.31
CA ASP I 243 19.91 -36.49 -33.41
C ASP I 243 21.32 -36.14 -32.94
N GLN I 244 22.27 -36.07 -33.87
CA GLN I 244 23.66 -35.69 -33.57
C GLN I 244 23.90 -34.43 -32.74
N ASN I 245 22.99 -33.47 -32.78
CA ASN I 245 23.01 -32.34 -31.87
C ASN I 245 22.84 -32.72 -30.38
N GLN I 246 22.14 -33.80 -30.08
CA GLN I 246 21.95 -34.28 -28.72
C GLN I 246 22.81 -35.50 -28.32
N ILE I 247 23.24 -36.31 -29.29
CA ILE I 247 23.83 -37.62 -28.99
C ILE I 247 24.65 -38.15 -30.15
N VAL I 248 25.88 -38.58 -29.86
CA VAL I 248 26.73 -39.29 -30.82
C VAL I 248 27.30 -40.53 -30.12
N PHE I 249 27.07 -41.73 -30.70
CA PHE I 249 27.59 -42.99 -30.20
C PHE I 249 28.51 -43.65 -31.22
N HIS I 250 29.50 -44.34 -30.67
CA HIS I 250 30.45 -45.16 -31.38
C HIS I 250 30.43 -46.62 -30.91
N ASN I 251 29.96 -46.86 -29.69
CA ASN I 251 29.93 -48.21 -29.14
C ASN I 251 28.90 -48.32 -28.05
N GLY I 252 28.71 -49.50 -27.51
CA GLY I 252 27.71 -49.71 -26.45
C GLY I 252 28.20 -49.42 -25.03
N SER I 253 29.53 -49.46 -24.84
CA SER I 253 30.13 -49.37 -23.53
C SER I 253 30.42 -47.93 -22.97
N GLY I 254 30.63 -46.94 -23.86
CA GLY I 254 31.11 -45.62 -23.48
C GLY I 254 32.63 -45.55 -23.40
N ASN I 255 33.29 -46.66 -23.74
CA ASN I 255 34.73 -46.77 -23.69
C ASN I 255 35.36 -45.95 -24.83
N ASN I 256 36.57 -45.49 -24.58
CA ASN I 256 37.35 -44.70 -25.54
C ASN I 256 37.55 -45.48 -26.85
N GLU I 257 37.12 -44.92 -27.98
CA GLU I 257 37.30 -45.50 -29.32
C GLU I 257 38.50 -44.92 -30.06
N GLY I 258 39.17 -43.93 -29.48
CA GLY I 258 40.35 -43.38 -30.10
C GLY I 258 41.61 -43.77 -29.37
N THR I 259 42.54 -42.83 -29.35
CA THR I 259 43.80 -42.98 -28.61
C THR I 259 43.80 -42.33 -27.21
N THR I 260 44.74 -42.79 -26.37
CA THR I 260 45.09 -42.06 -25.14
C THR I 260 45.33 -40.56 -25.40
N ALA I 261 46.12 -40.22 -26.41
CA ALA I 261 46.35 -38.82 -26.80
C ALA I 261 45.12 -38.15 -27.45
N LYS I 262 44.39 -38.89 -28.29
CA LYS I 262 43.24 -38.36 -29.08
C LYS I 262 42.00 -39.18 -28.78
N PRO I 263 41.37 -38.94 -27.60
CA PRO I 263 40.24 -39.81 -27.24
C PRO I 263 38.98 -39.52 -28.04
N ILE I 264 38.14 -40.54 -28.23
CA ILE I 264 36.83 -40.43 -28.87
C ILE I 264 35.81 -41.15 -27.99
N TYR I 265 34.78 -40.40 -27.58
CA TYR I 265 33.84 -40.84 -26.54
C TYR I 265 32.43 -40.68 -27.01
N ASN I 266 31.57 -41.60 -26.60
CA ASN I 266 30.16 -41.39 -26.72
C ASN I 266 29.81 -40.10 -25.97
N GLU I 267 28.96 -39.29 -26.57
CA GLU I 267 28.52 -38.00 -25.99
C GLU I 267 27.03 -37.84 -26.08
N ALA I 268 26.45 -37.26 -25.04
CA ALA I 268 25.08 -36.82 -25.09
C ALA I 268 24.85 -35.69 -24.12
N THR I 269 23.72 -35.02 -24.27
CA THR I 269 23.35 -33.92 -23.38
C THR I 269 22.78 -34.54 -22.11
N CYS I 270 22.84 -33.77 -21.03
CA CYS I 270 22.33 -34.20 -19.75
C CYS I 270 20.82 -34.44 -19.80
N GLU I 271 20.11 -33.63 -20.58
CA GLU I 271 18.68 -33.80 -20.86
C GLU I 271 18.41 -35.18 -21.45
N THR I 272 19.26 -35.58 -22.40
CA THR I 272 19.13 -36.87 -23.07
C THR I 272 19.21 -38.03 -22.07
N MET I 273 20.08 -37.92 -21.08
CA MET I 273 20.20 -38.96 -20.04
C MET I 273 18.97 -39.05 -19.14
N ILE I 274 18.34 -37.91 -18.83
CA ILE I 274 17.13 -37.88 -18.08
C ILE I 274 16.03 -38.53 -18.88
N LYS I 275 15.93 -38.20 -20.18
CA LYS I 275 14.92 -38.84 -21.06
C LYS I 275 15.09 -40.33 -21.05
N THR I 276 16.32 -40.77 -21.26
CA THR I 276 16.67 -42.19 -21.22
C THR I 276 16.20 -42.86 -19.94
N LEU I 277 16.49 -42.24 -18.80
CA LEU I 277 16.13 -42.79 -17.49
C LEU I 277 14.62 -42.87 -17.31
N TYR I 278 13.90 -41.82 -17.71
CA TYR I 278 12.44 -41.83 -17.61
C TYR I 278 11.84 -42.91 -18.51
N THR I 279 12.30 -42.97 -19.77
CA THR I 279 11.73 -43.89 -20.72
C THR I 279 12.09 -45.34 -20.37
N LEU I 280 13.28 -45.54 -19.80
CA LEU I 280 13.69 -46.88 -19.37
C LEU I 280 12.82 -47.37 -18.19
N ASN I 281 12.61 -46.50 -17.21
CA ASN I 281 11.71 -46.74 -16.08
C ASN I 281 10.29 -47.04 -16.52
N LYS I 282 9.74 -46.26 -17.47
CA LYS I 282 8.37 -46.50 -17.97
C LYS I 282 8.24 -47.87 -18.59
N SER I 283 9.26 -48.19 -19.38
CA SER I 283 9.27 -49.44 -20.10
C SER I 283 9.23 -50.59 -19.11
N LEU I 284 10.11 -50.52 -18.13
CA LEU I 284 10.19 -51.54 -17.07
C LEU I 284 8.92 -51.63 -16.22
N GLU I 285 8.34 -50.50 -15.83
CA GLU I 285 7.07 -50.52 -15.06
C GLU I 285 5.92 -51.11 -15.82
N ALA I 286 5.87 -50.87 -17.13
CA ALA I 286 4.84 -51.45 -18.00
C ALA I 286 4.87 -52.97 -18.03
N LYS I 287 6.00 -53.58 -17.74
CA LYS I 287 6.12 -55.01 -17.64
C LYS I 287 6.22 -55.50 -16.21
N GLY I 288 5.82 -54.71 -15.23
CA GLY I 288 5.93 -55.09 -13.82
C GLY I 288 7.32 -55.08 -13.19
N TYR I 289 8.31 -54.47 -13.84
CA TYR I 289 9.67 -54.40 -13.28
C TYR I 289 9.97 -53.02 -12.71
N LYS I 290 11.19 -52.87 -12.22
CA LYS I 290 11.70 -51.61 -11.69
C LYS I 290 13.08 -51.32 -12.26
N LEU I 291 13.54 -50.11 -12.04
CA LEU I 291 14.86 -49.69 -12.48
C LEU I 291 15.96 -50.52 -11.87
N SER I 292 15.74 -50.95 -10.64
CA SER I 292 16.69 -51.75 -9.89
C SER I 292 16.82 -53.17 -10.43
N ASP I 293 15.93 -53.58 -11.34
CA ASP I 293 16.10 -54.86 -12.06
C ASP I 293 17.15 -54.85 -13.18
N VAL I 294 17.60 -53.66 -13.60
CA VAL I 294 18.67 -53.52 -14.60
C VAL I 294 19.86 -52.61 -14.17
N LEU I 295 19.66 -51.73 -13.20
CA LEU I 295 20.74 -50.91 -12.69
C LEU I 295 21.06 -51.23 -11.23
N SER I 296 22.30 -50.97 -10.86
CA SER I 296 22.81 -51.30 -9.52
C SER I 296 22.17 -50.43 -8.43
N VAL I 297 22.12 -50.97 -7.21
CA VAL I 297 21.60 -50.29 -6.05
C VAL I 297 22.75 -50.02 -5.09
N ALA I 298 22.94 -48.75 -4.71
CA ALA I 298 24.02 -48.33 -3.82
C ALA I 298 24.07 -49.19 -2.57
N ASN I 299 25.26 -49.70 -2.29
CA ASN I 299 25.53 -50.51 -1.16
C ASN I 299 24.93 -51.92 -1.15
N LYS I 300 23.68 -52.07 -1.55
CA LYS I 300 23.04 -53.40 -1.61
C LYS I 300 23.54 -54.40 -2.70
N ASP I 301 24.00 -53.92 -3.84
CA ASP I 301 24.60 -54.80 -4.84
C ASP I 301 26.11 -54.85 -4.59
N SER I 302 26.51 -55.86 -3.84
CA SER I 302 27.91 -56.05 -3.42
C SER I 302 28.88 -56.31 -4.59
N ASP I 303 28.39 -56.94 -5.65
CA ASP I 303 29.20 -57.21 -6.81
C ASP I 303 28.86 -56.14 -7.83
N SER I 304 29.21 -54.88 -7.53
CA SER I 304 28.92 -53.75 -8.42
C SER I 304 29.89 -52.64 -8.15
N THR I 305 29.94 -51.69 -9.07
CA THR I 305 30.80 -50.53 -8.88
C THR I 305 30.31 -49.49 -7.85
N ILE I 306 29.11 -49.66 -7.28
CA ILE I 306 28.63 -48.75 -6.22
C ILE I 306 28.38 -49.49 -4.92
N ASP I 307 29.01 -50.66 -4.77
CA ASP I 307 29.13 -51.34 -3.48
C ASP I 307 29.58 -50.41 -2.31
N ASN I 308 30.49 -49.47 -2.56
CA ASN I 308 31.06 -48.55 -1.56
C ASN I 308 30.76 -47.06 -1.80
N PHE I 309 29.58 -46.78 -2.31
CA PHE I 309 29.12 -45.40 -2.52
C PHE I 309 28.44 -45.04 -1.20
N GLY I 310 29.20 -44.62 -0.23
CA GLY I 310 28.65 -44.35 1.10
C GLY I 310 27.91 -43.02 1.13
N GLY I 311 27.66 -42.52 2.34
CA GLY I 311 26.83 -41.33 2.54
C GLY I 311 25.37 -41.73 2.65
N ASN I 312 24.51 -40.73 2.63
CA ASN I 312 23.08 -40.94 2.75
C ASN I 312 22.44 -41.55 1.50
N ALA I 313 23.23 -41.81 0.46
CA ALA I 313 22.78 -42.55 -0.73
C ALA I 313 22.68 -44.05 -0.47
N ALA I 314 23.32 -44.55 0.58
CA ALA I 314 23.39 -46.01 0.78
C ALA I 314 21.98 -46.62 0.93
N GLY I 315 21.67 -47.59 0.08
CA GLY I 315 20.35 -48.21 0.06
C GLY I 315 19.23 -47.34 -0.46
N SER I 316 19.57 -46.14 -0.97
CA SER I 316 18.62 -45.15 -1.42
C SER I 316 18.88 -44.58 -2.81
N MET I 317 19.83 -45.14 -3.56
CA MET I 317 20.16 -44.68 -4.88
C MET I 317 20.31 -45.88 -5.81
N ILE I 318 19.74 -45.75 -7.01
CA ILE I 318 19.92 -46.68 -8.08
C ILE I 318 20.75 -45.92 -9.07
N ALA I 319 21.84 -46.50 -9.55
CA ALA I 319 22.73 -45.76 -10.42
C ALA I 319 23.72 -46.60 -11.23
N LYS I 320 24.24 -45.95 -12.28
CA LYS I 320 25.33 -46.42 -13.07
C LYS I 320 26.44 -45.38 -13.05
N THR I 321 27.67 -45.83 -12.88
CA THR I 321 28.89 -44.98 -12.87
C THR I 321 29.56 -44.96 -14.22
N GLY I 322 30.46 -43.99 -14.36
CA GLY I 322 31.30 -43.92 -15.53
C GLY I 322 32.63 -43.19 -15.27
N THR I 323 33.66 -43.70 -15.94
CA THR I 323 35.01 -43.27 -15.76
C THR I 323 35.78 -43.40 -17.10
N VAL I 324 36.23 -42.27 -17.64
CA VAL I 324 37.27 -42.21 -18.69
C VAL I 324 38.25 -41.10 -18.30
N ASN I 325 39.32 -40.95 -19.06
CA ASN I 325 40.35 -39.97 -18.72
C ASN I 325 39.84 -38.55 -18.61
N LYS I 326 38.85 -38.22 -19.46
CA LYS I 326 38.26 -36.86 -19.49
C LYS I 326 36.97 -36.67 -18.75
N ALA I 327 36.46 -37.73 -18.11
CA ALA I 327 35.16 -37.60 -17.44
C ALA I 327 34.92 -38.58 -16.30
N LYS I 328 34.10 -38.11 -15.35
CA LYS I 328 33.60 -38.87 -14.23
C LYS I 328 32.14 -38.58 -14.09
N THR I 329 31.33 -39.64 -14.08
CA THR I 329 29.97 -39.49 -14.43
C THR I 329 29.06 -40.42 -13.59
N LEU I 330 27.79 -40.04 -13.39
CA LEU I 330 26.84 -40.85 -12.66
C LEU I 330 25.40 -40.55 -13.08
N ALA I 331 24.57 -41.58 -13.18
CA ALA I 331 23.17 -41.40 -13.64
C ALA I 331 22.25 -42.46 -13.03
N GLY I 332 21.05 -42.07 -12.63
CA GLY I 332 20.10 -43.01 -12.02
C GLY I 332 18.98 -42.32 -11.32
N SER I 333 18.61 -42.82 -10.14
CA SER I 333 17.64 -42.16 -9.29
C SER I 333 17.97 -42.25 -7.81
N ILE I 334 17.48 -41.28 -7.05
CA ILE I 334 17.64 -41.22 -5.58
C ILE I 334 16.23 -41.30 -4.98
N SER I 335 16.11 -41.98 -3.84
CA SER I 335 14.85 -42.18 -3.19
C SER I 335 14.93 -41.40 -1.93
N THR I 336 14.00 -40.46 -1.77
CA THR I 336 14.03 -39.50 -0.69
C THR I 336 12.63 -39.40 -0.08
N LYS I 337 12.52 -38.69 1.04
CA LYS I 337 11.21 -38.48 1.67
C LYS I 337 10.22 -37.66 0.84
N GLU I 338 10.70 -36.96 -0.18
CA GLU I 338 9.82 -36.30 -1.15
C GLU I 338 9.62 -37.07 -2.45
N GLY I 339 9.98 -38.35 -2.46
CA GLY I 339 9.80 -39.21 -3.62
C GLY I 339 11.12 -39.55 -4.28
N GLU I 340 11.01 -40.22 -5.42
CA GLU I 340 12.16 -40.60 -6.24
C GLU I 340 12.46 -39.53 -7.29
N PHE I 341 13.76 -39.32 -7.59
CA PHE I 341 14.19 -38.31 -8.55
C PHE I 341 15.26 -38.90 -9.45
N TYR I 342 15.06 -38.75 -10.74
CA TYR I 342 16.10 -39.06 -11.73
C TYR I 342 17.19 -38.00 -11.62
N PHE I 343 18.43 -38.38 -11.90
CA PHE I 343 19.54 -37.45 -11.97
C PHE I 343 20.60 -37.92 -12.97
N ALA I 344 21.35 -36.97 -13.49
CA ALA I 344 22.57 -37.25 -14.22
C ALA I 344 23.59 -36.18 -13.88
N ILE I 345 24.82 -36.63 -13.62
CA ILE I 345 25.89 -35.76 -13.17
C ILE I 345 27.10 -36.05 -14.03
N LEU I 346 27.58 -35.02 -14.71
CA LEU I 346 28.70 -35.17 -15.63
C LEU I 346 29.84 -34.23 -15.20
N LEU I 347 30.98 -34.79 -14.85
CA LEU I 347 32.18 -34.02 -14.53
C LEU I 347 33.30 -34.21 -15.54
N HIS I 348 34.08 -33.15 -15.72
CA HIS I 348 35.29 -33.21 -16.48
C HIS I 348 36.45 -33.53 -15.55
N THR I 349 37.42 -34.27 -16.09
CA THR I 349 38.70 -34.59 -15.42
C THR I 349 39.78 -34.51 -16.48
N ASP I 350 41.04 -34.42 -16.05
CA ASP I 350 42.22 -34.56 -16.95
C ASP I 350 43.30 -35.44 -16.31
N MET I 351 43.24 -36.73 -16.57
CA MET I 351 44.23 -37.62 -15.98
C MET I 351 45.61 -37.26 -16.45
N ASP I 352 45.71 -36.80 -17.67
CA ASP I 352 47.03 -36.40 -18.20
C ASP I 352 47.66 -35.22 -17.42
N GLN I 353 46.85 -34.42 -16.72
CA GLN I 353 47.35 -33.40 -15.79
C GLN I 353 47.64 -34.00 -14.41
N SER I 354 46.70 -34.73 -13.85
CA SER I 354 46.97 -35.57 -12.67
C SER I 354 45.97 -36.71 -12.53
N SER I 355 46.46 -37.91 -12.23
CA SER I 355 45.54 -39.03 -11.96
C SER I 355 44.74 -38.78 -10.69
N SER I 356 45.21 -37.89 -9.80
CA SER I 356 44.45 -37.56 -8.58
C SER I 356 43.05 -36.98 -8.87
N ASP I 357 42.84 -36.47 -10.10
CA ASP I 357 41.55 -35.96 -10.53
C ASP I 357 40.45 -36.99 -10.34
N ARG I 358 40.73 -38.27 -10.57
CA ARG I 358 39.64 -39.27 -10.54
C ARG I 358 39.01 -39.24 -9.12
N GLY I 359 39.87 -39.35 -8.10
CA GLY I 359 39.43 -39.42 -6.73
C GLY I 359 38.71 -38.17 -6.26
N VAL I 360 39.19 -37.01 -6.70
CA VAL I 360 38.57 -35.72 -6.39
C VAL I 360 37.19 -35.59 -7.03
N ALA I 361 37.08 -35.96 -8.32
CA ALA I 361 35.79 -36.06 -8.97
C ALA I 361 34.81 -37.01 -8.24
N SER I 362 35.27 -38.18 -7.82
CA SER I 362 34.36 -39.17 -7.15
C SER I 362 33.67 -38.61 -5.96
N GLN I 363 34.44 -37.99 -5.07
CA GLN I 363 33.87 -37.52 -3.82
C GLN I 363 33.00 -36.29 -4.05
N MET I 364 33.29 -35.50 -5.09
CA MET I 364 32.45 -34.38 -5.48
C MET I 364 31.10 -34.89 -5.93
N ILE I 365 31.09 -35.95 -6.75
CA ILE I 365 29.83 -36.57 -7.17
C ILE I 365 29.02 -37.09 -5.95
N LYS I 366 29.69 -37.79 -5.04
CA LYS I 366 29.04 -38.35 -3.89
C LYS I 366 28.45 -37.29 -2.98
N ASN I 367 29.18 -36.21 -2.80
CA ASN I 367 28.70 -35.11 -1.99
C ASN I 367 27.58 -34.34 -2.67
N LYS I 368 27.62 -34.25 -3.99
CA LYS I 368 26.53 -33.66 -4.75
C LYS I 368 25.24 -34.46 -4.57
N ILE I 369 25.32 -35.79 -4.71
CA ILE I 369 24.19 -36.66 -4.47
C ILE I 369 23.64 -36.49 -3.05
N SER I 370 24.53 -36.47 -2.06
CA SER I 370 24.11 -36.25 -0.67
C SER I 370 23.38 -34.91 -0.45
N GLN I 371 23.91 -33.83 -1.05
CA GLN I 371 23.28 -32.47 -1.02
C GLN I 371 21.84 -32.57 -1.61
N LEU I 372 21.69 -33.22 -2.78
CA LEU I 372 20.39 -33.38 -3.42
C LEU I 372 19.45 -34.13 -2.49
N ILE I 373 19.94 -35.20 -1.86
CA ILE I 373 19.15 -35.92 -0.88
C ILE I 373 18.75 -35.04 0.32
N ASN I 374 19.70 -34.32 0.91
CA ASN I 374 19.42 -33.39 2.01
C ASN I 374 18.28 -32.43 1.70
N LYS I 375 18.33 -31.80 0.54
CA LYS I 375 17.30 -30.84 0.07
C LYS I 375 15.94 -31.47 -0.19
N ARG I 376 15.89 -32.79 -0.34
CA ARG I 376 14.64 -33.50 -0.51
C ARG I 376 14.21 -34.25 0.78
N SER I 377 14.64 -33.70 1.92
CA SER I 377 14.26 -34.16 3.24
C SER I 377 14.83 -35.53 3.64
N GLY I 378 15.95 -35.91 3.04
CA GLY I 378 16.69 -37.07 3.49
C GLY I 378 16.32 -38.35 2.77
N PRO I 379 17.04 -39.42 3.09
CA PRO I 379 16.90 -40.61 2.25
C PRO I 379 15.70 -41.42 2.67
N LYS I 380 15.16 -42.18 1.73
CA LYS I 380 14.17 -43.18 2.03
C LYS I 380 14.66 -44.49 1.43
N GLU I 381 14.90 -45.48 2.27
CA GLU I 381 15.54 -46.70 1.83
C GLU I 381 14.64 -47.45 0.87
N ILE I 382 15.22 -48.01 -0.17
CA ILE I 382 14.40 -48.67 -1.19
C ILE I 382 14.11 -50.14 -0.91
N GLN I 383 12.90 -50.57 -1.27
CA GLN I 383 12.55 -51.99 -1.28
C GLN I 383 13.33 -52.79 -2.32
N TYR I 384 14.35 -53.52 -1.90
CA TYR I 384 15.20 -54.23 -2.84
C TYR I 384 15.96 -55.35 -2.15
N THR I 385 15.98 -56.49 -2.82
CA THR I 385 16.83 -57.58 -2.48
C THR I 385 17.84 -57.87 -3.62
N GLU I 386 19.10 -58.06 -3.23
CA GLU I 386 20.22 -58.21 -4.14
C GLU I 386 19.93 -59.31 -5.14
N ILE I 387 19.89 -58.93 -6.41
CA ILE I 387 19.72 -59.87 -7.51
C ILE I 387 21.02 -60.61 -7.71
N LEU I 388 20.92 -61.93 -7.80
CA LEU I 388 22.07 -62.76 -8.08
C LEU I 388 22.05 -62.95 -9.59
N ALA I 389 22.96 -62.26 -10.28
CA ALA I 389 22.87 -62.09 -11.74
C ALA I 389 23.68 -63.11 -12.53
N LEU I 390 23.13 -64.32 -12.62
CA LEU I 390 23.73 -65.41 -13.39
C LEU I 390 23.28 -65.36 -14.84
N PRO I 391 24.09 -65.94 -15.74
CA PRO I 391 23.75 -65.93 -17.16
C PRO I 391 22.81 -67.05 -17.55
N PHE I 392 22.32 -67.80 -16.57
CA PHE I 392 21.26 -68.83 -16.78
C PHE I 392 20.36 -68.85 -15.57
N ASP I 393 19.17 -69.42 -15.71
CA ASP I 393 18.23 -69.60 -14.58
C ASP I 393 17.44 -70.92 -14.71
N GLN I 394 16.30 -71.05 -14.02
CA GLN I 394 15.53 -72.30 -14.04
C GLN I 394 14.85 -72.66 -15.36
N ASN I 395 14.79 -71.74 -16.33
CA ASN I 395 14.32 -72.02 -17.69
C ASN I 395 15.44 -72.10 -18.68
N SER I 396 16.66 -72.24 -18.19
CA SER I 396 17.81 -72.45 -19.07
C SER I 396 18.10 -73.91 -19.37
N TYR I 397 17.46 -74.86 -18.66
CA TYR I 397 17.70 -76.31 -18.92
C TYR I 397 17.36 -76.64 -20.35
N LEU I 398 18.15 -77.50 -20.96
CA LEU I 398 17.97 -77.93 -22.36
C LEU I 398 16.58 -78.54 -22.63
N THR I 399 15.88 -78.04 -23.65
CA THR I 399 14.57 -78.55 -24.04
C THR I 399 14.60 -78.82 -25.52
N GLU I 400 13.69 -79.66 -25.97
CA GLU I 400 13.56 -79.97 -27.42
C GLU I 400 13.16 -78.69 -28.19
N ALA I 401 13.67 -78.51 -29.41
CA ALA I 401 13.37 -77.32 -30.24
C ALA I 401 11.90 -77.13 -30.59
N LYS J 1 63.14 -45.07 -15.82
CA LYS J 1 62.28 -45.21 -17.05
C LYS J 1 61.00 -46.01 -16.78
N SER J 2 59.86 -45.33 -16.74
CA SER J 2 58.60 -46.02 -16.54
C SER J 2 58.08 -46.52 -17.88
N SER J 3 57.08 -47.39 -17.82
CA SER J 3 56.44 -47.91 -19.03
C SER J 3 54.95 -47.51 -19.11
N LYS J 4 54.62 -46.75 -20.15
CA LYS J 4 53.23 -46.39 -20.44
C LYS J 4 52.34 -47.63 -20.56
N ALA J 5 52.73 -48.59 -21.38
CA ALA J 5 51.97 -49.84 -21.54
C ALA J 5 51.70 -50.57 -20.22
N LEU J 6 52.69 -50.61 -19.34
CA LEU J 6 52.54 -51.24 -18.01
C LEU J 6 51.59 -50.48 -17.09
N ASN J 7 51.78 -49.16 -17.02
CA ASN J 7 50.90 -48.31 -16.21
C ASN J 7 49.43 -48.44 -16.67
N GLU J 8 49.21 -48.42 -17.98
CA GLU J 8 47.84 -48.56 -18.53
C GLU J 8 47.25 -49.95 -18.29
N ALA J 9 48.08 -50.99 -18.45
CA ALA J 9 47.67 -52.34 -18.11
C ALA J 9 47.32 -52.49 -16.61
N ALA J 10 48.10 -51.87 -15.74
CA ALA J 10 47.82 -51.92 -14.29
C ALA J 10 46.50 -51.25 -13.94
N GLU J 11 46.26 -50.07 -14.51
CA GLU J 11 45.04 -49.34 -14.30
C GLU J 11 43.81 -50.12 -14.79
N GLN J 12 43.93 -50.70 -15.97
CA GLN J 12 42.83 -51.43 -16.60
C GLN J 12 42.57 -52.84 -16.07
N GLY J 13 43.46 -53.43 -15.25
CA GLY J 13 43.23 -54.80 -14.78
C GLY J 13 43.64 -55.96 -15.71
N ASP J 14 44.51 -55.71 -16.68
CA ASP J 14 45.08 -56.76 -17.49
C ASP J 14 46.31 -57.37 -16.79
N LEU J 15 46.03 -58.27 -15.87
CA LEU J 15 47.06 -59.01 -15.13
C LEU J 15 48.04 -59.76 -16.06
N ALA J 16 47.51 -60.42 -17.09
CA ALA J 16 48.33 -61.18 -18.03
C ALA J 16 49.40 -60.28 -18.67
N LYS J 17 48.96 -59.11 -19.13
CA LYS J 17 49.85 -58.14 -19.77
C LYS J 17 50.87 -57.53 -18.81
N VAL J 18 50.45 -57.31 -17.56
CA VAL J 18 51.37 -56.81 -16.52
C VAL J 18 52.49 -57.82 -16.24
N LYS J 19 52.11 -59.07 -15.94
CA LYS J 19 53.09 -60.13 -15.71
C LYS J 19 53.97 -60.34 -16.93
N ASN J 20 53.41 -60.25 -18.12
CA ASN J 20 54.20 -60.37 -19.34
C ASN J 20 55.30 -59.30 -19.47
N LEU J 21 54.94 -58.04 -19.24
CA LEU J 21 55.89 -56.94 -19.33
C LEU J 21 56.96 -56.97 -18.22
N VAL J 22 56.54 -57.35 -17.01
CA VAL J 22 57.42 -57.41 -15.83
C VAL J 22 58.39 -58.61 -15.95
N GLN J 23 57.93 -59.71 -16.57
CA GLN J 23 58.75 -60.92 -16.83
C GLN J 23 59.97 -60.64 -17.71
N LYS J 24 59.85 -59.78 -18.74
CA LYS J 24 61.06 -59.36 -19.50
C LYS J 24 62.16 -58.80 -18.61
N ASN J 25 61.73 -58.10 -17.56
CA ASN J 25 62.62 -57.58 -16.51
C ASN J 25 63.33 -56.26 -16.88
N LYS J 26 62.78 -55.51 -17.86
CA LYS J 26 63.43 -54.28 -18.31
C LYS J 26 62.92 -53.07 -17.39
N ILE J 27 61.77 -53.22 -16.70
CA ILE J 27 61.09 -52.07 -16.07
C ILE J 27 61.38 -51.94 -14.58
N ASP J 28 61.87 -50.77 -14.18
CA ASP J 28 61.97 -50.38 -12.78
C ASP J 28 60.54 -50.00 -12.29
N LEU J 29 59.99 -50.77 -11.35
CA LEU J 29 58.61 -50.64 -10.93
C LEU J 29 58.37 -49.45 -9.99
N ASN J 30 59.45 -48.80 -9.56
CA ASN J 30 59.41 -47.56 -8.80
C ASN J 30 59.64 -46.31 -9.62
N ALA J 31 59.95 -46.50 -10.91
CA ALA J 31 60.01 -45.39 -11.85
C ALA J 31 58.63 -44.70 -11.98
N GLN J 32 58.63 -43.38 -11.80
CA GLN J 32 57.43 -42.55 -11.84
C GLN J 32 57.34 -41.88 -13.18
N ASP J 33 56.13 -41.71 -13.70
CA ASP J 33 55.96 -41.15 -15.06
C ASP J 33 56.01 -39.61 -15.02
N GLU J 34 55.63 -38.93 -16.10
CA GLU J 34 55.69 -37.45 -16.13
C GLU J 34 54.78 -36.72 -15.09
N THR J 35 53.74 -37.39 -14.57
CA THR J 35 52.88 -36.85 -13.46
C THR J 35 53.16 -37.48 -12.09
N GLY J 36 54.26 -38.22 -11.96
CA GLY J 36 54.60 -38.90 -10.74
C GLY J 36 53.95 -40.27 -10.49
N MET J 37 53.24 -40.81 -11.48
CA MET J 37 52.50 -42.06 -11.30
C MET J 37 53.40 -43.32 -11.39
N THR J 38 53.13 -44.31 -10.50
CA THR J 38 53.78 -45.63 -10.49
C THR J 38 52.80 -46.72 -10.94
N PRO J 39 53.32 -47.91 -11.36
CA PRO J 39 52.42 -49.06 -11.62
C PRO J 39 51.52 -49.42 -10.44
N LEU J 40 52.03 -49.31 -9.23
CA LEU J 40 51.25 -49.57 -8.01
C LEU J 40 50.08 -48.60 -7.83
N MET J 41 50.33 -47.32 -8.07
CA MET J 41 49.27 -46.30 -8.01
C MET J 41 48.17 -46.59 -9.03
N ASN J 42 48.59 -46.90 -10.25
CA ASN J 42 47.62 -47.24 -11.29
C ASN J 42 46.81 -48.47 -10.94
N ALA J 43 47.47 -49.49 -10.41
CA ALA J 43 46.76 -50.72 -9.98
C ALA J 43 45.76 -50.43 -8.88
N ALA J 44 46.16 -49.60 -7.93
CA ALA J 44 45.29 -49.21 -6.81
C ALA J 44 44.11 -48.37 -7.28
N MET J 45 44.40 -47.33 -8.08
CA MET J 45 43.35 -46.50 -8.67
C MET J 45 42.31 -47.32 -9.42
N GLY J 46 42.75 -48.30 -10.19
CA GLY J 46 41.84 -49.15 -10.95
C GLY J 46 41.14 -50.28 -10.19
N GLY J 47 41.43 -50.45 -8.91
CA GLY J 47 40.77 -51.47 -8.05
C GLY J 47 41.10 -52.92 -8.33
N ASN J 48 42.33 -53.16 -8.74
CA ASN J 48 42.78 -54.44 -9.28
C ASN J 48 43.70 -55.11 -8.27
N LEU J 49 43.05 -55.84 -7.35
CA LEU J 49 43.72 -56.47 -6.21
C LEU J 49 44.78 -57.49 -6.61
N ASP J 50 44.52 -58.18 -7.72
CA ASP J 50 45.48 -59.11 -8.31
C ASP J 50 46.77 -58.47 -8.65
N ILE J 51 46.68 -57.38 -9.41
CA ILE J 51 47.85 -56.67 -9.86
C ILE J 51 48.61 -56.05 -8.68
N VAL J 52 47.89 -55.56 -7.68
CA VAL J 52 48.53 -55.02 -6.47
C VAL J 52 49.36 -56.10 -5.78
N LYS J 53 48.74 -57.25 -5.54
CA LYS J 53 49.43 -58.36 -4.88
C LYS J 53 50.68 -58.80 -5.65
N PHE J 54 50.56 -58.85 -6.98
CA PHE J 54 51.70 -59.19 -7.82
C PHE J 54 52.79 -58.14 -7.66
N LEU J 55 52.42 -56.86 -7.72
CA LEU J 55 53.41 -55.80 -7.55
C LEU J 55 54.02 -55.77 -6.13
N LEU J 56 53.21 -56.03 -5.11
CA LEU J 56 53.71 -56.12 -3.72
C LEU J 56 54.68 -57.28 -3.56
N SER J 57 54.52 -58.34 -4.36
CA SER J 57 55.48 -59.46 -4.34
C SER J 57 56.85 -59.07 -4.87
N LYS J 58 56.93 -57.98 -5.63
CA LYS J 58 58.20 -57.40 -6.09
C LYS J 58 58.80 -56.35 -5.13
N LYS J 59 58.15 -56.10 -3.99
CA LYS J 59 58.68 -55.19 -2.93
C LYS J 59 58.84 -53.77 -3.43
N VAL J 60 57.80 -53.27 -4.10
CA VAL J 60 57.76 -51.89 -4.55
C VAL J 60 57.70 -50.93 -3.35
N ASN J 61 58.14 -49.70 -3.56
CA ASN J 61 58.03 -48.61 -2.60
C ASN J 61 56.55 -48.14 -2.45
N LEU J 62 56.03 -48.25 -1.22
CA LEU J 62 54.63 -47.93 -0.94
C LEU J 62 54.35 -46.44 -0.83
N GLU J 63 55.39 -45.66 -0.50
CA GLU J 63 55.21 -44.27 -0.09
C GLU J 63 55.60 -43.22 -1.11
N LEU J 64 55.89 -43.64 -2.35
CA LEU J 64 56.00 -42.69 -3.46
C LEU J 64 54.67 -41.94 -3.65
N LYS J 65 54.78 -40.71 -4.08
CA LYS J 65 53.65 -39.82 -4.27
C LYS J 65 53.63 -39.32 -5.70
N ASN J 66 52.43 -39.26 -6.28
CA ASN J 66 52.25 -38.59 -7.57
C ASN J 66 52.27 -37.05 -7.39
N ASN J 67 52.12 -36.30 -8.49
CA ASN J 67 52.09 -34.81 -8.42
C ASN J 67 51.01 -34.27 -7.49
N GLY J 68 49.90 -35.00 -7.36
CA GLY J 68 48.86 -34.69 -6.41
C GLY J 68 49.08 -35.05 -4.94
N GLY J 69 50.28 -35.49 -4.61
CA GLY J 69 50.68 -35.76 -3.22
C GLY J 69 50.19 -37.05 -2.65
N GLU J 70 49.62 -37.90 -3.51
CA GLU J 70 48.92 -39.10 -3.08
C GLU J 70 49.84 -40.33 -3.23
N THR J 71 49.85 -41.16 -2.19
CA THR J 71 50.37 -42.52 -2.27
C THR J 71 49.32 -43.50 -2.87
N ALA J 72 49.79 -44.72 -3.20
CA ALA J 72 48.92 -45.80 -3.71
C ALA J 72 47.72 -46.04 -2.80
N LEU J 73 47.97 -46.04 -1.48
CA LEU J 73 46.90 -46.17 -0.50
C LEU J 73 45.82 -45.09 -0.67
N ALA J 74 46.26 -43.86 -0.87
CA ALA J 74 45.33 -42.75 -1.18
C ALA J 74 44.54 -42.99 -2.48
N PHE J 75 45.21 -43.49 -3.52
CA PHE J 75 44.51 -43.80 -4.77
C PHE J 75 43.45 -44.86 -4.56
N ALA J 76 43.79 -45.88 -3.78
CA ALA J 76 42.82 -46.98 -3.49
C ALA J 76 41.58 -46.47 -2.75
N VAL J 77 41.81 -45.75 -1.66
CA VAL J 77 40.72 -45.20 -0.86
C VAL J 77 39.84 -44.23 -1.66
N THR J 78 40.46 -43.23 -2.32
CA THR J 78 39.73 -42.18 -3.03
C THR J 78 38.92 -42.76 -4.20
N ASN J 79 39.39 -43.86 -4.76
CA ASN J 79 38.66 -44.54 -5.83
C ASN J 79 37.87 -45.80 -5.39
N ASP J 80 37.54 -45.91 -4.10
CA ASP J 80 36.66 -46.98 -3.59
C ASP J 80 37.10 -48.44 -3.82
N ALA J 81 38.42 -48.61 -3.90
CA ALA J 81 39.04 -49.94 -4.02
C ALA J 81 39.48 -50.31 -2.62
N TYR J 82 38.51 -50.54 -1.76
CA TYR J 82 38.80 -50.79 -0.35
C TYR J 82 39.43 -52.14 -0.07
N ASP J 83 39.17 -53.11 -0.92
CA ASP J 83 39.88 -54.39 -0.83
C ASP J 83 41.39 -54.17 -1.04
N VAL J 84 41.73 -53.28 -1.96
CA VAL J 84 43.11 -52.88 -2.19
C VAL J 84 43.66 -52.10 -1.00
N ALA J 85 42.86 -51.21 -0.45
CA ALA J 85 43.28 -50.44 0.72
C ALA J 85 43.67 -51.34 1.87
N GLU J 86 42.85 -52.34 2.12
CA GLU J 86 43.15 -53.34 3.16
C GLU J 86 44.46 -54.08 2.93
N GLU J 87 44.71 -54.48 1.70
CA GLU J 87 45.95 -55.19 1.35
C GLU J 87 47.15 -54.28 1.60
N LEU J 88 47.07 -53.04 1.12
CA LEU J 88 48.13 -52.06 1.31
C LEU J 88 48.42 -51.72 2.76
N ILE J 89 47.36 -51.60 3.58
CA ILE J 89 47.56 -51.37 5.03
C ILE J 89 48.26 -52.58 5.70
N LYS J 90 47.86 -53.80 5.35
CA LYS J 90 48.54 -55.01 5.87
C LYS J 90 49.98 -55.09 5.41
N ALA J 91 50.27 -54.58 4.22
CA ALA J 91 51.62 -54.54 3.71
C ALA J 91 52.51 -53.46 4.36
N GLY J 92 51.97 -52.63 5.25
CA GLY J 92 52.72 -51.57 5.93
C GLY J 92 52.55 -50.13 5.39
N ALA J 93 51.57 -49.89 4.54
CA ALA J 93 51.39 -48.54 3.98
C ALA J 93 51.07 -47.57 5.10
N ASN J 94 51.62 -46.38 5.01
CA ASN J 94 51.33 -45.33 5.96
C ASN J 94 49.88 -44.81 5.77
N VAL J 95 49.13 -44.79 6.87
CA VAL J 95 47.72 -44.36 6.92
C VAL J 95 47.52 -42.92 7.38
N ASP J 96 48.53 -42.35 8.05
CA ASP J 96 48.49 -40.91 8.43
C ASP J 96 48.89 -40.04 7.24
N ILE J 97 48.01 -39.98 6.24
CA ILE J 97 48.31 -39.28 4.97
C ILE J 97 47.10 -38.42 4.58
N ILE J 98 47.36 -37.53 3.61
CA ILE J 98 46.37 -36.58 3.09
C ILE J 98 45.97 -37.03 1.69
N VAL J 99 44.68 -36.99 1.39
CA VAL J 99 44.22 -37.28 0.01
C VAL J 99 44.14 -35.93 -0.71
N ALA J 100 44.17 -35.96 -2.04
CA ALA J 100 44.22 -34.75 -2.86
C ALA J 100 42.92 -33.93 -2.75
N GLY J 101 42.99 -32.68 -3.18
CA GLY J 101 41.88 -31.76 -3.09
C GLY J 101 42.20 -30.56 -2.23
N ASP J 102 41.35 -29.55 -2.33
CA ASP J 102 41.52 -28.28 -1.65
C ASP J 102 41.35 -28.31 -0.15
N GLU J 103 40.68 -29.31 0.37
CA GLU J 103 40.35 -29.38 1.78
C GLU J 103 41.46 -29.99 2.66
N GLY J 104 42.34 -30.80 2.06
CA GLY J 104 43.36 -31.56 2.79
C GLY J 104 42.77 -32.64 3.68
N ASP J 105 41.73 -33.30 3.19
CA ASP J 105 41.08 -34.37 3.92
C ASP J 105 42.10 -35.45 4.30
N THR J 106 41.98 -35.97 5.52
CA THR J 106 42.83 -37.10 5.93
C THR J 106 42.29 -38.36 5.18
N LEU J 107 43.16 -39.33 4.97
CA LEU J 107 42.74 -40.64 4.51
C LEU J 107 41.59 -41.18 5.35
N PHE J 108 41.69 -41.02 6.66
CA PHE J 108 40.66 -41.53 7.60
C PHE J 108 39.29 -40.94 7.29
N MET J 109 39.27 -39.64 7.07
CA MET J 109 38.06 -38.91 6.68
C MET J 109 37.41 -39.50 5.44
N ARG J 110 38.22 -39.76 4.42
CA ARG J 110 37.65 -40.25 3.18
C ARG J 110 37.08 -41.64 3.36
N ALA J 111 37.80 -42.48 4.09
CA ALA J 111 37.34 -43.83 4.44
C ALA J 111 36.11 -43.82 5.35
N ALA J 112 36.09 -42.93 6.33
CA ALA J 112 34.95 -42.84 7.22
C ALA J 112 33.65 -42.52 6.49
N GLN J 113 33.70 -41.73 5.41
CA GLN J 113 32.48 -41.45 4.67
C GLN J 113 31.97 -42.66 3.88
N ASN J 114 32.84 -43.62 3.57
CA ASN J 114 32.59 -44.58 2.45
C ASN J 114 32.67 -46.07 2.78
N ASN J 115 33.60 -46.43 3.67
CA ASN J 115 33.83 -47.80 4.09
C ASN J 115 34.22 -47.94 5.58
N LYS J 116 33.30 -48.44 6.37
CA LYS J 116 33.51 -48.57 7.80
C LYS J 116 34.72 -49.47 8.16
N LYS J 117 34.91 -50.56 7.42
CA LYS J 117 35.99 -51.49 7.73
C LYS J 117 37.39 -50.90 7.59
N THR J 118 37.59 -50.15 6.49
CA THR J 118 38.88 -49.49 6.27
C THR J 118 39.08 -48.32 7.21
N ALA J 119 37.99 -47.67 7.60
CA ALA J 119 38.05 -46.64 8.63
C ALA J 119 38.57 -47.22 9.95
N GLU J 120 38.11 -48.40 10.30
CA GLU J 120 38.60 -49.08 11.48
C GLU J 120 40.05 -49.52 11.36
N SER J 121 40.44 -50.03 10.19
CA SER J 121 41.82 -50.51 9.99
C SER J 121 42.81 -49.36 10.17
N ILE J 122 42.39 -48.17 9.74
CA ILE J 122 43.20 -46.96 9.88
C ILE J 122 43.35 -46.58 11.34
N LEU J 123 42.23 -46.53 12.06
CA LEU J 123 42.25 -46.19 13.48
C LEU J 123 43.02 -47.20 14.32
N ALA J 124 43.00 -48.46 13.90
CA ALA J 124 43.78 -49.51 14.54
C ALA J 124 45.29 -49.22 14.49
N LYS J 125 45.75 -48.51 13.47
CA LYS J 125 47.14 -48.05 13.38
C LYS J 125 47.40 -46.78 14.19
N ASN J 126 46.41 -45.90 14.29
CA ASN J 126 46.54 -44.65 15.01
C ASN J 126 45.17 -44.10 15.45
N LYS J 127 44.78 -44.41 16.68
CA LYS J 127 43.52 -43.94 17.28
C LYS J 127 43.28 -42.42 17.20
N SER J 128 44.32 -41.61 17.29
CA SER J 128 44.12 -40.15 17.35
C SER J 128 43.63 -39.56 16.01
N LEU J 129 43.76 -40.30 14.90
CA LEU J 129 43.23 -39.84 13.61
C LEU J 129 41.75 -39.50 13.64
N ILE J 130 40.98 -40.09 14.57
CA ILE J 130 39.54 -39.78 14.69
C ILE J 130 39.27 -38.26 14.74
N ASN J 131 40.15 -37.56 15.45
CA ASN J 131 40.01 -36.12 15.69
C ASN J 131 41.03 -35.23 14.97
N LYS J 132 41.75 -35.80 13.98
CA LYS J 132 42.71 -35.03 13.18
C LYS J 132 42.00 -34.27 12.08
N ALA J 133 42.14 -32.94 12.13
CA ALA J 133 41.38 -32.05 11.28
C ALA J 133 42.11 -31.82 9.95
N ASN J 134 41.34 -31.52 8.90
CA ASN J 134 41.90 -31.11 7.62
C ASN J 134 42.28 -29.61 7.65
N THR J 135 42.65 -29.04 6.51
CA THR J 135 43.10 -27.65 6.40
C THR J 135 42.07 -26.58 6.85
N LEU J 136 40.79 -26.90 6.78
CA LEU J 136 39.72 -25.98 7.17
C LEU J 136 39.29 -26.21 8.63
N GLY J 137 40.02 -27.04 9.37
CA GLY J 137 39.65 -27.39 10.74
C GLY J 137 38.46 -28.35 10.87
N GLU J 138 38.25 -29.23 9.88
CA GLU J 138 37.15 -30.19 9.92
C GLU J 138 37.63 -31.65 9.99
N THR J 139 36.87 -32.45 10.73
CA THR J 139 37.13 -33.87 10.89
C THR J 139 36.03 -34.65 10.22
N ALA J 140 36.14 -35.98 10.29
CA ALA J 140 35.14 -36.90 9.74
C ALA J 140 33.74 -36.60 10.20
N LEU J 141 33.61 -36.25 11.48
CA LEU J 141 32.30 -35.89 12.05
C LEU J 141 31.63 -34.73 11.28
N PHE J 142 32.41 -33.75 10.80
CA PHE J 142 31.88 -32.65 9.98
C PHE J 142 31.39 -33.12 8.59
N ALA J 143 32.20 -33.94 7.93
CA ALA J 143 31.84 -34.49 6.61
C ALA J 143 30.55 -35.33 6.65
N VAL J 144 30.44 -36.24 7.63
CA VAL J 144 29.30 -37.13 7.67
C VAL J 144 28.11 -36.34 8.20
N ALA J 145 28.34 -35.33 9.03
CA ALA J 145 27.26 -34.42 9.47
C ALA J 145 26.59 -33.71 8.31
N ARG J 146 27.37 -33.28 7.33
CA ARG J 146 26.78 -32.73 6.11
C ARG J 146 26.15 -33.83 5.27
N TYR J 147 26.88 -34.91 4.99
CA TYR J 147 26.55 -35.81 3.86
C TYR J 147 26.33 -37.28 4.18
N GLY J 148 26.25 -37.59 5.46
CA GLY J 148 26.17 -38.97 5.95
C GLY J 148 24.92 -39.23 6.75
N THR J 149 24.99 -40.22 7.63
CA THR J 149 23.83 -40.76 8.32
C THR J 149 24.04 -40.79 9.83
N PRO J 150 22.94 -40.99 10.59
CA PRO J 150 23.04 -41.21 12.03
C PRO J 150 23.98 -42.35 12.41
N ALA J 151 23.93 -43.46 11.67
CA ALA J 151 24.85 -44.59 11.85
C ALA J 151 26.32 -44.17 11.73
N ASP J 152 26.63 -43.31 10.77
CA ASP J 152 27.99 -42.75 10.67
C ASP J 152 28.33 -41.95 11.92
N ILE J 153 27.40 -41.11 12.37
CA ILE J 153 27.64 -40.24 13.54
C ILE J 153 27.99 -41.08 14.77
N ASP J 154 27.13 -42.02 15.14
CA ASP J 154 27.42 -42.84 16.34
C ASP J 154 28.63 -43.82 16.15
N PHE J 155 28.99 -44.17 14.91
CA PHE J 155 30.24 -44.87 14.71
C PHE J 155 31.42 -44.00 15.14
N LEU J 156 31.45 -42.75 14.68
CA LEU J 156 32.48 -41.78 15.06
C LEU J 156 32.43 -41.36 16.56
N ILE J 157 31.25 -41.19 17.16
CA ILE J 157 31.14 -40.95 18.60
C ILE J 157 31.78 -42.11 19.39
N LYS J 158 31.50 -43.34 18.96
CA LYS J 158 32.01 -44.55 19.67
C LYS J 158 33.52 -44.68 19.59
N LYS J 159 34.11 -44.14 18.51
CA LYS J 159 35.55 -44.13 18.31
C LYS J 159 36.21 -42.90 18.94
N GLY J 160 35.41 -42.09 19.63
CA GLY J 160 35.92 -40.99 20.42
C GLY J 160 35.93 -39.67 19.70
N ALA J 161 35.05 -39.45 18.75
CA ALA J 161 35.04 -38.13 18.09
C ALA J 161 34.57 -37.10 19.09
N ASP J 162 35.08 -35.90 18.95
CA ASP J 162 34.80 -34.82 19.89
C ASP J 162 33.75 -33.89 19.32
N LEU J 163 32.56 -33.95 19.93
CA LEU J 163 31.39 -33.20 19.46
C LEU J 163 31.58 -31.69 19.41
N LYS J 164 32.41 -31.16 20.29
CA LYS J 164 32.48 -29.73 20.52
C LYS J 164 33.61 -29.08 19.71
N LEU J 165 34.33 -29.82 18.84
CA LEU J 165 35.37 -29.19 17.99
C LEU J 165 34.75 -28.19 17.02
N LYS J 166 35.42 -27.07 16.86
CA LYS J 166 35.00 -26.06 15.89
C LYS J 166 35.97 -26.01 14.73
N ASN J 167 35.41 -25.79 13.53
CA ASN J 167 36.24 -25.53 12.37
C ASN J 167 36.72 -24.10 12.36
N LYS J 168 37.50 -23.75 11.34
CA LYS J 168 38.07 -22.41 11.26
C LYS J 168 37.08 -21.27 11.10
N LYS J 169 35.85 -21.57 10.70
CA LYS J 169 34.77 -20.59 10.73
C LYS J 169 34.00 -20.54 12.07
N GLY J 170 34.43 -21.32 13.05
CA GLY J 170 33.75 -21.38 14.36
C GLY J 170 32.51 -22.23 14.43
N GLN J 171 32.26 -23.07 13.42
CA GLN J 171 31.09 -23.98 13.37
C GLN J 171 31.42 -25.36 13.99
N THR J 172 30.45 -25.92 14.70
CA THR J 172 30.50 -27.32 15.12
C THR J 172 29.97 -28.20 14.01
N ALA J 173 30.08 -29.50 14.20
CA ALA J 173 29.46 -30.49 13.31
C ALA J 173 27.92 -30.33 13.25
N LEU J 174 27.31 -30.11 14.41
CA LEU J 174 25.91 -29.80 14.50
C LEU J 174 25.55 -28.59 13.64
N ASP J 175 26.34 -27.51 13.72
CA ASP J 175 26.08 -26.31 12.89
C ASP J 175 26.14 -26.59 11.41
N VAL J 176 27.14 -27.39 10.96
CA VAL J 176 27.26 -27.71 9.50
C VAL J 176 26.18 -28.67 9.02
N ALA J 177 25.70 -29.56 9.90
CA ALA J 177 24.54 -30.41 9.59
C ALA J 177 23.31 -29.58 9.28
N LYS J 178 23.09 -28.55 10.10
CA LYS J 178 21.91 -27.66 9.95
C LYS J 178 22.05 -26.81 8.70
N GLU J 179 23.24 -26.24 8.51
CA GLU J 179 23.54 -25.48 7.28
C GLU J 179 23.35 -26.35 6.02
N ALA J 180 23.64 -27.64 6.11
CA ALA J 180 23.46 -28.57 4.96
C ALA J 180 22.03 -29.14 4.79
N SER J 181 21.13 -28.82 5.71
CA SER J 181 19.75 -29.35 5.78
C SER J 181 19.69 -30.86 5.94
N ASN J 182 20.69 -31.44 6.59
CA ASN J 182 20.68 -32.85 6.94
C ASN J 182 19.97 -32.98 8.29
N GLN J 183 18.65 -33.12 8.23
CA GLN J 183 17.82 -33.13 9.43
C GLN J 183 18.18 -34.36 10.25
N ASP J 184 18.53 -35.48 9.61
CA ASP J 184 18.79 -36.76 10.28
C ASP J 184 20.03 -36.72 11.15
N THR J 185 21.14 -36.25 10.61
CA THR J 185 22.39 -36.08 11.40
C THR J 185 22.26 -34.94 12.42
N ALA J 186 21.54 -33.88 12.06
CA ALA J 186 21.28 -32.76 12.97
C ALA J 186 20.58 -33.28 14.23
N LYS J 187 19.49 -34.04 14.04
CA LYS J 187 18.78 -34.71 15.14
C LYS J 187 19.72 -35.55 15.98
N ALA J 188 20.45 -36.45 15.34
CA ALA J 188 21.40 -37.35 16.04
C ALA J 188 22.47 -36.59 16.82
N LEU J 189 23.01 -35.52 16.26
CA LEU J 189 24.01 -34.74 16.96
C LEU J 189 23.42 -33.93 18.11
N SER J 190 22.26 -33.29 17.89
CA SER J 190 21.63 -32.42 18.89
C SER J 190 21.03 -33.18 20.08
N LYS J 191 20.78 -34.48 19.92
CA LYS J 191 20.37 -35.35 21.04
C LYS J 191 21.58 -35.77 21.88
N LYS J 192 22.69 -36.04 21.19
CA LYS J 192 23.99 -36.30 21.84
C LYS J 192 24.49 -35.22 22.78
N LYS J 193 25.33 -35.67 23.73
CA LYS J 193 25.66 -34.94 24.96
C LYS J 193 27.06 -34.37 24.72
N MET K 1 24.95 -2.28 -22.08
CA MET K 1 24.57 -3.33 -21.08
C MET K 1 25.78 -3.97 -20.45
N VAL K 2 25.67 -4.31 -19.16
CA VAL K 2 26.77 -4.90 -18.40
C VAL K 2 26.33 -6.18 -17.75
N TYR K 3 27.09 -7.25 -17.99
CA TYR K 3 26.76 -8.54 -17.45
C TYR K 3 27.93 -9.50 -17.50
N VAL K 4 27.81 -10.53 -16.67
CA VAL K 4 28.83 -11.55 -16.51
C VAL K 4 28.79 -12.50 -17.67
N ASN K 5 29.88 -12.58 -18.39
CA ASN K 5 30.07 -13.65 -19.37
C ASN K 5 30.46 -14.94 -18.66
N SER K 6 31.45 -14.87 -17.78
CA SER K 6 32.08 -16.05 -17.26
C SER K 6 32.99 -15.68 -16.08
N VAL K 7 33.01 -16.54 -15.06
CA VAL K 7 33.93 -16.44 -13.94
C VAL K 7 34.51 -17.81 -13.64
N CYS K 8 35.80 -17.87 -13.35
CA CYS K 8 36.49 -19.12 -12.94
C CYS K 8 37.38 -18.87 -11.79
N HIS K 9 37.53 -19.89 -10.95
CA HIS K 9 38.57 -19.88 -9.97
C HIS K 9 38.98 -21.27 -9.54
N MET K 10 40.22 -21.37 -9.12
CA MET K 10 40.92 -22.62 -8.88
C MET K 10 41.98 -22.34 -7.85
N LYS K 11 42.11 -23.20 -6.88
CA LYS K 11 43.13 -23.04 -5.88
C LYS K 11 44.51 -23.24 -6.48
N ALA K 12 45.46 -22.41 -6.05
CA ALA K 12 46.85 -22.52 -6.53
C ALA K 12 47.51 -23.66 -5.73
N ALA K 13 47.93 -24.71 -6.43
CA ALA K 13 48.52 -25.88 -5.77
C ALA K 13 49.45 -26.57 -6.76
N ALA K 14 50.02 -27.71 -6.35
CA ALA K 14 50.91 -28.46 -7.24
C ALA K 14 50.18 -28.94 -8.51
N THR K 15 48.88 -29.07 -8.41
CA THR K 15 48.06 -29.62 -9.46
C THR K 15 46.98 -28.57 -9.83
N ALA K 16 46.53 -28.59 -11.07
CA ALA K 16 45.42 -27.77 -11.51
C ALA K 16 44.16 -28.57 -11.24
N GLY K 17 43.49 -28.29 -10.12
CA GLY K 17 42.36 -29.13 -9.65
C GLY K 17 40.93 -28.62 -9.86
N LYS K 18 40.15 -28.59 -8.79
CA LYS K 18 38.77 -28.18 -8.88
C LYS K 18 38.60 -26.74 -9.36
N VAL K 19 37.74 -26.55 -10.36
CA VAL K 19 37.37 -25.22 -10.85
C VAL K 19 35.90 -24.92 -10.62
N GLU K 20 35.61 -23.74 -10.09
CA GLU K 20 34.22 -23.28 -9.86
C GLU K 20 34.07 -21.88 -10.39
N GLY K 21 32.84 -21.38 -10.44
CA GLY K 21 32.56 -20.06 -11.00
C GLY K 21 31.14 -19.86 -11.52
N GLU K 22 31.01 -19.13 -12.60
CA GLU K 22 29.72 -18.75 -13.15
C GLU K 22 29.80 -18.80 -14.64
N GLY K 23 28.70 -19.19 -15.28
CA GLY K 23 28.63 -19.23 -16.73
C GLY K 23 29.41 -20.41 -17.29
N ASP K 24 29.61 -20.34 -18.60
CA ASP K 24 30.20 -21.42 -19.37
C ASP K 24 31.69 -21.15 -19.42
N MET K 25 32.41 -21.99 -18.71
CA MET K 25 33.87 -21.95 -18.73
CA MET K 25 33.88 -22.05 -18.72
C MET K 25 34.51 -22.31 -20.07
N GLN K 26 33.76 -22.97 -20.94
CA GLN K 26 34.31 -23.44 -22.21
C GLN K 26 33.83 -22.60 -23.39
N LYS K 27 33.24 -21.43 -23.14
CA LYS K 27 32.79 -20.57 -24.23
C LYS K 27 33.82 -19.44 -24.39
N LYS K 28 34.20 -19.19 -25.64
CA LYS K 28 35.10 -18.07 -25.97
C LYS K 28 34.42 -16.71 -25.79
N PHE K 29 35.09 -15.80 -25.11
CA PHE K 29 34.67 -14.43 -24.95
C PHE K 29 35.84 -13.48 -25.19
N PRO K 30 35.56 -12.23 -25.56
CA PRO K 30 36.62 -11.29 -25.71
C PRO K 30 37.39 -11.10 -24.44
N LEU K 31 38.72 -11.08 -24.56
CA LEU K 31 39.63 -11.00 -23.41
C LEU K 31 40.03 -9.58 -23.02
N ALA K 32 40.04 -8.67 -23.99
CA ALA K 32 40.69 -7.42 -23.82
C ALA K 32 42.12 -7.70 -23.34
N ALA K 33 42.68 -6.85 -22.48
CA ALA K 33 44.10 -6.94 -22.16
C ALA K 33 44.51 -8.08 -21.24
N ILE K 34 43.59 -8.91 -20.74
CA ILE K 34 44.07 -10.16 -20.12
C ILE K 34 44.72 -11.11 -21.15
N SER K 35 44.52 -10.84 -22.44
CA SER K 35 45.35 -11.37 -23.52
C SER K 35 46.82 -11.25 -23.23
N LYS K 36 47.24 -10.15 -22.60
CA LYS K 36 48.67 -9.92 -22.31
C LYS K 36 49.26 -10.95 -21.36
N VAL K 37 48.42 -11.55 -20.51
CA VAL K 37 48.87 -12.66 -19.64
C VAL K 37 49.37 -13.82 -20.51
N ILE K 38 48.67 -14.10 -21.61
CA ILE K 38 49.00 -15.19 -22.52
C ILE K 38 50.22 -14.86 -23.35
N THR K 39 50.25 -13.63 -23.87
CA THR K 39 51.42 -13.11 -24.54
C THR K 39 52.67 -13.21 -23.65
N THR K 40 52.50 -12.84 -22.38
CA THR K 40 53.54 -12.94 -21.34
C THR K 40 54.06 -14.38 -21.16
N LEU K 41 53.15 -15.37 -21.08
CA LEU K 41 53.55 -16.76 -20.99
C LEU K 41 54.31 -17.22 -22.24
N TRP K 42 53.83 -16.83 -23.42
CA TRP K 42 54.46 -17.20 -24.67
C TRP K 42 55.88 -16.65 -24.77
N ALA K 43 56.01 -15.37 -24.49
CA ALA K 43 57.36 -14.73 -24.50
C ALA K 43 58.33 -15.44 -23.54
N ILE K 44 57.88 -15.70 -22.31
CA ILE K 44 58.72 -16.38 -21.34
C ILE K 44 59.11 -17.78 -21.81
N GLU K 45 58.15 -18.52 -22.33
CA GLU K 45 58.41 -19.86 -22.79
C GLU K 45 59.41 -19.90 -23.97
N LYS K 46 59.25 -19.01 -24.95
CA LYS K 46 60.12 -19.04 -26.08
C LYS K 46 61.49 -18.41 -25.80
N LEU K 47 61.52 -17.29 -25.07
CA LEU K 47 62.75 -16.51 -24.89
C LEU K 47 63.49 -16.81 -23.59
N GLY K 48 62.77 -17.16 -22.54
CA GLY K 48 63.36 -17.34 -21.23
C GLY K 48 63.10 -16.09 -20.39
N VAL K 49 62.79 -16.31 -19.11
CA VAL K 49 62.33 -15.24 -18.24
C VAL K 49 63.30 -14.07 -18.11
N ASP K 50 64.58 -14.36 -18.18
CA ASP K 50 65.61 -13.35 -18.02
C ASP K 50 66.28 -12.96 -19.33
N TYR K 51 65.64 -13.26 -20.46
CA TYR K 51 66.18 -12.91 -21.78
C TYR K 51 66.38 -11.38 -21.95
N ARG K 52 67.44 -11.04 -22.68
CA ARG K 52 67.80 -9.66 -22.89
C ARG K 52 67.97 -9.38 -24.39
N HIS K 53 67.30 -8.33 -24.83
CA HIS K 53 67.42 -7.82 -26.19
C HIS K 53 68.76 -7.10 -26.29
N LYS K 54 69.66 -7.70 -27.07
CA LYS K 54 71.04 -7.23 -27.21
C LYS K 54 71.21 -6.46 -28.52
N THR K 55 71.00 -5.15 -28.44
CA THR K 55 71.20 -4.26 -29.59
C THR K 55 72.71 -3.94 -29.77
N VAL K 56 73.24 -4.14 -30.98
CA VAL K 56 74.67 -3.98 -31.22
C VAL K 56 74.91 -2.68 -32.01
N LEU K 57 75.87 -1.90 -31.51
CA LEU K 57 76.19 -0.59 -32.04
C LEU K 57 77.63 -0.65 -32.58
N HIS K 58 77.77 -0.37 -33.87
CA HIS K 58 79.00 -0.55 -34.65
C HIS K 58 79.52 0.85 -34.93
N LEU K 59 80.57 1.21 -34.23
CA LEU K 59 81.07 2.57 -34.16
C LEU K 59 82.41 2.63 -34.92
N THR K 60 82.48 3.45 -35.97
CA THR K 60 83.68 3.60 -36.79
C THR K 60 84.13 5.06 -36.83
N PRO K 61 85.39 5.34 -36.45
CA PRO K 61 85.84 6.74 -36.52
C PRO K 61 85.89 7.32 -37.94
N THR K 62 85.41 8.56 -38.06
CA THR K 62 85.54 9.36 -39.29
C THR K 62 86.73 10.34 -39.15
N ALA K 63 87.21 10.83 -40.28
CA ALA K 63 88.38 11.73 -40.34
C ALA K 63 88.27 13.03 -39.52
N ASN K 64 87.07 13.58 -39.41
CA ASN K 64 86.80 14.77 -38.56
C ASN K 64 86.81 14.51 -37.04
N GLY K 65 86.85 13.23 -36.62
CA GLY K 65 86.89 12.88 -35.20
C GLY K 65 85.54 12.53 -34.58
N SER K 66 84.48 12.47 -35.39
CA SER K 66 83.18 11.95 -34.96
C SER K 66 83.11 10.43 -35.25
N MET K 67 81.95 9.81 -35.04
CA MET K 67 81.75 8.40 -35.36
C MET K 67 80.71 8.24 -36.47
N ASP K 68 80.88 7.22 -37.30
CA ASP K 68 79.76 6.61 -37.99
C ASP K 68 79.21 5.52 -37.06
N LEU K 69 77.90 5.28 -37.14
CA LEU K 69 77.19 4.29 -36.31
C LEU K 69 76.24 3.43 -37.16
N HIS K 70 76.42 2.11 -37.12
CA HIS K 70 75.43 1.19 -37.66
C HIS K 70 74.77 0.45 -36.50
N VAL K 71 73.45 0.56 -36.40
CA VAL K 71 72.70 -0.11 -35.38
C VAL K 71 72.22 -1.44 -35.94
N GLU K 72 72.69 -2.53 -35.34
CA GLU K 72 72.19 -3.86 -35.61
C GLU K 72 71.16 -4.17 -34.54
N GLY K 73 69.92 -4.29 -34.96
CA GLY K 73 68.79 -4.31 -34.03
C GLY K 73 68.56 -5.67 -33.42
N SER K 74 67.95 -5.68 -32.24
CA SER K 74 67.50 -6.89 -31.57
C SER K 74 65.96 -6.99 -31.51
N ARG K 75 65.27 -6.16 -32.27
CA ARG K 75 63.81 -6.02 -32.20
C ARG K 75 63.29 -5.66 -30.80
N ASP K 76 64.12 -4.97 -30.02
CA ASP K 76 63.76 -4.57 -28.68
C ASP K 76 62.38 -3.83 -28.64
N PRO K 77 61.38 -4.42 -27.98
CA PRO K 77 60.04 -3.88 -28.00
C PRO K 77 59.77 -2.75 -27.00
N ILE K 78 60.78 -2.33 -26.23
CA ILE K 78 60.63 -1.17 -25.32
C ILE K 78 61.65 -0.06 -25.66
N PHE K 79 62.17 -0.06 -26.89
CA PHE K 79 63.18 0.92 -27.33
C PHE K 79 62.46 2.18 -27.77
N GLY K 80 62.55 3.19 -26.92
CA GLY K 80 61.97 4.50 -27.22
C GLY K 80 62.74 5.59 -26.48
N ARG K 81 62.01 6.54 -25.91
CA ARG K 81 62.59 7.70 -25.26
C ARG K 81 63.58 7.27 -24.21
N ASN K 82 63.14 6.44 -23.26
CA ASN K 82 63.93 6.21 -22.07
C ASN K 82 65.22 5.48 -22.36
N LEU K 83 65.13 4.45 -23.20
CA LEU K 83 66.32 3.69 -23.56
C LEU K 83 67.23 4.51 -24.46
N SER K 84 66.62 5.36 -25.30
CA SER K 84 67.39 6.35 -26.06
C SER K 84 68.18 7.35 -25.17
N TYR K 85 67.54 7.90 -24.15
CA TYR K 85 68.21 8.80 -23.20
C TYR K 85 69.39 8.09 -22.52
N PHE K 86 69.17 6.85 -22.08
CA PHE K 86 70.23 6.04 -21.48
C PHE K 86 71.40 5.82 -22.49
N LEU K 87 71.06 5.53 -23.75
CA LEU K 87 72.06 5.30 -24.81
C LEU K 87 72.90 6.56 -25.08
N ILE K 88 72.23 7.72 -25.08
CA ILE K 88 72.87 9.00 -25.27
C ILE K 88 73.90 9.24 -24.12
N SER K 89 73.47 9.06 -22.86
CA SER K 89 74.36 9.09 -21.69
C SER K 89 75.56 8.17 -21.91
N GLU K 90 75.27 6.93 -22.30
CA GLU K 90 76.29 5.91 -22.52
C GLU K 90 77.31 6.25 -23.62
N LEU K 91 76.83 6.82 -24.72
CA LEU K 91 77.69 7.24 -25.80
C LEU K 91 78.68 8.31 -25.33
N ASN K 92 78.18 9.24 -24.52
CA ASN K 92 79.00 10.30 -23.93
C ASN K 92 80.03 9.79 -22.94
N ARG K 93 79.68 8.79 -22.14
CA ARG K 93 80.66 8.10 -21.29
C ARG K 93 81.81 7.50 -22.11
N MET K 94 81.52 6.98 -23.31
CA MET K 94 82.53 6.50 -24.25
C MET K 94 83.18 7.58 -25.14
N LYS K 95 82.92 8.86 -24.87
CA LYS K 95 83.53 10.00 -25.59
C LYS K 95 82.96 10.18 -27.01
N VAL K 96 81.71 9.74 -27.22
CA VAL K 96 80.99 9.96 -28.49
C VAL K 96 79.85 10.96 -28.28
N THR K 97 80.01 12.16 -28.87
CA THR K 97 78.99 13.22 -28.84
C THR K 97 78.41 13.53 -30.20
N LYS K 98 79.09 13.09 -31.26
CA LYS K 98 78.74 13.44 -32.63
C LYS K 98 78.75 12.20 -33.52
N ILE K 99 77.64 11.96 -34.25
CA ILE K 99 77.55 10.89 -35.22
C ILE K 99 77.43 11.48 -36.61
N GLU K 100 78.31 11.08 -37.52
CA GLU K 100 78.21 11.52 -38.93
C GLU K 100 77.09 10.77 -39.64
N ASN K 101 77.36 9.50 -39.98
CA ASN K 101 76.40 8.62 -40.67
C ASN K 101 75.82 7.59 -39.69
N LEU K 102 74.53 7.72 -39.41
CA LEU K 102 73.79 6.79 -38.59
C LEU K 102 72.98 5.93 -39.51
N THR K 103 73.37 4.67 -39.64
CA THR K 103 72.54 3.66 -40.34
C THR K 103 71.90 2.74 -39.32
N PHE K 104 70.86 2.02 -39.75
CA PHE K 104 70.21 0.99 -38.91
C PHE K 104 69.60 -0.09 -39.81
N ASP K 105 69.49 -1.31 -39.27
CA ASP K 105 69.00 -2.46 -40.02
C ASP K 105 67.50 -2.76 -39.72
N GLU K 106 66.99 -3.82 -40.34
CA GLU K 106 65.55 -4.14 -40.29
C GLU K 106 65.04 -4.55 -38.93
N ASN K 107 65.94 -4.79 -37.98
CA ASN K 107 65.60 -5.23 -36.63
C ASN K 107 65.65 -4.12 -35.59
N PHE K 108 66.02 -2.91 -36.00
CA PHE K 108 66.00 -1.78 -35.08
C PHE K 108 64.60 -1.14 -35.06
N LEU K 109 63.88 -1.37 -33.96
CA LEU K 109 62.58 -0.73 -33.74
C LEU K 109 62.83 0.46 -32.80
N LEU K 110 62.28 1.61 -33.18
CA LEU K 110 62.33 2.80 -32.37
C LEU K 110 61.00 3.50 -32.53
N ASP K 111 60.24 3.49 -31.45
CA ASP K 111 59.08 4.34 -31.31
C ASP K 111 59.25 5.14 -30.02
N TRP K 112 59.44 6.44 -30.19
CA TRP K 112 59.78 7.35 -29.11
C TRP K 112 58.84 7.18 -27.93
N LEU K 113 57.54 7.02 -28.21
CA LEU K 113 56.53 6.98 -27.16
C LEU K 113 56.13 5.60 -26.73
N ALA K 114 57.04 4.63 -26.92
CA ALA K 114 56.82 3.24 -26.52
C ALA K 114 56.23 3.00 -25.11
N GLU K 115 56.65 3.78 -24.12
CA GLU K 115 56.13 3.68 -22.78
C GLU K 115 55.12 4.76 -22.39
N GLU K 116 54.54 5.44 -23.38
CA GLU K 116 53.70 6.63 -23.12
C GLU K 116 52.43 6.57 -23.96
N SER K 117 51.46 7.37 -23.56
CA SER K 117 50.31 7.67 -24.41
C SER K 117 50.75 8.40 -25.69
N PRO K 118 50.14 8.10 -26.82
CA PRO K 118 48.99 7.19 -26.97
C PRO K 118 49.36 5.74 -27.33
N ARG K 119 50.63 5.36 -27.23
CA ARG K 119 51.06 4.01 -27.60
C ARG K 119 50.61 2.95 -26.64
N ILE K 120 50.49 3.31 -25.37
CA ILE K 120 49.96 2.44 -24.33
C ILE K 120 48.59 1.89 -24.69
N GLY K 121 47.64 2.80 -24.98
CA GLY K 121 46.27 2.41 -25.32
C GLY K 121 45.88 2.49 -26.82
N GLY K 122 46.78 2.92 -27.69
CA GLY K 122 46.46 3.10 -29.10
C GLY K 122 46.52 1.82 -29.87
N VAL K 123 46.15 1.89 -31.14
CA VAL K 123 46.36 0.79 -32.04
C VAL K 123 47.81 0.84 -32.41
N THR K 124 48.50 -0.27 -32.25
CA THR K 124 49.93 -0.34 -32.52
C THR K 124 50.19 -0.26 -34.01
N PRO K 125 51.13 0.61 -34.42
CA PRO K 125 51.37 0.75 -35.87
C PRO K 125 51.88 -0.54 -36.38
N ARG K 126 51.33 -0.97 -37.50
CA ARG K 126 51.76 -2.15 -38.18
C ARG K 126 52.30 -1.83 -39.57
N TYR K 127 53.58 -2.06 -39.78
CA TYR K 127 54.27 -1.67 -41.01
C TYR K 127 54.20 -2.82 -41.98
N GLU K 128 53.58 -2.57 -43.12
CA GLU K 128 53.27 -3.65 -44.04
C GLU K 128 54.47 -3.94 -44.92
N THR K 129 55.23 -2.91 -45.25
CA THR K 129 56.55 -3.07 -45.87
C THR K 129 57.68 -2.63 -44.93
N ILE K 130 58.88 -3.09 -45.23
CA ILE K 130 60.06 -2.68 -44.51
C ILE K 130 60.39 -1.21 -44.74
N GLU K 131 60.12 -0.72 -45.95
CA GLU K 131 60.27 0.69 -46.30
C GLU K 131 59.47 1.57 -45.34
N GLN K 132 58.22 1.18 -45.08
CA GLN K 132 57.37 1.90 -44.12
C GLN K 132 57.94 1.89 -42.73
N GLN K 133 58.47 0.75 -42.32
CA GLN K 133 59.14 0.64 -41.00
C GLN K 133 60.37 1.56 -40.94
N ALA K 134 61.20 1.47 -41.98
CA ALA K 134 62.40 2.30 -42.10
C ALA K 134 62.05 3.78 -42.01
N GLU K 135 61.06 4.21 -42.78
CA GLU K 135 60.69 5.63 -42.80
C GLU K 135 60.15 6.12 -41.45
N ALA K 136 59.43 5.26 -40.71
CA ALA K 136 58.99 5.60 -39.35
C ALA K 136 60.16 5.65 -38.38
N VAL K 137 61.12 4.73 -38.50
CA VAL K 137 62.32 4.77 -37.65
C VAL K 137 63.17 6.04 -37.93
N ILE K 138 63.34 6.34 -39.22
CA ILE K 138 63.94 7.61 -39.64
C ILE K 138 63.25 8.78 -38.99
N LYS K 139 61.92 8.88 -39.13
CA LYS K 139 61.19 9.97 -38.53
C LYS K 139 61.46 10.15 -37.01
N ASN K 140 61.48 9.05 -36.24
CA ASN K 140 61.84 9.08 -34.80
C ASN K 140 63.28 9.49 -34.49
N LEU K 141 64.23 8.86 -35.18
CA LEU K 141 65.65 9.28 -35.13
C LEU K 141 65.85 10.78 -35.45
N LYS K 142 65.20 11.23 -36.53
CA LYS K 142 65.35 12.62 -37.02
C LYS K 142 64.69 13.63 -36.07
N GLU K 143 63.45 13.33 -35.65
CA GLU K 143 62.64 14.30 -34.89
C GLU K 143 62.82 14.25 -33.39
N SER K 144 63.17 13.08 -32.85
CA SER K 144 63.23 12.89 -31.40
C SER K 144 64.63 12.54 -30.86
N PHE K 145 65.26 11.49 -31.39
CA PHE K 145 66.62 11.08 -30.98
C PHE K 145 67.69 12.17 -31.19
N SER K 146 67.55 12.95 -32.27
CA SER K 146 68.53 13.96 -32.65
C SER K 146 68.24 15.36 -32.16
N THR K 147 67.04 15.61 -31.64
CA THR K 147 66.66 17.00 -31.25
C THR K 147 67.08 17.26 -29.81
N ALA K 148 66.97 18.51 -29.39
CA ALA K 148 67.26 18.91 -28.01
C ALA K 148 66.55 18.01 -27.03
N ILE K 149 67.29 17.47 -26.07
CA ILE K 149 66.72 16.59 -25.06
C ILE K 149 65.76 17.39 -24.19
N ASN K 150 64.58 16.81 -23.92
CA ASN K 150 63.61 17.38 -22.99
C ASN K 150 64.21 17.30 -21.59
N ARG K 151 64.65 18.45 -21.08
CA ARG K 151 65.35 18.53 -19.80
C ARG K 151 64.55 17.96 -18.63
N ALA K 152 63.26 18.29 -18.57
CA ALA K 152 62.41 17.81 -17.47
C ALA K 152 62.22 16.28 -17.50
N MET K 153 61.94 15.73 -18.68
CA MET K 153 61.75 14.28 -18.84
C MET K 153 63.03 13.48 -18.64
N TYR K 154 64.14 13.93 -19.20
CA TYR K 154 65.43 13.30 -18.91
C TYR K 154 65.73 13.25 -17.39
N SER K 155 65.44 14.36 -16.70
CA SER K 155 65.73 14.50 -15.27
C SER K 155 64.84 13.59 -14.41
N LYS K 156 63.56 13.44 -14.78
CA LYS K 156 62.67 12.43 -14.15
C LYS K 156 63.22 11.02 -14.33
N LEU K 157 63.62 10.69 -15.57
CA LEU K 157 64.15 9.38 -15.85
C LEU K 157 65.38 9.10 -15.02
N ARG K 158 66.30 10.04 -15.01
CA ARG K 158 67.54 9.90 -14.23
C ARG K 158 67.31 9.74 -12.71
N GLU K 159 66.32 10.44 -12.18
CA GLU K 159 65.95 10.28 -10.79
C GLU K 159 65.53 8.84 -10.47
N ARG K 160 64.68 8.27 -11.32
CA ARG K 160 64.33 6.85 -11.26
C ARG K 160 65.56 5.92 -11.42
N ALA K 161 66.41 6.18 -12.40
CA ALA K 161 67.65 5.41 -12.60
C ALA K 161 68.51 5.41 -11.35
N THR K 162 68.63 6.58 -10.74
CA THR K 162 69.34 6.74 -9.46
C THR K 162 68.70 5.91 -8.31
N LYS K 163 67.37 5.92 -8.17
CA LYS K 163 66.68 4.99 -7.25
C LYS K 163 67.07 3.53 -7.54
N ALA K 164 67.12 3.22 -8.84
CA ALA K 164 67.52 1.87 -9.31
C ALA K 164 69.03 1.59 -9.31
N LYS K 165 69.85 2.51 -8.75
CA LYS K 165 71.31 2.37 -8.71
C LYS K 165 71.95 2.26 -10.10
N VAL K 166 71.36 2.92 -11.10
CA VAL K 166 71.95 2.99 -12.43
C VAL K 166 72.47 4.41 -12.66
N PHE K 167 73.71 4.49 -13.13
CA PHE K 167 74.37 5.77 -13.45
C PHE K 167 73.97 6.34 -14.82
N MET K 168 73.58 7.60 -14.81
CA MET K 168 73.39 8.39 -16.04
C MET K 168 74.02 9.77 -15.81
N LEU K 169 74.56 10.35 -16.87
CA LEU K 169 75.12 11.70 -16.80
C LEU K 169 74.02 12.72 -16.56
N GLU K 170 74.33 13.82 -15.89
CA GLU K 170 73.35 14.88 -15.68
C GLU K 170 72.85 15.48 -16.98
N LYS K 171 73.74 15.71 -17.95
CA LYS K 171 73.43 16.63 -19.05
C LYS K 171 74.10 16.25 -20.37
N PRO K 172 73.81 15.05 -20.88
CA PRO K 172 74.44 14.61 -22.10
C PRO K 172 73.73 15.13 -23.32
N THR K 173 74.45 15.19 -24.43
CA THR K 173 73.91 15.50 -25.76
C THR K 173 74.47 14.56 -26.82
N ILE K 174 73.76 14.52 -27.95
CA ILE K 174 74.22 13.86 -29.15
C ILE K 174 73.85 14.73 -30.37
N GLU K 175 74.67 14.65 -31.43
CA GLU K 175 74.36 15.25 -32.73
C GLU K 175 74.45 14.15 -33.75
N VAL K 176 73.54 14.17 -34.70
CA VAL K 176 73.53 13.20 -35.80
C VAL K 176 73.29 13.97 -37.09
N ARG K 177 74.25 13.87 -38.02
CA ARG K 177 74.17 14.52 -39.33
C ARG K 177 73.24 13.80 -40.29
N ASN K 178 73.53 12.55 -40.59
CA ASN K 178 72.77 11.78 -41.57
C ASN K 178 72.21 10.54 -40.92
N ILE K 179 71.01 10.20 -41.33
CA ILE K 179 70.30 9.01 -40.87
C ILE K 179 69.77 8.30 -42.12
N SER K 180 70.02 7.00 -42.24
CA SER K 180 69.38 6.19 -43.30
C SER K 180 69.36 4.71 -42.98
N PHE K 181 68.47 4.00 -43.69
CA PHE K 181 68.28 2.57 -43.53
C PHE K 181 69.37 1.84 -44.27
N LEU K 182 69.92 0.80 -43.66
CA LEU K 182 70.91 -0.06 -44.30
C LEU K 182 70.66 -1.50 -43.85
N PRO K 183 70.13 -2.37 -44.75
CA PRO K 183 69.81 -3.75 -44.34
C PRO K 183 71.02 -4.48 -43.79
N LYS K 184 70.77 -5.43 -42.90
CA LYS K 184 71.83 -6.26 -42.30
C LYS K 184 72.62 -7.01 -43.40
N ASN K 185 71.92 -7.48 -44.45
CA ASN K 185 72.56 -8.05 -45.64
C ASN K 185 73.71 -7.26 -46.25
N ASN K 186 73.59 -5.94 -46.20
CA ASN K 186 74.50 -4.98 -46.83
C ASN K 186 75.46 -4.26 -45.90
N TYR K 187 75.47 -4.54 -44.59
CA TYR K 187 76.40 -3.87 -43.71
C TYR K 187 77.61 -4.74 -43.53
N LYS K 188 78.78 -4.18 -43.82
CA LYS K 188 80.05 -4.78 -43.52
C LYS K 188 80.95 -3.72 -42.90
N LYS K 189 81.77 -4.13 -41.94
CA LYS K 189 82.44 -3.16 -41.09
C LYS K 189 83.87 -2.91 -41.51
N ASP K 190 84.32 -1.69 -41.27
CA ASP K 190 85.68 -1.32 -41.61
C ASP K 190 86.69 -1.91 -40.61
N LYS K 191 87.94 -1.89 -41.02
CA LYS K 191 89.05 -2.37 -40.22
C LYS K 191 89.09 -1.78 -38.81
N TYR K 192 88.65 -0.52 -38.67
CA TYR K 192 88.68 0.22 -37.40
C TYR K 192 87.32 0.33 -36.73
N THR K 193 86.39 -0.56 -37.08
CA THR K 193 85.09 -0.57 -36.43
C THR K 193 85.22 -1.29 -35.08
N GLY K 194 84.88 -0.59 -33.99
CA GLY K 194 84.76 -1.17 -32.68
C GLY K 194 83.27 -1.31 -32.49
N SER K 195 82.84 -2.41 -31.89
CA SER K 195 81.43 -2.59 -31.71
C SER K 195 81.04 -3.02 -30.30
N VAL K 196 79.90 -2.51 -29.86
CA VAL K 196 79.51 -2.42 -28.46
C VAL K 196 78.05 -2.85 -28.35
N VAL K 197 77.64 -3.39 -27.20
CA VAL K 197 76.31 -3.98 -27.06
C VAL K 197 75.54 -3.23 -25.96
N LEU K 198 74.30 -2.92 -26.27
CA LEU K 198 73.36 -2.40 -25.28
C LEU K 198 72.30 -3.48 -24.99
N GLN K 199 72.37 -4.05 -23.80
CA GLN K 199 71.36 -4.98 -23.25
C GLN K 199 70.27 -4.25 -22.55
N SER K 200 69.03 -4.40 -23.03
CA SER K 200 67.88 -3.84 -22.30
C SER K 200 67.66 -4.66 -21.01
N ALA K 201 66.70 -4.23 -20.21
CA ALA K 201 66.32 -4.92 -18.99
C ALA K 201 65.92 -6.36 -19.29
N PRO K 202 66.01 -7.23 -18.28
CA PRO K 202 65.52 -8.58 -18.50
C PRO K 202 64.03 -8.64 -18.86
N LEU K 203 63.65 -9.65 -19.63
CA LEU K 203 62.32 -9.78 -20.20
C LEU K 203 61.22 -9.65 -19.15
N ARG K 204 61.43 -10.29 -18.00
CA ARG K 204 60.44 -10.25 -16.91
C ARG K 204 60.08 -8.81 -16.50
N THR K 205 61.06 -7.91 -16.55
CA THR K 205 60.84 -6.50 -16.20
C THR K 205 60.17 -5.73 -17.33
N ILE K 206 60.53 -6.04 -18.58
CA ILE K 206 59.79 -5.52 -19.74
C ILE K 206 58.30 -5.96 -19.64
N LEU K 207 58.07 -7.21 -19.26
CA LEU K 207 56.73 -7.73 -19.13
C LEU K 207 55.98 -7.06 -17.95
N LYS K 208 56.68 -6.86 -16.82
CA LYS K 208 56.11 -6.17 -15.65
C LYS K 208 55.65 -4.78 -16.03
N ARG K 209 56.49 -4.10 -16.79
CA ARG K 209 56.15 -2.77 -17.27
C ARG K 209 54.90 -2.81 -18.21
N MET K 210 54.91 -3.73 -19.17
CA MET K 210 53.81 -3.88 -20.10
C MET K 210 52.49 -4.13 -19.37
N ASN K 211 52.51 -5.08 -18.44
CA ASN K 211 51.33 -5.51 -17.69
C ASN K 211 50.82 -4.46 -16.69
N ASN K 212 51.73 -3.72 -16.06
CA ASN K 212 51.37 -2.57 -15.27
C ASN K 212 50.56 -1.52 -16.07
N GLN K 213 51.11 -1.13 -17.24
CA GLN K 213 50.55 -0.08 -18.06
C GLN K 213 49.40 -0.57 -18.91
N SER K 214 49.35 -1.86 -19.17
CA SER K 214 48.58 -2.42 -20.29
C SER K 214 49.09 -1.90 -21.62
N ASN K 215 50.41 -1.97 -21.81
CA ASN K 215 51.08 -1.37 -22.96
C ASN K 215 50.89 -2.19 -24.24
N ASN K 216 50.04 -1.67 -25.14
CA ASN K 216 49.74 -2.31 -26.44
C ASN K 216 50.93 -2.36 -27.38
N TYR K 217 51.72 -1.28 -27.42
CA TYR K 217 52.92 -1.28 -28.26
C TYR K 217 53.89 -2.45 -27.91
N ILE K 218 54.21 -2.60 -26.63
CA ILE K 218 55.11 -3.67 -26.20
C ILE K 218 54.50 -5.06 -26.48
N ALA K 219 53.25 -5.25 -26.10
CA ALA K 219 52.56 -6.56 -26.31
C ALA K 219 52.44 -6.93 -27.79
N ASP K 220 52.06 -5.97 -28.62
CA ASP K 220 51.82 -6.25 -30.04
C ASP K 220 53.09 -6.56 -30.76
N ASN K 221 54.18 -5.88 -30.37
CA ASN K 221 55.50 -6.12 -30.95
C ASN K 221 56.12 -7.44 -30.49
N LEU K 222 55.88 -7.83 -29.22
CA LEU K 222 56.29 -9.17 -28.73
C LEU K 222 55.63 -10.25 -29.58
N TYR K 223 54.33 -10.10 -29.80
CA TYR K 223 53.54 -11.02 -30.64
C TYR K 223 54.19 -11.21 -32.05
N TRP K 224 54.47 -10.09 -32.73
CA TRP K 224 55.09 -10.17 -34.06
C TRP K 224 56.51 -10.75 -33.95
N ASN K 225 57.26 -10.30 -32.93
CA ASN K 225 58.61 -10.79 -32.71
C ASN K 225 58.65 -12.28 -32.54
N LEU K 226 57.65 -12.84 -31.87
CA LEU K 226 57.61 -14.31 -31.59
C LEU K 226 57.13 -15.13 -32.77
N GLY K 227 56.73 -14.46 -33.86
CA GLY K 227 56.28 -15.14 -35.07
C GLY K 227 54.85 -14.87 -35.49
N GLY K 228 54.10 -14.02 -34.75
CA GLY K 228 52.73 -13.72 -35.11
C GLY K 228 51.76 -14.89 -34.94
N THR K 229 50.64 -14.81 -35.64
CA THR K 229 49.53 -15.71 -35.45
C THR K 229 49.83 -17.21 -35.72
N ALA K 230 50.54 -17.51 -36.79
CA ALA K 230 50.90 -18.91 -37.06
C ALA K 230 51.74 -19.50 -35.91
N ALA K 231 52.80 -18.79 -35.53
CA ALA K 231 53.61 -19.22 -34.39
C ALA K 231 52.76 -19.30 -33.11
N PHE K 232 51.83 -18.35 -32.92
CA PHE K 232 50.96 -18.38 -31.73
C PHE K 232 50.13 -19.65 -31.62
N ASN K 233 49.53 -20.05 -32.73
CA ASN K 233 48.66 -21.22 -32.75
C ASN K 233 49.41 -22.50 -32.37
N ALA K 234 50.64 -22.66 -32.84
CA ALA K 234 51.48 -23.82 -32.44
C ALA K 234 51.83 -23.82 -30.94
N PHE K 235 52.15 -22.63 -30.43
CA PHE K 235 52.27 -22.43 -28.99
C PHE K 235 51.00 -22.82 -28.21
N ALA K 236 49.83 -22.35 -28.66
CA ALA K 236 48.57 -22.64 -27.94
C ALA K 236 48.25 -24.14 -27.94
N ALA K 237 48.53 -24.82 -29.06
CA ALA K 237 48.29 -26.25 -29.16
C ALA K 237 49.21 -27.04 -28.21
N ALA K 238 50.49 -26.71 -28.19
CA ALA K 238 51.47 -27.47 -27.44
C ALA K 238 51.43 -27.15 -25.94
N THR K 239 51.44 -25.86 -25.59
CA THR K 239 51.49 -25.45 -24.21
C THR K 239 50.10 -25.42 -23.57
N LEU K 240 49.09 -24.87 -24.23
CA LEU K 240 47.79 -24.71 -23.62
C LEU K 240 46.78 -25.81 -24.00
N LYS K 241 47.19 -26.77 -24.83
CA LYS K 241 46.33 -27.84 -25.31
C LYS K 241 45.06 -27.28 -25.91
N ALA K 242 45.24 -26.28 -26.76
CA ALA K 242 44.14 -25.42 -27.17
C ALA K 242 44.20 -25.12 -28.67
N ASP K 243 43.06 -25.23 -29.34
CA ASP K 243 42.93 -24.82 -30.75
C ASP K 243 41.84 -23.72 -30.84
N GLN K 244 41.44 -23.37 -32.06
CA GLN K 244 40.42 -22.35 -32.30
C GLN K 244 39.10 -22.47 -31.54
N ASN K 245 38.73 -23.67 -31.13
CA ASN K 245 37.61 -23.87 -30.24
C ASN K 245 37.79 -23.23 -28.88
N GLN K 246 39.04 -23.12 -28.41
CA GLN K 246 39.35 -22.49 -27.10
C GLN K 246 39.92 -21.06 -27.17
N ILE K 247 40.53 -20.68 -28.29
CA ILE K 247 41.31 -19.49 -28.34
C ILE K 247 41.58 -19.03 -29.78
N VAL K 248 41.31 -17.76 -30.04
CA VAL K 248 41.64 -17.12 -31.31
C VAL K 248 42.32 -15.79 -31.00
N PHE K 249 43.55 -15.62 -31.51
CA PHE K 249 44.36 -14.38 -31.36
C PHE K 249 44.63 -13.73 -32.71
N HIS K 250 44.61 -12.41 -32.69
CA HIS K 250 44.97 -11.53 -33.78
C HIS K 250 46.14 -10.62 -33.42
N ASN K 251 46.40 -10.38 -32.13
CA ASN K 251 47.51 -9.56 -31.70
C ASN K 251 47.96 -9.93 -30.29
N GLY K 252 48.99 -9.27 -29.79
CA GLY K 252 49.47 -9.53 -28.44
C GLY K 252 48.72 -8.79 -27.34
N SER K 253 48.04 -7.70 -27.69
CA SER K 253 47.53 -6.74 -26.72
C SER K 253 46.11 -7.01 -26.22
N GLY K 254 45.30 -7.65 -27.04
CA GLY K 254 43.88 -7.80 -26.80
C GLY K 254 43.09 -6.62 -27.32
N ASN K 255 43.76 -5.68 -27.98
CA ASN K 255 43.12 -4.53 -28.53
C ASN K 255 42.31 -4.86 -29.79
N ASN K 256 41.35 -4.01 -30.07
CA ASN K 256 40.46 -4.15 -31.21
C ASN K 256 41.23 -4.11 -32.52
N GLU K 257 41.09 -5.16 -33.34
CA GLU K 257 41.71 -5.22 -34.69
C GLU K 257 40.76 -4.82 -35.81
N GLY K 258 39.50 -4.56 -35.48
CA GLY K 258 38.52 -4.18 -36.46
C GLY K 258 38.15 -2.71 -36.27
N THR K 259 36.90 -2.45 -36.49
CA THR K 259 36.29 -1.15 -36.43
C THR K 259 35.58 -0.87 -35.15
N THR K 260 35.48 0.41 -34.80
CA THR K 260 34.56 0.79 -33.74
C THR K 260 33.12 0.22 -33.90
N ALA K 261 32.56 0.29 -35.11
CA ALA K 261 31.29 -0.39 -35.44
C ALA K 261 31.37 -1.92 -35.50
N LYS K 262 32.46 -2.46 -36.04
CA LYS K 262 32.65 -3.91 -36.24
C LYS K 262 33.92 -4.40 -35.56
N PRO K 263 33.88 -4.56 -34.22
CA PRO K 263 35.11 -4.87 -33.50
C PRO K 263 35.55 -6.33 -33.67
N ILE K 264 36.86 -6.56 -33.59
CA ILE K 264 37.45 -7.90 -33.65
C ILE K 264 38.41 -7.98 -32.47
N TYR K 265 38.21 -8.99 -31.62
CA TYR K 265 38.94 -9.15 -30.38
C TYR K 265 39.55 -10.53 -30.24
N ASN K 266 40.71 -10.60 -29.57
CA ASN K 266 41.20 -11.84 -29.10
C ASN K 266 40.15 -12.44 -28.19
N GLU K 267 39.91 -13.74 -28.33
CA GLU K 267 38.94 -14.47 -27.54
C GLU K 267 39.56 -15.74 -26.98
N ALA K 268 39.19 -16.08 -25.76
CA ALA K 268 39.44 -17.40 -25.24
C ALA K 268 38.39 -17.78 -24.22
N THR K 269 38.36 -19.06 -23.87
CA THR K 269 37.53 -19.54 -22.79
C THR K 269 38.13 -19.20 -21.45
N CYS K 270 37.28 -19.09 -20.46
CA CYS K 270 37.69 -18.79 -19.11
C CYS K 270 38.62 -19.88 -18.55
N GLU K 271 38.33 -21.14 -18.88
CA GLU K 271 39.25 -22.27 -18.60
C GLU K 271 40.67 -22.04 -19.14
N THR K 272 40.75 -21.53 -20.38
CA THR K 272 42.04 -21.27 -21.00
C THR K 272 42.89 -20.23 -20.21
N MET K 273 42.23 -19.23 -19.65
CA MET K 273 42.88 -18.22 -18.81
C MET K 273 43.41 -18.80 -17.49
N ILE K 274 42.67 -19.72 -16.88
CA ILE K 274 43.12 -20.45 -15.71
C ILE K 274 44.34 -21.32 -16.02
N LYS K 275 44.29 -22.06 -17.11
CA LYS K 275 45.46 -22.78 -17.55
C LYS K 275 46.68 -21.88 -17.64
N THR K 276 46.50 -20.77 -18.34
CA THR K 276 47.58 -19.85 -18.65
C THR K 276 48.20 -19.45 -17.36
N LEU K 277 47.33 -19.06 -16.43
CA LEU K 277 47.79 -18.55 -15.12
C LEU K 277 48.57 -19.62 -14.37
N TYR K 278 48.07 -20.85 -14.37
CA TYR K 278 48.75 -21.96 -13.68
C TYR K 278 50.13 -22.24 -14.34
N THR K 279 50.16 -22.33 -15.67
CA THR K 279 51.36 -22.68 -16.38
C THR K 279 52.39 -21.52 -16.36
N LEU K 280 51.91 -20.28 -16.35
CA LEU K 280 52.80 -19.09 -16.16
C LEU K 280 53.47 -19.08 -14.77
N ASN K 281 52.65 -19.30 -13.73
CA ASN K 281 53.12 -19.45 -12.35
C ASN K 281 54.14 -20.59 -12.17
N LYS K 282 53.88 -21.74 -12.77
CA LYS K 282 54.85 -22.90 -12.72
C LYS K 282 56.19 -22.57 -13.36
N SER K 283 56.10 -21.94 -14.52
CA SER K 283 57.26 -21.50 -15.26
C SER K 283 58.15 -20.56 -14.41
N LEU K 284 57.52 -19.55 -13.83
CA LEU K 284 58.20 -18.56 -12.98
C LEU K 284 58.77 -19.18 -11.73
N GLU K 285 58.03 -20.06 -11.07
CA GLU K 285 58.53 -20.74 -9.88
C GLU K 285 59.73 -21.63 -10.17
N ALA K 286 59.76 -22.27 -11.33
CA ALA K 286 60.89 -23.08 -11.75
C ALA K 286 62.18 -22.32 -11.91
N LYS K 287 62.08 -21.01 -12.14
CA LYS K 287 63.26 -20.13 -12.19
C LYS K 287 63.39 -19.26 -10.97
N GLY K 288 62.74 -19.61 -9.86
CA GLY K 288 62.82 -18.81 -8.62
C GLY K 288 62.02 -17.51 -8.57
N TYR K 289 61.13 -17.30 -9.54
CA TYR K 289 60.34 -16.07 -9.59
C TYR K 289 58.91 -16.35 -9.14
N LYS K 290 58.12 -15.28 -9.13
CA LYS K 290 56.73 -15.31 -8.69
C LYS K 290 55.88 -14.59 -9.70
N LEU K 291 54.58 -14.79 -9.60
CA LEU K 291 53.63 -14.15 -10.53
C LEU K 291 53.71 -12.61 -10.45
N SER K 292 54.04 -12.09 -9.26
CA SER K 292 54.19 -10.66 -9.02
C SER K 292 55.41 -10.04 -9.68
N ASP K 293 56.33 -10.85 -10.22
CA ASP K 293 57.44 -10.35 -11.02
C ASP K 293 57.07 -9.95 -12.45
N VAL K 294 55.89 -10.36 -12.93
CA VAL K 294 55.42 -9.99 -14.24
C VAL K 294 54.01 -9.38 -14.26
N LEU K 295 53.19 -9.62 -13.24
CA LEU K 295 51.88 -9.02 -13.18
C LEU K 295 51.80 -8.07 -12.00
N SER K 296 50.91 -7.07 -12.13
CA SER K 296 50.74 -6.02 -11.13
C SER K 296 50.16 -6.54 -9.80
N VAL K 297 50.47 -5.84 -8.70
CA VAL K 297 49.96 -6.18 -7.41
C VAL K 297 49.05 -5.04 -6.96
N ALA K 298 47.82 -5.40 -6.58
CA ALA K 298 46.81 -4.41 -6.16
C ALA K 298 47.32 -3.47 -5.07
N ASN K 299 47.12 -2.18 -5.29
CA ASN K 299 47.53 -1.09 -4.39
C ASN K 299 49.04 -0.87 -4.31
N LYS K 300 49.84 -1.93 -4.22
CA LYS K 300 51.29 -1.77 -4.12
C LYS K 300 52.04 -1.28 -5.37
N ASP K 301 51.54 -1.58 -6.57
CA ASP K 301 52.19 -1.06 -7.77
C ASP K 301 51.48 0.22 -8.14
N SER K 302 52.04 1.34 -7.69
CA SER K 302 51.49 2.68 -7.92
C SER K 302 51.38 3.05 -9.37
N ASP K 303 52.32 2.60 -10.20
CA ASP K 303 52.32 2.96 -11.62
C ASP K 303 51.73 1.79 -12.38
N SER K 304 50.45 1.55 -12.13
CA SER K 304 49.76 0.40 -12.71
C SER K 304 48.28 0.70 -12.76
N THR K 305 47.57 -0.08 -13.54
CA THR K 305 46.11 0.07 -13.64
C THR K 305 45.32 -0.41 -12.41
N ILE K 306 45.98 -1.01 -11.42
CA ILE K 306 45.29 -1.46 -10.21
C ILE K 306 45.85 -0.82 -8.97
N ASP K 307 46.51 0.31 -9.16
CA ASP K 307 46.86 1.20 -8.07
C ASP K 307 45.71 1.50 -7.08
N ASN K 308 44.50 1.65 -7.58
CA ASN K 308 43.33 2.04 -6.77
C ASN K 308 42.23 0.99 -6.77
N PHE K 309 42.63 -0.27 -6.85
CA PHE K 309 41.72 -1.39 -6.78
C PHE K 309 41.52 -1.59 -5.28
N GLY K 310 40.64 -0.82 -4.66
CA GLY K 310 40.48 -0.88 -3.22
C GLY K 310 39.69 -2.10 -2.83
N GLY K 311 39.20 -2.08 -1.59
CA GLY K 311 38.53 -3.22 -1.01
C GLY K 311 39.54 -4.13 -0.33
N ASN K 312 39.08 -5.30 0.06
CA ASN K 312 39.94 -6.29 0.70
C ASN K 312 40.95 -6.98 -0.24
N ALA K 313 40.94 -6.64 -1.51
CA ALA K 313 42.00 -7.07 -2.44
C ALA K 313 43.29 -6.32 -2.25
N ALA K 314 43.24 -5.16 -1.61
CA ALA K 314 44.44 -4.32 -1.57
C ALA K 314 45.61 -5.07 -0.95
N GLY K 315 46.72 -5.14 -1.67
CA GLY K 315 47.90 -5.86 -1.17
C GLY K 315 47.79 -7.37 -1.15
N SER K 316 46.68 -7.89 -1.67
CA SER K 316 46.33 -9.30 -1.62
C SER K 316 45.89 -9.89 -2.96
N MET K 317 46.00 -9.13 -4.05
CA MET K 317 45.67 -9.61 -5.33
C MET K 317 46.81 -9.27 -6.30
N ILE K 318 47.13 -10.25 -7.14
CA ILE K 318 47.98 -10.06 -8.29
C ILE K 318 47.08 -10.16 -9.48
N ALA K 319 47.13 -9.18 -10.41
CA ALA K 319 46.17 -9.20 -11.50
C ALA K 319 46.50 -8.32 -12.68
N LYS K 320 45.86 -8.66 -13.80
CA LYS K 320 45.88 -7.91 -15.03
C LYS K 320 44.45 -7.53 -15.36
N THR K 321 44.23 -6.26 -15.69
CA THR K 321 42.94 -5.75 -16.11
C THR K 321 42.79 -5.78 -17.63
N GLY K 322 41.56 -5.63 -18.07
CA GLY K 322 41.27 -5.47 -19.47
C GLY K 322 40.06 -4.60 -19.72
N THR K 323 40.16 -3.79 -20.78
CA THR K 323 39.16 -2.85 -21.17
C THR K 323 39.10 -2.71 -22.66
N VAL K 324 37.98 -3.10 -23.28
CA VAL K 324 37.64 -2.73 -24.65
C VAL K 324 36.18 -2.31 -24.63
N ASN K 325 35.67 -1.84 -25.76
CA ASN K 325 34.30 -1.31 -25.80
C ASN K 325 33.27 -2.35 -25.40
N LYS K 326 33.52 -3.63 -25.76
CA LYS K 326 32.60 -4.74 -25.44
C LYS K 326 32.92 -5.58 -24.23
N ALA K 327 34.01 -5.27 -23.53
CA ALA K 327 34.39 -6.08 -22.39
C ALA K 327 35.21 -5.37 -21.31
N LYS K 328 35.03 -5.88 -20.09
CA LYS K 328 35.78 -5.50 -18.93
C LYS K 328 36.18 -6.79 -18.24
N THR K 329 37.47 -6.98 -18.04
CA THR K 329 38.01 -8.28 -17.68
C THR K 329 39.09 -8.13 -16.60
N LEU K 330 39.29 -9.21 -15.88
CA LEU K 330 40.32 -9.29 -14.87
C LEU K 330 40.79 -10.75 -14.74
N ALA K 331 42.09 -10.93 -14.55
CA ALA K 331 42.65 -12.27 -14.35
C ALA K 331 43.93 -12.21 -13.46
N GLY K 332 44.11 -13.20 -12.59
CA GLY K 332 45.29 -13.23 -11.74
C GLY K 332 45.13 -14.18 -10.57
N SER K 333 45.60 -13.79 -9.39
CA SER K 333 45.35 -14.56 -8.18
C SER K 333 45.02 -13.68 -6.97
N ILE K 334 44.29 -14.26 -6.04
CA ILE K 334 43.98 -13.63 -4.78
C ILE K 334 44.65 -14.45 -3.68
N SER K 335 45.16 -13.76 -2.65
CA SER K 335 45.83 -14.40 -1.54
C SER K 335 44.91 -14.24 -0.36
N THR K 336 44.47 -15.37 0.21
CA THR K 336 43.48 -15.40 1.28
C THR K 336 43.98 -16.27 2.41
N LYS K 337 43.25 -16.26 3.52
CA LYS K 337 43.58 -17.15 4.65
C LYS K 337 43.44 -18.65 4.36
N GLU K 338 42.76 -19.02 3.28
CA GLU K 338 42.73 -20.41 2.78
C GLU K 338 43.70 -20.71 1.64
N GLY K 339 44.66 -19.82 1.40
CA GLY K 339 45.66 -19.97 0.36
C GLY K 339 45.43 -19.00 -0.80
N GLU K 340 46.23 -19.20 -1.85
CA GLU K 340 46.12 -18.45 -3.09
C GLU K 340 45.21 -19.14 -4.10
N PHE K 341 44.46 -18.34 -4.87
CA PHE K 341 43.50 -18.84 -5.85
C PHE K 341 43.63 -18.09 -7.14
N TYR K 342 43.77 -18.84 -8.24
CA TYR K 342 43.71 -18.27 -9.57
C TYR K 342 42.25 -17.87 -9.85
N PHE K 343 42.03 -16.78 -10.61
CA PHE K 343 40.70 -16.41 -11.07
C PHE K 343 40.75 -15.76 -12.45
N ALA K 344 39.61 -15.83 -13.17
CA ALA K 344 39.41 -15.02 -14.33
C ALA K 344 37.96 -14.57 -14.33
N ILE K 345 37.72 -13.28 -14.64
CA ILE K 345 36.37 -12.70 -14.61
C ILE K 345 36.20 -11.90 -15.89
N LEU K 346 35.18 -12.26 -16.64
CA LEU K 346 34.94 -11.68 -17.98
C LEU K 346 33.53 -11.07 -17.96
N LEU K 347 33.44 -9.76 -18.13
CA LEU K 347 32.18 -9.05 -18.27
C LEU K 347 31.99 -8.42 -19.65
N HIS K 348 30.72 -8.34 -20.07
CA HIS K 348 30.34 -7.64 -21.27
C HIS K 348 30.01 -6.22 -20.89
N THR K 349 30.34 -5.30 -21.81
CA THR K 349 29.95 -3.86 -21.75
C THR K 349 29.53 -3.43 -23.14
N ASP K 350 28.87 -2.28 -23.23
CA ASP K 350 28.57 -1.60 -24.52
C ASP K 350 28.79 -0.09 -24.38
N MET K 351 30.00 0.34 -24.65
CA MET K 351 30.28 1.78 -24.64
C MET K 351 29.42 2.56 -25.62
N ASP K 352 29.08 1.97 -26.74
CA ASP K 352 28.19 2.63 -27.71
C ASP K 352 26.78 2.90 -27.15
N GLN K 353 26.36 2.16 -26.14
CA GLN K 353 25.14 2.45 -25.48
C GLN K 353 25.42 3.50 -24.44
N SER K 354 26.42 3.28 -23.60
CA SER K 354 26.83 4.30 -22.63
C SER K 354 28.23 4.09 -22.15
N SER K 355 29.00 5.18 -22.11
CA SER K 355 30.38 5.12 -21.57
C SER K 355 30.37 4.92 -20.06
N SER K 356 29.27 5.18 -19.38
CA SER K 356 29.12 4.80 -17.97
C SER K 356 29.29 3.29 -17.67
N ASP K 357 29.09 2.41 -18.68
CA ASP K 357 29.22 0.95 -18.52
C ASP K 357 30.61 0.61 -17.99
N ARG K 358 31.64 1.35 -18.36
CA ARG K 358 32.99 0.98 -17.94
C ARG K 358 33.10 1.03 -16.42
N GLY K 359 32.69 2.14 -15.84
CA GLY K 359 32.71 2.31 -14.39
C GLY K 359 31.86 1.34 -13.60
N VAL K 360 30.69 1.03 -14.15
CA VAL K 360 29.78 0.05 -13.54
C VAL K 360 30.47 -1.33 -13.54
N ALA K 361 31.04 -1.72 -14.68
CA ALA K 361 31.69 -3.02 -14.80
C ALA K 361 32.88 -3.13 -13.86
N SER K 362 33.63 -2.02 -13.69
CA SER K 362 34.74 -2.02 -12.77
C SER K 362 34.37 -2.38 -11.38
N GLN K 363 33.33 -1.72 -10.84
CA GLN K 363 32.98 -1.91 -9.43
C GLN K 363 32.34 -3.27 -9.20
N MET K 364 31.65 -3.80 -10.21
CA MET K 364 31.12 -5.15 -10.15
C MET K 364 32.27 -6.15 -10.01
N ILE K 365 33.32 -6.00 -10.81
CA ILE K 365 34.45 -6.89 -10.78
C ILE K 365 35.11 -6.81 -9.41
N LYS K 366 35.29 -5.58 -8.90
CA LYS K 366 35.93 -5.38 -7.59
C LYS K 366 35.13 -6.00 -6.43
N ASN K 367 33.82 -5.83 -6.47
CA ASN K 367 32.96 -6.45 -5.51
C ASN K 367 32.92 -7.99 -5.62
N LYS K 368 33.02 -8.50 -6.84
CA LYS K 368 33.10 -9.93 -7.07
C LYS K 368 34.37 -10.53 -6.44
N ILE K 369 35.49 -9.87 -6.67
CA ILE K 369 36.73 -10.25 -6.05
C ILE K 369 36.63 -10.20 -4.54
N SER K 370 36.05 -9.14 -4.01
CA SER K 370 35.88 -9.03 -2.54
C SER K 370 35.02 -10.15 -1.96
N GLN K 371 33.96 -10.49 -2.66
CA GLN K 371 33.12 -11.63 -2.28
C GLN K 371 33.92 -12.97 -2.27
N LEU K 372 34.71 -13.25 -3.32
CA LEU K 372 35.52 -14.44 -3.37
C LEU K 372 36.46 -14.43 -2.19
N ILE K 373 37.05 -13.28 -1.87
CA ILE K 373 37.95 -13.19 -0.73
C ILE K 373 37.20 -13.50 0.60
N ASN K 374 36.02 -12.88 0.77
CA ASN K 374 35.20 -13.12 1.92
C ASN K 374 34.95 -14.60 2.17
N LYS K 375 34.56 -15.32 1.12
CA LYS K 375 34.25 -16.76 1.20
C LYS K 375 35.49 -17.64 1.45
N ARG K 376 36.68 -17.10 1.27
CA ARG K 376 37.91 -17.77 1.58
C ARG K 376 38.58 -17.23 2.86
N SER K 377 37.74 -16.75 3.78
CA SER K 377 38.15 -16.30 5.14
C SER K 377 39.01 -15.02 5.19
N GLY K 378 38.88 -14.18 4.16
CA GLY K 378 39.50 -12.86 4.17
C GLY K 378 40.86 -12.82 3.54
N PRO K 379 41.40 -11.63 3.36
CA PRO K 379 42.63 -11.47 2.68
C PRO K 379 43.83 -11.87 3.49
N LYS K 380 44.90 -12.28 2.80
CA LYS K 380 46.19 -12.43 3.40
C LYS K 380 47.15 -11.60 2.55
N GLU K 381 47.75 -10.60 3.17
CA GLU K 381 48.60 -9.70 2.44
C GLU K 381 49.82 -10.41 1.88
N ILE K 382 50.22 -10.04 0.66
CA ILE K 382 51.34 -10.73 0.02
C ILE K 382 52.70 -10.12 0.32
N GLN K 383 53.71 -11.00 0.44
CA GLN K 383 55.10 -10.56 0.54
C GLN K 383 55.57 -9.98 -0.83
N TYR K 384 55.63 -8.65 -0.92
CA TYR K 384 55.99 -7.95 -2.18
C TYR K 384 56.52 -6.54 -1.95
N THR K 385 57.61 -6.20 -2.64
CA THR K 385 58.09 -4.79 -2.72
C THR K 385 58.02 -4.31 -4.18
N GLU K 386 57.46 -3.13 -4.34
CA GLU K 386 57.17 -2.53 -5.63
C GLU K 386 58.42 -2.58 -6.53
N ILE K 387 58.28 -3.27 -7.67
CA ILE K 387 59.32 -3.28 -8.70
C ILE K 387 59.32 -1.94 -9.44
N LEU K 388 60.48 -1.32 -9.55
CA LEU K 388 60.63 -0.10 -10.34
C LEU K 388 61.03 -0.60 -11.73
N ALA K 389 60.10 -0.54 -12.68
CA ALA K 389 60.24 -1.23 -13.96
C ALA K 389 60.84 -0.34 -15.10
N LEU K 390 62.14 -0.12 -15.05
CA LEU K 390 62.89 0.58 -16.09
C LEU K 390 63.31 -0.35 -17.24
N PRO K 391 63.49 0.20 -18.44
CA PRO K 391 63.87 -0.61 -19.58
C PRO K 391 65.36 -0.92 -19.63
N PHE K 392 66.11 -0.48 -18.62
CA PHE K 392 67.54 -0.80 -18.49
C PHE K 392 67.84 -0.99 -17.03
N ASP K 393 68.94 -1.66 -16.73
CA ASP K 393 69.38 -1.86 -15.34
C ASP K 393 70.92 -1.83 -15.27
N GLN K 394 71.51 -2.36 -14.20
CA GLN K 394 72.99 -2.24 -13.99
C GLN K 394 73.83 -3.07 -14.96
N ASN K 395 73.22 -3.99 -15.71
CA ASN K 395 73.90 -4.72 -16.77
C ASN K 395 73.58 -4.19 -18.16
N SER K 396 72.99 -3.00 -18.23
CA SER K 396 72.71 -2.37 -19.49
C SER K 396 73.85 -1.48 -20.01
N TYR K 397 74.86 -1.16 -19.18
CA TYR K 397 75.99 -0.33 -19.63
C TYR K 397 76.67 -0.97 -20.83
N LEU K 398 77.09 -0.13 -21.78
CA LEU K 398 77.75 -0.59 -23.01
C LEU K 398 79.01 -1.41 -22.78
N THR K 399 79.11 -2.59 -23.40
CA THR K 399 80.30 -3.46 -23.29
C THR K 399 80.75 -3.94 -24.68
N GLU K 400 82.06 -4.36 -24.82
CA GLU K 400 82.54 -5.46 -25.75
C GLU K 400 82.02 -5.33 -27.18
N LYS L 1 28.10 20.88 -32.31
CA LYS L 1 28.74 19.76 -33.10
C LYS L 1 30.05 19.25 -32.43
N SER L 2 29.99 18.04 -31.89
CA SER L 2 31.16 17.43 -31.24
C SER L 2 32.03 16.75 -32.29
N SER L 3 33.25 16.39 -31.89
CA SER L 3 34.21 15.72 -32.76
C SER L 3 34.61 14.34 -32.25
N LYS L 4 34.28 13.34 -33.05
CA LYS L 4 34.65 11.95 -32.76
C LYS L 4 36.14 11.84 -32.56
N ALA L 5 36.91 12.34 -33.53
CA ALA L 5 38.37 12.26 -33.46
C ALA L 5 38.92 12.88 -32.17
N LEU L 6 38.36 14.00 -31.74
CA LEU L 6 38.79 14.67 -30.52
C LEU L 6 38.43 13.86 -29.27
N ASN L 7 37.18 13.39 -29.21
CA ASN L 7 36.74 12.58 -28.08
C ASN L 7 37.62 11.33 -27.93
N GLU L 8 37.92 10.68 -29.04
CA GLU L 8 38.77 9.46 -29.01
C GLU L 8 40.19 9.77 -28.62
N ALA L 9 40.71 10.88 -29.14
CA ALA L 9 42.05 11.34 -28.76
C ALA L 9 42.15 11.66 -27.29
N ALA L 10 41.10 12.30 -26.74
CA ALA L 10 41.04 12.60 -25.29
C ALA L 10 41.04 11.36 -24.44
N GLU L 11 40.21 10.38 -24.82
CA GLU L 11 40.11 9.11 -24.09
C GLU L 11 41.46 8.35 -24.10
N GLN L 12 42.11 8.34 -25.25
CA GLN L 12 43.36 7.60 -25.47
C GLN L 12 44.64 8.28 -24.99
N GLY L 13 44.58 9.55 -24.61
CA GLY L 13 45.79 10.21 -24.12
C GLY L 13 46.72 10.81 -25.18
N ASP L 14 46.22 11.03 -26.41
CA ASP L 14 47.01 11.69 -27.43
C ASP L 14 46.87 13.20 -27.29
N LEU L 15 47.67 13.77 -26.38
CA LEU L 15 47.67 15.20 -26.14
C LEU L 15 47.98 16.00 -27.41
N ALA L 16 48.95 15.54 -28.18
CA ALA L 16 49.39 16.25 -29.41
C ALA L 16 48.22 16.41 -30.38
N LYS L 17 47.48 15.32 -30.58
CA LYS L 17 46.31 15.32 -31.45
C LYS L 17 45.16 16.15 -30.91
N VAL L 18 44.97 16.16 -29.59
CA VAL L 18 43.95 17.03 -28.95
C VAL L 18 44.26 18.53 -29.16
N LYS L 19 45.47 18.96 -28.78
CA LYS L 19 45.91 20.34 -29.02
C LYS L 19 45.86 20.72 -30.49
N ASN L 20 46.22 19.80 -31.37
CA ASN L 20 46.12 20.04 -32.81
C ASN L 20 44.68 20.35 -33.30
N LEU L 21 43.72 19.52 -32.89
CA LEU L 21 42.32 19.68 -33.32
C LEU L 21 41.66 20.92 -32.69
N VAL L 22 42.01 21.20 -31.44
CA VAL L 22 41.49 22.37 -30.69
C VAL L 22 42.07 23.69 -31.21
N GLN L 23 43.33 23.65 -31.66
CA GLN L 23 43.94 24.84 -32.25
C GLN L 23 43.28 25.35 -33.50
N LYS L 24 42.83 24.46 -34.40
CA LYS L 24 42.11 24.92 -35.59
C LYS L 24 40.83 25.72 -35.19
N ASN L 25 40.26 25.45 -34.00
CA ASN L 25 39.24 26.32 -33.33
C ASN L 25 37.83 26.08 -33.87
N LYS L 26 37.61 24.92 -34.47
CA LYS L 26 36.31 24.61 -35.06
C LYS L 26 35.35 24.00 -34.03
N ILE L 27 35.91 23.42 -32.96
CA ILE L 27 35.17 22.53 -32.06
C ILE L 27 34.71 23.26 -30.78
N ASP L 28 33.41 23.22 -30.55
CA ASP L 28 32.81 23.61 -29.29
C ASP L 28 33.08 22.48 -28.28
N LEU L 29 33.87 22.76 -27.25
CA LEU L 29 34.33 21.75 -26.31
C LEU L 29 33.28 21.31 -25.30
N ASN L 30 32.17 22.01 -25.29
CA ASN L 30 30.98 21.66 -24.51
C ASN L 30 29.91 20.93 -25.29
N ALA L 31 30.12 20.81 -26.60
CA ALA L 31 29.28 19.95 -27.42
C ALA L 31 29.36 18.48 -26.97
N GLN L 32 28.20 17.92 -26.71
CA GLN L 32 28.02 16.53 -26.27
C GLN L 32 27.66 15.63 -27.45
N ASP L 33 28.15 14.38 -27.45
CA ASP L 33 27.93 13.46 -28.60
C ASP L 33 26.59 12.76 -28.47
N GLU L 34 26.35 11.75 -29.28
CA GLU L 34 25.03 11.06 -29.25
C GLU L 34 24.70 10.32 -27.91
N THR L 35 25.70 10.01 -27.08
CA THR L 35 25.48 9.47 -25.71
C THR L 35 25.74 10.50 -24.60
N GLY L 36 25.86 11.77 -24.95
CA GLY L 36 26.04 12.84 -23.98
C GLY L 36 27.48 13.07 -23.54
N MET L 37 28.44 12.44 -24.21
CA MET L 37 29.84 12.57 -23.84
C MET L 37 30.52 13.85 -24.34
N THR L 38 31.35 14.45 -23.46
CA THR L 38 32.20 15.62 -23.77
C THR L 38 33.68 15.23 -23.83
N PRO L 39 34.52 16.07 -24.47
CA PRO L 39 35.97 15.80 -24.45
C PRO L 39 36.53 15.70 -23.04
N LEU L 40 36.02 16.52 -22.13
CA LEU L 40 36.44 16.45 -20.73
C LEU L 40 36.11 15.09 -20.05
N MET L 41 34.90 14.58 -20.29
CA MET L 41 34.51 13.25 -19.79
C MET L 41 35.43 12.13 -20.32
N ASN L 42 35.71 12.18 -21.61
CA ASN L 42 36.59 11.21 -22.21
C ASN L 42 38.01 11.30 -21.64
N ALA L 43 38.50 12.52 -21.45
CA ALA L 43 39.81 12.72 -20.83
C ALA L 43 39.87 12.17 -19.44
N ALA L 44 38.81 12.42 -18.69
CA ALA L 44 38.72 11.95 -17.29
C ALA L 44 38.60 10.41 -17.22
N MET L 45 37.69 9.84 -18.01
CA MET L 45 37.53 8.40 -18.09
C MET L 45 38.84 7.68 -18.42
N GLY L 46 39.61 8.22 -19.36
CA GLY L 46 40.88 7.65 -19.75
C GLY L 46 42.08 7.95 -18.85
N GLY L 47 41.88 8.73 -17.78
CA GLY L 47 42.94 9.04 -16.80
C GLY L 47 44.11 9.86 -17.30
N ASN L 48 43.81 10.81 -18.16
CA ASN L 48 44.81 11.58 -18.90
C ASN L 48 44.84 13.01 -18.35
N LEU L 49 45.61 13.18 -17.27
CA LEU L 49 45.68 14.42 -16.50
C LEU L 49 46.12 15.61 -17.36
N ASP L 50 47.01 15.35 -18.31
CA ASP L 50 47.47 16.36 -19.24
C ASP L 50 46.35 16.97 -19.98
N ILE L 51 45.56 16.11 -20.60
CA ILE L 51 44.48 16.54 -21.46
C ILE L 51 43.39 17.25 -20.64
N VAL L 52 43.14 16.79 -19.42
CA VAL L 52 42.21 17.47 -18.51
C VAL L 52 42.68 18.91 -18.25
N LYS L 53 43.95 19.07 -17.86
CA LYS L 53 44.50 20.39 -17.56
C LYS L 53 44.43 21.35 -18.77
N PHE L 54 44.71 20.81 -19.94
CA PHE L 54 44.58 21.57 -21.19
C PHE L 54 43.12 21.97 -21.42
N LEU L 55 42.19 21.03 -21.28
CA LEU L 55 40.76 21.35 -21.44
C LEU L 55 40.23 22.30 -20.35
N LEU L 56 40.70 22.15 -19.11
CA LEU L 56 40.37 23.12 -18.04
C LEU L 56 40.93 24.52 -18.32
N SER L 57 42.04 24.63 -19.04
CA SER L 57 42.56 25.94 -19.47
C SER L 57 41.64 26.66 -20.47
N LYS L 58 40.78 25.90 -21.15
CA LYS L 58 39.73 26.48 -22.01
C LYS L 58 38.39 26.76 -21.30
N LYS L 59 38.31 26.52 -20.00
CA LYS L 59 37.14 26.82 -19.17
C LYS L 59 35.87 26.14 -19.63
N VAL L 60 36.00 24.84 -19.82
CA VAL L 60 34.88 24.00 -20.16
C VAL L 60 33.91 23.93 -18.99
N ASN L 61 32.67 23.60 -19.32
CA ASN L 61 31.63 23.31 -18.34
C ASN L 61 31.87 21.99 -17.58
N LEU L 62 32.04 22.08 -16.26
CA LEU L 62 32.40 20.92 -15.43
C LEU L 62 31.21 19.98 -15.18
N GLU L 63 30.01 20.55 -15.24
CA GLU L 63 28.82 19.89 -14.71
C GLU L 63 27.88 19.30 -15.74
N LEU L 64 28.27 19.30 -17.02
CA LEU L 64 27.56 18.53 -18.03
C LEU L 64 27.55 17.03 -17.66
N LYS L 65 26.49 16.34 -18.05
CA LYS L 65 26.26 14.93 -17.74
C LYS L 65 26.01 14.13 -18.99
N ASN L 66 26.61 12.94 -19.04
CA ASN L 66 26.34 12.02 -20.15
C ASN L 66 24.98 11.31 -19.91
N ASN L 67 24.57 10.44 -20.82
CA ASN L 67 23.28 9.75 -20.67
C ASN L 67 23.13 8.97 -19.35
N GLY L 68 24.25 8.49 -18.83
CA GLY L 68 24.32 7.86 -17.53
C GLY L 68 24.33 8.76 -16.30
N GLY L 69 24.14 10.07 -16.50
CA GLY L 69 23.97 11.03 -15.41
C GLY L 69 25.25 11.46 -14.74
N GLU L 70 26.39 11.09 -15.33
CA GLU L 70 27.69 11.31 -14.74
C GLU L 70 28.37 12.57 -15.29
N THR L 71 28.95 13.35 -14.38
CA THR L 71 29.89 14.40 -14.74
C THR L 71 31.31 13.85 -14.93
N ALA L 72 32.18 14.68 -15.48
CA ALA L 72 33.59 14.31 -15.66
C ALA L 72 34.22 13.80 -14.36
N LEU L 73 33.92 14.47 -13.25
CA LEU L 73 34.42 14.06 -11.94
C LEU L 73 34.01 12.60 -11.68
N ALA L 74 32.73 12.30 -11.95
CA ALA L 74 32.22 10.91 -11.79
C ALA L 74 32.96 9.91 -12.69
N PHE L 75 33.25 10.29 -13.92
CA PHE L 75 34.05 9.42 -14.83
C PHE L 75 35.42 9.17 -14.26
N ALA L 76 36.03 10.20 -13.71
CA ALA L 76 37.36 10.07 -13.14
C ALA L 76 37.36 9.11 -11.97
N VAL L 77 36.48 9.37 -11.00
CA VAL L 77 36.39 8.53 -9.78
C VAL L 77 36.06 7.05 -10.11
N THR L 78 35.01 6.84 -10.91
CA THR L 78 34.57 5.48 -11.24
C THR L 78 35.64 4.68 -12.01
N ASN L 79 36.50 5.37 -12.76
CA ASN L 79 37.56 4.73 -13.51
C ASN L 79 38.96 4.82 -12.87
N ASP L 80 39.02 5.06 -11.55
CA ASP L 80 40.24 5.10 -10.81
C ASP L 80 41.34 6.10 -11.31
N ALA L 81 40.91 7.18 -11.92
CA ALA L 81 41.79 8.26 -12.31
C ALA L 81 41.71 9.34 -11.22
N TYR L 82 42.25 9.00 -10.06
CA TYR L 82 42.13 9.86 -8.87
C TYR L 82 42.97 11.12 -8.94
N ASP L 83 44.07 11.06 -9.65
CA ASP L 83 44.86 12.27 -9.91
C ASP L 83 44.01 13.29 -10.69
N VAL L 84 43.21 12.80 -11.62
CA VAL L 84 42.26 13.64 -12.35
C VAL L 84 41.16 14.14 -11.41
N ALA L 85 40.66 13.26 -10.55
CA ALA L 85 39.60 13.63 -9.60
C ALA L 85 40.06 14.80 -8.72
N GLU L 86 41.28 14.73 -8.23
CA GLU L 86 41.86 15.83 -7.44
C GLU L 86 41.93 17.15 -8.22
N GLU L 87 42.33 17.08 -9.49
CA GLU L 87 42.47 18.28 -10.30
C GLU L 87 41.09 18.90 -10.49
N LEU L 88 40.12 18.06 -10.85
CA LEU L 88 38.75 18.53 -11.04
C LEU L 88 38.15 19.17 -9.77
N ILE L 89 38.43 18.58 -8.61
CA ILE L 89 37.89 19.10 -7.37
C ILE L 89 38.50 20.47 -7.10
N LYS L 90 39.81 20.61 -7.31
CA LYS L 90 40.46 21.92 -7.17
C LYS L 90 39.91 22.95 -8.16
N ALA L 91 39.49 22.50 -9.34
CA ALA L 91 38.93 23.39 -10.33
C ALA L 91 37.50 23.81 -10.03
N GLY L 92 36.88 23.29 -8.96
CA GLY L 92 35.49 23.65 -8.58
C GLY L 92 34.42 22.64 -8.98
N ALA L 93 34.80 21.43 -9.37
CA ALA L 93 33.79 20.41 -9.68
C ALA L 93 32.93 20.11 -8.47
N ASN L 94 31.65 19.96 -8.71
CA ASN L 94 30.72 19.58 -7.67
C ASN L 94 30.98 18.11 -7.24
N VAL L 95 31.14 17.90 -5.93
CA VAL L 95 31.38 16.60 -5.34
C VAL L 95 30.12 15.92 -4.79
N ASP L 96 29.08 16.70 -4.54
CA ASP L 96 27.80 16.13 -4.09
C ASP L 96 27.03 15.61 -5.33
N ILE L 97 27.51 14.52 -5.92
CA ILE L 97 26.93 13.96 -7.14
C ILE L 97 26.80 12.43 -6.99
N ILE L 98 26.08 11.85 -7.95
CA ILE L 98 25.75 10.44 -7.98
C ILE L 98 26.55 9.83 -9.11
N VAL L 99 27.12 8.65 -8.90
CA VAL L 99 27.74 7.91 -9.98
C VAL L 99 26.69 6.96 -10.55
N ALA L 100 26.93 6.49 -11.77
CA ALA L 100 25.99 5.60 -12.47
C ALA L 100 25.86 4.23 -11.79
N GLY L 101 24.80 3.52 -12.17
CA GLY L 101 24.48 2.20 -11.62
C GLY L 101 23.18 2.24 -10.88
N ASP L 102 22.65 1.06 -10.61
CA ASP L 102 21.30 0.90 -10.05
C ASP L 102 21.14 1.41 -8.64
N GLU L 103 22.23 1.52 -7.92
CA GLU L 103 22.20 1.80 -6.50
C GLU L 103 22.09 3.31 -6.19
N GLY L 104 22.50 4.16 -7.13
CA GLY L 104 22.63 5.59 -6.88
C GLY L 104 23.72 5.94 -5.86
N ASP L 105 24.85 5.24 -5.92
CA ASP L 105 25.96 5.48 -5.01
C ASP L 105 26.40 6.92 -5.11
N THR L 106 26.76 7.51 -3.98
CA THR L 106 27.33 8.85 -3.99
C THR L 106 28.77 8.76 -4.49
N LEU L 107 29.27 9.87 -5.04
CA LEU L 107 30.68 9.97 -5.39
C LEU L 107 31.55 9.62 -4.20
N PHE L 108 31.19 10.13 -3.03
CA PHE L 108 31.96 9.88 -1.79
C PHE L 108 32.09 8.38 -1.51
N MET L 109 30.96 7.68 -1.65
CA MET L 109 30.91 6.18 -1.51
C MET L 109 31.91 5.45 -2.44
N ARG L 110 31.93 5.85 -3.70
CA ARG L 110 32.81 5.20 -4.65
C ARG L 110 34.29 5.48 -4.32
N ALA L 111 34.59 6.72 -3.96
CA ALA L 111 35.94 7.09 -3.50
C ALA L 111 36.33 6.41 -2.21
N ALA L 112 35.42 6.33 -1.28
CA ALA L 112 35.72 5.70 0.03
C ALA L 112 36.12 4.25 -0.12
N GLN L 113 35.56 3.53 -1.11
CA GLN L 113 35.98 2.12 -1.29
C GLN L 113 37.42 2.00 -1.89
N ASN L 114 37.94 3.05 -2.54
CA ASN L 114 39.04 2.89 -3.47
C ASN L 114 40.25 3.79 -3.28
N ASN L 115 40.01 5.03 -2.88
CA ASN L 115 41.07 6.01 -2.67
C ASN L 115 40.77 6.93 -1.46
N LYS L 116 41.50 6.70 -0.40
CA LYS L 116 41.33 7.45 0.84
C LYS L 116 41.54 8.99 0.67
N LYS L 117 42.52 9.39 -0.13
CA LYS L 117 42.82 10.82 -0.32
C LYS L 117 41.67 11.60 -0.99
N THR L 118 41.10 11.05 -2.04
CA THR L 118 40.00 11.71 -2.71
C THR L 118 38.74 11.65 -1.84
N ALA L 119 38.60 10.60 -1.04
CA ALA L 119 37.48 10.51 -0.08
C ALA L 119 37.57 11.68 0.88
N GLU L 120 38.77 11.99 1.33
CA GLU L 120 38.99 13.13 2.23
C GLU L 120 38.78 14.47 1.54
N SER L 121 39.19 14.60 0.27
CA SER L 121 39.01 15.86 -0.48
C SER L 121 37.53 16.17 -0.65
N ILE L 122 36.73 15.12 -0.82
CA ILE L 122 35.28 15.24 -0.96
C ILE L 122 34.65 15.72 0.36
N LEU L 123 34.99 15.06 1.46
CA LEU L 123 34.50 15.42 2.79
C LEU L 123 34.93 16.83 3.21
N ALA L 124 36.11 17.26 2.77
CA ALA L 124 36.59 18.63 3.01
C ALA L 124 35.67 19.68 2.38
N LYS L 125 34.99 19.34 1.28
CA LYS L 125 33.98 20.22 0.71
C LYS L 125 32.63 20.12 1.42
N ASN L 126 32.27 18.95 1.91
CA ASN L 126 30.96 18.73 2.57
C ASN L 126 31.00 17.54 3.53
N LYS L 127 31.26 17.81 4.80
CA LYS L 127 31.33 16.77 5.86
C LYS L 127 30.14 15.87 5.96
N SER L 128 28.95 16.36 5.67
CA SER L 128 27.76 15.55 5.84
C SER L 128 27.64 14.36 4.83
N LEU L 129 28.41 14.41 3.73
CA LEU L 129 28.44 13.31 2.77
C LEU L 129 28.83 11.94 3.37
N ILE L 130 29.56 11.93 4.49
CA ILE L 130 29.87 10.67 5.20
C ILE L 130 28.63 9.79 5.42
N ASN L 131 27.52 10.43 5.76
CA ASN L 131 26.27 9.76 6.10
C ASN L 131 25.12 9.93 5.08
N LYS L 132 25.44 10.43 3.89
CA LYS L 132 24.45 10.53 2.82
C LYS L 132 24.26 9.18 2.12
N ALA L 133 23.01 8.70 2.14
CA ALA L 133 22.68 7.36 1.66
C ALA L 133 22.37 7.38 0.18
N ASN L 134 22.59 6.25 -0.48
CA ASN L 134 22.15 6.03 -1.88
C ASN L 134 20.67 5.68 -1.95
N THR L 135 20.17 5.30 -3.12
CA THR L 135 18.77 4.99 -3.34
C THR L 135 18.22 3.81 -2.50
N LEU L 136 19.07 2.90 -2.07
CA LEU L 136 18.65 1.77 -1.24
C LEU L 136 18.81 2.05 0.25
N GLY L 137 19.14 3.30 0.62
CA GLY L 137 19.41 3.66 2.01
C GLY L 137 20.75 3.19 2.58
N GLU L 138 21.76 3.08 1.73
CA GLU L 138 23.08 2.63 2.18
C GLU L 138 24.12 3.74 2.01
N THR L 139 25.07 3.75 2.94
CA THR L 139 26.20 4.66 2.91
C THR L 139 27.48 3.86 2.71
N ALA L 140 28.60 4.57 2.69
CA ALA L 140 29.94 3.99 2.51
C ALA L 140 30.18 2.86 3.49
N LEU L 141 29.74 3.06 4.74
CA LEU L 141 29.92 2.07 5.78
C LEU L 141 29.33 0.69 5.38
N PHE L 142 28.21 0.70 4.64
CA PHE L 142 27.57 -0.51 4.17
C PHE L 142 28.43 -1.16 3.10
N ALA L 143 28.91 -0.36 2.17
CA ALA L 143 29.75 -0.88 1.05
C ALA L 143 31.03 -1.55 1.53
N VAL L 144 31.68 -0.88 2.45
CA VAL L 144 32.94 -1.35 2.92
C VAL L 144 32.71 -2.51 3.95
N ALA L 145 31.59 -2.48 4.66
CA ALA L 145 31.20 -3.61 5.48
C ALA L 145 31.05 -4.91 4.67
N ARG L 146 30.49 -4.81 3.46
CA ARG L 146 30.47 -5.98 2.57
C ARG L 146 31.84 -6.32 2.02
N TYR L 147 32.53 -5.33 1.45
CA TYR L 147 33.62 -5.60 0.52
C TYR L 147 34.97 -4.95 0.87
N GLY L 148 35.07 -4.40 2.09
CA GLY L 148 36.23 -3.69 2.55
C GLY L 148 36.85 -4.31 3.77
N THR L 149 37.60 -3.51 4.52
CA THR L 149 38.46 -3.99 5.59
C THR L 149 38.16 -3.26 6.88
N PRO L 150 38.65 -3.79 8.01
CA PRO L 150 38.59 -3.06 9.29
C PRO L 150 39.16 -1.63 9.21
N ALA L 151 40.29 -1.45 8.54
CA ALA L 151 40.88 -0.11 8.31
C ALA L 151 39.91 0.84 7.62
N ASP L 152 39.16 0.34 6.64
CA ASP L 152 38.11 1.15 6.01
C ASP L 152 37.04 1.55 7.04
N ILE L 153 36.60 0.57 7.84
CA ILE L 153 35.57 0.81 8.86
C ILE L 153 36.01 1.95 9.77
N ASP L 154 37.19 1.84 10.39
CA ASP L 154 37.57 2.86 11.35
C ASP L 154 37.94 4.20 10.67
N PHE L 155 38.31 4.22 9.39
CA PHE L 155 38.43 5.49 8.66
C PHE L 155 37.07 6.20 8.63
N LEU L 156 36.03 5.48 8.27
CA LEU L 156 34.69 6.04 8.25
C LEU L 156 34.14 6.38 9.65
N ILE L 157 34.40 5.55 10.66
CA ILE L 157 33.98 5.86 12.04
C ILE L 157 34.64 7.20 12.45
N LYS L 158 35.92 7.36 12.11
CA LYS L 158 36.80 8.51 12.46
C LYS L 158 36.24 9.83 11.79
N LYS L 159 35.60 9.68 10.64
CA LYS L 159 34.91 10.78 9.94
C LYS L 159 33.45 10.99 10.32
N GLY L 160 32.97 10.23 11.29
CA GLY L 160 31.66 10.42 11.86
C GLY L 160 30.58 9.56 11.23
N ALA L 161 30.92 8.39 10.68
CA ALA L 161 29.86 7.56 10.18
C ALA L 161 28.98 7.09 11.32
N ASP L 162 27.69 6.92 11.05
CA ASP L 162 26.72 6.49 12.03
C ASP L 162 26.48 4.96 11.94
N LEU L 163 26.92 4.23 12.96
CA LEU L 163 26.82 2.78 13.01
C LEU L 163 25.42 2.22 12.94
N LYS L 164 24.45 2.98 13.45
CA LYS L 164 23.10 2.44 13.62
C LYS L 164 22.18 2.71 12.47
N LEU L 165 22.64 3.34 11.39
CA LEU L 165 21.75 3.60 10.26
C LEU L 165 21.29 2.28 9.66
N LYS L 166 20.00 2.24 9.30
CA LYS L 166 19.45 1.11 8.60
C LYS L 166 19.18 1.47 7.15
N ASN L 167 19.40 0.49 6.28
CA ASN L 167 18.97 0.61 4.91
C ASN L 167 17.48 0.34 4.77
N LYS L 168 16.98 0.46 3.54
CA LYS L 168 15.57 0.29 3.30
C LYS L 168 15.01 -1.12 3.57
N LYS L 169 15.85 -2.14 3.65
CA LYS L 169 15.43 -3.46 4.12
C LYS L 169 15.52 -3.61 5.63
N GLY L 170 15.87 -2.54 6.35
CA GLY L 170 16.05 -2.61 7.81
C GLY L 170 17.33 -3.26 8.32
N GLN L 171 18.33 -3.42 7.46
CA GLN L 171 19.63 -3.94 7.85
C GLN L 171 20.60 -2.81 8.27
N THR L 172 21.41 -3.10 9.29
CA THR L 172 22.60 -2.27 9.62
C THR L 172 23.82 -2.73 8.78
N ALA L 173 24.90 -1.95 8.87
CA ALA L 173 26.15 -2.29 8.23
C ALA L 173 26.64 -3.64 8.76
N LEU L 174 26.53 -3.82 10.07
CA LEU L 174 26.84 -5.10 10.69
C LEU L 174 26.07 -6.25 10.06
N ASP L 175 24.77 -6.07 9.87
CA ASP L 175 23.95 -7.10 9.24
C ASP L 175 24.41 -7.45 7.83
N VAL L 176 24.76 -6.44 7.03
CA VAL L 176 25.22 -6.71 5.65
C VAL L 176 26.62 -7.34 5.59
N ALA L 177 27.48 -7.01 6.55
CA ALA L 177 28.79 -7.66 6.70
C ALA L 177 28.60 -9.16 6.89
N LYS L 178 27.65 -9.52 7.74
CA LYS L 178 27.42 -10.93 8.07
C LYS L 178 26.82 -11.65 6.87
N GLU L 179 25.84 -11.02 6.24
CA GLU L 179 25.22 -11.55 5.04
C GLU L 179 26.26 -11.72 3.90
N ALA L 180 27.26 -10.86 3.83
CA ALA L 180 28.35 -10.99 2.86
C ALA L 180 29.49 -11.97 3.25
N SER L 181 29.43 -12.55 4.44
CA SER L 181 30.49 -13.38 5.02
C SER L 181 31.84 -12.68 5.17
N ASN L 182 31.81 -11.38 5.41
CA ASN L 182 33.02 -10.63 5.73
C ASN L 182 33.21 -10.66 7.24
N GLN L 183 33.94 -11.69 7.67
CA GLN L 183 34.11 -11.96 9.09
C GLN L 183 34.93 -10.83 9.73
N ASP L 184 35.88 -10.26 8.97
CA ASP L 184 36.77 -9.22 9.48
C ASP L 184 36.02 -7.92 9.82
N THR L 185 35.23 -7.42 8.89
CA THR L 185 34.45 -6.19 9.14
C THR L 185 33.34 -6.46 10.16
N ALA L 186 32.75 -7.66 10.11
CA ALA L 186 31.70 -8.05 11.05
C ALA L 186 32.22 -7.95 12.45
N LYS L 187 33.38 -8.56 12.68
CA LYS L 187 34.07 -8.41 13.93
C LYS L 187 34.29 -6.94 14.34
N ALA L 188 34.92 -6.14 13.46
CA ALA L 188 35.23 -4.73 13.73
C ALA L 188 33.97 -3.94 14.07
N LEU L 189 32.88 -4.20 13.35
CA LEU L 189 31.64 -3.47 13.59
C LEU L 189 30.98 -3.92 14.89
N SER L 190 30.95 -5.22 15.15
CA SER L 190 30.24 -5.77 16.32
C SER L 190 30.96 -5.55 17.64
N LYS L 191 32.27 -5.24 17.60
CA LYS L 191 32.97 -4.75 18.80
C LYS L 191 32.68 -3.26 19.06
N LYS L 192 32.64 -2.46 17.99
CA LYS L 192 32.24 -1.04 18.05
C LYS L 192 30.80 -0.77 18.59
N LYS L 193 30.48 0.50 18.85
CA LYS L 193 29.02 0.94 18.87
C LYS L 193 28.86 2.43 18.55
#